data_3GR9
#
_entry.id   3GR9
#
_cell.length_a   69.728
_cell.length_b   114.659
_cell.length_c   114.568
_cell.angle_alpha   78.98
_cell.angle_beta   76.23
_cell.angle_gamma   76.33
#
_symmetry.space_group_name_H-M   'P 1'
#
loop_
_entity.id
_entity.type
_entity.pdbx_description
1 polymer ColD
2 non-polymer '2-OXOGLUTARIC ACID'
3 water water
#
_entity_poly.entity_id   1
_entity_poly.type   'polypeptide(L)'
_entity_poly.pdbx_seq_one_letter_code
;GHMINYPLASSTWDDLEYKAIQSVLDSKMFTMGEYVKQYETQFAKTFGSKYAVMVSSGSTANLLMIAALFFTKKPRLKKG
DEIIVPAVSWSTTYYPLQQYGLRVKFVDIDINTLNIDIESLKEAVTDSTKAILTVNLLGNPNNFDEINKIIGGRDIILLE
DNCESMGATFNNKCAGTFGLMGTFSSFYN(LLP)HIATMEGGCIVTDDEEIYHILLCIRAHGWTRNLPKKNKVTGVKSDD
QFEESFKFVLPGYNVRPLEMSGAIGIEQLKKLPRFISVRRKNAEYFLDKFKDHPYLDVQQETGESSWFGFSFIIKKDSGV
IRKQLVENLNSAGIECRPIVTGNFLKNTDVLKYFDYTVHNNVDNAEYLDKNGLFVGNHQIELFDEIDYLREVLK
;
_entity_poly.pdbx_strand_id   A,B,C,D,E,F,G,H
#
loop_
_chem_comp.id
_chem_comp.type
_chem_comp.name
_chem_comp.formula
AKG non-polymer '2-OXOGLUTARIC ACID' 'C5 H6 O5'
#
# COMPACT_ATOMS: atom_id res chain seq x y z
N PRO A 7 29.66 19.10 -7.84
CA PRO A 7 28.96 20.37 -8.05
C PRO A 7 29.85 21.59 -7.89
N LEU A 8 29.24 22.69 -7.43
CA LEU A 8 29.93 23.96 -7.23
C LEU A 8 30.26 24.18 -5.76
N ALA A 9 29.29 23.98 -4.89
CA ALA A 9 29.63 24.14 -3.48
C ALA A 9 29.93 22.75 -2.92
N SER A 10 30.65 22.69 -1.79
CA SER A 10 30.96 21.41 -1.14
C SER A 10 31.11 21.47 0.39
N SER A 11 30.76 20.36 1.05
CA SER A 11 30.80 20.25 2.51
C SER A 11 32.14 20.18 3.24
N THR A 12 32.48 21.28 3.90
CA THR A 12 33.72 21.39 4.63
C THR A 12 33.67 20.71 5.99
N TRP A 13 32.71 19.82 6.20
CA TRP A 13 32.51 19.20 7.51
C TRP A 13 32.91 17.75 7.68
N ASP A 14 33.52 17.50 8.84
CA ASP A 14 33.89 16.18 9.25
C ASP A 14 33.17 15.91 10.58
N ASP A 15 33.47 14.83 11.28
CA ASP A 15 32.73 14.53 12.50
C ASP A 15 32.87 15.51 13.68
N LEU A 16 33.96 16.27 13.64
CA LEU A 16 34.15 17.16 14.76
C LEU A 16 33.08 18.24 14.84
N GLU A 17 32.70 18.83 13.70
CA GLU A 17 31.68 19.89 13.75
C GLU A 17 30.37 19.33 14.21
N TYR A 18 30.03 18.15 13.69
CA TYR A 18 28.81 17.53 14.16
C TYR A 18 28.85 17.42 15.70
N LYS A 19 30.01 16.99 16.23
CA LYS A 19 30.22 16.83 17.68
C LYS A 19 30.04 18.20 18.36
N ALA A 20 30.65 19.24 17.78
CA ALA A 20 30.52 20.58 18.38
C ALA A 20 29.06 20.89 18.57
N ILE A 21 28.29 20.54 17.56
CA ILE A 21 26.86 20.82 17.67
C ILE A 21 26.20 20.15 18.86
N GLN A 22 26.55 18.89 19.08
CA GLN A 22 25.94 18.20 20.22
C GLN A 22 26.24 18.98 21.46
N SER A 23 27.52 19.29 21.59
CA SER A 23 28.00 20.00 22.75
C SER A 23 27.13 21.16 23.15
N VAL A 24 26.64 21.89 22.14
CA VAL A 24 25.77 23.05 22.34
C VAL A 24 24.39 22.54 22.74
N LEU A 25 24.02 21.44 22.14
CA LEU A 25 22.71 20.95 22.49
C LEU A 25 22.80 20.62 23.95
N ASP A 26 23.84 19.86 24.31
CA ASP A 26 24.09 19.41 25.68
C ASP A 26 24.13 20.50 26.70
N SER A 27 24.89 21.55 26.41
CA SER A 27 24.94 22.65 27.37
C SER A 27 23.53 23.27 27.41
N LYS A 28 22.73 23.01 26.38
CA LYS A 28 21.36 23.57 26.34
C LYS A 28 21.38 25.09 26.36
N MET A 29 22.33 25.70 25.65
CA MET A 29 22.44 27.15 25.65
C MET A 29 22.66 27.59 24.21
N PHE A 30 21.57 27.95 23.54
CA PHE A 30 21.63 28.25 22.13
C PHE A 30 21.75 29.71 21.68
N THR A 31 21.69 30.63 22.63
CA THR A 31 21.87 32.03 22.27
C THR A 31 23.32 32.46 22.46
N MET A 32 23.78 33.31 21.54
CA MET A 32 25.14 33.84 21.50
C MET A 32 25.70 33.91 22.90
N GLY A 33 26.64 33.01 23.22
CA GLY A 33 27.24 32.92 24.55
C GLY A 33 28.73 32.67 24.54
N GLU A 34 29.16 31.58 25.18
CA GLU A 34 30.61 31.32 25.21
C GLU A 34 31.34 30.97 23.92
N TYR A 35 30.72 30.08 23.14
CA TYR A 35 31.27 29.60 21.87
C TYR A 35 31.63 30.69 20.89
N VAL A 36 30.72 31.68 20.84
CA VAL A 36 30.83 32.87 19.99
C VAL A 36 32.05 33.62 20.47
N LYS A 37 32.08 33.84 21.77
CA LYS A 37 33.21 34.58 22.35
C LYS A 37 34.55 33.93 22.13
N GLN A 38 34.57 32.61 22.12
CA GLN A 38 35.84 31.92 21.94
C GLN A 38 36.20 32.07 20.49
N TYR A 39 35.20 31.81 19.68
CA TYR A 39 35.36 31.89 18.27
C TYR A 39 35.87 33.26 17.83
N GLU A 40 35.34 34.34 18.44
CA GLU A 40 35.77 35.70 18.10
C GLU A 40 37.21 35.89 18.51
N THR A 41 37.52 35.46 19.74
CA THR A 41 38.90 35.50 20.21
C THR A 41 39.88 34.74 19.31
N GLN A 42 39.47 33.56 18.87
CA GLN A 42 40.34 32.73 18.05
C GLN A 42 40.45 33.39 16.70
N PHE A 43 39.33 33.89 16.17
CA PHE A 43 39.30 34.51 14.84
C PHE A 43 40.25 35.66 14.69
N ALA A 44 40.30 36.52 15.73
CA ALA A 44 41.16 37.72 15.80
C ALA A 44 42.58 37.25 15.72
N LYS A 45 42.94 36.44 16.71
CA LYS A 45 44.29 35.90 16.82
C LYS A 45 44.68 35.18 15.52
N THR A 46 43.73 34.59 14.87
CA THR A 46 44.02 33.92 13.61
C THR A 46 44.44 34.85 12.44
N PHE A 47 43.69 35.91 12.18
CA PHE A 47 44.02 36.84 11.08
C PHE A 47 44.87 38.01 11.50
N GLY A 48 45.19 38.00 12.78
CA GLY A 48 46.09 38.99 13.32
C GLY A 48 45.49 40.35 13.43
N SER A 49 44.28 40.40 13.95
CA SER A 49 43.56 41.67 14.15
C SER A 49 43.41 41.80 15.66
N LYS A 50 43.26 43.02 16.14
CA LYS A 50 43.11 43.14 17.57
C LYS A 50 41.79 42.55 17.95
N TYR A 51 40.70 43.14 17.44
CA TYR A 51 39.34 42.69 17.79
C TYR A 51 38.54 42.01 16.70
N ALA A 52 37.55 41.23 17.15
CA ALA A 52 36.58 40.58 16.26
C ALA A 52 35.19 40.58 16.86
N VAL A 53 34.19 40.55 15.99
CA VAL A 53 32.77 40.52 16.32
C VAL A 53 32.14 39.59 15.29
N MET A 54 31.29 38.66 15.74
CA MET A 54 30.59 37.73 14.85
C MET A 54 29.12 38.07 14.78
N VAL A 55 28.57 37.98 13.59
CA VAL A 55 27.20 38.38 13.35
C VAL A 55 26.55 37.34 12.45
N SER A 56 25.25 37.48 12.25
CA SER A 56 24.40 36.55 11.55
C SER A 56 24.75 36.09 10.13
N SER A 57 25.30 36.99 9.31
CA SER A 57 25.71 36.65 7.94
C SER A 57 26.79 37.66 7.60
N GLY A 58 27.41 37.44 6.44
CA GLY A 58 28.39 38.35 5.92
C GLY A 58 27.74 39.66 5.60
N SER A 59 26.47 39.55 5.23
CA SER A 59 25.70 40.74 4.86
C SER A 59 25.45 41.69 6.02
N THR A 60 25.18 41.12 7.16
CA THR A 60 24.98 41.96 8.32
C THR A 60 26.35 42.45 8.76
N ALA A 61 27.40 41.73 8.37
CA ALA A 61 28.77 42.18 8.70
C ALA A 61 29.02 43.54 8.05
N ASN A 62 28.80 43.60 6.71
CA ASN A 62 28.98 44.88 5.97
C ASN A 62 27.94 45.89 6.47
N LEU A 63 26.73 45.43 6.73
CA LEU A 63 25.72 46.34 7.23
C LEU A 63 26.28 47.12 8.42
N LEU A 64 26.69 46.39 9.43
CA LEU A 64 27.25 46.99 10.64
C LEU A 64 28.50 47.85 10.45
N MET A 65 29.35 47.46 9.49
CA MET A 65 30.60 48.19 9.22
C MET A 65 30.32 49.64 8.90
N ILE A 66 29.42 49.83 7.95
CA ILE A 66 29.00 51.16 7.52
C ILE A 66 28.32 51.97 8.63
N ALA A 67 27.27 51.42 9.24
CA ALA A 67 26.56 52.06 10.34
C ALA A 67 27.50 52.48 11.41
N ALA A 68 28.43 51.59 11.76
CA ALA A 68 29.40 51.88 12.83
C ALA A 68 30.06 53.24 12.73
N LEU A 69 30.51 53.60 11.52
CA LEU A 69 31.19 54.87 11.25
C LEU A 69 30.36 56.13 11.51
N PHE A 70 29.08 55.91 11.60
CA PHE A 70 28.12 56.96 11.80
C PHE A 70 28.01 57.32 13.28
N PHE A 71 28.38 56.37 14.15
CA PHE A 71 28.23 56.53 15.61
C PHE A 71 29.44 56.93 16.45
N THR A 72 30.62 57.03 15.82
CA THR A 72 31.84 57.38 16.56
C THR A 72 31.63 58.79 17.15
N LYS A 73 32.22 59.04 18.33
CA LYS A 73 32.04 60.34 18.99
C LYS A 73 32.07 61.44 17.98
N LYS A 74 33.11 61.33 17.18
CA LYS A 74 33.44 62.30 16.16
C LYS A 74 33.11 61.44 14.97
N PRO A 75 31.98 61.73 14.33
CA PRO A 75 31.54 60.86 13.25
C PRO A 75 32.35 60.84 11.96
N ARG A 76 32.68 59.62 11.54
CA ARG A 76 33.49 59.53 10.32
C ARG A 76 32.66 59.68 9.07
N LEU A 77 31.37 59.33 9.15
CA LEU A 77 30.59 59.50 7.94
C LEU A 77 29.25 60.14 8.24
N LYS A 78 28.82 60.98 7.29
CA LYS A 78 27.52 61.61 7.43
C LYS A 78 26.84 61.36 6.10
N LYS A 79 25.50 61.44 6.08
CA LYS A 79 24.84 61.11 4.85
C LYS A 79 25.24 61.99 3.68
N GLY A 80 25.26 61.40 2.49
CA GLY A 80 25.65 62.14 1.29
C GLY A 80 27.17 62.20 1.11
N ASP A 81 27.91 61.58 2.03
CA ASP A 81 29.38 61.55 1.91
C ASP A 81 29.78 60.62 0.78
N GLU A 82 30.90 60.90 0.14
CA GLU A 82 31.36 60.04 -0.96
C GLU A 82 32.20 58.83 -0.58
N ILE A 83 31.71 57.66 -0.95
CA ILE A 83 32.46 56.42 -0.69
C ILE A 83 32.58 55.75 -2.06
N ILE A 84 33.77 55.26 -2.35
CA ILE A 84 33.99 54.63 -3.64
C ILE A 84 34.00 53.14 -3.50
N VAL A 85 33.50 52.48 -4.53
CA VAL A 85 33.42 51.03 -4.62
C VAL A 85 33.67 50.64 -6.08
N PRO A 86 34.10 49.40 -6.31
CA PRO A 86 34.36 48.91 -7.66
C PRO A 86 33.00 48.48 -8.19
N ALA A 87 32.90 48.27 -9.50
CA ALA A 87 31.61 47.89 -10.11
C ALA A 87 31.23 46.41 -10.10
N VAL A 88 32.10 45.57 -9.53
CA VAL A 88 31.74 44.16 -9.48
C VAL A 88 31.80 43.58 -8.06
N SER A 89 30.66 43.24 -7.48
CA SER A 89 30.65 42.59 -6.18
C SER A 89 29.27 42.00 -5.87
N TRP A 90 29.12 41.41 -4.70
CA TRP A 90 27.85 40.87 -4.29
C TRP A 90 26.91 41.96 -3.79
N SER A 91 25.65 41.89 -4.18
CA SER A 91 24.64 42.91 -3.86
C SER A 91 24.75 43.58 -2.48
N THR A 92 24.92 42.78 -1.44
CA THR A 92 24.95 43.31 -0.09
C THR A 92 26.18 44.13 0.24
N THR A 93 27.11 44.25 -0.69
CA THR A 93 28.20 45.16 -0.45
C THR A 93 27.64 46.58 -0.64
N TYR A 94 26.62 46.72 -1.48
CA TYR A 94 26.07 48.02 -1.83
C TYR A 94 24.91 48.62 -1.04
N TYR A 95 23.95 47.76 -0.71
CA TYR A 95 22.75 48.18 -0.01
C TYR A 95 22.97 49.05 1.23
N PRO A 96 23.96 48.68 2.00
CA PRO A 96 24.30 49.40 3.20
C PRO A 96 24.59 50.88 2.92
N LEU A 97 25.25 51.17 1.79
CA LEU A 97 25.61 52.55 1.52
C LEU A 97 24.33 53.24 1.17
N GLN A 98 23.49 52.53 0.45
CA GLN A 98 22.23 53.13 0.02
C GLN A 98 21.41 53.28 1.27
N GLN A 99 21.39 52.23 2.08
CA GLN A 99 20.61 52.31 3.29
C GLN A 99 21.11 53.37 4.26
N TYR A 100 22.39 53.77 4.10
CA TYR A 100 22.94 54.78 4.99
C TYR A 100 22.98 56.20 4.49
N GLY A 101 22.54 56.37 3.25
CA GLY A 101 22.45 57.70 2.63
C GLY A 101 23.76 58.26 2.11
N LEU A 102 24.63 57.34 1.70
CA LEU A 102 25.89 57.73 1.14
C LEU A 102 25.80 57.77 -0.38
N ARG A 103 26.63 58.63 -0.95
CA ARG A 103 26.78 58.80 -2.37
C ARG A 103 27.97 57.86 -2.70
N VAL A 104 27.77 57.07 -3.76
CA VAL A 104 28.63 56.02 -4.22
C VAL A 104 29.13 56.33 -5.61
N LYS A 105 30.44 56.29 -5.75
CA LYS A 105 31.07 56.50 -7.04
C LYS A 105 31.62 55.15 -7.40
N PHE A 106 31.03 54.53 -8.42
CA PHE A 106 31.48 53.24 -8.88
C PHE A 106 32.81 53.34 -9.63
N VAL A 107 33.65 52.34 -9.45
CA VAL A 107 34.93 52.28 -10.17
C VAL A 107 35.04 50.91 -10.85
N ASP A 108 35.53 50.94 -12.10
CA ASP A 108 35.68 49.77 -12.96
C ASP A 108 36.74 48.90 -12.36
N ILE A 109 36.68 47.63 -12.70
CA ILE A 109 37.65 46.69 -12.20
C ILE A 109 38.77 46.74 -13.18
N ASP A 110 39.78 45.93 -12.93
CA ASP A 110 40.91 45.78 -13.81
C ASP A 110 40.53 44.40 -14.33
N ILE A 111 40.61 44.22 -15.63
CA ILE A 111 40.20 42.95 -16.24
C ILE A 111 41.10 41.77 -15.87
N ASN A 112 42.30 42.02 -15.33
CA ASN A 112 43.23 40.93 -14.98
C ASN A 112 43.03 40.38 -13.59
N THR A 113 43.01 41.29 -12.63
CA THR A 113 42.83 40.97 -11.24
C THR A 113 41.38 40.82 -10.89
N LEU A 114 40.52 41.52 -11.63
CA LEU A 114 39.11 41.51 -11.33
C LEU A 114 38.80 42.35 -10.11
N ASN A 115 39.83 43.00 -9.57
CA ASN A 115 39.66 43.97 -8.52
C ASN A 115 39.69 45.33 -9.17
N ILE A 116 39.25 46.34 -8.43
CA ILE A 116 39.20 47.72 -8.87
C ILE A 116 40.46 48.14 -9.62
N ASP A 117 40.29 48.83 -10.73
CA ASP A 117 41.42 49.28 -11.51
C ASP A 117 42.09 50.47 -10.81
N ILE A 118 43.36 50.30 -10.48
CA ILE A 118 44.18 51.32 -9.81
C ILE A 118 44.32 52.62 -10.59
N GLU A 119 44.65 52.53 -11.87
CA GLU A 119 44.79 53.77 -12.61
C GLU A 119 43.48 54.55 -12.54
N SER A 120 42.33 53.88 -12.45
CA SER A 120 41.12 54.70 -12.38
C SER A 120 40.88 55.30 -10.99
N LEU A 121 41.36 54.60 -9.99
CA LEU A 121 41.14 54.96 -8.61
C LEU A 121 41.96 56.20 -8.47
N LYS A 122 43.16 56.11 -9.03
CA LYS A 122 44.10 57.20 -8.97
C LYS A 122 43.40 58.49 -9.37
N GLU A 123 42.54 58.40 -10.40
CA GLU A 123 41.79 59.58 -10.86
C GLU A 123 40.50 59.83 -10.11
N ALA A 124 39.82 58.75 -9.75
CA ALA A 124 38.51 58.82 -9.10
C ALA A 124 38.51 59.49 -7.72
N VAL A 125 39.59 59.24 -6.99
CA VAL A 125 39.81 59.85 -5.71
C VAL A 125 39.91 61.38 -5.76
N THR A 126 39.00 62.05 -5.05
CA THR A 126 39.03 63.53 -4.99
C THR A 126 38.95 64.06 -3.57
N ASP A 127 38.86 65.39 -3.48
CA ASP A 127 38.79 66.10 -2.18
C ASP A 127 37.55 65.71 -1.37
N SER A 128 36.49 65.33 -2.08
CA SER A 128 35.25 64.94 -1.43
C SER A 128 35.21 63.43 -1.10
N THR A 129 36.09 62.68 -1.75
CA THR A 129 36.14 61.25 -1.49
C THR A 129 36.48 61.07 -0.02
N LYS A 130 35.54 60.46 0.72
CA LYS A 130 35.67 60.22 2.18
C LYS A 130 36.11 58.82 2.55
N ALA A 131 35.70 57.85 1.74
CA ALA A 131 35.99 56.47 2.06
C ALA A 131 36.20 55.65 0.85
N ILE A 132 36.96 54.60 1.01
CA ILE A 132 37.09 53.67 -0.07
C ILE A 132 36.88 52.22 0.35
N LEU A 133 35.88 51.63 -0.29
CA LEU A 133 35.50 50.26 0.01
C LEU A 133 35.95 49.29 -1.08
N THR A 134 36.98 48.52 -0.76
CA THR A 134 37.57 47.57 -1.69
C THR A 134 36.97 46.20 -1.37
N VAL A 135 37.02 45.31 -2.35
CA VAL A 135 36.52 43.94 -2.21
C VAL A 135 37.57 43.09 -2.83
N ASN A 136 38.11 42.16 -2.06
CA ASN A 136 39.17 41.27 -2.53
C ASN A 136 38.43 40.22 -3.35
N LEU A 137 38.52 40.31 -4.67
CA LEU A 137 37.69 39.40 -5.47
C LEU A 137 38.10 37.97 -5.79
N LEU A 138 37.27 37.00 -5.38
CA LEU A 138 37.47 35.58 -5.72
C LEU A 138 38.65 34.94 -5.04
N GLY A 139 39.04 35.52 -3.91
CA GLY A 139 40.17 35.02 -3.15
C GLY A 139 41.40 35.90 -3.40
N ASN A 140 41.23 36.85 -4.32
CA ASN A 140 42.34 37.73 -4.73
C ASN A 140 42.48 39.01 -3.91
N PRO A 141 43.61 39.23 -3.29
CA PRO A 141 43.73 40.46 -2.55
C PRO A 141 44.02 41.66 -3.44
N ASN A 142 43.66 42.85 -2.98
CA ASN A 142 43.99 44.06 -3.72
C ASN A 142 45.44 44.37 -3.39
N ASN A 143 46.08 45.13 -4.27
CA ASN A 143 47.45 45.59 -4.04
C ASN A 143 47.24 46.77 -3.11
N PHE A 144 47.44 46.57 -1.80
CA PHE A 144 47.19 47.63 -0.83
C PHE A 144 48.25 48.69 -0.82
N ASP A 145 49.49 48.28 -1.07
CA ASP A 145 50.64 49.18 -1.22
C ASP A 145 50.32 50.34 -2.17
N GLU A 146 49.74 50.06 -3.35
CA GLU A 146 49.42 51.15 -4.27
C GLU A 146 48.14 51.89 -3.87
N ILE A 147 47.29 51.29 -3.05
CA ILE A 147 46.08 52.00 -2.71
C ILE A 147 46.38 52.97 -1.58
N ASN A 148 47.32 52.56 -0.73
CA ASN A 148 47.68 53.35 0.44
C ASN A 148 48.51 54.51 -0.08
N LYS A 149 49.25 54.21 -1.14
CA LYS A 149 50.07 55.18 -1.81
C LYS A 149 49.10 56.25 -2.28
N ILE A 150 48.10 55.83 -3.04
CA ILE A 150 47.11 56.76 -3.55
C ILE A 150 46.41 57.58 -2.51
N ILE A 151 46.06 56.97 -1.38
CA ILE A 151 45.41 57.81 -0.38
C ILE A 151 46.48 58.77 0.14
N GLY A 152 47.73 58.34 0.03
CA GLY A 152 48.82 59.17 0.53
C GLY A 152 48.56 59.22 2.01
N GLY A 153 48.70 60.40 2.59
CA GLY A 153 48.44 60.52 4.02
C GLY A 153 47.10 61.20 4.32
N ARG A 154 46.19 61.20 3.34
CA ARG A 154 44.87 61.85 3.50
C ARG A 154 43.80 61.17 4.39
N ASP A 155 42.93 61.96 5.02
CA ASP A 155 41.88 61.40 5.90
C ASP A 155 40.84 60.77 4.98
N ILE A 156 41.15 59.55 4.55
CA ILE A 156 40.30 58.79 3.66
C ILE A 156 40.25 57.39 4.26
N ILE A 157 39.06 56.93 4.54
CA ILE A 157 38.89 55.63 5.14
C ILE A 157 38.90 54.53 4.11
N LEU A 158 39.59 53.46 4.46
CA LEU A 158 39.71 52.28 3.64
C LEU A 158 38.97 51.15 4.28
N LEU A 159 38.08 50.55 3.49
CA LEU A 159 37.33 49.44 4.02
C LEU A 159 37.53 48.19 3.18
N GLU A 160 37.19 47.03 3.74
CA GLU A 160 37.35 45.77 3.04
C GLU A 160 36.14 44.83 3.20
N ASP A 161 35.66 44.27 2.10
CA ASP A 161 34.60 43.28 2.13
C ASP A 161 35.46 42.05 1.81
N ASN A 162 35.76 41.25 2.83
CA ASN A 162 36.62 40.09 2.65
C ASN A 162 35.88 38.79 2.62
N CYS A 163 34.63 38.84 2.15
CA CYS A 163 33.75 37.67 2.07
C CYS A 163 34.11 36.52 1.14
N GLU A 164 34.90 36.81 0.12
CA GLU A 164 35.31 35.80 -0.89
C GLU A 164 36.80 35.49 -0.79
N SER A 165 37.49 36.10 0.17
CA SER A 165 38.92 35.99 0.28
C SER A 165 39.46 35.78 1.70
N MET A 166 38.74 34.95 2.45
CA MET A 166 39.21 34.61 3.77
C MET A 166 40.45 33.74 3.58
N GLY A 167 41.53 34.07 4.26
CA GLY A 167 42.75 33.29 4.22
C GLY A 167 43.80 33.76 3.21
N ALA A 168 43.45 34.71 2.37
CA ALA A 168 44.44 35.18 1.41
C ALA A 168 45.38 36.12 2.15
N THR A 169 46.53 36.38 1.54
CA THR A 169 47.48 37.28 2.18
C THR A 169 48.09 38.19 1.14
N PHE A 170 48.50 39.41 1.55
CA PHE A 170 49.20 40.36 0.67
C PHE A 170 50.32 40.95 1.52
N ASN A 171 51.57 40.90 1.04
CA ASN A 171 52.67 41.45 1.86
C ASN A 171 52.82 40.72 3.21
N ASN A 172 52.31 39.50 3.25
CA ASN A 172 52.39 38.65 4.42
C ASN A 172 51.33 38.98 5.45
N LYS A 173 50.65 40.08 5.17
CA LYS A 173 49.56 40.54 6.02
C LYS A 173 48.24 39.91 5.58
N CYS A 174 47.31 39.79 6.51
CA CYS A 174 46.05 39.14 6.17
C CYS A 174 45.01 40.04 5.54
N ALA A 175 44.48 39.65 4.37
CA ALA A 175 43.42 40.46 3.75
C ALA A 175 42.29 40.49 4.77
N GLY A 176 41.71 41.68 4.93
CA GLY A 176 40.62 41.85 5.87
C GLY A 176 41.17 42.71 7.02
N THR A 177 42.51 42.71 7.11
CA THR A 177 43.23 43.47 8.14
C THR A 177 44.02 44.70 7.66
N PHE A 178 43.80 45.12 6.41
CA PHE A 178 44.45 46.32 5.93
C PHE A 178 43.54 47.52 6.22
N GLY A 179 42.21 47.33 6.09
CA GLY A 179 41.23 48.43 6.29
C GLY A 179 40.92 48.78 7.74
N LEU A 180 40.17 49.85 7.96
CA LEU A 180 39.80 50.18 9.36
C LEU A 180 38.99 49.00 9.92
N MET A 181 38.26 48.36 9.03
CA MET A 181 37.42 47.26 9.34
C MET A 181 37.51 46.34 8.14
N GLY A 182 37.13 45.09 8.39
CA GLY A 182 37.10 44.05 7.36
C GLY A 182 35.94 43.10 7.61
N THR A 183 35.37 42.58 6.52
CA THR A 183 34.24 41.66 6.66
C THR A 183 34.43 40.25 6.06
N PHE A 184 34.02 39.28 6.85
CA PHE A 184 34.16 37.88 6.49
C PHE A 184 32.82 37.18 6.44
N SER A 185 32.76 36.17 5.62
CA SER A 185 31.57 35.37 5.58
C SER A 185 31.92 33.88 5.78
N SER A 186 31.10 33.24 6.58
CA SER A 186 31.22 31.82 6.84
C SER A 186 29.90 31.22 6.39
N PHE A 187 29.45 31.67 5.22
CA PHE A 187 28.20 31.18 4.64
C PHE A 187 28.53 29.86 3.95
N TYR A 188 27.48 29.07 3.76
CA TYR A 188 27.62 27.73 3.25
C TYR A 188 28.73 27.41 2.28
N ASN A 189 28.67 28.11 1.16
CA ASN A 189 29.60 27.90 0.07
C ASN A 189 30.95 28.59 0.16
N1 LLP A 190 30.08 40.30 0.18
C2 LLP A 190 30.75 39.42 -0.49
C2' LLP A 190 31.98 39.83 -1.30
C3 LLP A 190 30.37 38.09 -0.50
O3 LLP A 190 31.12 37.21 -1.22
C4 LLP A 190 29.24 37.67 0.24
C4' LLP A 190 28.85 36.24 0.26
C5 LLP A 190 28.53 38.65 0.93
C6 LLP A 190 29.00 39.95 0.88
C5' LLP A 190 27.31 38.25 1.76
OP4 LLP A 190 27.77 37.16 2.53
P LLP A 190 26.58 36.40 3.27
OP1 LLP A 190 27.30 35.74 4.59
OP2 LLP A 190 25.38 37.44 3.67
OP3 LLP A 190 26.03 35.18 2.34
N LLP A 190 31.20 29.35 1.21
CA LLP A 190 32.44 30.11 1.34
CB LLP A 190 32.37 31.49 2.00
CG LLP A 190 30.99 32.14 1.81
CD LLP A 190 31.06 33.43 0.99
CE LLP A 190 29.68 33.96 0.57
NZ LLP A 190 29.81 35.43 0.51
C LLP A 190 33.61 29.27 1.80
O LLP A 190 33.56 28.04 1.70
N HIS A 191 34.66 29.92 2.29
CA HIS A 191 35.85 29.20 2.69
C HIS A 191 35.62 28.25 3.81
N ILE A 192 35.02 28.79 4.86
CA ILE A 192 34.60 28.00 6.00
C ILE A 192 33.10 28.20 5.96
N ALA A 193 32.41 27.37 6.73
CA ALA A 193 30.99 27.38 6.76
C ALA A 193 30.40 27.14 8.17
N THR A 194 29.63 28.11 8.69
CA THR A 194 28.99 27.90 9.99
C THR A 194 27.49 27.91 9.80
N MET A 195 27.02 27.38 8.66
CA MET A 195 25.61 27.35 8.21
C MET A 195 25.39 28.75 7.62
N GLU A 196 25.37 29.78 8.46
CA GLU A 196 25.29 31.19 8.07
C GLU A 196 26.20 31.85 9.08
N GLY A 197 26.57 33.10 8.86
CA GLY A 197 27.42 33.81 9.81
C GLY A 197 28.47 34.72 9.16
N GLY A 198 28.97 35.67 9.93
CA GLY A 198 29.99 36.57 9.37
C GLY A 198 30.72 37.14 10.58
N CYS A 199 31.74 37.93 10.31
CA CYS A 199 32.53 38.56 11.37
CA CYS A 199 32.50 38.57 11.39
C CYS A 199 33.01 39.94 10.94
N ILE A 200 33.35 40.77 11.92
CA ILE A 200 33.89 42.09 11.59
C ILE A 200 35.19 42.11 12.36
N VAL A 201 36.29 42.56 11.76
CA VAL A 201 37.53 42.64 12.53
C VAL A 201 37.99 44.09 12.54
N THR A 202 38.72 44.51 13.56
CA THR A 202 39.21 45.90 13.55
C THR A 202 40.32 45.98 14.60
N ASP A 203 41.08 47.06 14.55
CA ASP A 203 42.12 47.25 15.55
C ASP A 203 41.67 48.45 16.36
N ASP A 204 40.50 48.99 16.02
CA ASP A 204 39.95 50.14 16.72
C ASP A 204 38.95 49.73 17.83
N GLU A 205 39.25 50.15 19.07
CA GLU A 205 38.46 49.85 20.29
C GLU A 205 37.09 50.54 20.37
N GLU A 206 37.02 51.83 20.07
CA GLU A 206 35.72 52.47 20.07
C GLU A 206 34.88 51.79 18.98
N ILE A 207 35.50 51.49 17.84
CA ILE A 207 34.78 50.80 16.77
C ILE A 207 34.31 49.46 17.30
N TYR A 208 35.21 48.82 18.00
CA TYR A 208 34.91 47.54 18.60
C TYR A 208 33.64 47.65 19.44
N HIS A 209 33.72 48.53 20.43
CA HIS A 209 32.62 48.75 21.37
C HIS A 209 31.32 49.07 20.65
N ILE A 210 31.40 50.00 19.71
CA ILE A 210 30.20 50.33 18.97
C ILE A 210 29.58 49.13 18.30
N LEU A 211 30.39 48.22 17.76
CA LEU A 211 29.81 47.04 17.12
C LEU A 211 29.13 46.13 18.11
N LEU A 212 29.80 45.95 19.24
CA LEU A 212 29.22 45.06 20.23
C LEU A 212 27.86 45.65 20.57
N CYS A 213 27.76 46.97 20.49
CA CYS A 213 26.53 47.59 20.90
C CYS A 213 25.45 47.53 19.85
N ILE A 214 25.80 47.79 18.59
CA ILE A 214 24.79 47.78 17.50
C ILE A 214 24.29 46.44 17.12
N ARG A 215 25.08 45.42 17.40
CA ARG A 215 24.73 44.03 17.10
C ARG A 215 23.50 43.54 17.88
N ALA A 216 23.39 44.05 19.09
CA ALA A 216 22.35 43.60 19.96
C ALA A 216 21.49 44.67 20.56
N HIS A 217 20.51 45.10 19.80
CA HIS A 217 19.55 46.06 20.34
C HIS A 217 20.14 47.34 20.81
N GLY A 218 21.36 47.65 20.36
CA GLY A 218 21.98 48.90 20.78
C GLY A 218 21.91 49.08 22.30
N TRP A 219 21.90 47.97 23.05
CA TRP A 219 21.92 47.99 24.52
C TRP A 219 23.36 47.97 25.03
N THR A 220 23.54 47.90 26.35
CA THR A 220 24.90 47.98 26.93
C THR A 220 25.53 46.71 27.45
N ARG A 221 24.69 45.70 27.51
CA ARG A 221 25.03 44.40 28.01
C ARG A 221 26.33 43.73 27.62
N ASN A 222 26.67 43.79 26.34
CA ASN A 222 27.90 43.12 25.92
C ASN A 222 29.08 44.10 26.10
N LEU A 223 28.80 45.25 26.70
CA LEU A 223 29.82 46.27 26.91
C LEU A 223 30.49 46.20 28.28
N PRO A 224 31.82 46.38 28.29
CA PRO A 224 32.67 46.32 29.48
C PRO A 224 32.36 47.46 30.41
N LYS A 225 32.75 47.37 31.68
CA LYS A 225 32.45 48.46 32.60
C LYS A 225 32.85 49.80 32.02
N LYS A 226 34.14 49.93 31.81
CA LYS A 226 34.60 51.17 31.24
C LYS A 226 34.63 50.85 29.75
N ASN A 227 33.78 51.55 29.01
CA ASN A 227 33.74 51.34 27.57
C ASN A 227 33.73 52.65 26.79
N LYS A 228 34.03 52.52 25.50
CA LYS A 228 34.14 53.67 24.62
C LYS A 228 32.80 54.32 24.27
N VAL A 229 31.70 53.58 24.39
CA VAL A 229 30.40 54.13 24.03
C VAL A 229 29.69 54.85 25.17
N THR A 230 29.58 54.23 26.36
CA THR A 230 28.95 54.90 27.50
C THR A 230 29.91 55.45 28.57
N GLY A 231 31.17 55.08 28.44
CA GLY A 231 32.15 55.51 29.45
C GLY A 231 32.14 54.55 30.66
N VAL A 232 31.18 54.70 31.57
CA VAL A 232 31.19 53.86 32.76
C VAL A 232 29.83 53.40 33.24
N LYS A 233 29.59 52.10 33.04
CA LYS A 233 28.32 51.46 33.36
C LYS A 233 28.04 51.51 34.84
N SER A 234 26.77 51.44 35.19
CA SER A 234 26.42 51.48 36.59
C SER A 234 26.22 50.05 37.04
N ASP A 235 26.06 49.91 38.35
CA ASP A 235 25.86 48.63 39.03
C ASP A 235 24.41 48.19 39.11
N ASP A 236 23.50 49.16 39.07
CA ASP A 236 22.10 48.82 39.16
C ASP A 236 21.62 48.27 37.82
N GLN A 237 21.63 46.94 37.70
CA GLN A 237 21.20 46.29 36.46
C GLN A 237 19.74 46.54 36.21
N PHE A 238 19.01 46.79 37.29
CA PHE A 238 17.62 47.06 37.10
C PHE A 238 17.55 48.06 35.96
N GLU A 239 18.42 49.07 36.08
CA GLU A 239 18.55 50.13 35.10
C GLU A 239 19.55 49.77 33.98
N GLU A 240 20.85 49.74 34.27
CA GLU A 240 21.85 49.46 33.23
C GLU A 240 21.40 48.44 32.15
N SER A 241 20.99 47.28 32.62
CA SER A 241 20.62 46.19 31.75
C SER A 241 19.45 46.50 30.82
N PHE A 242 18.80 47.65 31.02
CA PHE A 242 17.71 48.10 30.15
C PHE A 242 17.84 49.49 29.50
N LYS A 243 19.09 49.92 29.34
CA LYS A 243 19.39 51.22 28.76
C LYS A 243 19.77 50.92 27.29
N PHE A 244 19.47 51.85 26.39
CA PHE A 244 19.73 51.71 24.95
C PHE A 244 20.38 53.02 24.53
N VAL A 245 21.51 52.94 23.83
CA VAL A 245 22.25 54.14 23.47
C VAL A 245 22.56 54.36 22.00
N LEU A 246 22.35 53.35 21.18
CA LEU A 246 22.65 53.55 19.77
C LEU A 246 21.58 52.80 19.10
N PRO A 247 21.22 53.36 17.97
CA PRO A 247 20.17 52.84 17.11
C PRO A 247 20.72 51.60 16.39
N GLY A 248 20.78 50.50 17.13
CA GLY A 248 21.31 49.26 16.60
C GLY A 248 20.34 48.27 15.95
N TYR A 249 20.71 46.99 16.03
CA TYR A 249 19.90 45.94 15.40
C TYR A 249 19.90 44.72 16.27
N ASN A 250 19.31 43.65 15.74
CA ASN A 250 19.45 42.39 16.44
C ASN A 250 20.14 41.59 15.39
N VAL A 251 21.47 41.43 15.47
CA VAL A 251 22.10 40.59 14.48
C VAL A 251 23.02 39.54 15.03
N ARG A 252 22.69 39.10 16.24
CA ARG A 252 23.44 38.04 16.96
C ARG A 252 23.50 36.72 16.18
N PRO A 253 24.72 36.26 16.11
CA PRO A 253 25.01 34.99 15.49
C PRO A 253 24.43 34.00 16.49
N LEU A 254 24.44 32.71 16.16
CA LEU A 254 23.93 31.63 17.00
C LEU A 254 25.06 30.92 17.73
N GLU A 255 24.86 30.47 18.98
CA GLU A 255 25.90 29.73 19.74
C GLU A 255 26.45 28.59 18.89
N MET A 256 25.51 27.85 18.31
CA MET A 256 25.80 26.72 17.42
C MET A 256 26.69 27.17 16.26
N SER A 257 26.48 28.38 15.76
CA SER A 257 27.35 28.82 14.69
C SER A 257 28.72 29.23 15.20
N GLY A 258 28.78 29.54 16.48
CA GLY A 258 30.03 29.94 17.08
C GLY A 258 30.85 28.68 17.21
N ALA A 259 30.24 27.67 17.81
CA ALA A 259 30.92 26.41 18.01
C ALA A 259 31.42 25.78 16.72
N ILE A 260 30.63 25.86 15.66
CA ILE A 260 31.08 25.27 14.40
C ILE A 260 32.27 25.99 13.85
N GLY A 261 32.31 27.30 14.06
CA GLY A 261 33.38 28.13 13.50
C GLY A 261 34.76 27.74 14.02
N ILE A 262 34.83 27.57 15.32
CA ILE A 262 36.08 27.27 15.95
C ILE A 262 36.67 26.07 15.28
N GLU A 263 35.85 25.05 15.13
CA GLU A 263 36.33 23.86 14.46
C GLU A 263 36.83 24.22 13.07
N GLN A 264 35.98 24.91 12.31
CA GLN A 264 36.37 25.29 10.95
C GLN A 264 37.72 26.01 10.96
N LEU A 265 37.90 26.86 11.95
CA LEU A 265 39.13 27.63 12.08
C LEU A 265 40.42 26.81 12.13
N LYS A 266 40.42 25.64 12.76
CA LYS A 266 41.66 24.86 12.85
C LYS A 266 42.01 24.25 11.48
N LYS A 267 40.96 23.79 10.82
CA LYS A 267 41.06 23.23 9.48
C LYS A 267 41.59 24.22 8.44
N LEU A 268 41.10 25.45 8.51
CA LEU A 268 41.41 26.39 7.44
C LEU A 268 42.76 26.29 6.74
N PRO A 269 43.82 26.49 7.51
CA PRO A 269 45.17 26.48 6.96
C PRO A 269 45.28 25.42 5.85
N ARG A 270 44.73 24.26 6.17
CA ARG A 270 44.77 23.11 5.26
C ARG A 270 43.82 23.28 4.07
N PHE A 271 42.61 23.75 4.36
CA PHE A 271 41.69 24.04 3.26
C PHE A 271 42.46 24.90 2.29
N ILE A 272 43.05 25.94 2.86
CA ILE A 272 43.83 26.87 2.09
C ILE A 272 44.96 26.20 1.29
N SER A 273 45.72 25.28 1.86
CA SER A 273 46.77 24.67 1.04
C SER A 273 46.13 23.90 -0.14
N VAL A 274 45.06 23.18 0.15
CA VAL A 274 44.41 22.46 -0.92
C VAL A 274 43.82 23.40 -1.95
N ARG A 275 43.17 24.46 -1.52
CA ARG A 275 42.65 25.36 -2.53
C ARG A 275 43.81 25.89 -3.41
N ARG A 276 44.90 26.32 -2.78
CA ARG A 276 46.01 26.92 -3.52
C ARG A 276 46.67 25.88 -4.44
N LYS A 277 46.74 24.66 -3.93
CA LYS A 277 47.29 23.50 -4.62
C LYS A 277 46.54 23.32 -5.94
N ASN A 278 45.23 23.22 -5.81
CA ASN A 278 44.39 23.05 -6.98
C ASN A 278 44.71 24.15 -8.00
N ALA A 279 44.71 25.42 -7.56
CA ALA A 279 44.88 26.59 -8.45
C ALA A 279 46.11 26.56 -9.28
N GLU A 280 47.18 26.13 -8.61
CA GLU A 280 48.47 25.94 -9.23
C GLU A 280 48.33 25.00 -10.42
N TYR A 281 47.70 23.85 -10.21
CA TYR A 281 47.50 22.86 -11.28
C TYR A 281 46.69 23.53 -12.39
N PHE A 282 45.70 24.30 -11.94
CA PHE A 282 44.79 25.03 -12.82
C PHE A 282 45.54 25.95 -13.76
N LEU A 283 46.38 26.78 -13.17
CA LEU A 283 47.10 27.72 -13.99
C LEU A 283 48.01 27.02 -14.99
N ASP A 284 48.71 25.96 -14.60
CA ASP A 284 49.55 25.32 -15.62
C ASP A 284 48.71 24.79 -16.79
N LYS A 285 47.51 24.32 -16.49
CA LYS A 285 46.61 23.74 -17.47
C LYS A 285 45.95 24.73 -18.48
N PHE A 286 45.69 25.97 -18.04
CA PHE A 286 45.04 26.98 -18.91
C PHE A 286 45.99 28.13 -19.24
N LYS A 287 47.25 27.93 -18.89
CA LYS A 287 48.29 28.89 -19.04
C LYS A 287 48.22 29.53 -20.42
N ASP A 288 48.34 28.67 -21.43
CA ASP A 288 48.37 29.21 -22.77
C ASP A 288 47.08 29.09 -23.59
N HIS A 289 45.96 29.01 -22.86
CA HIS A 289 44.66 28.90 -23.50
C HIS A 289 44.41 29.81 -24.72
N PRO A 290 43.87 29.24 -25.79
CA PRO A 290 43.68 30.02 -27.02
C PRO A 290 42.61 31.08 -27.00
N TYR A 291 41.65 31.00 -26.09
CA TYR A 291 40.61 32.01 -26.11
C TYR A 291 40.16 32.37 -24.72
N LEU A 292 40.80 31.77 -23.74
CA LEU A 292 40.45 32.06 -22.35
C LEU A 292 41.52 32.69 -21.54
N ASP A 293 41.07 33.72 -20.84
CA ASP A 293 41.88 34.51 -19.96
C ASP A 293 41.46 34.14 -18.56
N VAL A 294 42.43 33.93 -17.66
CA VAL A 294 42.19 33.67 -16.25
C VAL A 294 42.63 34.83 -15.37
N GLN A 295 42.40 34.67 -14.08
CA GLN A 295 42.78 35.71 -13.12
C GLN A 295 44.27 35.83 -12.81
N GLN A 296 44.77 37.06 -12.85
CA GLN A 296 46.15 37.37 -12.51
C GLN A 296 46.22 37.48 -10.98
N GLU A 297 46.99 36.59 -10.35
CA GLU A 297 47.10 36.62 -8.90
C GLU A 297 47.85 37.85 -8.42
N THR A 298 47.56 38.25 -7.19
CA THR A 298 48.17 39.39 -6.48
C THR A 298 48.37 38.80 -5.10
N GLY A 299 49.53 39.08 -4.52
CA GLY A 299 49.89 38.51 -3.25
C GLY A 299 49.60 37.00 -3.31
N GLU A 300 48.90 36.50 -2.29
CA GLU A 300 48.61 35.07 -2.26
C GLU A 300 47.10 34.86 -2.28
N SER A 301 46.52 34.63 -3.45
CA SER A 301 45.07 34.42 -3.46
C SER A 301 44.70 33.23 -2.62
N SER A 302 43.44 33.21 -2.18
CA SER A 302 42.89 32.10 -1.42
C SER A 302 42.04 31.34 -2.45
N TRP A 303 42.18 31.76 -3.70
CA TRP A 303 41.50 31.14 -4.82
C TRP A 303 40.07 30.80 -4.56
N PHE A 304 39.23 31.81 -4.49
CA PHE A 304 37.84 31.52 -4.18
C PHE A 304 37.26 30.52 -5.20
N GLY A 305 37.36 30.83 -6.48
CA GLY A 305 36.85 29.94 -7.51
C GLY A 305 37.60 30.22 -8.80
N PHE A 306 37.11 29.73 -9.93
CA PHE A 306 37.74 29.95 -11.22
C PHE A 306 36.97 30.73 -12.28
N SER A 307 37.51 31.89 -12.59
CA SER A 307 36.92 32.77 -13.57
C SER A 307 37.60 32.53 -14.90
N PHE A 308 36.86 32.84 -15.95
CA PHE A 308 37.38 32.69 -17.29
C PHE A 308 36.81 33.86 -18.01
N ILE A 309 37.66 34.55 -18.77
CA ILE A 309 37.18 35.67 -19.55
C ILE A 309 37.55 35.53 -21.01
N ILE A 310 36.53 35.35 -21.85
CA ILE A 310 36.73 35.18 -23.31
C ILE A 310 37.50 36.28 -23.99
N LYS A 311 38.61 35.91 -24.61
CA LYS A 311 39.48 36.88 -25.28
C LYS A 311 38.88 37.71 -26.36
N LYS A 312 39.25 38.98 -26.37
CA LYS A 312 38.84 39.85 -27.43
C LYS A 312 39.27 39.23 -28.74
N ASP A 313 38.32 39.11 -29.66
CA ASP A 313 38.61 38.58 -30.98
C ASP A 313 38.31 37.11 -31.12
N SER A 314 38.68 36.35 -30.11
CA SER A 314 38.43 34.90 -30.07
C SER A 314 37.37 34.40 -31.06
N GLY A 315 36.21 35.06 -31.10
CA GLY A 315 35.12 34.65 -31.96
C GLY A 315 34.26 33.58 -31.33
N VAL A 316 34.42 33.41 -30.03
CA VAL A 316 33.70 32.43 -29.26
C VAL A 316 32.63 33.06 -28.37
N ILE A 317 31.49 32.40 -28.34
CA ILE A 317 30.29 32.87 -27.67
C ILE A 317 30.20 32.32 -26.25
N ARG A 318 29.96 33.23 -25.31
CA ARG A 318 29.87 32.85 -23.90
C ARG A 318 28.88 31.75 -23.65
N LYS A 319 27.71 31.93 -24.26
CA LYS A 319 26.62 31.00 -24.12
C LYS A 319 26.94 29.57 -24.53
N GLN A 320 27.87 29.38 -25.46
CA GLN A 320 28.11 27.99 -25.82
C GLN A 320 28.99 27.27 -24.81
N LEU A 321 29.85 28.06 -24.17
CA LEU A 321 30.75 27.59 -23.12
C LEU A 321 29.91 27.07 -21.96
N VAL A 322 28.81 27.76 -21.72
CA VAL A 322 27.89 27.34 -20.69
C VAL A 322 27.26 26.01 -21.12
N GLU A 323 26.57 26.04 -22.25
CA GLU A 323 25.89 24.86 -22.69
C GLU A 323 26.86 23.72 -22.52
N ASN A 324 28.06 23.91 -23.05
CA ASN A 324 29.03 22.85 -22.93
C ASN A 324 29.25 22.34 -21.51
N LEU A 325 29.62 23.25 -20.62
CA LEU A 325 29.98 22.86 -19.30
C LEU A 325 28.83 22.09 -18.74
N ASN A 326 27.65 22.57 -19.04
CA ASN A 326 26.44 21.96 -18.52
C ASN A 326 26.26 20.52 -18.92
N SER A 327 26.12 20.32 -20.22
CA SER A 327 26.00 18.98 -20.73
C SER A 327 27.18 18.13 -20.27
N ALA A 328 28.26 18.75 -19.79
CA ALA A 328 29.45 17.98 -19.31
C ALA A 328 29.30 17.86 -17.83
N GLY A 329 28.09 18.20 -17.36
CA GLY A 329 27.72 18.18 -15.93
C GLY A 329 28.54 19.13 -15.04
N ILE A 330 29.33 20.02 -15.65
CA ILE A 330 30.12 20.97 -14.87
C ILE A 330 29.22 22.14 -14.51
N GLU A 331 29.00 22.37 -13.22
CA GLU A 331 28.10 23.45 -12.78
C GLU A 331 28.74 24.85 -12.89
N CYS A 332 28.18 25.76 -13.67
CA CYS A 332 28.85 27.06 -13.78
C CYS A 332 27.99 28.29 -13.50
N ARG A 333 28.65 29.44 -13.45
CA ARG A 333 27.93 30.68 -13.15
C ARG A 333 28.60 31.94 -13.60
N PRO A 334 27.91 33.02 -13.29
CA PRO A 334 28.35 34.38 -13.62
C PRO A 334 29.55 34.76 -12.75
N ILE A 335 30.47 35.53 -13.25
CA ILE A 335 31.53 35.89 -12.35
C ILE A 335 30.92 36.83 -11.31
N VAL A 336 30.75 36.29 -10.10
CA VAL A 336 30.14 36.97 -8.99
C VAL A 336 28.74 37.29 -9.45
N THR A 337 28.44 38.55 -9.71
CA THR A 337 27.10 38.85 -10.18
C THR A 337 27.26 39.55 -11.50
N GLY A 338 28.49 39.64 -11.99
CA GLY A 338 28.75 40.27 -13.28
C GLY A 338 28.77 41.77 -13.06
N ASN A 339 28.24 42.55 -13.99
CA ASN A 339 28.23 43.99 -13.85
C ASN A 339 27.09 44.47 -12.97
N PHE A 340 27.45 44.87 -11.76
CA PHE A 340 26.44 45.32 -10.86
C PHE A 340 25.53 46.42 -11.38
N LEU A 341 26.12 47.29 -12.19
CA LEU A 341 25.42 48.45 -12.74
C LEU A 341 24.26 48.13 -13.67
N LYS A 342 24.24 46.90 -14.18
CA LYS A 342 23.14 46.52 -15.06
C LYS A 342 21.87 46.40 -14.21
N ASN A 343 21.99 46.53 -12.89
CA ASN A 343 20.79 46.41 -12.06
C ASN A 343 20.00 47.69 -11.90
N THR A 344 19.43 48.15 -13.01
CA THR A 344 18.72 49.43 -13.10
C THR A 344 17.61 49.65 -12.10
N ASP A 345 16.71 48.67 -12.01
CA ASP A 345 15.66 48.72 -11.03
C ASP A 345 16.08 49.04 -9.58
N VAL A 346 17.23 48.57 -9.12
CA VAL A 346 17.54 48.86 -7.73
C VAL A 346 18.31 50.17 -7.65
N LEU A 347 19.20 50.36 -8.61
CA LEU A 347 20.05 51.54 -8.66
C LEU A 347 19.21 52.79 -8.59
N LYS A 348 17.96 52.60 -8.93
CA LYS A 348 16.94 53.62 -8.84
C LYS A 348 16.99 54.24 -7.41
N TYR A 349 17.25 53.38 -6.42
CA TYR A 349 17.25 53.82 -5.03
C TYR A 349 18.54 54.34 -4.52
N PHE A 350 19.51 54.48 -5.42
CA PHE A 350 20.81 54.96 -5.01
C PHE A 350 21.04 56.36 -5.47
N ASP A 351 22.02 56.95 -4.80
CA ASP A 351 22.53 58.27 -5.11
C ASP A 351 23.90 57.86 -5.60
N TYR A 352 24.07 57.64 -6.90
CA TYR A 352 25.39 57.21 -7.32
C TYR A 352 25.94 57.98 -8.48
N THR A 353 27.12 57.56 -8.90
CA THR A 353 27.79 58.13 -10.05
C THR A 353 28.83 57.17 -10.51
N VAL A 354 29.21 57.28 -11.78
CA VAL A 354 30.16 56.36 -12.37
C VAL A 354 31.44 57.06 -12.79
N HIS A 355 32.54 56.71 -12.15
CA HIS A 355 33.77 57.33 -12.56
C HIS A 355 34.13 56.94 -14.00
N ASN A 356 33.90 57.84 -14.95
CA ASN A 356 34.28 57.57 -16.33
C ASN A 356 33.43 56.49 -17.01
N ASN A 357 33.86 55.23 -16.90
CA ASN A 357 33.14 54.10 -17.51
C ASN A 357 33.57 52.75 -16.92
N VAL A 358 32.70 51.76 -17.02
CA VAL A 358 33.05 50.43 -16.48
C VAL A 358 33.02 49.42 -17.61
N ASP A 359 33.75 49.82 -18.64
CA ASP A 359 33.94 49.01 -19.84
C ASP A 359 34.35 47.57 -19.52
N ASN A 360 35.30 47.43 -18.60
CA ASN A 360 35.77 46.11 -18.21
C ASN A 360 34.62 45.37 -17.55
N ALA A 361 34.00 45.99 -16.54
CA ALA A 361 32.85 45.31 -15.91
C ALA A 361 31.89 44.89 -17.03
N GLU A 362 31.55 45.83 -17.89
CA GLU A 362 30.66 45.55 -18.99
C GLU A 362 31.05 44.28 -19.75
N TYR A 363 32.35 44.18 -20.04
CA TYR A 363 32.92 43.08 -20.79
C TYR A 363 32.93 41.78 -20.01
N LEU A 364 33.17 41.92 -18.73
CA LEU A 364 33.29 40.71 -17.96
C LEU A 364 31.93 40.06 -17.92
N ASP A 365 30.94 40.93 -17.79
CA ASP A 365 29.58 40.50 -17.66
C ASP A 365 29.19 39.59 -18.81
N LYS A 366 29.62 39.94 -20.01
CA LYS A 366 29.22 39.20 -21.19
C LYS A 366 30.07 38.09 -21.72
N ASN A 367 31.33 38.04 -21.33
CA ASN A 367 32.26 37.01 -21.79
C ASN A 367 33.01 36.42 -20.61
N GLY A 368 32.40 36.51 -19.43
CA GLY A 368 33.02 35.95 -18.23
C GLY A 368 32.12 34.86 -17.66
N LEU A 369 32.75 33.83 -17.14
CA LEU A 369 32.00 32.75 -16.48
C LEU A 369 32.90 32.22 -15.38
N PHE A 370 32.26 31.67 -14.35
CA PHE A 370 33.00 31.17 -13.21
C PHE A 370 32.57 29.76 -12.84
N VAL A 371 33.57 28.98 -12.44
CA VAL A 371 33.35 27.65 -11.88
C VAL A 371 34.17 27.61 -10.57
N GLY A 372 33.60 26.95 -9.59
CA GLY A 372 34.16 26.90 -8.22
C GLY A 372 35.44 26.14 -7.89
N ASN A 373 35.95 26.39 -6.70
CA ASN A 373 37.16 25.74 -6.21
C ASN A 373 36.83 25.15 -4.84
N HIS A 374 37.31 23.94 -4.56
CA HIS A 374 37.04 23.31 -3.28
C HIS A 374 38.28 22.87 -2.52
N GLN A 375 38.10 22.66 -1.23
CA GLN A 375 39.14 22.22 -0.32
C GLN A 375 39.47 20.73 -0.41
N ILE A 376 39.14 20.10 -1.53
CA ILE A 376 39.53 18.68 -1.66
C ILE A 376 40.27 18.76 -2.99
N GLU A 377 41.26 17.89 -3.23
CA GLU A 377 42.06 17.92 -4.48
C GLU A 377 41.24 17.68 -5.75
N LEU A 378 41.32 18.58 -6.72
CA LEU A 378 40.52 18.40 -7.94
C LEU A 378 41.24 18.13 -9.26
N PHE A 379 42.43 17.54 -9.23
CA PHE A 379 43.20 17.35 -10.44
C PHE A 379 42.47 16.84 -11.65
N ASP A 380 41.72 15.79 -11.42
CA ASP A 380 40.97 15.13 -12.45
C ASP A 380 39.92 16.04 -13.05
N GLU A 381 39.22 16.80 -12.19
CA GLU A 381 38.14 17.65 -12.72
C GLU A 381 38.73 18.71 -13.58
N ILE A 382 39.91 19.17 -13.16
CA ILE A 382 40.59 20.22 -13.90
C ILE A 382 41.02 19.72 -15.27
N ASP A 383 41.46 18.48 -15.31
CA ASP A 383 41.90 17.93 -16.58
C ASP A 383 40.69 17.82 -17.49
N TYR A 384 39.58 17.30 -16.96
CA TYR A 384 38.34 17.16 -17.75
C TYR A 384 37.91 18.55 -18.25
N LEU A 385 38.07 19.53 -17.36
CA LEU A 385 37.78 20.96 -17.60
C LEU A 385 38.49 21.46 -18.83
N ARG A 386 39.82 21.30 -18.82
CA ARG A 386 40.72 21.70 -19.90
C ARG A 386 40.20 21.11 -21.21
N GLU A 387 39.89 19.83 -21.16
CA GLU A 387 39.37 19.08 -22.30
C GLU A 387 38.00 19.57 -22.76
N VAL A 388 37.13 19.85 -21.79
CA VAL A 388 35.81 20.31 -22.17
C VAL A 388 36.00 21.69 -22.74
N LEU A 389 36.86 22.51 -22.11
CA LEU A 389 37.09 23.87 -22.62
C LEU A 389 38.27 23.88 -23.58
N LYS A 390 38.12 23.07 -24.63
CA LYS A 390 39.08 22.94 -25.71
C LYS A 390 38.96 24.17 -26.60
N TYR B 6 11.63 31.15 41.43
CA TYR B 6 10.86 31.89 40.43
C TYR B 6 11.71 32.60 39.36
N PRO B 7 11.76 32.00 38.18
CA PRO B 7 12.51 32.57 37.08
C PRO B 7 11.69 33.41 36.13
N LEU B 8 12.35 34.32 35.45
CA LEU B 8 11.67 35.13 34.48
C LEU B 8 11.37 34.13 33.35
N ALA B 9 12.22 33.12 33.20
CA ALA B 9 12.02 32.16 32.12
C ALA B 9 12.19 30.65 32.40
N SER B 10 11.80 29.85 31.42
CA SER B 10 11.89 28.38 31.47
C SER B 10 11.87 27.78 30.05
N SER B 11 12.35 26.55 29.91
CA SER B 11 12.42 25.92 28.57
C SER B 11 11.08 25.49 28.07
N THR B 12 10.93 25.53 26.76
CA THR B 12 9.65 25.17 26.16
C THR B 12 9.80 23.97 25.23
N TRP B 13 11.01 23.40 25.25
CA TRP B 13 11.36 22.26 24.40
C TRP B 13 11.17 20.87 25.02
N ASP B 14 11.13 19.87 24.16
CA ASP B 14 11.09 18.47 24.63
C ASP B 14 11.96 17.60 23.71
N ASP B 15 11.66 16.31 23.57
CA ASP B 15 12.55 15.49 22.71
C ASP B 15 12.23 15.77 21.29
N LEU B 16 11.00 16.23 21.10
CA LEU B 16 10.50 16.52 19.78
C LEU B 16 11.33 17.57 19.09
N GLU B 17 11.68 18.62 19.82
CA GLU B 17 12.51 19.63 19.20
C GLU B 17 13.88 18.99 18.91
N TYR B 18 14.43 18.36 19.92
CA TYR B 18 15.74 17.73 19.71
C TYR B 18 15.86 16.81 18.47
N LYS B 19 14.85 15.99 18.20
CA LYS B 19 14.99 15.12 17.02
C LYS B 19 14.67 15.94 15.79
N ALA B 20 14.01 17.07 15.98
CA ALA B 20 13.71 17.95 14.86
C ALA B 20 15.06 18.44 14.37
N ILE B 21 15.95 18.70 15.32
CA ILE B 21 17.26 19.17 14.93
C ILE B 21 17.97 18.01 14.30
N GLN B 22 17.93 16.89 14.99
CA GLN B 22 18.57 15.70 14.46
C GLN B 22 18.26 15.53 12.98
N SER B 23 16.98 15.70 12.67
CA SER B 23 16.46 15.57 11.32
C SER B 23 17.03 16.54 10.30
N VAL B 24 17.21 17.79 10.70
CA VAL B 24 17.78 18.75 9.77
C VAL B 24 19.23 18.39 9.52
N LEU B 25 19.81 17.64 10.44
CA LEU B 25 21.20 17.24 10.30
C LEU B 25 21.44 16.28 9.13
N ASP B 26 20.76 15.14 9.23
CA ASP B 26 20.83 14.09 8.24
C ASP B 26 20.44 14.59 6.87
N SER B 27 19.77 15.72 6.81
CA SER B 27 19.46 16.22 5.49
C SER B 27 20.69 16.89 4.90
N LYS B 28 21.49 17.54 5.75
CA LYS B 28 22.67 18.21 5.23
C LYS B 28 22.25 19.28 4.25
N MET B 29 21.23 20.00 4.68
CA MET B 29 20.70 21.13 3.97
C MET B 29 20.27 22.03 5.15
N PHE B 30 21.16 22.93 5.53
CA PHE B 30 21.01 23.82 6.67
C PHE B 30 20.47 25.22 6.37
N THR B 31 20.74 25.72 5.16
CA THR B 31 20.25 27.02 4.73
C THR B 31 18.72 27.11 4.49
N MET B 32 18.08 28.20 4.91
CA MET B 32 16.63 28.35 4.71
C MET B 32 16.03 27.56 3.56
N GLY B 33 15.12 26.64 3.90
CA GLY B 33 14.55 25.75 2.89
C GLY B 33 13.20 25.07 3.12
N GLU B 34 13.20 23.75 3.01
CA GLU B 34 11.96 22.99 3.16
C GLU B 34 11.26 23.31 4.45
N TYR B 35 12.01 23.20 5.54
CA TYR B 35 11.50 23.44 6.88
C TYR B 35 10.93 24.80 7.06
N VAL B 36 11.65 25.75 6.52
CA VAL B 36 11.14 27.09 6.67
C VAL B 36 9.77 27.15 6.02
N LYS B 37 9.79 26.93 4.71
CA LYS B 37 8.57 26.99 3.94
C LYS B 37 7.43 26.37 4.72
N GLN B 38 7.62 25.14 5.20
CA GLN B 38 6.48 24.55 5.90
C GLN B 38 6.08 25.36 7.13
N TYR B 39 7.08 25.63 7.95
CA TYR B 39 6.85 26.36 9.17
C TYR B 39 6.01 27.60 8.80
N GLU B 40 6.45 28.26 7.75
CA GLU B 40 5.74 29.45 7.30
C GLU B 40 4.32 29.15 6.86
N THR B 41 4.08 27.92 6.42
CA THR B 41 2.74 27.58 6.00
C THR B 41 1.87 27.35 7.22
N GLN B 42 2.33 26.49 8.12
CA GLN B 42 1.55 26.22 9.33
C GLN B 42 1.37 27.46 10.20
N PHE B 43 2.36 28.34 10.19
CA PHE B 43 2.29 29.57 10.97
C PHE B 43 1.02 30.35 10.64
N ALA B 44 0.86 30.54 9.33
CA ALA B 44 -0.28 31.25 8.73
C ALA B 44 -1.61 30.53 8.94
N LYS B 45 -1.55 29.23 8.78
CA LYS B 45 -2.73 28.43 9.01
C LYS B 45 -3.08 28.69 10.50
N THR B 46 -2.06 28.62 11.33
CA THR B 46 -2.27 28.82 12.75
C THR B 46 -2.98 30.07 13.18
N PHE B 47 -2.52 31.23 12.67
CA PHE B 47 -3.07 32.50 13.12
C PHE B 47 -4.06 33.20 12.19
N GLY B 48 -4.42 32.55 11.08
CA GLY B 48 -5.41 33.15 10.19
C GLY B 48 -4.98 34.27 9.26
N SER B 49 -3.83 34.06 8.62
CA SER B 49 -3.29 35.03 7.66
C SER B 49 -3.10 34.33 6.34
N LYS B 50 -2.94 35.10 5.30
CA LYS B 50 -2.74 34.47 4.05
C LYS B 50 -1.29 34.09 3.97
N TYR B 51 -0.47 35.05 4.36
CA TYR B 51 0.98 34.88 4.22
C TYR B 51 1.78 35.16 5.49
N ALA B 52 2.78 34.32 5.69
CA ALA B 52 3.71 34.45 6.82
C ALA B 52 5.11 34.39 6.23
N VAL B 53 6.04 35.12 6.84
CA VAL B 53 7.39 35.07 6.35
C VAL B 53 8.36 34.93 7.50
N MET B 54 9.25 33.95 7.41
CA MET B 54 10.18 33.77 8.51
C MET B 54 11.53 34.45 8.29
N VAL B 55 12.02 35.08 9.36
CA VAL B 55 13.27 35.83 9.38
C VAL B 55 14.10 35.49 10.60
N SER B 56 15.31 36.07 10.63
CA SER B 56 16.25 35.85 11.72
C SER B 56 15.82 36.25 13.13
N SER B 57 14.96 37.25 13.24
CA SER B 57 14.40 37.61 14.56
C SER B 57 13.16 38.54 14.59
N GLY B 58 12.53 38.64 15.76
CA GLY B 58 11.36 39.54 15.83
C GLY B 58 11.93 40.88 15.38
N SER B 59 13.16 41.17 15.78
CA SER B 59 13.77 42.44 15.41
C SER B 59 13.85 42.62 13.91
N THR B 60 14.42 41.67 13.21
CA THR B 60 14.53 41.86 11.78
C THR B 60 13.18 41.86 11.09
N ALA B 61 12.23 41.20 11.73
CA ALA B 61 10.91 41.17 11.18
C ALA B 61 10.32 42.58 11.24
N ASN B 62 10.72 43.35 12.25
CA ASN B 62 10.25 44.73 12.41
C ASN B 62 10.96 45.59 11.38
N LEU B 63 12.24 45.33 11.16
CA LEU B 63 13.05 46.03 10.15
C LEU B 63 12.37 45.92 8.80
N LEU B 64 12.09 44.67 8.44
CA LEU B 64 11.43 44.33 7.21
C LEU B 64 10.01 44.86 7.15
N MET B 65 9.27 44.76 8.24
CA MET B 65 7.93 45.33 8.21
C MET B 65 7.98 46.77 7.75
N ILE B 66 8.99 47.48 8.16
CA ILE B 66 9.04 48.88 7.78
C ILE B 66 9.61 49.07 6.40
N ALA B 67 10.85 48.64 6.22
CA ALA B 67 11.50 48.77 4.91
C ALA B 67 10.48 48.51 3.82
N ALA B 68 9.66 47.48 4.02
CA ALA B 68 8.75 47.10 2.96
C ALA B 68 7.86 48.21 2.34
N LEU B 69 7.22 48.97 3.21
CA LEU B 69 6.29 50.01 2.81
C LEU B 69 6.90 51.10 1.98
N PHE B 70 8.17 50.93 1.65
CA PHE B 70 8.83 51.94 0.86
C PHE B 70 8.95 51.39 -0.57
N PHE B 71 8.90 50.07 -0.70
CA PHE B 71 9.02 49.43 -2.01
C PHE B 71 7.74 49.02 -2.71
N THR B 72 6.57 49.30 -2.12
CA THR B 72 5.30 49.05 -2.79
C THR B 72 5.27 49.88 -4.10
N LYS B 73 4.73 49.33 -5.17
CA LYS B 73 4.75 50.11 -6.43
C LYS B 73 4.35 51.55 -6.26
N LYS B 74 3.30 51.75 -5.49
CA LYS B 74 2.84 53.09 -5.15
C LYS B 74 3.16 53.12 -3.66
N PRO B 75 4.35 53.61 -3.33
CA PRO B 75 4.86 53.60 -1.95
C PRO B 75 3.89 54.00 -0.87
N ARG B 76 3.86 53.22 0.21
CA ARG B 76 2.94 53.58 1.26
C ARG B 76 3.48 54.54 2.27
N LEU B 77 4.79 54.55 2.39
CA LEU B 77 5.48 55.49 3.26
C LEU B 77 6.64 56.08 2.49
N LYS B 78 7.12 57.21 2.99
CA LYS B 78 8.26 57.91 2.42
C LYS B 78 8.86 58.67 3.58
N LYS B 79 10.12 59.03 3.44
CA LYS B 79 10.85 59.71 4.51
C LYS B 79 10.11 60.97 5.00
N GLY B 80 10.14 61.19 6.32
CA GLY B 80 9.52 62.35 6.91
C GLY B 80 8.10 61.99 7.26
N ASP B 81 7.60 60.87 6.76
CA ASP B 81 6.22 60.54 7.12
C ASP B 81 6.04 60.38 8.61
N GLU B 82 4.84 60.72 9.09
CA GLU B 82 4.59 60.58 10.51
C GLU B 82 4.04 59.21 10.87
N ILE B 83 4.65 58.52 11.83
CA ILE B 83 4.09 57.25 12.31
C ILE B 83 3.96 57.37 13.86
N ILE B 84 2.81 56.95 14.41
CA ILE B 84 2.62 57.00 15.85
C ILE B 84 2.98 55.67 16.54
N VAL B 85 3.59 55.78 17.72
CA VAL B 85 4.00 54.62 18.49
C VAL B 85 3.87 54.89 19.97
N PRO B 86 3.90 53.82 20.75
CA PRO B 86 3.75 53.91 22.20
C PRO B 86 5.06 54.06 22.95
N ALA B 87 5.01 54.69 24.13
CA ALA B 87 6.17 55.02 24.97
C ALA B 87 6.86 53.84 25.62
N VAL B 88 6.15 52.72 25.57
CA VAL B 88 6.65 51.48 26.14
C VAL B 88 6.67 50.28 25.18
N SER B 89 7.90 49.81 24.92
CA SER B 89 8.11 48.68 24.01
C SER B 89 9.60 48.39 23.89
N TRP B 90 9.93 47.21 23.35
CA TRP B 90 11.33 46.85 23.14
C TRP B 90 12.03 47.78 22.13
N SER B 91 13.34 47.96 22.39
CA SER B 91 14.15 48.86 21.58
C SER B 91 13.92 48.73 20.06
N THR B 92 13.97 47.51 19.57
CA THR B 92 13.83 47.32 18.13
C THR B 92 12.50 47.60 17.51
N THR B 93 11.64 48.16 18.34
CA THR B 93 10.33 48.50 17.83
C THR B 93 10.62 49.85 17.22
N TYR B 94 11.50 50.59 17.88
CA TYR B 94 11.76 51.93 17.43
C TYR B 94 12.82 52.13 16.37
N TYR B 95 13.99 51.53 16.53
CA TYR B 95 15.05 51.67 15.55
C TYR B 95 14.65 51.78 14.07
N PRO B 96 13.87 50.84 13.55
CA PRO B 96 13.55 50.90 12.14
C PRO B 96 12.97 52.20 11.66
N LEU B 97 12.28 52.88 12.56
CA LEU B 97 11.59 54.12 12.20
C LEU B 97 12.63 55.13 11.98
N GLN B 98 13.64 55.08 12.85
CA GLN B 98 14.69 56.05 12.76
C GLN B 98 15.57 55.71 11.57
N GLN B 99 15.73 54.41 11.30
CA GLN B 99 16.62 53.99 10.24
C GLN B 99 16.09 54.31 8.86
N TYR B 100 14.77 54.37 8.81
CA TYR B 100 14.07 54.72 7.60
C TYR B 100 13.67 56.19 7.56
N GLY B 101 14.20 56.99 8.46
CA GLY B 101 13.94 58.43 8.49
C GLY B 101 12.48 58.88 8.66
N LEU B 102 11.71 58.16 9.45
CA LEU B 102 10.32 58.55 9.65
C LEU B 102 10.29 59.46 10.86
N ARG B 103 9.22 60.20 10.93
CA ARG B 103 9.12 61.15 12.01
C ARG B 103 8.24 60.45 13.06
N VAL B 104 8.79 60.23 14.25
CA VAL B 104 8.02 59.48 15.28
C VAL B 104 7.23 60.31 16.29
N LYS B 105 5.97 59.93 16.47
CA LYS B 105 5.19 60.63 17.47
C LYS B 105 4.89 59.67 18.59
N PHE B 106 5.43 59.96 19.74
CA PHE B 106 5.18 59.07 20.85
C PHE B 106 3.87 59.40 21.56
N VAL B 107 3.23 58.38 22.07
CA VAL B 107 1.96 58.56 22.75
C VAL B 107 1.90 57.74 24.05
N ASP B 108 1.67 58.43 25.18
CA ASP B 108 1.58 57.78 26.53
C ASP B 108 0.64 56.59 26.44
N ILE B 109 1.03 55.57 27.20
CA ILE B 109 0.31 54.32 27.29
C ILE B 109 -0.77 54.49 28.35
N ASP B 110 -1.65 53.50 28.40
CA ASP B 110 -2.70 53.48 29.39
C ASP B 110 -2.20 52.66 30.54
N ILE B 111 -2.24 53.26 31.73
CA ILE B 111 -1.77 52.58 32.94
C ILE B 111 -2.41 51.30 33.40
N ASN B 112 -3.60 50.98 32.90
CA ASN B 112 -4.29 49.75 33.28
C ASN B 112 -3.94 48.64 32.33
N THR B 113 -4.04 48.91 31.03
CA THR B 113 -3.79 47.88 30.05
C THR B 113 -2.34 47.82 29.70
N LEU B 114 -1.62 48.90 29.99
CA LEU B 114 -0.19 48.96 29.68
C LEU B 114 0.00 49.16 28.19
N ASN B 115 -1.11 49.27 27.46
CA ASN B 115 -0.98 49.51 26.03
C ASN B 115 -1.12 51.02 25.77
N ILE B 116 -1.21 51.40 24.51
CA ILE B 116 -1.29 52.83 24.14
C ILE B 116 -2.60 53.52 24.57
N ASP B 117 -2.50 54.70 25.19
CA ASP B 117 -3.72 55.37 25.63
C ASP B 117 -4.68 55.79 24.54
N ILE B 118 -5.90 55.22 24.56
CA ILE B 118 -6.89 55.52 23.56
C ILE B 118 -7.30 56.99 23.51
N GLU B 119 -7.56 57.61 24.66
CA GLU B 119 -7.97 59.03 24.57
C GLU B 119 -6.82 59.83 23.99
N SER B 120 -5.62 59.58 24.54
CA SER B 120 -4.38 60.24 24.09
C SER B 120 -4.27 59.94 22.57
N LEU B 121 -4.37 58.68 22.13
CA LEU B 121 -4.33 58.40 20.68
C LEU B 121 -5.32 59.21 19.83
N LYS B 122 -6.62 58.99 19.97
CA LYS B 122 -7.58 59.77 19.22
C LYS B 122 -7.18 61.24 19.04
N GLU B 123 -6.56 61.83 20.06
CA GLU B 123 -6.22 63.23 19.91
C GLU B 123 -4.90 63.49 19.20
N ALA B 124 -4.09 62.46 19.08
CA ALA B 124 -2.79 62.63 18.45
C ALA B 124 -2.82 62.22 17.00
N VAL B 125 -3.88 61.57 16.60
CA VAL B 125 -3.92 61.15 15.21
C VAL B 125 -4.50 62.34 14.43
N THR B 126 -3.83 62.67 13.33
CA THR B 126 -4.20 63.79 12.46
C THR B 126 -4.12 63.56 10.95
N ASP B 127 -4.11 64.66 10.22
CA ASP B 127 -4.01 64.64 8.78
C ASP B 127 -2.68 64.02 8.37
N SER B 128 -1.62 64.46 9.04
CA SER B 128 -0.27 64.01 8.71
C SER B 128 0.03 62.55 9.10
N THR B 129 -0.68 62.05 10.11
CA THR B 129 -0.47 60.71 10.62
C THR B 129 -0.67 59.75 9.49
N LYS B 130 0.44 59.15 9.07
CA LYS B 130 0.50 58.20 7.95
C LYS B 130 0.37 56.74 8.35
N ALA B 131 0.74 56.48 9.62
CA ALA B 131 0.66 55.14 10.17
C ALA B 131 0.63 55.09 11.68
N ILE B 132 0.03 54.02 12.18
CA ILE B 132 -0.02 53.73 13.62
C ILE B 132 0.64 52.39 13.89
N LEU B 133 1.76 52.40 14.62
CA LEU B 133 2.46 51.17 14.96
C LEU B 133 2.08 50.73 16.35
N THR B 134 1.07 49.89 16.44
CA THR B 134 0.64 49.43 17.74
C THR B 134 1.50 48.30 18.28
N VAL B 135 1.47 48.14 19.58
CA VAL B 135 2.23 47.07 20.20
C VAL B 135 1.37 46.33 21.24
N ASN B 136 1.22 45.00 21.13
CA ASN B 136 0.39 44.23 22.10
C ASN B 136 1.32 43.92 23.24
N LEU B 137 1.15 44.65 24.32
CA LEU B 137 2.05 44.54 25.45
C LEU B 137 1.74 43.39 26.40
N LEU B 138 2.73 42.51 26.54
CA LEU B 138 2.70 41.39 27.48
C LEU B 138 1.65 40.31 27.23
N GLY B 139 1.32 40.05 25.97
CA GLY B 139 0.23 39.11 25.63
C GLY B 139 -1.13 39.84 25.47
N ASN B 140 -1.24 41.04 26.07
CA ASN B 140 -2.45 41.85 26.01
C ASN B 140 -2.60 42.61 24.71
N PRO B 141 -3.68 42.29 24.02
CA PRO B 141 -4.01 42.91 22.73
C PRO B 141 -4.56 44.32 22.88
N ASN B 142 -4.34 45.13 21.85
CA ASN B 142 -4.92 46.46 21.85
C ASN B 142 -6.43 46.37 21.54
N ASN B 143 -7.24 47.28 22.07
CA ASN B 143 -8.66 47.18 21.72
C ASN B 143 -8.71 47.66 20.26
N PHE B 144 -8.81 46.73 19.34
CA PHE B 144 -8.77 47.15 17.92
C PHE B 144 -10.00 47.83 17.38
N ASP B 145 -11.13 47.55 18.01
CA ASP B 145 -12.37 48.18 17.56
C ASP B 145 -12.28 49.67 17.76
N GLU B 146 -11.71 50.00 18.90
CA GLU B 146 -11.58 51.38 19.26
C GLU B 146 -10.48 52.03 18.45
N ILE B 147 -9.46 51.27 18.06
CA ILE B 147 -8.42 51.91 17.26
C ILE B 147 -9.05 52.16 15.92
N ASN B 148 -9.72 51.13 15.42
CA ASN B 148 -10.38 51.28 14.13
C ASN B 148 -11.42 52.39 14.02
N LYS B 149 -11.87 52.93 15.14
CA LYS B 149 -12.84 54.02 15.08
C LYS B 149 -12.09 55.34 14.94
N ILE B 150 -11.01 55.49 15.72
CA ILE B 150 -10.19 56.72 15.66
C ILE B 150 -9.68 56.89 14.23
N ILE B 151 -9.47 55.76 13.56
CA ILE B 151 -9.03 55.83 12.20
C ILE B 151 -10.09 56.08 11.15
N GLY B 152 -11.14 55.27 11.26
CA GLY B 152 -12.28 55.26 10.35
C GLY B 152 -12.54 56.53 9.54
N GLY B 153 -12.27 56.44 8.26
CA GLY B 153 -11.66 55.20 7.77
C GLY B 153 -10.67 55.82 6.82
N ARG B 154 -9.83 56.71 7.34
CA ARG B 154 -8.81 57.40 6.55
C ARG B 154 -7.79 56.41 6.02
N ASP B 155 -6.96 56.87 5.10
CA ASP B 155 -5.91 56.07 4.52
C ASP B 155 -4.70 56.09 5.46
N ILE B 156 -4.88 55.49 6.64
CA ILE B 156 -3.86 55.49 7.66
C ILE B 156 -3.39 54.10 8.01
N ILE B 157 -2.10 53.81 7.80
CA ILE B 157 -1.65 52.45 8.10
C ILE B 157 -1.70 51.85 9.49
N LEU B 158 -2.08 50.57 9.56
CA LEU B 158 -2.10 49.89 10.85
C LEU B 158 -1.12 48.72 10.91
N LEU B 159 -0.26 48.77 11.90
CA LEU B 159 0.71 47.69 12.07
C LEU B 159 0.81 47.32 13.56
N GLU B 160 1.24 46.10 13.83
CA GLU B 160 1.39 45.71 15.20
C GLU B 160 2.65 44.91 15.49
N ASP B 161 3.42 45.40 16.43
CA ASP B 161 4.58 44.67 16.88
C ASP B 161 3.89 43.71 17.85
N ASN B 162 3.66 42.48 17.40
CA ASN B 162 2.99 41.48 18.20
C ASN B 162 3.99 40.49 18.77
N CYS B 163 5.21 40.95 18.93
CA CYS B 163 6.29 40.12 19.47
C CYS B 163 6.15 39.54 20.84
N GLU B 164 5.42 40.22 21.71
CA GLU B 164 5.13 39.77 23.09
C GLU B 164 3.82 39.04 23.33
N SER B 165 2.89 39.13 22.37
CA SER B 165 1.57 38.53 22.50
C SER B 165 1.14 37.50 21.48
N MET B 166 2.01 36.60 21.04
CA MET B 166 1.55 35.52 20.13
C MET B 166 0.51 34.66 20.87
N GLY B 167 -0.57 34.38 20.18
CA GLY B 167 -1.64 33.58 20.77
C GLY B 167 -2.72 34.42 21.45
N ALA B 168 -2.52 35.73 21.53
CA ALA B 168 -3.50 36.60 22.15
C ALA B 168 -4.67 36.71 21.13
N THR B 169 -5.87 37.06 21.59
CA THR B 169 -7.02 37.23 20.67
C THR B 169 -7.97 38.35 21.03
N PHE B 170 -8.59 38.90 20.00
CA PHE B 170 -9.54 39.98 20.22
C PHE B 170 -10.79 39.76 19.38
N ASN B 171 -11.95 39.68 20.02
CA ASN B 171 -13.16 39.43 19.26
C ASN B 171 -13.02 38.07 18.61
N ASN B 172 -11.99 37.34 19.00
CA ASN B 172 -11.74 36.03 18.41
C ASN B 172 -11.17 36.24 17.02
N LYS B 173 -10.12 37.01 17.02
CA LYS B 173 -9.41 37.34 15.81
C LYS B 173 -8.02 37.30 16.41
N CYS B 174 -7.09 36.73 15.66
CA CYS B 174 -5.76 36.54 16.18
C CYS B 174 -4.94 37.77 16.18
N ALA B 175 -4.33 38.08 17.34
CA ALA B 175 -3.50 39.28 17.41
C ALA B 175 -2.36 39.11 16.43
N GLY B 176 -1.95 40.22 15.81
CA GLY B 176 -0.91 40.16 14.79
C GLY B 176 -1.62 40.11 13.42
N THR B 177 -2.87 39.66 13.42
CA THR B 177 -3.56 39.60 12.15
C THR B 177 -4.43 40.83 11.88
N PHE B 178 -4.35 41.84 12.76
CA PHE B 178 -5.09 43.07 12.55
C PHE B 178 -4.34 44.08 11.69
N GLY B 179 -3.01 44.12 11.82
CA GLY B 179 -2.23 45.10 11.07
C GLY B 179 -2.17 44.82 9.58
N LEU B 180 -1.55 45.73 8.84
CA LEU B 180 -1.43 45.46 7.43
C LEU B 180 -0.41 44.37 7.48
N MET B 181 0.35 44.39 8.57
CA MET B 181 1.44 43.45 8.81
C MET B 181 1.50 43.35 10.31
N GLY B 182 1.86 42.15 10.78
CA GLY B 182 2.04 41.84 12.20
C GLY B 182 3.36 41.08 12.31
N THR B 183 4.14 41.33 13.38
CA THR B 183 5.43 40.66 13.63
C THR B 183 5.37 39.74 14.88
N PHE B 184 6.18 38.69 14.89
CA PHE B 184 6.23 37.78 16.03
C PHE B 184 7.71 37.54 16.26
N SER B 185 8.10 37.14 17.47
CA SER B 185 9.50 36.87 17.80
C SER B 185 9.57 35.44 18.37
N SER B 186 10.51 34.62 17.88
CA SER B 186 10.70 33.21 18.38
C SER B 186 11.97 33.04 19.23
N PHE B 187 12.29 34.12 19.94
CA PHE B 187 13.45 34.18 20.81
C PHE B 187 13.19 33.40 22.11
N TYR B 188 14.23 32.83 22.68
CA TYR B 188 14.17 32.02 23.89
C TYR B 188 13.10 32.31 24.95
N ASN B 189 13.11 33.55 25.42
CA ASN B 189 12.22 33.98 26.47
C ASN B 189 10.74 34.13 26.13
N1 LLP B 190 9.46 43.86 19.86
C2 LLP B 190 8.98 43.42 20.98
C2' LLP B 190 7.77 44.08 21.58
C3 LLP B 190 9.54 42.33 21.65
O3 LLP B 190 9.02 41.89 22.82
C4 LLP B 190 10.66 41.68 21.10
C4' LLP B 190 11.26 40.50 21.76
C5 LLP B 190 11.19 42.20 19.89
C6 LLP B 190 10.55 43.30 19.31
C5' LLP B 190 12.40 41.59 19.28
OP4 LLP B 190 12.24 40.18 19.15
P LLP B 190 13.72 39.45 19.19
OP1 LLP B 190 13.51 37.92 18.75
OP2 LLP B 190 14.85 40.13 18.23
OP3 LLP B 190 14.22 39.54 20.70
N LLP B 190 10.33 33.84 24.89
CA LLP B 190 8.96 34.07 24.44
CB LLP B 190 8.86 34.97 23.22
CG LLP B 190 10.05 35.94 23.08
CD LLP B 190 9.69 37.40 22.82
CE LLP B 190 10.88 38.38 22.89
NZ LLP B 190 10.45 39.62 22.23
C LLP B 190 7.99 32.91 24.49
O LLP B 190 8.18 31.97 25.27
N HIS B 191 6.92 32.97 23.70
CA HIS B 191 5.89 31.93 23.71
C HIS B 191 6.35 30.62 23.15
N ILE B 192 7.13 30.73 22.09
CA ILE B 192 7.73 29.56 21.50
C ILE B 192 9.19 30.03 21.28
N ALA B 193 10.11 29.09 21.18
CA ALA B 193 11.54 29.38 21.11
C ALA B 193 12.15 28.65 19.92
N THR B 194 12.78 29.34 18.99
CA THR B 194 13.43 28.56 17.90
C THR B 194 14.89 29.00 17.99
N MET B 195 15.37 29.24 19.21
CA MET B 195 16.73 29.74 19.42
C MET B 195 16.57 31.22 19.00
N GLU B 196 16.70 31.53 17.71
CA GLU B 196 16.40 32.91 17.29
C GLU B 196 15.40 32.74 16.17
N GLY B 197 14.53 33.72 16.00
CA GLY B 197 13.53 33.64 14.96
C GLY B 197 12.54 34.76 15.10
N GLY B 198 11.93 35.06 13.95
CA GLY B 198 10.88 36.07 13.84
C GLY B 198 9.98 35.77 12.64
N CYS B 199 8.78 36.33 12.66
CA CYS B 199 7.80 36.09 11.60
CA CYS B 199 7.86 36.12 11.55
C CYS B 199 6.93 37.29 11.27
N ILE B 200 6.73 37.51 9.99
CA ILE B 200 5.85 38.57 9.54
C ILE B 200 4.69 37.94 8.80
N VAL B 201 3.49 38.22 9.24
CA VAL B 201 2.38 37.72 8.45
C VAL B 201 1.76 38.90 7.74
N THR B 202 0.92 38.57 6.75
CA THR B 202 0.20 39.52 5.93
C THR B 202 -0.73 38.73 5.00
N ASP B 203 -1.74 39.40 4.49
CA ASP B 203 -2.69 38.79 3.63
C ASP B 203 -2.54 39.53 2.31
N ASP B 204 -1.65 40.54 2.34
CA ASP B 204 -1.39 41.41 1.19
C ASP B 204 -0.36 40.80 0.22
N GLU B 205 -0.82 40.48 -1.00
CA GLU B 205 0.02 39.85 -2.00
C GLU B 205 1.27 40.61 -2.35
N GLU B 206 1.11 41.89 -2.67
CA GLU B 206 2.24 42.77 -2.97
C GLU B 206 3.25 42.85 -1.81
N ILE B 207 2.78 43.01 -0.58
CA ILE B 207 3.68 43.05 0.56
C ILE B 207 4.39 41.71 0.68
N TYR B 208 3.63 40.65 0.50
CA TYR B 208 4.18 39.33 0.62
C TYR B 208 5.46 39.21 -0.21
N HIS B 209 5.31 39.52 -1.50
CA HIS B 209 6.41 39.45 -2.45
C HIS B 209 7.60 40.43 -2.15
N ILE B 210 7.31 41.63 -1.62
CA ILE B 210 8.39 42.55 -1.34
C ILE B 210 9.24 41.93 -0.25
N LEU B 211 8.58 41.19 0.65
CA LEU B 211 9.22 40.52 1.77
C LEU B 211 10.18 39.44 1.25
N LEU B 212 9.62 38.51 0.48
CA LEU B 212 10.38 37.41 -0.09
C LEU B 212 11.67 37.95 -0.69
N CYS B 213 11.53 39.09 -1.34
CA CYS B 213 12.66 39.66 -2.01
C CYS B 213 13.63 40.27 -1.06
N ILE B 214 13.11 41.10 -0.18
CA ILE B 214 14.02 41.79 0.71
C ILE B 214 14.65 41.03 1.86
N ARG B 215 14.09 39.87 2.19
CA ARG B 215 14.64 39.05 3.26
C ARG B 215 15.97 38.45 2.82
N ALA B 216 16.13 38.24 1.50
CA ALA B 216 17.34 37.62 1.02
C ALA B 216 18.02 38.29 -0.16
N HIS B 217 18.91 39.24 0.12
CA HIS B 217 19.70 39.86 -0.93
C HIS B 217 19.02 40.73 -2.01
N GLY B 218 17.69 40.86 -2.01
CA GLY B 218 17.02 41.67 -3.04
C GLY B 218 17.12 41.01 -4.43
N TRP B 219 17.34 39.69 -4.47
CA TRP B 219 17.43 38.91 -5.69
C TRP B 219 16.02 38.42 -6.00
N THR B 220 15.87 37.60 -7.03
CA THR B 220 14.54 37.13 -7.44
C THR B 220 14.23 35.66 -7.21
N ARG B 221 15.24 34.87 -6.86
CA ARG B 221 15.09 33.44 -6.68
C ARG B 221 14.01 32.85 -5.83
N ASN B 222 13.46 33.64 -4.93
CA ASN B 222 12.42 33.08 -4.09
C ASN B 222 11.15 33.68 -4.58
N LEU B 223 11.22 34.36 -5.72
CA LEU B 223 9.98 34.93 -6.21
C LEU B 223 9.37 33.95 -7.20
N PRO B 224 8.05 34.04 -7.36
CA PRO B 224 7.31 33.18 -8.27
C PRO B 224 7.40 33.75 -9.66
N LYS B 225 7.16 32.88 -10.66
CA LYS B 225 7.24 33.32 -12.07
C LYS B 225 6.58 34.62 -12.42
N LYS B 226 5.36 34.79 -11.95
CA LYS B 226 4.69 36.08 -12.20
C LYS B 226 4.57 36.61 -10.78
N ASN B 227 5.09 37.78 -10.49
CA ASN B 227 5.02 38.20 -9.10
C ASN B 227 4.66 39.61 -9.13
N LYS B 228 4.35 40.13 -7.95
CA LYS B 228 3.94 41.50 -7.80
C LYS B 228 5.10 42.50 -7.79
N VAL B 229 6.33 42.01 -8.00
CA VAL B 229 7.51 42.90 -8.01
C VAL B 229 8.12 43.08 -9.34
N THR B 230 8.55 41.96 -9.93
CA THR B 230 9.18 42.10 -11.24
C THR B 230 8.29 41.85 -12.48
N GLY B 231 7.10 41.29 -12.23
CA GLY B 231 6.14 40.91 -13.29
C GLY B 231 6.41 39.41 -13.60
N VAL B 232 7.13 39.17 -14.68
CA VAL B 232 7.44 37.82 -15.07
C VAL B 232 8.93 37.57 -15.08
N LYS B 233 9.34 36.62 -14.23
CA LYS B 233 10.73 36.18 -14.10
C LYS B 233 11.21 35.58 -15.42
N SER B 234 12.47 35.83 -15.74
CA SER B 234 13.06 35.29 -16.95
C SER B 234 13.45 33.83 -16.72
N ASP B 235 13.35 33.03 -17.77
CA ASP B 235 13.67 31.61 -17.66
C ASP B 235 15.16 31.32 -17.67
N ASP B 236 15.95 32.30 -18.11
CA ASP B 236 17.41 32.12 -18.17
C ASP B 236 18.13 32.33 -16.82
N GLN B 237 18.10 31.31 -15.99
CA GLN B 237 18.78 31.30 -14.71
C GLN B 237 20.21 31.86 -14.74
N PHE B 238 20.88 31.91 -15.91
CA PHE B 238 22.21 32.49 -15.90
C PHE B 238 22.07 33.98 -15.70
N GLU B 239 20.84 34.48 -15.90
CA GLU B 239 20.59 35.90 -15.75
C GLU B 239 19.59 36.18 -14.63
N GLU B 240 18.49 35.46 -14.64
CA GLU B 240 17.46 35.67 -13.66
C GLU B 240 17.96 35.33 -12.25
N SER B 241 19.00 34.50 -12.15
CA SER B 241 19.51 34.12 -10.83
C SER B 241 20.43 35.14 -10.16
N PHE B 242 20.90 36.11 -10.94
CA PHE B 242 21.78 37.19 -10.47
C PHE B 242 21.24 38.57 -10.86
N LYS B 243 19.96 38.76 -10.55
CA LYS B 243 19.19 39.96 -10.83
C LYS B 243 18.84 40.56 -9.46
N PHE B 244 19.17 41.82 -9.21
CA PHE B 244 18.88 42.44 -7.90
C PHE B 244 17.90 43.53 -8.12
N VAL B 245 16.74 43.38 -7.48
CA VAL B 245 15.65 44.34 -7.69
C VAL B 245 15.25 45.25 -6.53
N LEU B 246 15.75 44.98 -5.33
CA LEU B 246 15.41 45.82 -4.19
C LEU B 246 16.52 45.71 -3.20
N PRO B 247 16.88 46.86 -2.60
CA PRO B 247 17.96 46.95 -1.59
C PRO B 247 17.42 46.25 -0.35
N GLY B 248 17.88 45.05 -0.15
CA GLY B 248 17.42 44.25 0.96
C GLY B 248 18.52 44.01 1.96
N TYR B 249 18.42 42.86 2.57
CA TYR B 249 19.29 42.45 3.63
C TYR B 249 19.45 40.96 3.48
N ASN B 250 20.35 40.37 4.27
CA ASN B 250 20.34 38.93 4.33
C ASN B 250 19.74 38.51 5.66
N VAL B 251 18.40 38.49 5.75
CA VAL B 251 17.71 38.10 6.99
C VAL B 251 17.08 36.75 7.15
N ARG B 252 17.58 35.85 6.31
CA ARG B 252 17.18 34.44 6.25
C ARG B 252 17.25 33.76 7.61
N PRO B 253 16.24 32.95 7.91
CA PRO B 253 16.21 32.22 9.15
C PRO B 253 16.95 30.97 8.75
N LEU B 254 17.29 30.14 9.73
CA LEU B 254 18.02 28.90 9.45
C LEU B 254 17.07 27.70 9.45
N GLU B 255 17.24 26.78 8.52
CA GLU B 255 16.43 25.57 8.49
C GLU B 255 16.09 25.04 9.89
N MET B 256 17.11 24.84 10.74
CA MET B 256 16.89 24.37 12.12
C MET B 256 15.74 25.12 12.83
N SER B 257 15.73 26.44 12.71
CA SER B 257 14.70 27.18 13.41
C SER B 257 13.35 26.78 12.83
N GLY B 258 13.29 26.65 11.51
CA GLY B 258 12.07 26.30 10.79
C GLY B 258 11.61 24.99 11.37
N ALA B 259 12.48 24.00 11.36
CA ALA B 259 12.08 22.72 11.92
C ALA B 259 11.66 22.80 13.39
N ILE B 260 12.33 23.62 14.20
CA ILE B 260 11.95 23.69 15.61
C ILE B 260 10.61 24.36 15.79
N GLY B 261 10.39 25.41 14.98
CA GLY B 261 9.13 26.16 14.94
C GLY B 261 7.88 25.29 14.72
N ILE B 262 7.94 24.38 13.73
CA ILE B 262 6.87 23.45 13.38
C ILE B 262 6.40 22.71 14.62
N GLU B 263 7.40 22.29 15.39
CA GLU B 263 7.13 21.58 16.59
C GLU B 263 6.48 22.57 17.57
N GLN B 264 7.21 23.61 17.94
CA GLN B 264 6.65 24.52 18.92
C GLN B 264 5.23 24.89 18.59
N LEU B 265 4.93 25.05 17.29
CA LEU B 265 3.57 25.44 16.91
C LEU B 265 2.57 24.38 17.36
N LYS B 266 3.02 23.16 17.58
CA LYS B 266 2.08 22.13 17.98
C LYS B 266 1.77 22.20 19.48
N LYS B 267 2.77 22.62 20.27
CA LYS B 267 2.55 22.73 21.72
C LYS B 267 1.91 24.05 22.14
N LEU B 268 1.88 24.96 21.18
CA LEU B 268 1.34 26.29 21.42
C LEU B 268 0.05 26.39 22.23
N PRO B 269 -0.98 25.66 21.77
CA PRO B 269 -2.28 25.68 22.42
C PRO B 269 -2.27 25.43 23.92
N ARG B 270 -1.63 24.35 24.33
CA ARG B 270 -1.53 23.99 25.74
C ARG B 270 -0.57 24.96 26.44
N PHE B 271 0.29 25.57 25.64
CA PHE B 271 1.24 26.53 26.18
C PHE B 271 0.35 27.64 26.66
N ILE B 272 -0.47 28.14 25.73
CA ILE B 272 -1.42 29.20 26.01
C ILE B 272 -2.42 28.82 27.09
N SER B 273 -2.87 27.57 27.15
CA SER B 273 -3.83 27.18 28.20
C SER B 273 -3.20 27.31 29.58
N VAL B 274 -2.04 26.69 29.81
CA VAL B 274 -1.33 26.80 31.10
C VAL B 274 -1.17 28.24 31.67
N ARG B 275 -0.78 29.12 30.77
CA ARG B 275 -0.60 30.53 31.01
C ARG B 275 -1.85 31.30 31.52
N ARG B 276 -3.01 31.06 30.91
CA ARG B 276 -4.29 31.73 31.23
C ARG B 276 -4.84 31.15 32.54
N LYS B 277 -4.51 29.90 32.79
CA LYS B 277 -4.97 29.26 34.01
C LYS B 277 -4.08 29.76 35.14
N ASN B 278 -2.81 29.98 34.81
CA ASN B 278 -1.89 30.54 35.76
C ASN B 278 -2.36 31.99 36.01
N ALA B 279 -2.63 32.76 34.95
CA ALA B 279 -3.08 34.14 35.15
C ALA B 279 -4.33 34.22 35.98
N GLU B 280 -5.32 33.37 35.65
CA GLU B 280 -6.60 33.29 36.34
C GLU B 280 -6.29 33.34 37.82
N TYR B 281 -5.59 32.30 38.26
CA TYR B 281 -5.13 32.16 39.65
C TYR B 281 -4.41 33.41 40.18
N PHE B 282 -3.43 33.84 39.41
CA PHE B 282 -2.66 34.99 39.80
C PHE B 282 -3.60 36.18 40.12
N LEU B 283 -4.57 36.40 39.22
CA LEU B 283 -5.52 37.50 39.40
C LEU B 283 -6.33 37.30 40.64
N ASP B 284 -6.60 36.04 40.97
CA ASP B 284 -7.39 35.72 42.16
C ASP B 284 -6.59 36.11 43.41
N LYS B 285 -5.36 35.64 43.44
CA LYS B 285 -4.51 35.90 44.58
C LYS B 285 -4.14 37.38 44.75
N PHE B 286 -4.19 38.14 43.66
CA PHE B 286 -3.77 39.52 43.70
C PHE B 286 -4.89 40.49 43.49
N LYS B 287 -6.09 39.98 43.30
CA LYS B 287 -7.25 40.82 43.07
C LYS B 287 -7.24 42.19 43.75
N ASP B 288 -7.47 42.19 45.05
CA ASP B 288 -7.59 43.42 45.80
C ASP B 288 -6.35 43.74 46.62
N HIS B 289 -5.22 43.85 45.95
CA HIS B 289 -3.99 44.12 46.66
C HIS B 289 -3.89 45.49 47.33
N PRO B 290 -3.33 45.43 48.54
CA PRO B 290 -3.09 46.58 49.39
C PRO B 290 -2.36 47.65 48.59
N TYR B 291 -1.18 47.33 48.02
CA TYR B 291 -0.34 48.28 47.25
C TYR B 291 0.08 48.04 45.79
N LEU B 292 -0.51 47.09 45.10
CA LEU B 292 -0.09 46.93 43.72
C LEU B 292 -1.29 46.71 42.83
N ASP B 293 -1.18 47.25 41.61
CA ASP B 293 -2.21 47.03 40.60
C ASP B 293 -1.58 46.09 39.58
N VAL B 294 -2.40 45.33 38.89
CA VAL B 294 -1.88 44.40 37.88
C VAL B 294 -2.49 44.86 36.60
N GLN B 295 -2.14 44.16 35.52
CA GLN B 295 -2.65 44.49 34.19
C GLN B 295 -4.15 44.24 33.98
N GLN B 296 -4.80 45.21 33.35
CA GLN B 296 -6.20 45.10 33.03
C GLN B 296 -6.26 44.46 31.60
N GLU B 297 -6.90 43.31 31.52
CA GLU B 297 -6.92 42.47 30.33
C GLU B 297 -7.92 42.91 29.28
N THR B 298 -7.61 42.60 28.04
CA THR B 298 -8.46 42.96 26.90
C THR B 298 -8.53 41.71 26.04
N GLY B 299 -9.62 41.50 25.31
CA GLY B 299 -9.74 40.30 24.51
C GLY B 299 -9.47 39.10 25.43
N GLU B 300 -8.51 38.26 25.06
CA GLU B 300 -8.11 37.08 25.85
C GLU B 300 -6.61 37.14 25.68
N SER B 301 -5.92 37.50 26.76
CA SER B 301 -4.46 37.65 26.73
C SER B 301 -3.72 36.32 26.74
N SER B 302 -2.48 36.35 26.24
CA SER B 302 -1.63 35.18 26.21
C SER B 302 -0.65 35.26 27.39
N TRP B 303 -0.86 36.27 28.24
CA TRP B 303 -0.12 36.46 29.48
C TRP B 303 1.35 36.19 29.49
N PHE B 304 2.09 36.99 28.72
CA PHE B 304 3.53 36.89 28.64
C PHE B 304 4.08 36.84 30.08
N GLY B 305 3.75 37.87 30.87
CA GLY B 305 4.24 37.94 32.22
C GLY B 305 3.25 38.64 33.10
N PHE B 306 3.68 38.90 34.33
CA PHE B 306 2.81 39.60 35.25
C PHE B 306 3.47 40.91 35.64
N SER B 307 2.73 42.00 35.43
CA SER B 307 3.25 43.31 35.72
C SER B 307 2.58 43.73 36.99
N PHE B 308 3.29 44.56 37.76
CA PHE B 308 2.72 45.10 38.98
C PHE B 308 3.00 46.58 38.91
N ILE B 309 2.11 47.38 39.48
CA ILE B 309 2.31 48.82 39.47
C ILE B 309 2.03 49.40 40.90
N ILE B 310 3.05 49.90 41.57
CA ILE B 310 2.89 50.42 42.92
C ILE B 310 1.81 51.49 43.03
N LYS B 311 0.84 51.28 43.90
CA LYS B 311 -0.29 52.18 44.05
C LYS B 311 0.14 53.56 44.50
N LYS B 312 -0.50 54.56 43.91
CA LYS B 312 -0.20 55.97 44.18
C LYS B 312 -0.40 56.30 45.65
N ASP B 313 0.46 57.13 46.21
CA ASP B 313 0.32 57.44 47.61
C ASP B 313 0.20 56.18 48.43
N SER B 314 1.19 55.29 48.34
CA SER B 314 1.17 54.00 49.01
C SER B 314 2.38 53.84 49.91
N GLY B 315 3.20 54.87 49.99
CA GLY B 315 4.42 54.81 50.78
C GLY B 315 5.40 53.64 50.51
N VAL B 316 5.10 52.74 49.56
CA VAL B 316 6.06 51.63 49.20
C VAL B 316 7.13 52.07 48.18
N ILE B 317 8.33 51.55 48.35
CA ILE B 317 9.51 51.93 47.56
C ILE B 317 9.98 50.78 46.70
N ARG B 318 9.86 51.00 45.40
CA ARG B 318 10.19 49.96 44.42
C ARG B 318 11.41 49.10 44.73
N LYS B 319 12.54 49.77 44.99
CA LYS B 319 13.75 49.02 45.22
C LYS B 319 13.76 48.30 46.54
N GLN B 320 12.64 48.41 47.24
CA GLN B 320 12.52 47.65 48.48
C GLN B 320 11.96 46.30 48.03
N LEU B 321 10.86 46.33 47.26
CA LEU B 321 10.23 45.08 46.78
C LEU B 321 11.18 44.21 46.00
N VAL B 322 12.03 44.90 45.26
CA VAL B 322 12.99 44.22 44.42
C VAL B 322 13.90 43.41 45.34
N GLU B 323 14.44 44.12 46.32
CA GLU B 323 15.32 43.45 47.25
C GLU B 323 14.56 42.19 47.67
N ASN B 324 13.48 42.40 48.39
CA ASN B 324 12.65 41.29 48.84
C ASN B 324 12.52 40.14 47.86
N LEU B 325 12.05 40.41 46.64
CA LEU B 325 11.85 39.31 45.69
C LEU B 325 13.08 38.49 45.38
N ASN B 326 14.21 39.17 45.17
CA ASN B 326 15.46 38.48 44.83
C ASN B 326 15.94 37.61 46.01
N SER B 327 15.92 38.22 47.20
CA SER B 327 16.30 37.57 48.44
C SER B 327 15.41 36.37 48.74
N ALA B 328 14.27 36.30 48.06
CA ALA B 328 13.31 35.21 48.20
C ALA B 328 13.41 34.22 47.04
N GLY B 329 14.39 34.42 46.17
CA GLY B 329 14.58 33.56 45.03
C GLY B 329 13.51 33.83 43.98
N ILE B 330 13.12 35.09 43.90
CA ILE B 330 12.14 35.51 42.91
C ILE B 330 12.81 36.36 41.84
N GLU B 331 12.71 35.94 40.57
CA GLU B 331 13.34 36.74 39.51
C GLU B 331 12.35 37.82 39.06
N CYS B 332 12.81 39.06 38.98
CA CYS B 332 11.96 40.16 38.58
C CYS B 332 12.78 41.15 37.78
N ARG B 333 12.06 42.04 37.05
CA ARG B 333 12.65 43.02 36.16
C ARG B 333 11.69 44.12 35.74
N PRO B 334 12.26 45.16 35.13
CA PRO B 334 11.50 46.30 34.62
C PRO B 334 10.45 45.78 33.64
N ILE B 335 9.29 46.42 33.61
CA ILE B 335 8.29 45.99 32.66
C ILE B 335 8.83 46.34 31.26
N VAL B 336 9.07 45.33 30.44
CA VAL B 336 9.58 45.59 29.10
C VAL B 336 10.87 46.35 29.40
N THR B 337 10.95 47.62 28.99
CA THR B 337 12.13 48.43 29.24
C THR B 337 11.77 49.73 29.99
N GLY B 338 10.53 49.82 30.46
CA GLY B 338 10.08 51.00 31.22
C GLY B 338 9.78 52.14 30.25
N ASN B 339 10.13 53.35 30.68
CA ASN B 339 9.89 54.54 29.86
C ASN B 339 10.88 54.62 28.74
N PHE B 340 10.46 54.23 27.56
CA PHE B 340 11.44 54.33 26.49
C PHE B 340 12.05 55.72 26.31
N LEU B 341 11.31 56.74 26.70
CA LEU B 341 11.80 58.09 26.49
C LEU B 341 12.90 58.53 27.43
N LYS B 342 13.30 57.67 28.35
CA LYS B 342 14.36 58.07 29.25
C LYS B 342 15.67 57.85 28.53
N ASN B 343 15.59 57.25 27.36
CA ASN B 343 16.78 56.93 26.58
C ASN B 343 17.20 58.15 25.73
N THR B 344 17.62 59.18 26.45
CA THR B 344 18.01 60.46 25.87
C THR B 344 19.07 60.31 24.79
N ASP B 345 20.02 59.41 25.02
CA ASP B 345 21.08 59.29 24.06
C ASP B 345 20.74 58.74 22.68
N VAL B 346 20.07 57.61 22.62
CA VAL B 346 19.81 57.11 21.27
C VAL B 346 18.78 58.01 20.59
N LEU B 347 17.97 58.67 21.41
CA LEU B 347 16.92 59.56 20.91
C LEU B 347 17.47 60.69 20.06
N LYS B 348 18.60 61.26 20.52
CA LYS B 348 19.25 62.34 19.79
C LYS B 348 19.38 61.97 18.32
N TYR B 349 19.21 60.72 17.95
CA TYR B 349 19.31 60.38 16.55
C TYR B 349 17.95 60.35 15.92
N PHE B 350 16.90 60.43 16.73
CA PHE B 350 15.60 60.40 16.13
C PHE B 350 14.96 61.76 15.84
N ASP B 351 14.02 61.70 14.91
CA ASP B 351 13.22 62.83 14.46
C ASP B 351 11.86 62.53 15.10
N TYR B 352 11.79 62.74 16.40
CA TYR B 352 10.59 62.38 17.13
C TYR B 352 9.91 63.49 17.88
N THR B 353 8.73 63.18 18.41
CA THR B 353 8.03 64.11 19.26
C THR B 353 7.12 63.40 20.23
N VAL B 354 6.71 64.13 21.25
CA VAL B 354 5.89 63.51 22.26
C VAL B 354 4.54 64.18 22.29
N HIS B 355 3.47 63.41 22.15
CA HIS B 355 2.15 64.01 22.27
C HIS B 355 1.76 64.17 23.75
N ASN B 356 1.34 65.38 24.11
CA ASN B 356 0.90 65.74 25.47
C ASN B 356 1.98 65.47 26.47
N ASN B 357 1.87 64.35 27.17
CA ASN B 357 2.94 64.00 28.10
C ASN B 357 3.14 62.49 28.06
N VAL B 358 3.99 61.95 28.91
CA VAL B 358 4.14 60.49 29.02
C VAL B 358 4.20 60.18 30.51
N ASP B 359 3.33 60.85 31.25
CA ASP B 359 3.28 60.74 32.71
C ASP B 359 3.05 59.28 33.17
N ASN B 360 2.19 58.58 32.46
CA ASN B 360 1.93 57.19 32.80
C ASN B 360 3.19 56.35 32.65
N ALA B 361 3.82 56.44 31.48
CA ALA B 361 5.06 55.72 31.26
C ALA B 361 6.14 56.13 32.23
N GLU B 362 6.17 57.45 32.57
CA GLU B 362 7.15 57.95 33.56
C GLU B 362 6.88 57.23 34.89
N TYR B 363 5.60 57.05 35.21
CA TYR B 363 5.15 56.42 36.46
C TYR B 363 5.37 54.93 36.44
N LEU B 364 5.08 54.33 35.31
CA LEU B 364 5.41 52.91 35.19
C LEU B 364 6.95 52.87 35.31
N ASP B 365 7.68 53.83 34.74
CA ASP B 365 9.15 53.73 34.84
C ASP B 365 9.72 53.64 36.25
N LYS B 366 9.10 54.35 37.19
CA LYS B 366 9.59 54.32 38.56
C LYS B 366 8.84 53.36 39.50
N ASN B 367 7.65 52.92 39.12
CA ASN B 367 6.83 52.08 40.01
C ASN B 367 6.42 50.69 39.54
N GLY B 368 6.93 50.27 38.40
CA GLY B 368 6.57 48.99 37.85
C GLY B 368 7.62 47.91 37.88
N LEU B 369 7.17 46.68 38.10
CA LEU B 369 8.04 45.53 38.07
C LEU B 369 7.30 44.41 37.37
N PHE B 370 8.06 43.39 37.05
CA PHE B 370 7.49 42.33 36.26
C PHE B 370 8.10 40.99 36.68
N VAL B 371 7.26 39.96 36.69
CA VAL B 371 7.64 38.57 37.03
C VAL B 371 7.06 37.76 35.90
N GLY B 372 7.70 36.65 35.55
CA GLY B 372 7.26 35.87 34.40
C GLY B 372 6.06 34.93 34.59
N ASN B 373 5.61 34.46 33.45
CA ASN B 373 4.58 33.49 33.40
C ASN B 373 5.20 32.48 32.49
N HIS B 374 4.86 31.20 32.68
CA HIS B 374 5.43 30.14 31.82
C HIS B 374 4.32 29.20 31.37
N GLN B 375 4.70 28.22 30.56
CA GLN B 375 3.67 27.29 30.14
C GLN B 375 3.66 26.02 31.02
N ILE B 376 4.03 26.14 32.28
CA ILE B 376 3.99 25.00 33.19
C ILE B 376 3.22 25.64 34.36
N GLU B 377 2.53 24.87 35.20
CA GLU B 377 1.78 25.48 36.30
C GLU B 377 2.63 26.24 37.32
N LEU B 378 2.12 27.38 37.77
CA LEU B 378 2.82 28.18 38.77
C LEU B 378 1.98 28.52 39.99
N PHE B 379 1.05 27.64 40.34
CA PHE B 379 0.17 27.85 41.48
C PHE B 379 0.96 28.01 42.76
N ASP B 380 1.88 27.08 42.99
CA ASP B 380 2.72 27.12 44.18
C ASP B 380 3.48 28.45 44.29
N GLU B 381 4.31 28.70 43.28
CA GLU B 381 5.15 29.91 43.18
C GLU B 381 4.32 31.18 43.28
N ILE B 382 3.15 31.09 42.70
CA ILE B 382 2.31 32.23 42.71
C ILE B 382 1.87 32.43 44.13
N ASP B 383 1.62 31.31 44.80
CA ASP B 383 1.27 31.30 46.23
C ASP B 383 2.43 31.92 47.01
N TYR B 384 3.65 31.51 46.71
CA TYR B 384 4.80 32.06 47.40
C TYR B 384 4.94 33.55 47.12
N LEU B 385 4.51 33.96 45.93
CA LEU B 385 4.62 35.37 45.54
C LEU B 385 3.67 36.26 46.36
N ARG B 386 2.50 35.74 46.69
CA ARG B 386 1.55 36.54 47.41
C ARG B 386 2.01 36.79 48.84
N GLU B 387 2.90 35.93 49.31
CA GLU B 387 3.38 36.03 50.67
C GLU B 387 4.45 37.08 50.76
N VAL B 388 5.44 36.96 49.87
CA VAL B 388 6.51 37.92 49.90
C VAL B 388 5.92 39.29 49.76
N LEU B 389 5.04 39.44 48.79
CA LEU B 389 4.36 40.71 48.57
C LEU B 389 3.17 40.76 49.52
N LYS B 390 3.44 41.26 50.73
CA LYS B 390 2.43 41.36 51.76
C LYS B 390 2.59 42.71 52.43
N MET C 3 40.13 -6.41 -36.96
CA MET C 3 40.43 -5.66 -35.75
C MET C 3 39.19 -5.30 -34.94
N ILE C 4 39.28 -5.50 -33.63
CA ILE C 4 38.18 -5.20 -32.70
C ILE C 4 38.04 -3.69 -32.57
N ASN C 5 37.03 -3.14 -33.22
CA ASN C 5 36.85 -1.71 -33.22
C ASN C 5 36.23 -1.21 -31.93
N TYR C 6 35.20 -1.92 -31.46
CA TYR C 6 34.41 -1.52 -30.31
C TYR C 6 34.22 -2.68 -29.34
N PRO C 7 35.09 -2.74 -28.34
CA PRO C 7 35.03 -3.82 -27.37
C PRO C 7 33.97 -3.50 -26.33
N LEU C 8 33.57 -4.52 -25.58
CA LEU C 8 32.57 -4.32 -24.57
C LEU C 8 33.19 -3.67 -23.36
N ALA C 9 34.48 -3.92 -23.16
CA ALA C 9 35.17 -3.30 -22.04
C ALA C 9 36.40 -2.42 -22.38
N SER C 10 36.94 -1.79 -21.35
CA SER C 10 38.11 -0.93 -21.45
C SER C 10 38.61 -0.60 -20.04
N SER C 11 39.82 -0.10 -19.94
CA SER C 11 40.35 0.19 -18.64
C SER C 11 39.98 1.57 -18.14
N THR C 12 39.76 1.59 -16.84
CA THR C 12 39.46 2.81 -16.13
C THR C 12 40.72 3.18 -15.35
N TRP C 13 41.82 2.48 -15.56
CA TRP C 13 43.01 2.80 -14.80
C TRP C 13 43.94 3.73 -15.52
N ASP C 14 44.82 4.31 -14.71
CA ASP C 14 45.96 5.12 -15.15
C ASP C 14 46.96 4.97 -13.98
N ASP C 15 48.11 5.62 -14.09
CA ASP C 15 49.16 5.48 -13.08
C ASP C 15 48.71 5.65 -11.64
N LEU C 16 47.58 6.30 -11.47
CA LEU C 16 47.12 6.50 -10.11
C LEU C 16 46.92 5.15 -9.43
N GLU C 17 46.07 4.32 -10.02
CA GLU C 17 45.82 3.03 -9.44
C GLU C 17 47.07 2.16 -9.27
N TYR C 18 47.96 2.20 -10.25
CA TYR C 18 49.20 1.44 -10.10
C TYR C 18 50.00 1.90 -8.89
N LYS C 19 49.98 3.20 -8.67
CA LYS C 19 50.68 3.84 -7.54
C LYS C 19 50.08 3.46 -6.19
N ALA C 20 48.76 3.45 -6.14
CA ALA C 20 48.01 3.12 -4.92
C ALA C 20 48.34 1.72 -4.42
N ILE C 21 48.60 0.84 -5.37
CA ILE C 21 48.98 -0.54 -5.13
C ILE C 21 50.40 -0.58 -4.54
N GLN C 22 51.26 0.28 -5.07
CA GLN C 22 52.63 0.39 -4.60
C GLN C 22 52.55 0.78 -3.12
N SER C 23 51.78 1.83 -2.88
CA SER C 23 51.52 2.33 -1.53
C SER C 23 51.15 1.22 -0.56
N VAL C 24 50.37 0.26 -1.04
CA VAL C 24 49.96 -0.84 -0.20
C VAL C 24 51.14 -1.80 0.04
N LEU C 25 51.97 -1.99 -0.97
CA LEU C 25 53.16 -2.83 -0.83
C LEU C 25 54.17 -2.32 0.18
N ASP C 26 54.37 -1.01 0.18
CA ASP C 26 55.29 -0.33 1.10
C ASP C 26 54.65 -0.06 2.44
N SER C 27 53.76 -0.95 2.80
CA SER C 27 53.11 -0.86 4.08
C SER C 27 53.13 -2.34 4.48
N LYS C 28 53.31 -3.20 3.46
CA LYS C 28 53.39 -4.64 3.66
C LYS C 28 52.18 -5.07 4.50
N MET C 29 51.02 -4.46 4.24
CA MET C 29 49.81 -4.73 5.00
C MET C 29 48.62 -4.93 4.04
N PHE C 30 48.32 -6.21 3.80
CA PHE C 30 47.38 -6.63 2.79
C PHE C 30 45.95 -6.98 3.12
N THR C 31 45.78 -7.49 4.32
CA THR C 31 44.47 -7.84 4.82
C THR C 31 43.67 -6.56 5.09
N MET C 32 42.35 -6.70 5.06
CA MET C 32 41.41 -5.59 5.28
C MET C 32 41.77 -4.56 6.35
N GLY C 33 41.95 -3.28 5.94
CA GLY C 33 42.31 -2.20 6.87
C GLY C 33 41.98 -0.71 6.62
N GLU C 34 43.00 0.14 6.59
CA GLU C 34 42.73 1.57 6.46
C GLU C 34 42.23 1.98 5.10
N TYR C 35 42.84 1.41 4.07
CA TYR C 35 42.45 1.81 2.72
C TYR C 35 40.99 1.44 2.62
N VAL C 36 40.71 0.18 2.96
CA VAL C 36 39.37 -0.35 2.95
C VAL C 36 38.49 0.62 3.72
N LYS C 37 38.76 0.83 5.01
CA LYS C 37 37.94 1.76 5.82
C LYS C 37 37.75 3.18 5.31
N GLN C 38 38.79 3.73 4.72
CA GLN C 38 38.77 5.08 4.23
C GLN C 38 37.87 5.05 3.02
N TYR C 39 37.98 3.95 2.30
CA TYR C 39 37.16 3.74 1.12
C TYR C 39 35.68 3.76 1.54
N GLU C 40 35.32 2.90 2.47
CA GLU C 40 33.93 2.83 2.93
C GLU C 40 33.36 4.24 3.22
N THR C 41 34.11 5.00 3.99
CA THR C 41 33.74 6.36 4.41
C THR C 41 33.40 7.26 3.25
N GLN C 42 34.31 7.23 2.28
CA GLN C 42 34.22 7.96 1.02
C GLN C 42 33.10 7.46 0.13
N PHE C 43 32.85 6.14 0.15
CA PHE C 43 31.81 5.54 -0.67
C PHE C 43 30.46 6.04 -0.16
N ALA C 44 30.24 5.90 1.15
CA ALA C 44 28.98 6.35 1.67
C ALA C 44 28.87 7.86 1.53
N LYS C 45 30.00 8.53 1.67
CA LYS C 45 29.97 9.97 1.53
C LYS C 45 29.54 10.25 0.10
N THR C 46 30.25 9.70 -0.87
CA THR C 46 29.96 9.96 -2.27
C THR C 46 28.52 9.73 -2.66
N PHE C 47 28.03 8.57 -2.26
CA PHE C 47 26.68 8.21 -2.59
C PHE C 47 25.54 8.80 -1.75
N GLY C 48 25.87 9.27 -0.56
CA GLY C 48 24.86 9.89 0.28
C GLY C 48 24.17 9.03 1.30
N SER C 49 24.84 7.99 1.77
CA SER C 49 24.20 7.19 2.82
C SER C 49 25.05 7.27 4.11
N LYS C 50 24.48 6.85 5.21
CA LYS C 50 25.25 6.94 6.42
C LYS C 50 26.45 6.04 6.46
N TYR C 51 26.25 4.80 6.03
CA TYR C 51 27.24 3.73 6.13
C TYR C 51 27.49 2.96 4.86
N ALA C 52 28.69 2.41 4.75
CA ALA C 52 29.06 1.54 3.63
C ALA C 52 30.05 0.47 4.03
N VAL C 53 29.79 -0.76 3.58
CA VAL C 53 30.70 -1.88 3.87
C VAL C 53 31.33 -2.44 2.57
N MET C 54 32.67 -2.45 2.47
CA MET C 54 33.26 -3.01 1.27
C MET C 54 33.33 -4.52 1.39
N VAL C 55 33.04 -5.24 0.31
CA VAL C 55 33.12 -6.69 0.42
C VAL C 55 33.89 -7.31 -0.69
N SER C 56 33.91 -8.64 -0.69
CA SER C 56 34.67 -9.36 -1.71
C SER C 56 34.24 -9.20 -3.16
N SER C 57 32.94 -9.01 -3.38
CA SER C 57 32.47 -8.85 -4.75
C SER C 57 31.04 -8.40 -4.69
N GLY C 58 30.47 -7.98 -5.81
CA GLY C 58 29.06 -7.59 -5.74
C GLY C 58 28.23 -8.85 -5.37
N SER C 59 28.69 -10.00 -5.77
CA SER C 59 27.96 -11.17 -5.39
C SER C 59 27.89 -11.31 -3.89
N THR C 60 29.02 -11.14 -3.18
CA THR C 60 29.00 -11.25 -1.71
C THR C 60 28.06 -10.22 -1.08
N ALA C 61 28.08 -9.03 -1.66
CA ALA C 61 27.22 -7.92 -1.26
C ALA C 61 25.77 -8.37 -1.22
N ASN C 62 25.29 -8.96 -2.29
CA ASN C 62 23.91 -9.45 -2.29
C ASN C 62 23.77 -10.55 -1.24
N LEU C 63 24.78 -11.41 -1.14
CA LEU C 63 24.76 -12.47 -0.15
C LEU C 63 24.46 -11.96 1.24
N LEU C 64 25.30 -11.05 1.67
CA LEU C 64 25.21 -10.49 3.01
C LEU C 64 23.99 -9.60 3.18
N MET C 65 23.61 -8.96 2.10
CA MET C 65 22.43 -8.09 2.18
C MET C 65 21.24 -8.96 2.56
N ILE C 66 21.15 -10.14 1.97
CA ILE C 66 20.00 -10.98 2.27
C ILE C 66 20.11 -11.53 3.67
N ALA C 67 21.24 -12.18 3.96
CA ALA C 67 21.60 -12.75 5.26
C ALA C 67 21.29 -11.84 6.44
N ALA C 68 21.82 -10.64 6.38
CA ALA C 68 21.62 -9.68 7.45
C ALA C 68 20.19 -9.62 8.04
N LEU C 69 19.18 -9.59 7.16
CA LEU C 69 17.78 -9.47 7.56
C LEU C 69 17.28 -10.57 8.47
N PHE C 70 17.99 -11.69 8.44
CA PHE C 70 17.69 -12.83 9.29
C PHE C 70 18.28 -12.65 10.70
N PHE C 71 19.21 -11.72 10.85
CA PHE C 71 19.85 -11.52 12.13
C PHE C 71 19.44 -10.31 12.95
N THR C 72 18.46 -9.54 12.48
CA THR C 72 18.00 -8.39 13.25
C THR C 72 17.41 -8.96 14.56
N LYS C 73 17.47 -8.24 15.69
CA LYS C 73 16.90 -8.84 16.91
C LYS C 73 15.45 -9.14 16.63
N LYS C 74 14.91 -8.25 15.81
CA LYS C 74 13.56 -8.41 15.32
C LYS C 74 13.83 -8.90 13.89
N PRO C 75 14.07 -10.20 13.75
CA PRO C 75 14.38 -10.76 12.45
C PRO C 75 13.34 -10.26 11.46
N ARG C 76 13.82 -9.54 10.46
CA ARG C 76 12.95 -8.97 9.45
C ARG C 76 12.49 -9.89 8.34
N LEU C 77 13.24 -10.97 8.11
CA LEU C 77 12.82 -11.94 7.10
C LEU C 77 12.94 -13.32 7.71
N LYS C 78 12.11 -14.26 7.29
CA LYS C 78 12.23 -15.65 7.74
C LYS C 78 11.98 -16.52 6.51
N LYS C 79 12.23 -17.82 6.61
CA LYS C 79 12.10 -18.62 5.40
C LYS C 79 10.67 -18.79 5.00
N GLY C 80 10.44 -19.06 3.74
CA GLY C 80 9.07 -19.16 3.31
C GLY C 80 8.70 -17.74 2.93
N ASP C 81 9.31 -16.73 3.57
CA ASP C 81 9.00 -15.32 3.25
C ASP C 81 9.00 -15.03 1.77
N GLU C 82 7.99 -14.30 1.29
CA GLU C 82 7.92 -14.05 -0.15
C GLU C 82 8.66 -12.79 -0.60
N ILE C 83 9.50 -12.97 -1.63
CA ILE C 83 10.21 -11.83 -2.22
C ILE C 83 10.03 -11.71 -3.76
N ILE C 84 9.86 -10.47 -4.20
CA ILE C 84 9.62 -10.18 -5.61
C ILE C 84 10.86 -9.62 -6.29
N VAL C 85 11.24 -10.25 -7.38
CA VAL C 85 12.38 -9.79 -8.17
C VAL C 85 11.98 -9.69 -9.67
N PRO C 86 12.61 -8.81 -10.45
CA PRO C 86 12.27 -8.75 -11.87
C PRO C 86 12.83 -9.98 -12.59
N ALA C 87 12.22 -10.39 -13.69
CA ALA C 87 12.70 -11.57 -14.44
C ALA C 87 14.14 -11.57 -15.09
N VAL C 88 14.78 -10.40 -15.20
CA VAL C 88 16.07 -10.29 -15.87
C VAL C 88 17.14 -9.67 -14.97
N SER C 89 18.17 -10.44 -14.60
CA SER C 89 19.27 -9.88 -13.83
C SER C 89 20.44 -10.83 -13.89
N TRP C 90 21.56 -10.45 -13.28
CA TRP C 90 22.74 -11.31 -13.17
C TRP C 90 22.34 -12.40 -12.17
N SER C 91 22.76 -13.61 -12.43
CA SER C 91 22.42 -14.75 -11.56
C SER C 91 22.50 -14.55 -10.03
N THR C 92 23.56 -13.89 -9.59
CA THR C 92 23.79 -13.66 -8.16
C THR C 92 22.79 -12.71 -7.60
N THR C 93 21.83 -12.29 -8.40
CA THR C 93 20.84 -11.45 -7.77
C THR C 93 19.95 -12.53 -7.11
N TYR C 94 19.83 -13.65 -7.78
CA TYR C 94 18.97 -14.72 -7.32
C TYR C 94 19.43 -15.76 -6.32
N TYR C 95 20.62 -16.32 -6.51
CA TYR C 95 21.06 -17.37 -5.63
C TYR C 95 20.79 -17.25 -4.11
N PRO C 96 21.12 -16.11 -3.50
CA PRO C 96 20.94 -16.04 -2.05
C PRO C 96 19.47 -16.18 -1.61
N LEU C 97 18.55 -15.65 -2.40
CA LEU C 97 17.17 -15.81 -2.05
C LEU C 97 16.97 -17.27 -1.78
N GLN C 98 17.50 -18.04 -2.70
CA GLN C 98 17.38 -19.49 -2.62
C GLN C 98 18.23 -20.07 -1.52
N GLN C 99 19.44 -19.53 -1.29
CA GLN C 99 20.28 -20.09 -0.22
C GLN C 99 19.72 -19.76 1.15
N TYR C 100 18.70 -18.91 1.15
CA TYR C 100 18.13 -18.49 2.40
C TYR C 100 16.74 -19.00 2.67
N GLY C 101 16.25 -19.76 1.71
CA GLY C 101 14.94 -20.36 1.90
C GLY C 101 13.77 -19.45 1.60
N LEU C 102 14.01 -18.39 0.83
CA LEU C 102 12.93 -17.49 0.46
C LEU C 102 12.11 -18.00 -0.71
N ARG C 103 10.90 -17.47 -0.82
CA ARG C 103 10.07 -17.93 -1.91
C ARG C 103 10.23 -16.84 -2.93
N VAL C 104 10.48 -17.24 -4.15
CA VAL C 104 10.68 -16.18 -5.12
C VAL C 104 9.55 -16.03 -6.08
N LYS C 105 9.13 -14.78 -6.26
CA LYS C 105 8.08 -14.47 -7.20
C LYS C 105 8.60 -13.54 -8.26
N PHE C 106 8.58 -14.01 -9.51
CA PHE C 106 9.08 -13.27 -10.64
C PHE C 106 7.98 -12.52 -11.31
N VAL C 107 8.41 -11.38 -11.85
CA VAL C 107 7.58 -10.40 -12.54
C VAL C 107 8.26 -9.91 -13.82
N ASP C 108 7.49 -9.90 -14.91
CA ASP C 108 8.00 -9.48 -16.21
C ASP C 108 8.70 -8.13 -16.17
N ILE C 109 9.33 -7.78 -17.28
CA ILE C 109 10.04 -6.52 -17.28
C ILE C 109 9.33 -5.59 -18.27
N ASP C 110 9.52 -4.29 -18.04
CA ASP C 110 8.95 -3.29 -18.93
C ASP C 110 9.81 -3.30 -20.15
N ILE C 111 9.21 -3.59 -21.30
CA ILE C 111 10.04 -3.70 -22.48
C ILE C 111 10.91 -2.50 -22.82
N ASN C 112 10.36 -1.30 -22.64
CA ASN C 112 11.06 -0.06 -22.98
C ASN C 112 12.21 0.23 -22.05
N THR C 113 11.88 0.25 -20.76
CA THR C 113 12.85 0.55 -19.72
C THR C 113 13.63 -0.66 -19.27
N LEU C 114 13.07 -1.85 -19.48
CA LEU C 114 13.75 -3.07 -19.08
C LEU C 114 13.80 -3.28 -17.60
N ASN C 115 13.17 -2.40 -16.82
CA ASN C 115 13.15 -2.64 -15.38
C ASN C 115 11.84 -3.36 -15.02
N ILE C 116 11.62 -3.78 -13.77
CA ILE C 116 10.37 -4.49 -13.46
C ILE C 116 9.12 -3.80 -13.97
N ASP C 117 8.19 -4.55 -14.54
CA ASP C 117 7.00 -3.87 -15.03
C ASP C 117 6.15 -3.39 -13.86
N ILE C 118 5.90 -2.09 -13.86
CA ILE C 118 5.19 -1.49 -12.76
C ILE C 118 3.74 -1.92 -12.64
N GLU C 119 3.10 -2.17 -13.76
CA GLU C 119 1.71 -2.62 -13.67
C GLU C 119 1.58 -4.06 -13.21
N SER C 120 2.68 -4.83 -13.28
CA SER C 120 2.58 -6.24 -12.88
C SER C 120 2.83 -6.27 -11.39
N LEU C 121 3.73 -5.36 -11.01
CA LEU C 121 4.11 -5.21 -9.63
C LEU C 121 2.78 -4.87 -9.01
N LYS C 122 2.22 -3.77 -9.48
CA LYS C 122 0.95 -3.32 -8.95
C LYS C 122 0.01 -4.48 -8.62
N GLU C 123 -0.10 -5.38 -9.60
CA GLU C 123 -0.94 -6.58 -9.52
C GLU C 123 -0.31 -7.59 -8.57
N ALA C 124 0.89 -8.05 -8.96
CA ALA C 124 1.72 -9.02 -8.25
C ALA C 124 1.95 -8.85 -6.75
N VAL C 125 1.72 -7.67 -6.20
CA VAL C 125 2.00 -7.56 -4.78
C VAL C 125 0.81 -7.93 -3.90
N THR C 126 1.11 -8.69 -2.85
CA THR C 126 0.08 -9.11 -1.92
C THR C 126 0.44 -8.89 -0.47
N ASP C 127 -0.35 -9.48 0.42
CA ASP C 127 -0.11 -9.32 1.84
C ASP C 127 0.98 -10.32 2.14
N SER C 128 1.12 -11.31 1.25
CA SER C 128 2.13 -12.34 1.43
C SER C 128 3.45 -11.81 0.87
N THR C 129 3.48 -10.53 0.52
CA THR C 129 4.73 -9.97 0.04
C THR C 129 5.54 -9.31 1.14
N LYS C 130 6.67 -9.95 1.46
CA LYS C 130 7.55 -9.43 2.48
C LYS C 130 8.56 -8.40 1.99
N ALA C 131 8.95 -8.53 0.73
CA ALA C 131 9.99 -7.63 0.25
C ALA C 131 10.13 -7.51 -1.26
N ILE C 132 10.88 -6.52 -1.68
CA ILE C 132 11.08 -6.40 -3.08
C ILE C 132 12.49 -6.11 -3.45
N LEU C 133 13.15 -7.10 -4.04
CA LEU C 133 14.51 -6.89 -4.48
C LEU C 133 14.50 -6.31 -5.88
N THR C 134 14.79 -5.02 -6.03
CA THR C 134 14.84 -4.42 -7.38
C THR C 134 16.25 -4.37 -8.01
N VAL C 135 16.31 -4.33 -9.33
CA VAL C 135 17.60 -4.19 -10.01
C VAL C 135 17.46 -2.99 -10.95
N ASN C 136 18.44 -2.11 -10.93
CA ASN C 136 18.38 -0.92 -11.76
C ASN C 136 19.13 -1.41 -12.96
N LEU C 137 18.43 -1.67 -14.05
CA LEU C 137 19.12 -2.20 -15.23
C LEU C 137 19.96 -1.27 -16.12
N LEU C 138 21.17 -1.71 -16.43
CA LEU C 138 22.12 -1.02 -17.33
C LEU C 138 22.30 0.45 -17.07
N GLY C 139 22.28 0.82 -15.79
CA GLY C 139 22.48 2.20 -15.33
C GLY C 139 21.22 3.00 -15.05
N ASN C 140 20.08 2.49 -15.49
CA ASN C 140 18.74 3.15 -15.44
C ASN C 140 17.97 2.90 -14.13
N PRO C 141 17.62 3.94 -13.36
CA PRO C 141 16.89 3.70 -12.11
C PRO C 141 15.45 3.27 -12.26
N ASN C 142 15.00 2.52 -11.26
CA ASN C 142 13.62 2.10 -11.21
C ASN C 142 12.93 3.40 -10.80
N ASN C 143 11.66 3.53 -11.16
CA ASN C 143 10.90 4.70 -10.74
C ASN C 143 10.45 4.44 -9.30
N PHE C 144 11.31 4.82 -8.38
CA PHE C 144 11.08 4.58 -6.98
C PHE C 144 9.86 5.27 -6.39
N ASP C 145 9.25 6.14 -7.18
CA ASP C 145 8.08 6.83 -6.68
C ASP C 145 6.88 5.88 -6.66
N GLU C 146 6.52 5.40 -7.82
CA GLU C 146 5.42 4.45 -7.85
C GLU C 146 5.72 3.29 -6.92
N ILE C 147 6.86 2.66 -7.08
CA ILE C 147 7.11 1.52 -6.23
C ILE C 147 6.61 1.82 -4.85
N ASN C 148 7.00 2.99 -4.32
CA ASN C 148 6.55 3.30 -2.95
C ASN C 148 5.04 3.29 -2.84
N LYS C 149 4.38 3.96 -3.77
CA LYS C 149 2.94 3.96 -3.76
C LYS C 149 2.52 2.52 -3.69
N ILE C 150 2.88 1.73 -4.72
CA ILE C 150 2.53 0.34 -4.69
C ILE C 150 2.82 -0.30 -3.36
N ILE C 151 3.84 0.18 -2.67
CA ILE C 151 4.20 -0.40 -1.41
C ILE C 151 3.34 0.17 -0.31
N GLY C 152 2.53 1.16 -0.66
CA GLY C 152 1.70 1.84 0.31
C GLY C 152 2.54 2.41 1.44
N GLY C 153 2.35 1.85 2.61
CA GLY C 153 1.40 0.77 2.74
C GLY C 153 2.01 -0.41 3.45
N ARG C 154 1.97 -1.54 2.78
CA ARG C 154 2.43 -2.78 3.38
C ARG C 154 3.69 -2.60 4.20
N ASP C 155 4.01 -3.61 4.98
CA ASP C 155 5.25 -3.64 5.71
C ASP C 155 6.23 -4.37 4.81
N ILE C 156 6.52 -3.79 3.65
CA ILE C 156 7.42 -4.41 2.65
C ILE C 156 8.83 -3.84 2.54
N ILE C 157 9.85 -4.70 2.62
CA ILE C 157 11.22 -4.21 2.52
C ILE C 157 11.57 -3.86 1.09
N LEU C 158 12.47 -2.90 0.89
CA LEU C 158 12.82 -2.58 -0.47
C LEU C 158 14.32 -2.60 -0.59
N LEU C 159 14.83 -3.53 -1.39
CA LEU C 159 16.26 -3.63 -1.64
C LEU C 159 16.61 -3.37 -3.11
N GLU C 160 17.80 -2.84 -3.34
CA GLU C 160 18.29 -2.62 -4.68
C GLU C 160 19.59 -3.33 -4.93
N ASP C 161 19.63 -4.16 -5.96
CA ASP C 161 20.89 -4.66 -6.48
C ASP C 161 21.20 -3.64 -7.56
N ASN C 162 22.18 -2.80 -7.28
CA ASN C 162 22.54 -1.66 -8.12
C ASN C 162 23.95 -1.83 -8.74
N CYS C 163 24.35 -3.07 -8.91
CA CYS C 163 25.66 -3.39 -9.41
C CYS C 163 25.90 -2.93 -10.83
N GLU C 164 24.84 -2.54 -11.54
CA GLU C 164 24.90 -2.08 -12.94
C GLU C 164 24.73 -0.56 -13.14
N SER C 165 24.15 0.10 -12.13
CA SER C 165 23.89 1.52 -12.19
C SER C 165 24.59 2.35 -11.12
N MET C 166 25.89 2.14 -10.92
CA MET C 166 26.64 2.98 -9.97
C MET C 166 26.58 4.36 -10.57
N GLY C 167 26.22 5.34 -9.74
CA GLY C 167 26.18 6.73 -10.21
C GLY C 167 24.84 7.33 -10.67
N ALA C 168 23.89 6.49 -11.06
CA ALA C 168 22.59 6.94 -11.53
C ALA C 168 21.88 7.68 -10.41
N THR C 169 20.96 8.57 -10.78
CA THR C 169 20.20 9.31 -9.76
C THR C 169 18.74 9.33 -10.19
N PHE C 170 17.82 9.64 -9.27
CA PHE C 170 16.41 9.66 -9.61
C PHE C 170 15.93 10.67 -8.61
N ASN C 171 15.43 11.80 -9.10
CA ASN C 171 14.97 12.83 -8.17
C ASN C 171 16.14 13.29 -7.33
N ASN C 172 17.32 13.38 -7.96
CA ASN C 172 18.48 13.83 -7.22
C ASN C 172 18.77 12.94 -6.05
N LYS C 173 18.57 11.66 -6.25
CA LYS C 173 18.91 10.74 -5.19
C LYS C 173 19.72 9.71 -5.92
N CYS C 174 20.70 9.18 -5.23
CA CYS C 174 21.52 8.18 -5.84
C CYS C 174 20.80 6.84 -5.76
N ALA C 175 20.78 6.11 -6.87
CA ALA C 175 20.16 4.79 -6.88
C ALA C 175 21.06 3.99 -5.94
N GLY C 176 20.52 2.96 -5.31
CA GLY C 176 21.29 2.20 -4.35
C GLY C 176 20.99 2.81 -2.98
N THR C 177 20.36 3.98 -2.96
CA THR C 177 20.02 4.58 -1.67
C THR C 177 18.54 4.57 -1.23
N PHE C 178 17.65 4.12 -2.12
CA PHE C 178 16.22 4.02 -1.80
C PHE C 178 15.83 2.79 -0.98
N GLY C 179 16.56 1.70 -1.16
CA GLY C 179 16.24 0.51 -0.42
C GLY C 179 16.78 0.54 1.00
N LEU C 180 16.38 -0.47 1.73
CA LEU C 180 16.85 -0.58 3.09
C LEU C 180 18.34 -0.85 3.02
N MET C 181 18.78 -1.27 1.82
CA MET C 181 20.20 -1.53 1.56
C MET C 181 20.31 -1.50 0.07
N GLY C 182 21.53 -1.24 -0.40
CA GLY C 182 21.83 -1.18 -1.83
C GLY C 182 23.20 -1.78 -2.00
N THR C 183 23.33 -2.59 -3.03
CA THR C 183 24.61 -3.27 -3.31
C THR C 183 25.25 -2.78 -4.62
N PHE C 184 26.58 -2.74 -4.66
CA PHE C 184 27.35 -2.28 -5.83
C PHE C 184 28.45 -3.28 -6.12
N SER C 185 29.01 -3.25 -7.33
CA SER C 185 30.08 -4.17 -7.71
C SER C 185 31.18 -3.32 -8.31
N SER C 186 32.46 -3.63 -8.03
CA SER C 186 33.64 -2.91 -8.59
C SER C 186 34.48 -3.92 -9.30
N PHE C 187 33.82 -4.87 -9.96
CA PHE C 187 34.46 -5.91 -10.71
C PHE C 187 35.01 -5.25 -11.96
N TYR C 188 35.92 -5.96 -12.60
CA TYR C 188 36.58 -5.53 -13.80
C TYR C 188 35.85 -4.61 -14.78
N ASN C 189 34.83 -5.14 -15.43
CA ASN C 189 34.10 -4.43 -16.50
C ASN C 189 32.97 -3.50 -16.10
N1 LLP C 190 24.23 -8.14 -9.69
C2 LLP C 190 24.27 -7.31 -10.71
C2' LLP C 190 22.97 -6.66 -11.14
C3 LLP C 190 25.46 -7.06 -11.42
O3 LLP C 190 25.47 -6.21 -12.47
C4 LLP C 190 26.65 -7.73 -11.04
C4' LLP C 190 27.91 -7.47 -11.78
C5 LLP C 190 26.56 -8.66 -9.95
C6 LLP C 190 25.32 -8.81 -9.30
C5' LLP C 190 27.77 -9.47 -9.50
OP4 LLP C 190 28.82 -8.52 -9.39
P LLP C 190 30.21 -9.25 -9.10
OP1 LLP C 190 30.90 -9.67 -10.49
OP2 LLP C 190 30.03 -10.55 -8.17
OP3 LLP C 190 31.15 -8.16 -8.38
N LLP C 190 33.02 -3.02 -14.86
CA LLP C 190 31.98 -2.16 -14.34
CB LLP C 190 31.43 -2.68 -13.00
CG LLP C 190 30.24 -3.59 -13.33
CD LLP C 190 30.02 -4.65 -12.26
CE LLP C 190 29.44 -5.93 -12.84
NZ LLP C 190 28.21 -6.26 -12.08
C LLP C 190 32.24 -0.66 -14.46
O LLP C 190 33.01 -0.22 -15.31
N HIS C 191 31.52 0.12 -13.66
CA HIS C 191 31.65 1.55 -13.69
C HIS C 191 33.02 1.95 -13.22
N ILE C 192 33.45 1.42 -12.07
CA ILE C 192 34.81 1.66 -11.57
C ILE C 192 35.27 0.25 -11.23
N ALA C 193 36.56 0.08 -11.10
CA ALA C 193 37.10 -1.27 -10.82
C ALA C 193 38.31 -1.33 -9.89
N THR C 194 38.31 -2.35 -9.05
CA THR C 194 39.35 -2.56 -8.07
C THR C 194 39.68 -4.05 -8.20
N MET C 195 39.72 -4.55 -9.44
CA MET C 195 39.99 -5.97 -9.72
C MET C 195 38.70 -6.70 -9.33
N GLU C 196 38.47 -6.86 -8.04
CA GLU C 196 37.20 -7.43 -7.58
C GLU C 196 36.80 -6.61 -6.39
N GLY C 197 35.50 -6.54 -6.17
CA GLY C 197 34.96 -5.84 -5.01
C GLY C 197 33.47 -5.49 -5.13
N GLY C 198 32.85 -5.19 -3.99
CA GLY C 198 31.45 -4.82 -3.91
C GLY C 198 31.31 -4.03 -2.61
N CYS C 199 30.17 -3.39 -2.43
CA CYS C 199 29.91 -2.57 -1.24
CA CYS C 199 29.93 -2.64 -1.20
C CYS C 199 28.48 -2.77 -0.82
N ILE C 200 28.15 -2.19 0.30
CA ILE C 200 26.79 -2.23 0.76
C ILE C 200 26.62 -0.92 1.45
N VAL C 201 25.44 -0.36 1.26
CA VAL C 201 25.16 0.92 1.87
C VAL C 201 23.80 0.85 2.59
N THR C 202 23.67 1.64 3.65
CA THR C 202 22.46 1.68 4.47
C THR C 202 22.64 2.80 5.53
N ASP C 203 21.52 3.31 6.04
CA ASP C 203 21.53 4.32 7.08
C ASP C 203 21.09 3.65 8.37
N ASP C 204 20.91 2.32 8.30
CA ASP C 204 20.52 1.43 9.41
C ASP C 204 21.72 0.89 10.19
N GLU C 205 21.83 1.33 11.43
CA GLU C 205 22.92 0.95 12.31
C GLU C 205 22.85 -0.50 12.76
N GLU C 206 21.65 -1.06 12.87
CA GLU C 206 21.60 -2.45 13.31
C GLU C 206 22.25 -3.23 12.15
N ILE C 207 21.66 -3.14 10.97
CA ILE C 207 22.21 -3.83 9.81
C ILE C 207 23.71 -3.63 9.68
N TYR C 208 24.06 -2.35 9.66
CA TYR C 208 25.41 -1.95 9.44
C TYR C 208 26.29 -2.75 10.36
N HIS C 209 25.85 -2.89 11.60
CA HIS C 209 26.62 -3.64 12.57
C HIS C 209 26.63 -5.12 12.26
N ILE C 210 25.47 -5.65 11.98
CA ILE C 210 25.33 -7.07 11.64
C ILE C 210 26.37 -7.31 10.52
N LEU C 211 26.31 -6.51 9.46
CA LEU C 211 27.24 -6.67 8.34
C LEU C 211 28.71 -6.80 8.77
N LEU C 212 29.13 -5.93 9.68
CA LEU C 212 30.51 -5.93 10.13
C LEU C 212 30.82 -7.26 10.72
N CYS C 213 29.79 -7.84 11.28
CA CYS C 213 29.94 -9.11 11.94
C CYS C 213 30.04 -10.27 10.95
N ILE C 214 28.97 -10.47 10.19
CA ILE C 214 28.93 -11.59 9.26
C ILE C 214 29.88 -11.53 8.04
N ARG C 215 30.62 -10.44 7.91
CA ARG C 215 31.53 -10.32 6.76
C ARG C 215 32.83 -11.02 7.04
N ALA C 216 33.10 -11.20 8.34
CA ALA C 216 34.36 -11.73 8.78
C ALA C 216 34.23 -12.63 9.95
N HIS C 217 33.99 -13.90 9.66
CA HIS C 217 33.89 -14.97 10.69
C HIS C 217 32.79 -14.89 11.74
N GLY C 218 31.97 -13.84 11.73
CA GLY C 218 30.86 -13.72 12.70
C GLY C 218 31.41 -13.25 14.05
N TRP C 219 32.58 -12.60 14.03
CA TRP C 219 33.22 -12.10 15.25
C TRP C 219 32.90 -10.68 15.55
N THR C 220 33.40 -10.24 16.71
CA THR C 220 33.19 -8.89 17.20
C THR C 220 34.39 -7.95 16.96
N ARG C 221 35.50 -8.47 16.47
CA ARG C 221 36.63 -7.58 16.29
C ARG C 221 36.33 -6.29 15.57
N ASN C 222 35.43 -6.27 14.61
CA ASN C 222 35.23 -4.99 13.91
C ASN C 222 34.06 -4.18 14.45
N LEU C 223 33.72 -4.47 15.69
CA LEU C 223 32.57 -3.89 16.31
C LEU C 223 32.87 -2.77 17.28
N PRO C 224 31.84 -2.03 17.64
CA PRO C 224 32.12 -0.93 18.52
C PRO C 224 31.82 -1.44 19.89
N LYS C 225 32.54 -0.86 20.84
CA LYS C 225 32.42 -1.22 22.24
C LYS C 225 30.97 -1.41 22.63
N LYS C 226 30.13 -0.53 22.11
CA LYS C 226 28.71 -0.62 22.37
C LYS C 226 28.21 -0.70 20.96
N ASN C 227 27.61 -1.83 20.56
CA ASN C 227 27.14 -1.99 19.19
C ASN C 227 25.76 -2.60 19.24
N LYS C 228 24.98 -2.44 18.19
CA LYS C 228 23.62 -2.94 18.20
C LYS C 228 23.50 -4.46 18.13
N VAL C 229 24.63 -5.13 18.28
CA VAL C 229 24.60 -6.57 18.17
C VAL C 229 24.82 -7.34 19.46
N THR C 230 25.92 -7.03 20.15
CA THR C 230 26.27 -7.75 21.36
C THR C 230 25.89 -6.92 22.56
N GLY C 231 25.83 -5.62 22.32
CA GLY C 231 25.53 -4.66 23.35
C GLY C 231 26.86 -4.01 23.64
N VAL C 232 27.59 -4.55 24.62
CA VAL C 232 28.92 -4.03 25.03
C VAL C 232 30.06 -5.06 25.08
N LYS C 233 31.07 -4.84 24.26
CA LYS C 233 32.20 -5.74 24.20
C LYS C 233 33.03 -5.60 25.47
N SER C 234 33.44 -6.71 26.06
CA SER C 234 34.27 -6.65 27.25
C SER C 234 35.66 -6.15 26.87
N ASP C 235 36.47 -5.87 27.87
CA ASP C 235 37.81 -5.39 27.56
C ASP C 235 38.83 -6.48 27.72
N ASP C 236 38.38 -7.65 28.18
CA ASP C 236 39.30 -8.78 28.32
C ASP C 236 39.59 -9.43 26.99
N GLN C 237 40.64 -8.93 26.36
CA GLN C 237 41.13 -9.38 25.06
C GLN C 237 41.08 -10.89 24.90
N PHE C 238 41.84 -11.58 25.73
CA PHE C 238 41.86 -13.02 25.66
C PHE C 238 40.52 -13.66 25.33
N GLU C 239 39.42 -13.03 25.74
CA GLU C 239 38.14 -13.67 25.45
C GLU C 239 37.29 -13.02 24.38
N GLU C 240 37.26 -11.68 24.38
CA GLU C 240 36.44 -10.93 23.43
C GLU C 240 36.94 -11.02 21.98
N SER C 241 38.23 -11.27 21.80
CA SER C 241 38.77 -11.36 20.44
C SER C 241 38.38 -12.68 19.74
N PHE C 242 37.82 -13.60 20.51
CA PHE C 242 37.46 -14.94 20.06
C PHE C 242 36.02 -15.30 20.35
N LYS C 243 35.18 -14.28 20.32
CA LYS C 243 33.76 -14.47 20.56
C LYS C 243 33.04 -14.46 19.20
N PHE C 244 32.25 -15.50 18.94
CA PHE C 244 31.47 -15.68 17.71
C PHE C 244 29.96 -15.60 17.98
N VAL C 245 29.31 -14.61 17.34
CA VAL C 245 27.93 -14.34 17.66
C VAL C 245 26.90 -14.45 16.55
N LEU C 246 27.35 -14.57 15.31
CA LEU C 246 26.49 -14.74 14.13
C LEU C 246 27.16 -15.65 13.11
N PRO C 247 26.37 -16.53 12.49
CA PRO C 247 26.85 -17.49 11.48
C PRO C 247 27.08 -16.65 10.24
N GLY C 248 28.31 -16.14 10.10
CA GLY C 248 28.64 -15.24 9.03
C GLY C 248 29.52 -15.85 7.97
N TYR C 249 30.42 -15.03 7.47
CA TYR C 249 31.25 -15.48 6.40
C TYR C 249 32.61 -14.84 6.53
N ASN C 250 33.47 -15.24 5.60
CA ASN C 250 34.74 -14.56 5.38
C ASN C 250 34.64 -14.02 3.96
N VAL C 251 34.23 -12.75 3.85
CA VAL C 251 34.11 -12.09 2.57
C VAL C 251 34.86 -10.75 2.67
N ARG C 252 35.93 -10.69 3.42
CA ARG C 252 36.67 -9.46 3.48
C ARG C 252 37.22 -9.18 2.09
N PRO C 253 37.31 -7.91 1.82
CA PRO C 253 37.95 -7.41 0.61
C PRO C 253 39.41 -7.25 0.99
N LEU C 254 40.24 -7.08 -0.03
CA LEU C 254 41.66 -6.89 0.17
C LEU C 254 41.94 -5.45 0.31
N GLU C 255 43.01 -5.19 1.04
CA GLU C 255 43.44 -3.84 1.33
C GLU C 255 43.77 -3.06 0.04
N MET C 256 44.40 -3.75 -0.89
CA MET C 256 44.74 -3.20 -2.21
C MET C 256 43.51 -2.71 -2.98
N SER C 257 42.42 -3.46 -2.96
CA SER C 257 41.24 -3.02 -3.70
C SER C 257 40.69 -1.80 -3.00
N GLY C 258 40.75 -1.78 -1.67
CA GLY C 258 40.24 -0.63 -0.93
C GLY C 258 40.95 0.56 -1.59
N ALA C 259 42.26 0.43 -1.60
CA ALA C 259 43.15 1.39 -2.19
C ALA C 259 42.79 1.81 -3.61
N ILE C 260 42.71 0.85 -4.53
CA ILE C 260 42.39 1.17 -5.93
C ILE C 260 41.05 1.89 -5.94
N GLY C 261 40.11 1.46 -5.07
CA GLY C 261 38.78 2.05 -4.99
C GLY C 261 38.77 3.57 -4.80
N ILE C 262 39.66 4.01 -3.91
CA ILE C 262 39.84 5.41 -3.56
C ILE C 262 40.19 6.33 -4.71
N GLU C 263 41.07 5.89 -5.57
CA GLU C 263 41.44 6.68 -6.73
C GLU C 263 40.30 6.65 -7.76
N GLN C 264 39.59 5.53 -7.83
CA GLN C 264 38.53 5.38 -8.82
C GLN C 264 37.40 6.32 -8.50
N LEU C 265 37.20 6.52 -7.21
CA LEU C 265 36.12 7.39 -6.75
C LEU C 265 36.30 8.81 -7.26
N LYS C 266 37.55 9.22 -7.32
CA LYS C 266 37.82 10.57 -7.75
C LYS C 266 37.46 10.76 -9.21
N LYS C 267 37.53 9.65 -9.96
CA LYS C 267 37.29 9.83 -11.39
C LYS C 267 35.83 9.56 -11.74
N LEU C 268 35.09 9.00 -10.77
CA LEU C 268 33.71 8.65 -11.03
C LEU C 268 32.96 9.69 -11.91
N PRO C 269 32.82 10.91 -11.40
CA PRO C 269 32.10 11.97 -12.11
C PRO C 269 32.48 12.03 -13.58
N ARG C 270 33.78 12.07 -13.79
CA ARG C 270 34.23 12.22 -15.16
C ARG C 270 33.66 11.07 -15.93
N PHE C 271 33.95 9.87 -15.47
CA PHE C 271 33.50 8.68 -16.16
C PHE C 271 32.04 8.77 -16.50
N ILE C 272 31.25 9.23 -15.53
CA ILE C 272 29.81 9.36 -15.68
C ILE C 272 29.30 10.44 -16.62
N SER C 273 30.02 11.55 -16.64
CA SER C 273 29.70 12.66 -17.51
C SER C 273 29.97 12.23 -18.95
N VAL C 274 31.06 11.49 -19.15
CA VAL C 274 31.44 11.01 -20.44
C VAL C 274 30.48 9.94 -20.96
N ARG C 275 30.13 9.01 -20.10
CA ARG C 275 29.24 7.93 -20.48
C ARG C 275 27.88 8.54 -20.85
N ARG C 276 27.45 9.54 -20.10
CA ARG C 276 26.17 10.10 -20.40
C ARG C 276 26.22 10.91 -21.70
N LYS C 277 27.42 11.31 -22.09
CA LYS C 277 27.62 12.08 -23.32
C LYS C 277 27.56 11.16 -24.52
N ASN C 278 28.20 10.01 -24.40
CA ASN C 278 28.18 9.01 -25.45
C ASN C 278 26.71 8.62 -25.65
N ALA C 279 26.03 8.36 -24.54
CA ALA C 279 24.64 7.95 -24.57
C ALA C 279 23.84 8.92 -25.44
N GLU C 280 23.89 10.21 -25.10
CA GLU C 280 23.16 11.27 -25.81
C GLU C 280 23.31 11.25 -27.32
N TYR C 281 24.56 11.18 -27.74
CA TYR C 281 24.88 11.09 -29.16
C TYR C 281 24.21 9.87 -29.72
N PHE C 282 24.48 8.76 -29.05
CA PHE C 282 23.94 7.45 -29.37
C PHE C 282 22.44 7.57 -29.56
N LEU C 283 21.73 7.94 -28.50
CA LEU C 283 20.30 7.98 -28.70
C LEU C 283 19.91 8.75 -29.94
N ASP C 284 20.70 9.79 -30.19
CA ASP C 284 20.41 10.68 -31.28
C ASP C 284 20.69 10.08 -32.65
N LYS C 285 21.54 9.04 -32.67
CA LYS C 285 21.80 8.41 -33.96
C LYS C 285 20.75 7.34 -34.11
N PHE C 286 20.34 6.69 -33.05
CA PHE C 286 19.36 5.63 -33.19
C PHE C 286 17.93 6.07 -32.93
N LYS C 287 17.69 7.37 -32.91
CA LYS C 287 16.39 7.93 -32.62
C LYS C 287 15.24 7.27 -33.40
N ASP C 288 15.27 7.32 -34.72
CA ASP C 288 14.15 6.78 -35.46
C ASP C 288 14.42 5.46 -36.18
N HIS C 289 15.25 4.61 -35.59
CA HIS C 289 15.63 3.35 -36.22
C HIS C 289 14.55 2.43 -36.83
N PRO C 290 14.67 2.17 -38.13
CA PRO C 290 13.67 1.36 -38.82
C PRO C 290 13.39 0.02 -38.16
N TYR C 291 14.33 -0.50 -37.39
CA TYR C 291 14.12 -1.83 -36.79
C TYR C 291 14.70 -2.17 -35.41
N LEU C 292 15.12 -1.16 -34.66
CA LEU C 292 15.62 -1.46 -33.32
C LEU C 292 15.21 -0.41 -32.32
N ASP C 293 14.57 -0.83 -31.22
CA ASP C 293 14.23 0.12 -30.16
C ASP C 293 15.34 0.18 -29.10
N VAL C 294 15.46 1.33 -28.44
CA VAL C 294 16.50 1.54 -27.45
C VAL C 294 15.96 1.66 -26.04
N GLN C 295 16.86 1.81 -25.05
CA GLN C 295 16.38 1.80 -23.69
C GLN C 295 15.80 3.15 -23.33
N GLN C 296 14.57 3.17 -22.86
CA GLN C 296 14.01 4.45 -22.52
C GLN C 296 14.51 4.82 -21.12
N GLU C 297 15.19 5.96 -21.02
CA GLU C 297 15.76 6.42 -19.77
C GLU C 297 14.87 6.88 -18.65
N THR C 298 15.18 6.40 -17.47
CA THR C 298 14.42 6.81 -16.32
C THR C 298 15.36 7.57 -15.43
N GLY C 299 14.93 8.75 -15.01
CA GLY C 299 15.73 9.63 -14.15
C GLY C 299 17.03 10.03 -14.84
N GLU C 300 18.13 9.55 -14.27
CA GLU C 300 19.42 9.85 -14.84
C GLU C 300 20.34 8.64 -14.80
N SER C 301 20.19 7.81 -15.82
CA SER C 301 20.91 6.56 -16.01
C SER C 301 22.41 6.80 -16.13
N SER C 302 23.22 5.87 -15.62
CA SER C 302 24.68 5.98 -15.76
C SER C 302 25.13 5.10 -16.94
N TRP C 303 24.23 4.90 -17.91
CA TRP C 303 24.52 4.17 -19.14
C TRP C 303 25.68 3.20 -19.11
N PHE C 304 25.34 2.04 -18.60
CA PHE C 304 26.25 0.94 -18.45
C PHE C 304 26.60 0.42 -19.86
N GLY C 305 25.59 0.37 -20.73
CA GLY C 305 25.80 -0.10 -22.09
C GLY C 305 24.55 0.12 -22.93
N PHE C 306 24.67 -0.01 -24.25
CA PHE C 306 23.51 0.21 -25.07
C PHE C 306 22.86 -1.07 -25.48
N SER C 307 21.57 -1.13 -25.20
CA SER C 307 20.74 -2.29 -25.43
C SER C 307 19.97 -2.01 -26.70
N PHE C 308 19.60 -3.04 -27.43
CA PHE C 308 18.84 -2.89 -28.65
C PHE C 308 17.79 -3.97 -28.66
N ILE C 309 16.66 -3.64 -29.22
CA ILE C 309 15.60 -4.60 -29.31
C ILE C 309 14.98 -4.64 -30.69
N ILE C 310 15.16 -5.77 -31.39
CA ILE C 310 14.64 -5.89 -32.75
C ILE C 310 13.14 -5.80 -32.79
N LYS C 311 12.62 -4.79 -33.48
CA LYS C 311 11.19 -4.44 -33.48
C LYS C 311 10.17 -5.53 -33.84
N LYS C 312 9.02 -5.47 -33.19
CA LYS C 312 8.06 -6.57 -33.20
C LYS C 312 7.36 -6.43 -34.56
N ASP C 313 7.70 -7.32 -35.47
CA ASP C 313 7.12 -7.39 -36.81
C ASP C 313 8.03 -6.87 -37.89
N SER C 314 9.26 -6.56 -37.47
CA SER C 314 10.34 -6.07 -38.32
C SER C 314 10.76 -6.96 -39.48
N GLY C 315 10.91 -8.25 -39.19
CA GLY C 315 11.34 -9.17 -40.22
C GLY C 315 12.86 -9.42 -40.17
N VAL C 316 13.49 -9.04 -39.06
CA VAL C 316 14.93 -9.30 -38.87
C VAL C 316 15.29 -10.30 -37.75
N ILE C 317 16.31 -11.12 -38.03
CA ILE C 317 16.73 -12.11 -37.06
C ILE C 317 17.98 -11.76 -36.26
N ARG C 318 17.86 -11.91 -34.93
CA ARG C 318 18.97 -11.70 -33.99
C ARG C 318 20.30 -12.23 -34.55
N LYS C 319 20.37 -13.54 -34.78
CA LYS C 319 21.54 -14.19 -35.37
C LYS C 319 22.32 -13.45 -36.41
N GLN C 320 21.60 -12.77 -37.28
CA GLN C 320 22.29 -12.16 -38.42
C GLN C 320 22.91 -10.89 -37.98
N LEU C 321 22.11 -10.14 -37.23
CA LEU C 321 22.62 -8.88 -36.69
C LEU C 321 23.95 -9.23 -36.01
N VAL C 322 23.86 -10.09 -34.99
CA VAL C 322 25.10 -10.46 -34.32
C VAL C 322 26.19 -10.79 -35.35
N GLU C 323 25.86 -11.65 -36.30
CA GLU C 323 26.88 -12.05 -37.27
C GLU C 323 27.53 -10.81 -37.83
N ASN C 324 26.70 -9.92 -38.35
CA ASN C 324 27.22 -8.71 -38.92
C ASN C 324 28.13 -7.93 -37.97
N LEU C 325 27.71 -7.80 -36.72
CA LEU C 325 28.47 -7.07 -35.70
C LEU C 325 29.90 -7.57 -35.49
N ASN C 326 29.99 -8.88 -35.28
CA ASN C 326 31.26 -9.55 -35.10
C ASN C 326 32.09 -9.34 -36.39
N SER C 327 31.48 -9.52 -37.55
CA SER C 327 32.22 -9.32 -38.78
C SER C 327 32.83 -7.94 -38.70
N ALA C 328 32.05 -7.02 -38.15
CA ALA C 328 32.47 -5.65 -38.07
C ALA C 328 33.48 -5.23 -37.01
N GLY C 329 33.88 -6.10 -36.11
CA GLY C 329 34.82 -5.69 -35.08
C GLY C 329 34.01 -5.20 -33.91
N ILE C 330 32.73 -5.55 -33.91
CA ILE C 330 31.90 -5.14 -32.79
C ILE C 330 31.50 -6.26 -31.85
N GLU C 331 31.88 -6.05 -30.60
CA GLU C 331 31.63 -7.01 -29.53
C GLU C 331 30.19 -6.75 -29.09
N CYS C 332 29.47 -7.81 -28.81
CA CYS C 332 28.11 -7.65 -28.39
C CYS C 332 27.78 -8.89 -27.61
N ARG C 333 26.67 -8.86 -26.92
CA ARG C 333 26.33 -9.95 -26.04
C ARG C 333 24.83 -9.79 -25.79
N PRO C 334 24.29 -10.68 -24.96
CA PRO C 334 22.87 -10.59 -24.67
C PRO C 334 22.74 -9.51 -23.58
N ILE C 335 21.52 -9.06 -23.39
CA ILE C 335 21.20 -8.03 -22.42
C ILE C 335 21.21 -8.70 -21.07
N VAL C 336 22.32 -8.49 -20.35
CA VAL C 336 22.60 -9.12 -19.05
C VAL C 336 22.60 -10.61 -19.41
N THR C 337 21.73 -11.40 -18.79
CA THR C 337 21.73 -12.80 -19.13
C THR C 337 20.51 -13.22 -19.88
N GLY C 338 19.76 -12.27 -20.43
CA GLY C 338 18.53 -12.60 -21.16
C GLY C 338 17.46 -12.98 -20.10
N ASN C 339 16.56 -13.89 -20.49
CA ASN C 339 15.46 -14.29 -19.59
C ASN C 339 15.89 -15.31 -18.57
N PHE C 340 15.92 -14.89 -17.32
CA PHE C 340 16.39 -15.85 -16.36
C PHE C 340 15.62 -17.13 -16.29
N LEU C 341 14.31 -17.05 -16.49
CA LEU C 341 13.51 -18.23 -16.28
C LEU C 341 13.97 -19.38 -17.20
N LYS C 342 14.62 -19.03 -18.31
CA LYS C 342 15.07 -20.08 -19.23
C LYS C 342 16.06 -21.03 -18.57
N ASN C 343 16.63 -20.62 -17.45
CA ASN C 343 17.59 -21.52 -16.85
C ASN C 343 16.90 -22.58 -15.99
N THR C 344 16.21 -23.50 -16.63
CA THR C 344 15.48 -24.56 -15.92
C THR C 344 16.26 -25.23 -14.78
N ASP C 345 17.36 -25.86 -15.14
CA ASP C 345 18.20 -26.63 -14.27
C ASP C 345 18.46 -26.05 -12.89
N VAL C 346 18.81 -24.78 -12.86
CA VAL C 346 19.13 -24.14 -11.59
C VAL C 346 17.84 -23.84 -10.79
N LEU C 347 16.77 -23.53 -11.53
CA LEU C 347 15.51 -23.22 -10.89
C LEU C 347 14.86 -24.39 -10.17
N LYS C 348 15.27 -25.60 -10.53
CA LYS C 348 14.83 -26.85 -9.90
C LYS C 348 14.99 -26.60 -8.38
N TYR C 349 16.03 -25.86 -8.03
CA TYR C 349 16.35 -25.61 -6.64
C TYR C 349 15.65 -24.51 -5.93
N PHE C 350 15.01 -23.62 -6.68
CA PHE C 350 14.31 -22.55 -6.02
C PHE C 350 12.89 -22.93 -5.59
N ASP C 351 12.27 -22.12 -4.74
CA ASP C 351 10.87 -22.30 -4.41
C ASP C 351 10.36 -21.05 -5.07
N TYR C 352 9.87 -21.18 -6.28
CA TYR C 352 9.47 -20.02 -7.03
C TYR C 352 8.16 -20.13 -7.72
N THR C 353 7.63 -18.95 -7.96
CA THR C 353 6.41 -18.76 -8.69
C THR C 353 6.65 -17.60 -9.66
N VAL C 354 5.85 -17.56 -10.70
CA VAL C 354 6.01 -16.51 -11.67
C VAL C 354 4.69 -15.82 -11.78
N HIS C 355 4.70 -14.51 -11.61
CA HIS C 355 3.46 -13.79 -11.71
C HIS C 355 3.04 -13.61 -13.19
N ASN C 356 1.79 -13.96 -13.46
CA ASN C 356 1.18 -13.90 -14.80
C ASN C 356 2.04 -14.52 -15.89
N ASN C 357 2.79 -13.70 -16.59
CA ASN C 357 3.65 -14.30 -17.59
C ASN C 357 4.84 -13.41 -17.67
N VAL C 358 5.79 -13.84 -18.50
CA VAL C 358 6.99 -13.06 -18.72
C VAL C 358 7.24 -12.85 -20.22
N ASP C 359 6.17 -12.66 -20.97
CA ASP C 359 6.40 -12.47 -22.39
C ASP C 359 7.45 -11.46 -22.68
N ASN C 360 7.50 -10.41 -21.89
CA ASN C 360 8.46 -9.36 -22.18
C ASN C 360 9.89 -9.79 -22.11
N ALA C 361 10.26 -10.48 -21.04
CA ALA C 361 11.62 -10.99 -20.88
C ALA C 361 11.89 -12.00 -21.97
N GLU C 362 10.90 -12.85 -22.23
CA GLU C 362 11.01 -13.85 -23.29
C GLU C 362 11.34 -13.15 -24.62
N TYR C 363 10.78 -11.98 -24.85
CA TYR C 363 10.98 -11.29 -26.11
C TYR C 363 12.38 -10.82 -26.30
N LEU C 364 12.84 -10.22 -25.23
CA LEU C 364 14.20 -9.73 -25.17
C LEU C 364 15.15 -10.91 -25.29
N ASP C 365 14.78 -12.04 -24.68
CA ASP C 365 15.69 -13.19 -24.67
C ASP C 365 16.09 -13.62 -26.08
N LYS C 366 15.17 -13.50 -27.01
CA LYS C 366 15.61 -13.90 -28.32
C LYS C 366 15.75 -12.78 -29.35
N ASN C 367 15.43 -11.55 -28.97
CA ASN C 367 15.58 -10.47 -29.95
C ASN C 367 16.45 -9.31 -29.47
N GLY C 368 16.88 -9.39 -28.22
CA GLY C 368 17.68 -8.32 -27.63
C GLY C 368 19.18 -8.50 -27.75
N LEU C 369 19.89 -7.37 -27.75
CA LEU C 369 21.34 -7.39 -27.72
C LEU C 369 21.96 -6.20 -27.02
N PHE C 370 23.20 -6.36 -26.62
CA PHE C 370 23.81 -5.26 -25.95
C PHE C 370 25.29 -5.02 -26.43
N VAL C 371 25.67 -3.75 -26.56
CA VAL C 371 27.04 -3.36 -26.86
C VAL C 371 27.36 -2.35 -25.82
N GLY C 372 28.63 -2.28 -25.53
CA GLY C 372 29.16 -1.44 -24.49
C GLY C 372 29.17 0.06 -24.64
N ASN C 373 29.25 0.69 -23.47
CA ASN C 373 29.42 2.13 -23.33
C ASN C 373 30.68 2.26 -22.47
N HIS C 374 31.52 3.24 -22.76
CA HIS C 374 32.71 3.42 -21.93
C HIS C 374 32.92 4.83 -21.38
N GLN C 375 33.90 4.93 -20.47
CA GLN C 375 34.20 6.22 -19.89
C GLN C 375 35.09 7.05 -20.83
N ILE C 376 35.23 6.60 -22.07
CA ILE C 376 36.05 7.38 -23.00
C ILE C 376 35.17 7.67 -24.19
N GLU C 377 35.39 8.84 -24.80
CA GLU C 377 34.62 9.27 -25.95
C GLU C 377 34.45 8.19 -27.04
N LEU C 378 33.22 8.01 -27.50
CA LEU C 378 32.90 6.95 -28.49
C LEU C 378 32.15 7.48 -29.70
N PHE C 379 32.33 8.78 -29.95
CA PHE C 379 31.65 9.43 -31.03
C PHE C 379 31.78 8.76 -32.39
N ASP C 380 32.95 8.19 -32.64
CA ASP C 380 33.27 7.46 -33.89
C ASP C 380 32.67 6.05 -33.97
N GLU C 381 33.10 5.23 -33.02
CA GLU C 381 32.70 3.85 -32.83
C GLU C 381 31.18 3.67 -32.98
N ILE C 382 30.43 4.66 -32.53
CA ILE C 382 28.97 4.56 -32.64
C ILE C 382 28.52 4.86 -34.06
N ASP C 383 28.97 5.99 -34.57
CA ASP C 383 28.69 6.37 -35.93
C ASP C 383 29.00 5.11 -36.77
N TYR C 384 30.06 4.43 -36.41
CA TYR C 384 30.41 3.23 -37.15
C TYR C 384 29.34 2.21 -36.87
N LEU C 385 28.91 2.17 -35.63
CA LEU C 385 27.88 1.24 -35.23
C LEU C 385 26.55 1.50 -35.93
N ARG C 386 26.22 2.77 -36.16
CA ARG C 386 24.93 3.05 -36.80
C ARG C 386 24.91 2.67 -38.27
N GLU C 387 26.09 2.63 -38.87
CA GLU C 387 26.20 2.31 -40.29
C GLU C 387 26.12 0.83 -40.49
N VAL C 388 26.71 0.08 -39.57
CA VAL C 388 26.63 -1.36 -39.74
C VAL C 388 25.18 -1.76 -39.53
N LEU C 389 24.54 -1.07 -38.60
CA LEU C 389 23.15 -1.41 -38.34
C LEU C 389 22.23 -0.61 -39.23
N LYS C 390 22.55 -0.56 -40.52
CA LYS C 390 21.71 0.17 -41.45
C LYS C 390 20.66 -0.68 -42.12
N SER D 10 54.44 -14.38 11.19
CA SER D 10 55.56 -13.67 10.56
C SER D 10 55.53 -13.70 9.03
N SER D 11 56.22 -12.72 8.43
CA SER D 11 56.29 -12.64 6.98
C SER D 11 57.13 -13.72 6.30
N THR D 12 56.44 -14.43 5.41
CA THR D 12 57.01 -15.49 4.60
C THR D 12 57.49 -15.01 3.22
N TRP D 13 57.22 -13.76 2.89
CA TRP D 13 57.56 -13.21 1.58
C TRP D 13 59.01 -12.76 1.43
N ASP D 14 59.57 -13.01 0.25
CA ASP D 14 60.83 -12.41 -0.17
C ASP D 14 60.62 -11.68 -1.51
N ASP D 15 61.66 -11.24 -2.20
CA ASP D 15 61.38 -10.50 -3.43
C ASP D 15 60.59 -11.17 -4.56
N LEU D 16 60.71 -12.48 -4.67
CA LEU D 16 60.01 -13.23 -5.71
C LEU D 16 58.55 -12.93 -5.63
N GLU D 17 58.07 -12.93 -4.39
CA GLU D 17 56.67 -12.69 -4.15
C GLU D 17 56.35 -11.30 -4.73
N TYR D 18 57.21 -10.31 -4.46
CA TYR D 18 56.98 -8.98 -5.02
C TYR D 18 57.11 -8.98 -6.54
N LYS D 19 58.11 -9.70 -7.05
CA LYS D 19 58.33 -9.86 -8.48
C LYS D 19 57.03 -10.48 -9.05
N ALA D 20 56.55 -11.50 -8.37
CA ALA D 20 55.38 -12.23 -8.77
C ALA D 20 54.25 -11.26 -9.12
N ILE D 21 54.06 -10.31 -8.21
CA ILE D 21 53.00 -9.30 -8.30
C ILE D 21 53.11 -8.45 -9.57
N GLN D 22 54.34 -8.09 -9.93
CA GLN D 22 54.63 -7.28 -11.11
C GLN D 22 54.24 -7.96 -12.40
N SER D 23 54.49 -9.25 -12.46
CA SER D 23 54.13 -9.99 -13.64
C SER D 23 52.63 -9.86 -13.88
N VAL D 24 51.88 -10.04 -12.81
CA VAL D 24 50.44 -9.95 -12.93
C VAL D 24 50.11 -8.53 -13.39
N LEU D 25 50.77 -7.57 -12.76
CA LEU D 25 50.55 -6.16 -13.04
C LEU D 25 50.86 -5.80 -14.49
N ASP D 26 51.96 -6.38 -14.98
CA ASP D 26 52.45 -6.14 -16.34
C ASP D 26 51.61 -6.74 -17.44
N SER D 27 50.91 -7.82 -17.10
CA SER D 27 50.11 -8.53 -18.09
C SER D 27 48.81 -7.77 -18.17
N LYS D 28 48.59 -6.93 -17.16
CA LYS D 28 47.36 -6.15 -17.07
C LYS D 28 46.10 -6.97 -16.77
N MET D 29 46.29 -8.25 -16.42
CA MET D 29 45.19 -9.17 -16.11
C MET D 29 45.08 -9.46 -14.61
N PHE D 30 44.06 -8.88 -13.99
CA PHE D 30 43.95 -9.05 -12.57
C PHE D 30 42.85 -10.03 -12.16
N THR D 31 42.09 -10.48 -13.14
CA THR D 31 40.99 -11.41 -12.92
C THR D 31 41.49 -12.86 -12.92
N MET D 32 40.82 -13.69 -12.12
CA MET D 32 41.14 -15.10 -12.01
C MET D 32 41.53 -15.72 -13.37
N GLY D 33 42.75 -16.19 -13.47
CA GLY D 33 43.16 -16.73 -14.74
C GLY D 33 44.36 -17.65 -14.76
N GLU D 34 45.33 -17.24 -15.57
CA GLU D 34 46.46 -18.09 -15.76
C GLU D 34 47.20 -18.48 -14.53
N TYR D 35 47.65 -17.48 -13.76
CA TYR D 35 48.45 -17.72 -12.57
C TYR D 35 47.71 -18.61 -11.63
N VAL D 36 46.39 -18.45 -11.67
CA VAL D 36 45.50 -19.21 -10.83
C VAL D 36 45.42 -20.66 -11.34
N LYS D 37 45.24 -20.83 -12.65
CA LYS D 37 45.17 -22.18 -13.15
C LYS D 37 46.49 -22.87 -12.98
N GLN D 38 47.54 -22.09 -13.14
CA GLN D 38 48.88 -22.63 -12.95
C GLN D 38 49.04 -23.04 -11.48
N TYR D 39 48.52 -22.19 -10.59
CA TYR D 39 48.63 -22.44 -9.15
C TYR D 39 47.92 -23.70 -8.65
N GLU D 40 46.76 -24.00 -9.23
CA GLU D 40 45.93 -25.15 -8.90
C GLU D 40 46.59 -26.45 -9.25
N THR D 41 47.24 -26.48 -10.40
CA THR D 41 47.95 -27.66 -10.88
C THR D 41 49.06 -28.00 -9.92
N GLN D 42 49.94 -27.04 -9.74
CA GLN D 42 51.04 -27.25 -8.80
C GLN D 42 50.48 -27.68 -7.45
N PHE D 43 49.52 -26.92 -6.95
CA PHE D 43 48.91 -27.20 -5.66
C PHE D 43 48.52 -28.66 -5.58
N ALA D 44 47.78 -29.10 -6.59
CA ALA D 44 47.39 -30.51 -6.61
C ALA D 44 48.64 -31.36 -6.56
N LYS D 45 49.51 -31.09 -7.53
CA LYS D 45 50.70 -31.89 -7.68
C LYS D 45 51.44 -31.85 -6.38
N THR D 46 51.40 -30.73 -5.75
CA THR D 46 52.15 -30.74 -4.53
C THR D 46 51.57 -31.68 -3.49
N PHE D 47 50.26 -31.75 -3.40
CA PHE D 47 49.77 -32.58 -2.32
C PHE D 47 49.28 -33.96 -2.73
N GLY D 48 49.58 -34.32 -3.97
CA GLY D 48 49.18 -35.65 -4.45
C GLY D 48 47.68 -35.82 -4.58
N SER D 49 47.00 -34.74 -4.90
CA SER D 49 45.57 -34.85 -5.10
C SER D 49 45.36 -34.83 -6.62
N LYS D 50 44.28 -35.42 -7.09
CA LYS D 50 43.98 -35.40 -8.52
C LYS D 50 43.56 -33.99 -8.97
N TYR D 51 42.79 -33.28 -8.14
CA TYR D 51 42.29 -31.92 -8.48
C TYR D 51 42.33 -30.86 -7.37
N ALA D 52 42.45 -29.59 -7.74
CA ALA D 52 42.45 -28.53 -6.74
C ALA D 52 41.69 -27.36 -7.32
N VAL D 53 40.90 -26.73 -6.47
CA VAL D 53 40.19 -25.55 -6.88
C VAL D 53 40.60 -24.45 -5.92
N MET D 54 40.88 -23.28 -6.47
CA MET D 54 41.29 -22.14 -5.66
C MET D 54 40.08 -21.23 -5.48
N VAL D 55 40.02 -20.55 -4.34
CA VAL D 55 38.89 -19.69 -3.99
C VAL D 55 39.40 -18.51 -3.08
N SER D 56 38.49 -17.62 -2.70
CA SER D 56 38.79 -16.43 -1.87
C SER D 56 39.43 -16.60 -0.46
N SER D 57 39.07 -17.65 0.26
CA SER D 57 39.63 -17.82 1.58
C SER D 57 39.40 -19.27 1.94
N GLY D 58 40.02 -19.69 3.03
CA GLY D 58 39.91 -21.02 3.58
C GLY D 58 38.46 -21.21 3.97
N SER D 59 37.82 -20.09 4.28
CA SER D 59 36.42 -20.12 4.66
C SER D 59 35.47 -20.37 3.48
N THR D 60 35.79 -19.77 2.34
CA THR D 60 34.94 -19.88 1.16
C THR D 60 35.20 -21.26 0.67
N ALA D 61 36.38 -21.77 1.01
CA ALA D 61 36.71 -23.18 0.69
C ALA D 61 35.79 -24.17 1.49
N ASN D 62 35.63 -23.99 2.80
CA ASN D 62 34.74 -24.83 3.59
C ASN D 62 33.30 -24.70 3.05
N LEU D 63 32.83 -23.46 2.83
CA LEU D 63 31.48 -23.23 2.33
C LEU D 63 31.26 -24.11 1.12
N LEU D 64 32.20 -24.01 0.19
CA LEU D 64 32.08 -24.77 -1.06
C LEU D 64 32.16 -26.29 -0.84
N MET D 65 32.99 -26.73 0.10
CA MET D 65 33.08 -28.17 0.33
C MET D 65 31.68 -28.77 0.63
N ILE D 66 30.93 -28.19 1.56
CA ILE D 66 29.60 -28.64 1.97
C ILE D 66 28.50 -28.51 0.88
N ALA D 67 28.55 -27.40 0.18
CA ALA D 67 27.58 -27.05 -0.85
C ALA D 67 27.64 -27.99 -2.04
N ALA D 68 28.86 -28.38 -2.38
CA ALA D 68 29.06 -29.28 -3.49
C ALA D 68 28.23 -30.53 -3.29
N LEU D 69 28.33 -31.03 -2.08
CA LEU D 69 27.66 -32.22 -1.63
C LEU D 69 26.16 -32.31 -1.82
N PHE D 70 25.50 -31.16 -1.98
CA PHE D 70 24.04 -31.12 -2.19
C PHE D 70 23.69 -31.24 -3.67
N PHE D 71 24.64 -30.88 -4.50
CA PHE D 71 24.45 -30.82 -5.93
C PHE D 71 24.95 -32.03 -6.77
N THR D 72 25.34 -33.13 -6.13
CA THR D 72 25.81 -34.31 -6.83
C THR D 72 24.58 -34.87 -7.55
N LYS D 73 24.73 -35.46 -8.74
CA LYS D 73 23.59 -35.98 -9.52
C LYS D 73 22.77 -36.81 -8.58
N LYS D 74 23.45 -37.52 -7.68
CA LYS D 74 22.82 -38.29 -6.62
C LYS D 74 23.32 -37.50 -5.43
N PRO D 75 22.51 -36.64 -4.81
CA PRO D 75 23.01 -35.76 -3.73
C PRO D 75 23.60 -36.47 -2.53
N ARG D 76 24.89 -36.27 -2.25
CA ARG D 76 25.48 -36.95 -1.12
C ARG D 76 24.83 -36.51 0.18
N LEU D 77 24.13 -35.37 0.18
CA LEU D 77 23.55 -34.89 1.42
C LEU D 77 22.31 -34.11 1.28
N LYS D 78 21.56 -34.06 2.37
CA LYS D 78 20.35 -33.27 2.38
C LYS D 78 20.20 -32.64 3.72
N LYS D 79 19.30 -31.68 3.70
CA LYS D 79 18.95 -30.96 4.90
C LYS D 79 18.49 -31.98 5.95
N GLY D 80 18.94 -31.79 7.18
CA GLY D 80 18.52 -32.68 8.25
C GLY D 80 19.59 -33.72 8.47
N ASP D 81 20.34 -33.99 7.41
CA ASP D 81 21.42 -34.94 7.57
C ASP D 81 22.34 -34.65 8.75
N GLU D 82 22.78 -35.74 9.38
CA GLU D 82 23.74 -35.62 10.48
C GLU D 82 25.22 -35.70 10.14
N ILE D 83 26.00 -34.84 10.78
CA ILE D 83 27.42 -34.79 10.50
C ILE D 83 28.14 -34.40 11.77
N ILE D 84 29.22 -35.13 12.00
CA ILE D 84 30.03 -34.97 13.18
C ILE D 84 31.21 -34.02 13.03
N VAL D 85 31.45 -33.24 14.09
CA VAL D 85 32.52 -32.26 14.16
C VAL D 85 33.07 -32.28 15.60
N PRO D 86 34.36 -31.96 15.76
CA PRO D 86 35.01 -31.95 17.07
C PRO D 86 34.67 -30.59 17.69
N ALA D 87 34.70 -30.46 19.01
CA ALA D 87 34.34 -29.18 19.65
C ALA D 87 35.27 -27.98 19.55
N VAL D 88 36.47 -28.23 19.04
CA VAL D 88 37.46 -27.16 18.92
C VAL D 88 37.94 -26.93 17.47
N SER D 89 37.64 -25.75 16.93
CA SER D 89 38.11 -25.39 15.59
C SER D 89 37.81 -23.94 15.37
N TRP D 90 38.21 -23.43 14.20
CA TRP D 90 37.94 -22.05 13.81
C TRP D 90 36.43 -21.89 13.57
N SER D 91 35.93 -20.68 13.62
CA SER D 91 34.51 -20.55 13.50
C SER D 91 33.89 -20.98 12.17
N THR D 92 34.60 -20.74 11.07
CA THR D 92 34.02 -21.03 9.78
C THR D 92 34.07 -22.48 9.41
N THR D 93 34.38 -23.34 10.37
CA THR D 93 34.31 -24.75 10.09
C THR D 93 32.81 -25.08 10.26
N TYR D 94 32.18 -24.39 11.19
CA TYR D 94 30.79 -24.66 11.56
C TYR D 94 29.63 -24.00 10.83
N TYR D 95 29.82 -22.77 10.39
CA TYR D 95 28.75 -22.04 9.73
C TYR D 95 28.07 -22.71 8.54
N PRO D 96 28.86 -23.19 7.57
CA PRO D 96 28.31 -23.81 6.37
C PRO D 96 27.47 -24.99 6.78
N LEU D 97 27.89 -25.65 7.85
CA LEU D 97 27.11 -26.75 8.37
C LEU D 97 25.75 -26.11 8.65
N GLN D 98 25.83 -24.99 9.34
CA GLN D 98 24.59 -24.33 9.70
C GLN D 98 23.83 -23.83 8.46
N GLN D 99 24.49 -22.99 7.69
CA GLN D 99 23.83 -22.48 6.51
C GLN D 99 23.25 -23.56 5.58
N TYR D 100 23.71 -24.80 5.65
CA TYR D 100 23.19 -25.84 4.74
C TYR D 100 22.09 -26.69 5.29
N GLY D 101 21.65 -26.36 6.49
CA GLY D 101 20.56 -27.12 7.09
C GLY D 101 20.93 -28.53 7.53
N LEU D 102 22.17 -28.67 7.99
CA LEU D 102 22.60 -29.97 8.47
C LEU D 102 22.48 -30.11 9.97
N ARG D 103 22.33 -31.36 10.42
CA ARG D 103 22.29 -31.66 11.84
C ARG D 103 23.76 -31.91 12.28
N VAL D 104 24.19 -31.20 13.32
CA VAL D 104 25.55 -31.29 13.82
C VAL D 104 25.64 -32.02 15.17
N LYS D 105 26.54 -33.01 15.21
CA LYS D 105 26.84 -33.76 16.42
C LYS D 105 28.22 -33.36 16.92
N PHE D 106 28.25 -32.56 17.98
CA PHE D 106 29.54 -32.14 18.49
C PHE D 106 30.08 -33.31 19.28
N VAL D 107 31.33 -33.58 19.04
CA VAL D 107 32.03 -34.62 19.73
C VAL D 107 33.28 -33.94 20.35
N ASP D 108 33.60 -34.28 21.60
CA ASP D 108 34.75 -33.76 22.37
C ASP D 108 36.19 -34.12 21.89
N ILE D 109 37.16 -33.25 22.14
CA ILE D 109 38.48 -33.58 21.62
C ILE D 109 39.26 -34.55 22.49
N ASP D 110 40.45 -34.92 22.03
CA ASP D 110 41.33 -35.78 22.81
C ASP D 110 42.33 -34.73 23.37
N ILE D 111 42.34 -34.61 24.70
CA ILE D 111 43.16 -33.61 25.36
C ILE D 111 44.64 -33.61 25.02
N ASN D 112 45.19 -34.74 24.62
CA ASN D 112 46.60 -34.73 24.29
C ASN D 112 46.79 -34.32 22.85
N THR D 113 46.04 -34.94 21.98
CA THR D 113 46.28 -34.65 20.58
C THR D 113 45.65 -33.40 19.98
N LEU D 114 44.57 -32.96 20.64
CA LEU D 114 43.76 -31.82 20.19
C LEU D 114 42.82 -32.16 19.05
N ASN D 115 42.93 -33.38 18.56
CA ASN D 115 42.02 -33.79 17.53
C ASN D 115 40.83 -34.52 18.17
N ILE D 116 39.78 -34.69 17.37
CA ILE D 116 38.57 -35.36 17.84
C ILE D 116 38.90 -36.61 18.69
N ASP D 117 38.20 -36.78 19.80
CA ASP D 117 38.46 -37.96 20.56
C ASP D 117 37.93 -39.18 19.81
N ILE D 118 38.81 -40.12 19.60
CA ILE D 118 38.54 -41.34 18.84
C ILE D 118 37.61 -42.28 19.58
N GLU D 119 37.85 -42.40 20.88
CA GLU D 119 36.99 -43.31 21.60
C GLU D 119 35.60 -42.74 21.60
N SER D 120 35.42 -41.44 21.88
CA SER D 120 34.05 -40.94 21.85
C SER D 120 33.44 -41.09 20.47
N LEU D 121 34.25 -40.88 19.43
CA LEU D 121 33.78 -40.96 18.05
C LEU D 121 33.17 -42.25 17.63
N LYS D 122 33.88 -43.32 17.91
CA LYS D 122 33.39 -44.61 17.46
C LYS D 122 32.04 -44.90 18.07
N GLU D 123 31.71 -44.10 19.08
CA GLU D 123 30.47 -44.24 19.85
C GLU D 123 29.43 -43.23 19.46
N ALA D 124 29.90 -42.16 18.85
CA ALA D 124 29.02 -41.06 18.46
C ALA D 124 28.39 -41.34 17.09
N VAL D 125 29.06 -42.19 16.30
CA VAL D 125 28.56 -42.56 14.99
C VAL D 125 27.45 -43.63 15.09
N THR D 126 26.35 -43.28 14.50
CA THR D 126 25.14 -44.08 14.58
C THR D 126 24.65 -44.17 13.17
N ASP D 127 23.46 -44.72 12.98
CA ASP D 127 22.91 -44.98 11.65
C ASP D 127 22.45 -43.71 10.99
N SER D 128 22.35 -42.65 11.78
CA SER D 128 21.96 -41.35 11.23
C SER D 128 23.16 -40.58 10.66
N THR D 129 24.35 -41.00 11.03
CA THR D 129 25.54 -40.28 10.62
C THR D 129 25.85 -40.39 9.13
N LYS D 130 25.93 -39.22 8.47
CA LYS D 130 26.17 -39.12 7.01
C LYS D 130 27.55 -38.69 6.64
N ALA D 131 28.21 -37.96 7.55
CA ALA D 131 29.55 -37.42 7.30
C ALA D 131 30.26 -37.11 8.61
N ILE D 132 31.58 -37.17 8.54
CA ILE D 132 32.46 -36.80 9.65
C ILE D 132 33.42 -35.75 9.10
N LEU D 133 33.25 -34.55 9.65
CA LEU D 133 34.05 -33.40 9.31
C LEU D 133 35.17 -33.33 10.34
N THR D 134 36.35 -33.76 9.92
CA THR D 134 37.51 -33.78 10.80
C THR D 134 38.36 -32.55 10.59
N VAL D 135 39.10 -32.18 11.64
CA VAL D 135 39.97 -31.01 11.60
C VAL D 135 41.37 -31.32 12.13
N ASN D 136 42.38 -31.16 11.28
CA ASN D 136 43.78 -31.40 11.69
C ASN D 136 44.24 -30.15 12.46
N LEU D 137 44.35 -30.30 13.78
CA LEU D 137 44.63 -29.14 14.62
C LEU D 137 46.05 -28.72 14.91
N LEU D 138 46.34 -27.44 14.71
CA LEU D 138 47.67 -26.86 14.95
C LEU D 138 48.79 -27.50 14.10
N GLY D 139 48.43 -28.15 13.00
CA GLY D 139 49.44 -28.79 12.17
C GLY D 139 49.47 -30.31 12.34
N ASN D 140 48.79 -30.79 13.38
CA ASN D 140 48.75 -32.20 13.77
C ASN D 140 47.60 -33.05 13.16
N PRO D 141 47.94 -34.02 12.33
CA PRO D 141 46.88 -34.86 11.75
C PRO D 141 46.10 -35.86 12.65
N ASN D 142 44.89 -36.15 12.23
CA ASN D 142 44.07 -37.11 12.98
C ASN D 142 44.64 -38.44 12.60
N ASN D 143 44.32 -39.46 13.40
CA ASN D 143 44.79 -40.79 13.00
C ASN D 143 43.64 -41.22 12.11
N PHE D 144 43.82 -41.06 10.82
CA PHE D 144 42.76 -41.51 9.92
C PHE D 144 42.67 -43.03 9.77
N ASP D 145 43.76 -43.70 10.10
CA ASP D 145 43.75 -45.14 10.03
C ASP D 145 42.69 -45.61 11.01
N GLU D 146 42.64 -44.91 12.14
CA GLU D 146 41.70 -45.29 13.18
C GLU D 146 40.31 -44.89 12.84
N ILE D 147 40.17 -43.72 12.21
CA ILE D 147 38.85 -43.15 11.82
C ILE D 147 38.18 -44.00 10.72
N ASN D 148 38.99 -44.45 9.79
CA ASN D 148 38.48 -45.26 8.72
C ASN D 148 38.04 -46.60 9.25
N LYS D 149 38.71 -47.02 10.32
CA LYS D 149 38.34 -48.31 10.92
C LYS D 149 36.94 -48.14 11.49
N ILE D 150 36.73 -47.00 12.16
CA ILE D 150 35.39 -46.71 12.68
C ILE D 150 34.33 -46.79 11.55
N ILE D 151 34.50 -46.04 10.47
CA ILE D 151 33.51 -46.07 9.39
C ILE D 151 33.22 -47.45 8.87
N GLY D 152 34.28 -48.24 8.73
CA GLY D 152 34.22 -49.63 8.29
C GLY D 152 33.24 -49.99 7.18
N GLY D 153 33.47 -49.44 6.00
CA GLY D 153 32.69 -49.75 4.83
C GLY D 153 31.38 -49.05 4.68
N ARG D 154 30.96 -48.35 5.73
CA ARG D 154 29.67 -47.69 5.63
C ARG D 154 29.66 -46.52 4.66
N ASP D 155 28.46 -46.07 4.30
CA ASP D 155 28.33 -44.93 3.41
C ASP D 155 28.36 -43.64 4.24
N ILE D 156 29.47 -43.43 4.94
CA ILE D 156 29.64 -42.25 5.78
C ILE D 156 30.72 -41.46 5.10
N ILE D 157 30.46 -40.21 4.77
CA ILE D 157 31.46 -39.39 4.13
C ILE D 157 32.43 -38.75 5.13
N LEU D 158 33.71 -38.83 4.79
CA LEU D 158 34.80 -38.25 5.55
C LEU D 158 35.31 -36.96 4.89
N LEU D 159 35.66 -35.98 5.71
CA LEU D 159 36.09 -34.69 5.18
C LEU D 159 37.09 -34.05 6.06
N GLU D 160 37.88 -33.16 5.47
CA GLU D 160 38.82 -32.41 6.27
C GLU D 160 38.83 -30.87 6.15
N ASP D 161 39.09 -30.17 7.24
CA ASP D 161 39.28 -28.73 7.19
C ASP D 161 40.77 -28.70 7.53
N ASN D 162 41.58 -28.63 6.49
CA ASN D 162 43.00 -28.69 6.69
C ASN D 162 43.62 -27.32 6.73
N CYS D 163 42.89 -26.30 7.17
CA CYS D 163 43.54 -25.00 7.14
C CYS D 163 44.67 -24.72 8.09
N GLU D 164 44.92 -25.60 9.06
CA GLU D 164 46.00 -25.29 10.02
C GLU D 164 47.20 -26.20 9.87
N SER D 165 47.01 -27.23 9.06
CA SER D 165 48.05 -28.20 8.95
C SER D 165 48.53 -28.43 7.53
N MET D 166 48.65 -27.37 6.74
CA MET D 166 49.15 -27.54 5.38
C MET D 166 50.53 -28.23 5.48
N GLY D 167 50.77 -29.31 4.75
CA GLY D 167 52.10 -29.93 4.82
C GLY D 167 52.31 -31.04 5.85
N ALA D 168 51.36 -31.22 6.75
CA ALA D 168 51.44 -32.30 7.74
C ALA D 168 51.14 -33.57 6.96
N THR D 169 51.59 -34.72 7.46
CA THR D 169 51.34 -36.01 6.80
C THR D 169 51.10 -37.14 7.79
N PHE D 170 50.58 -38.21 7.26
CA PHE D 170 50.31 -39.41 8.04
C PHE D 170 50.43 -40.54 7.06
N ASN D 171 51.27 -41.53 7.37
CA ASN D 171 51.41 -42.68 6.49
C ASN D 171 52.01 -42.21 5.18
N ASN D 172 52.86 -41.20 5.34
CA ASN D 172 53.56 -40.62 4.22
C ASN D 172 52.52 -40.23 3.21
N LYS D 173 51.38 -39.81 3.76
CA LYS D 173 50.27 -39.40 2.95
C LYS D 173 49.79 -38.06 3.48
N CYS D 174 49.70 -37.11 2.55
CA CYS D 174 49.31 -35.75 2.86
C CYS D 174 47.98 -35.56 3.55
N ALA D 175 47.98 -34.75 4.60
CA ALA D 175 46.75 -34.41 5.30
C ALA D 175 45.99 -33.58 4.29
N GLY D 176 44.68 -33.54 4.43
CA GLY D 176 43.90 -32.81 3.47
C GLY D 176 43.55 -33.79 2.34
N THR D 177 44.36 -34.81 2.12
CA THR D 177 44.02 -35.74 1.03
C THR D 177 43.25 -36.98 1.41
N PHE D 178 43.06 -37.19 2.71
CA PHE D 178 42.24 -38.30 3.16
C PHE D 178 40.72 -38.27 2.86
N GLY D 179 40.04 -37.12 3.00
CA GLY D 179 38.58 -37.10 2.77
C GLY D 179 38.17 -36.93 1.31
N LEU D 180 36.87 -36.98 1.07
CA LEU D 180 36.38 -36.81 -0.31
C LEU D 180 36.87 -35.42 -0.77
N MET D 181 37.20 -34.58 0.20
CA MET D 181 37.60 -33.21 -0.04
C MET D 181 38.35 -32.79 1.17
N GLY D 182 39.25 -31.84 0.93
CA GLY D 182 40.09 -31.26 1.96
C GLY D 182 40.21 -29.77 1.67
N THR D 183 40.19 -28.97 2.71
CA THR D 183 40.32 -27.54 2.54
C THR D 183 41.62 -27.04 3.12
N PHE D 184 42.18 -26.04 2.46
CA PHE D 184 43.43 -25.42 2.83
C PHE D 184 43.28 -23.92 2.86
N SER D 185 44.16 -23.25 3.58
CA SER D 185 44.10 -21.80 3.53
C SER D 185 45.46 -21.13 3.49
N SER D 186 45.55 -20.01 2.78
CA SER D 186 46.78 -19.22 2.68
C SER D 186 46.56 -17.73 2.95
N PHE D 187 45.97 -17.49 4.11
CA PHE D 187 45.67 -16.16 4.65
C PHE D 187 46.96 -15.79 5.41
N TYR D 188 47.26 -14.51 5.46
CA TYR D 188 48.43 -13.99 6.15
C TYR D 188 49.19 -14.83 7.20
N ASN D 189 48.48 -15.25 8.24
CA ASN D 189 49.06 -15.94 9.40
C ASN D 189 49.26 -17.45 9.30
N1 LLP D 190 39.22 -23.34 9.25
C2 LLP D 190 40.30 -23.40 9.96
C2' LLP D 190 40.56 -24.65 10.77
C3 LLP D 190 41.24 -22.37 9.97
O3 LLP D 190 42.39 -22.42 10.71
C4 LLP D 190 41.00 -21.22 9.20
C4' LLP D 190 41.99 -20.13 9.18
C5 LLP D 190 39.79 -21.19 8.45
C6 LLP D 190 38.95 -22.27 8.51
C5' LLP D 190 39.40 -20.00 7.62
OP4 LLP D 190 40.28 -19.88 6.50
P LLP D 190 40.35 -18.36 6.07
OP1 LLP D 190 41.53 -18.17 4.94
OP2 LLP D 190 38.92 -17.89 5.47
OP3 LLP D 190 40.70 -17.47 7.35
N LLP D 190 48.83 -18.05 8.19
CA LLP D 190 48.97 -19.49 8.02
CB LLP D 190 47.80 -20.16 7.29
CG LLP D 190 46.42 -19.54 7.52
CD LLP D 190 45.60 -20.32 8.54
CE LLP D 190 44.37 -19.53 9.01
NZ LLP D 190 43.22 -20.48 9.09
C LLP D 190 50.33 -19.89 7.46
O LLP D 190 51.25 -19.08 7.40
N HIS D 191 50.44 -21.15 7.05
CA HIS D 191 51.67 -21.71 6.53
C HIS D 191 52.28 -21.03 5.33
N ILE D 192 51.40 -20.59 4.43
CA ILE D 192 51.82 -19.83 3.27
C ILE D 192 50.79 -18.73 3.19
N ALA D 193 51.20 -17.64 2.58
CA ALA D 193 50.32 -16.48 2.50
C ALA D 193 50.16 -15.89 1.08
N THR D 194 48.91 -15.69 0.65
CA THR D 194 48.64 -15.09 -0.65
C THR D 194 47.70 -13.93 -0.37
N MET D 195 47.97 -13.27 0.77
CA MET D 195 47.15 -12.17 1.28
C MET D 195 45.82 -12.68 1.87
N GLU D 196 45.03 -13.39 1.07
CA GLU D 196 43.77 -14.04 1.49
C GLU D 196 43.60 -15.07 0.40
N GLY D 197 43.23 -16.29 0.76
CA GLY D 197 43.04 -17.31 -0.26
C GLY D 197 42.79 -18.67 0.35
N GLY D 198 42.23 -19.56 -0.46
CA GLY D 198 41.93 -20.91 0.01
C GLY D 198 41.91 -21.91 -1.12
N CYS D 199 41.98 -23.18 -0.76
CA CYS D 199 41.91 -24.20 -1.77
CA CYS D 199 41.98 -24.24 -1.76
C CYS D 199 41.24 -25.45 -1.25
N ILE D 200 40.57 -26.15 -2.18
CA ILE D 200 39.91 -27.42 -1.90
C ILE D 200 40.51 -28.41 -2.90
N VAL D 201 41.04 -29.52 -2.40
CA VAL D 201 41.56 -30.51 -3.33
C VAL D 201 40.59 -31.69 -3.27
N THR D 202 40.43 -32.38 -4.39
CA THR D 202 39.60 -33.59 -4.48
C THR D 202 40.04 -34.47 -5.64
N ASP D 203 39.80 -35.77 -5.48
CA ASP D 203 40.04 -36.76 -6.54
C ASP D 203 38.69 -37.04 -7.27
N ASP D 204 37.61 -36.35 -6.84
CA ASP D 204 36.33 -36.58 -7.49
C ASP D 204 36.09 -35.56 -8.60
N GLU D 205 36.03 -36.10 -9.81
CA GLU D 205 35.87 -35.30 -11.03
C GLU D 205 34.50 -34.67 -11.09
N GLU D 206 33.49 -35.39 -10.58
CA GLU D 206 32.14 -34.81 -10.62
C GLU D 206 32.18 -33.62 -9.69
N ILE D 207 32.54 -33.90 -8.43
CA ILE D 207 32.67 -32.87 -7.40
C ILE D 207 33.47 -31.67 -7.96
N TYR D 208 34.58 -32.01 -8.62
CA TYR D 208 35.50 -31.04 -9.20
C TYR D 208 34.82 -30.10 -10.18
N HIS D 209 33.97 -30.65 -11.04
CA HIS D 209 33.21 -29.80 -11.98
C HIS D 209 32.21 -28.93 -11.23
N ILE D 210 31.62 -29.52 -10.18
CA ILE D 210 30.60 -28.83 -9.42
C ILE D 210 31.24 -27.64 -8.77
N LEU D 211 32.44 -27.88 -8.28
CA LEU D 211 33.16 -26.79 -7.62
C LEU D 211 33.52 -25.73 -8.63
N LEU D 212 34.07 -26.18 -9.74
CA LEU D 212 34.46 -25.27 -10.78
C LEU D 212 33.27 -24.39 -11.05
N CYS D 213 32.13 -25.06 -11.15
CA CYS D 213 30.90 -24.40 -11.46
C CYS D 213 30.37 -23.45 -10.37
N ILE D 214 30.41 -23.82 -9.09
CA ILE D 214 29.85 -22.96 -8.05
C ILE D 214 30.79 -21.91 -7.47
N ARG D 215 32.04 -21.97 -7.87
CA ARG D 215 32.98 -20.95 -7.38
C ARG D 215 32.66 -19.66 -8.10
N ALA D 216 32.13 -19.80 -9.33
CA ALA D 216 31.86 -18.65 -10.18
C ALA D 216 30.49 -18.59 -10.80
N HIS D 217 29.59 -17.95 -10.07
CA HIS D 217 28.26 -17.67 -10.57
C HIS D 217 27.36 -18.78 -11.08
N GLY D 218 27.77 -20.04 -10.90
CA GLY D 218 27.00 -21.17 -11.40
C GLY D 218 26.97 -21.22 -12.93
N TRP D 219 27.89 -20.53 -13.61
CA TRP D 219 27.96 -20.55 -15.09
C TRP D 219 28.76 -21.78 -15.60
N THR D 220 28.82 -22.00 -16.92
CA THR D 220 29.54 -23.20 -17.45
C THR D 220 30.84 -22.86 -18.11
N ARG D 221 31.27 -21.60 -17.97
CA ARG D 221 32.46 -21.09 -18.64
C ARG D 221 33.75 -21.85 -18.35
N ASN D 222 34.01 -22.13 -17.07
CA ASN D 222 35.18 -22.91 -16.70
C ASN D 222 34.92 -24.42 -16.74
N LEU D 223 33.84 -24.81 -17.42
CA LEU D 223 33.52 -26.22 -17.57
C LEU D 223 34.12 -26.68 -18.89
N PRO D 224 34.56 -27.93 -18.93
CA PRO D 224 35.09 -28.49 -20.17
C PRO D 224 33.92 -28.87 -21.06
N LYS D 225 34.19 -28.96 -22.35
CA LYS D 225 33.18 -29.30 -23.34
C LYS D 225 32.25 -30.40 -22.83
N LYS D 226 32.83 -31.55 -22.47
CA LYS D 226 32.07 -32.68 -21.93
C LYS D 226 32.33 -32.61 -20.43
N ASN D 227 31.28 -32.48 -19.61
CA ASN D 227 31.44 -32.36 -18.16
C ASN D 227 30.44 -33.15 -17.28
N LYS D 228 30.76 -33.33 -16.00
CA LYS D 228 29.91 -34.10 -15.10
C LYS D 228 28.66 -33.33 -14.73
N VAL D 229 28.65 -32.04 -15.01
CA VAL D 229 27.44 -31.27 -14.64
C VAL D 229 26.36 -31.11 -15.74
N THR D 230 26.76 -30.75 -16.96
CA THR D 230 25.80 -30.51 -18.05
C THR D 230 25.90 -31.61 -19.07
N GLY D 231 27.10 -32.21 -19.07
CA GLY D 231 27.49 -33.24 -20.02
C GLY D 231 28.14 -32.50 -21.22
N VAL D 232 27.38 -32.21 -22.26
CA VAL D 232 27.97 -31.53 -23.40
C VAL D 232 27.41 -30.14 -23.75
N LYS D 233 28.21 -29.12 -23.46
CA LYS D 233 27.89 -27.73 -23.70
C LYS D 233 27.72 -27.44 -25.17
N SER D 234 26.90 -26.46 -25.48
CA SER D 234 26.64 -26.11 -26.85
C SER D 234 27.85 -25.38 -27.29
N ASP D 235 27.85 -25.01 -28.56
CA ASP D 235 28.96 -24.29 -29.17
C ASP D 235 28.54 -22.86 -29.50
N ASP D 236 27.29 -22.53 -29.15
CA ASP D 236 26.71 -21.20 -29.38
C ASP D 236 27.10 -20.26 -28.19
N GLN D 237 28.29 -19.69 -28.27
CA GLN D 237 28.75 -18.82 -27.19
C GLN D 237 27.67 -17.88 -26.72
N PHE D 238 26.91 -17.39 -27.68
CA PHE D 238 25.90 -16.43 -27.29
C PHE D 238 25.06 -17.01 -26.20
N GLU D 239 24.70 -18.25 -26.44
CA GLU D 239 23.90 -19.04 -25.53
C GLU D 239 24.71 -19.59 -24.36
N GLU D 240 25.62 -20.52 -24.62
CA GLU D 240 26.36 -21.17 -23.53
C GLU D 240 27.07 -20.25 -22.51
N SER D 241 27.43 -19.06 -22.91
CA SER D 241 28.22 -18.26 -21.98
C SER D 241 27.40 -17.58 -20.93
N PHE D 242 26.10 -17.77 -21.02
CA PHE D 242 25.13 -17.16 -20.13
C PHE D 242 24.06 -18.16 -19.81
N LYS D 243 24.50 -19.26 -19.22
CA LYS D 243 23.63 -20.32 -18.82
C LYS D 243 23.99 -20.65 -17.38
N PHE D 244 22.96 -20.64 -16.53
CA PHE D 244 23.12 -20.95 -15.14
C PHE D 244 22.53 -22.28 -14.74
N VAL D 245 23.43 -23.10 -14.20
CA VAL D 245 23.08 -24.46 -13.84
C VAL D 245 23.09 -24.80 -12.36
N LEU D 246 23.77 -24.03 -11.52
CA LEU D 246 23.75 -24.32 -10.04
C LEU D 246 23.62 -23.08 -9.17
N PRO D 247 23.18 -23.24 -7.93
CA PRO D 247 23.03 -22.05 -7.09
C PRO D 247 24.36 -21.72 -6.43
N GLY D 248 25.24 -21.10 -7.22
CA GLY D 248 26.59 -20.75 -6.81
C GLY D 248 26.90 -19.44 -6.09
N TYR D 249 28.14 -19.04 -6.24
CA TYR D 249 28.59 -17.82 -5.58
C TYR D 249 29.62 -17.18 -6.46
N ASN D 250 30.27 -16.16 -5.91
CA ASN D 250 31.37 -15.52 -6.63
C ASN D 250 32.41 -15.52 -5.54
N VAL D 251 33.26 -16.53 -5.58
CA VAL D 251 34.32 -16.61 -4.61
C VAL D 251 35.61 -16.85 -5.36
N ARG D 252 35.73 -16.24 -6.54
CA ARG D 252 36.93 -16.38 -7.37
C ARG D 252 38.12 -15.77 -6.63
N PRO D 253 39.28 -16.41 -6.69
CA PRO D 253 40.45 -15.84 -6.06
C PRO D 253 41.00 -14.75 -6.99
N LEU D 254 42.00 -13.99 -6.54
CA LEU D 254 42.59 -12.95 -7.40
C LEU D 254 43.78 -13.48 -8.16
N GLU D 255 43.95 -13.07 -9.40
CA GLU D 255 45.11 -13.59 -10.12
C GLU D 255 46.42 -13.45 -9.33
N MET D 256 46.55 -12.34 -8.60
CA MET D 256 47.77 -12.08 -7.84
C MET D 256 47.96 -13.22 -6.84
N SER D 257 46.92 -13.46 -6.04
CA SER D 257 46.92 -14.51 -5.05
C SER D 257 47.46 -15.78 -5.64
N GLY D 258 47.05 -16.04 -6.88
CA GLY D 258 47.45 -17.26 -7.57
C GLY D 258 48.93 -17.22 -7.83
N ALA D 259 49.39 -16.09 -8.37
CA ALA D 259 50.78 -15.91 -8.71
C ALA D 259 51.71 -15.96 -7.47
N ILE D 260 51.25 -15.32 -6.38
CA ILE D 260 51.97 -15.31 -5.11
C ILE D 260 52.08 -16.75 -4.55
N GLY D 261 51.01 -17.54 -4.68
CA GLY D 261 51.01 -18.94 -4.22
C GLY D 261 52.08 -19.77 -4.96
N ILE D 262 52.18 -19.63 -6.27
CA ILE D 262 53.23 -20.40 -6.91
C ILE D 262 54.52 -20.21 -6.09
N GLU D 263 55.01 -18.98 -5.99
CA GLU D 263 56.23 -18.71 -5.19
C GLU D 263 56.18 -19.41 -3.83
N GLN D 264 55.06 -19.30 -3.14
CA GLN D 264 54.96 -19.89 -1.81
C GLN D 264 55.15 -21.38 -1.82
N LEU D 265 54.43 -22.02 -2.72
CA LEU D 265 54.49 -23.46 -2.80
C LEU D 265 55.95 -23.86 -2.86
N LYS D 266 56.73 -23.13 -3.66
CA LYS D 266 58.16 -23.50 -3.81
C LYS D 266 58.95 -23.53 -2.53
N LYS D 267 58.66 -22.55 -1.65
CA LYS D 267 59.36 -22.42 -0.38
C LYS D 267 58.87 -23.32 0.73
N LEU D 268 57.63 -23.73 0.60
CA LEU D 268 57.00 -24.50 1.66
C LEU D 268 57.90 -25.57 2.31
N PRO D 269 58.42 -26.49 1.49
CA PRO D 269 59.26 -27.59 1.95
C PRO D 269 60.14 -27.10 3.08
N ARG D 270 60.83 -26.02 2.79
CA ARG D 270 61.70 -25.38 3.78
C ARG D 270 61.01 -24.81 5.03
N PHE D 271 59.87 -24.14 4.92
CA PHE D 271 59.23 -23.58 6.12
C PHE D 271 59.06 -24.73 7.10
N ILE D 272 58.61 -25.83 6.53
CA ILE D 272 58.38 -27.08 7.24
C ILE D 272 59.57 -27.57 8.08
N SER D 273 60.67 -27.92 7.41
CA SER D 273 61.89 -28.32 8.08
C SER D 273 62.13 -27.32 9.21
N VAL D 274 62.04 -26.02 8.91
CA VAL D 274 62.28 -25.07 9.99
C VAL D 274 61.31 -25.21 11.15
N ARG D 275 60.02 -25.06 10.90
CA ARG D 275 59.01 -25.27 11.96
C ARG D 275 59.16 -26.62 12.66
N ARG D 276 59.56 -27.66 11.91
CA ARG D 276 59.68 -28.98 12.56
C ARG D 276 60.85 -29.03 13.56
N LYS D 277 61.83 -28.15 13.28
CA LYS D 277 63.09 -28.01 13.96
C LYS D 277 63.09 -27.12 15.19
N ASN D 278 62.22 -26.10 15.15
CA ASN D 278 62.05 -25.25 16.29
C ASN D 278 61.22 -26.13 17.22
N ALA D 279 60.14 -26.68 16.66
CA ALA D 279 59.25 -27.53 17.44
C ALA D 279 59.97 -28.61 18.21
N GLU D 280 60.93 -29.28 17.59
CA GLU D 280 61.61 -30.35 18.32
C GLU D 280 62.54 -29.80 19.41
N TYR D 281 63.15 -28.65 19.07
CA TYR D 281 63.99 -27.85 19.93
C TYR D 281 63.06 -27.56 21.12
N PHE D 282 61.80 -27.28 20.80
CA PHE D 282 60.75 -27.03 21.79
C PHE D 282 60.36 -28.28 22.60
N LEU D 283 60.07 -29.41 21.96
CA LEU D 283 59.64 -30.55 22.77
C LEU D 283 60.73 -30.88 23.82
N ASP D 284 61.94 -30.57 23.41
CA ASP D 284 63.03 -30.88 24.29
C ASP D 284 63.07 -30.04 25.57
N LYS D 285 62.94 -28.73 25.38
CA LYS D 285 63.01 -27.74 26.44
C LYS D 285 61.83 -27.83 27.41
N PHE D 286 60.67 -28.15 26.84
CA PHE D 286 59.49 -28.21 27.65
C PHE D 286 59.07 -29.62 28.01
N LYS D 287 59.82 -30.63 27.55
CA LYS D 287 59.37 -31.99 27.87
C LYS D 287 59.25 -32.34 29.34
N ASP D 288 60.01 -31.65 30.19
CA ASP D 288 59.93 -31.92 31.62
C ASP D 288 59.23 -30.82 32.40
N HIS D 289 58.26 -30.11 31.80
CA HIS D 289 57.64 -29.02 32.52
C HIS D 289 56.82 -29.40 33.71
N PRO D 290 57.04 -28.70 34.81
CA PRO D 290 56.31 -28.96 36.04
C PRO D 290 54.78 -28.78 35.90
N TYR D 291 54.32 -27.79 35.14
CA TYR D 291 52.86 -27.67 35.09
C TYR D 291 52.31 -27.58 33.70
N LEU D 292 53.14 -27.77 32.70
CA LEU D 292 52.61 -27.64 31.36
C LEU D 292 52.61 -28.82 30.43
N ASP D 293 51.45 -29.04 29.84
CA ASP D 293 51.35 -30.10 28.87
C ASP D 293 51.32 -29.45 27.50
N VAL D 294 51.95 -30.14 26.56
CA VAL D 294 52.04 -29.69 25.19
C VAL D 294 51.37 -30.67 24.21
N GLN D 295 51.65 -30.52 22.92
CA GLN D 295 51.02 -31.35 21.89
C GLN D 295 51.62 -32.72 21.52
N GLN D 296 50.77 -33.75 21.60
CA GLN D 296 51.09 -35.15 21.27
C GLN D 296 50.98 -35.33 19.77
N GLU D 297 52.12 -35.52 19.13
CA GLU D 297 52.19 -35.68 17.67
C GLU D 297 51.88 -37.05 17.11
N THR D 298 50.99 -37.01 16.12
CA THR D 298 50.48 -38.14 15.35
C THR D 298 51.10 -37.87 13.97
N GLY D 299 51.69 -38.89 13.35
CA GLY D 299 52.32 -38.75 12.01
C GLY D 299 53.47 -37.73 11.97
N GLU D 300 53.35 -36.71 11.12
CA GLU D 300 54.37 -35.66 11.07
C GLU D 300 53.64 -34.33 11.07
N SER D 301 53.49 -33.76 12.27
CA SER D 301 52.82 -32.47 12.43
C SER D 301 53.59 -31.38 11.68
N SER D 302 52.88 -30.29 11.35
CA SER D 302 53.53 -29.17 10.69
C SER D 302 53.57 -27.98 11.65
N TRP D 303 53.55 -28.26 12.95
CA TRP D 303 53.65 -27.21 13.95
C TRP D 303 53.21 -25.80 13.54
N PHE D 304 51.91 -25.71 13.31
CA PHE D 304 51.29 -24.46 13.03
C PHE D 304 51.76 -23.61 14.25
N GLY D 305 51.70 -24.17 15.45
CA GLY D 305 52.17 -23.42 16.61
C GLY D 305 52.22 -24.31 17.82
N PHE D 306 52.61 -23.72 18.95
CA PHE D 306 52.74 -24.44 20.21
C PHE D 306 51.64 -24.21 21.25
N SER D 307 50.95 -25.27 21.65
CA SER D 307 49.89 -25.20 22.65
C SER D 307 50.34 -25.58 24.07
N PHE D 308 49.65 -25.05 25.08
CA PHE D 308 49.99 -25.38 26.47
C PHE D 308 48.80 -25.62 27.35
N ILE D 309 48.77 -26.77 27.99
CA ILE D 309 47.71 -27.04 28.96
C ILE D 309 48.31 -27.13 30.36
N ILE D 310 47.73 -26.34 31.26
CA ILE D 310 48.19 -26.35 32.62
C ILE D 310 47.77 -27.72 33.11
N LYS D 311 48.71 -28.42 33.73
CA LYS D 311 48.49 -29.75 34.28
C LYS D 311 47.43 -29.78 35.37
N LYS D 312 46.66 -30.86 35.37
CA LYS D 312 45.61 -31.04 36.37
C LYS D 312 46.20 -31.06 37.78
N ASP D 313 45.52 -30.39 38.71
CA ASP D 313 45.92 -30.38 40.12
C ASP D 313 47.25 -29.65 40.41
N SER D 314 47.60 -28.71 39.54
CA SER D 314 48.89 -28.00 39.63
C SER D 314 48.79 -26.63 40.29
N GLY D 315 47.58 -26.12 40.42
CA GLY D 315 47.38 -24.83 41.07
C GLY D 315 47.69 -23.57 40.25
N VAL D 316 48.41 -23.74 39.14
CA VAL D 316 48.80 -22.63 38.26
C VAL D 316 47.54 -22.05 37.63
N ILE D 317 47.32 -20.74 37.78
CA ILE D 317 46.13 -20.12 37.22
C ILE D 317 46.48 -19.43 35.90
N ARG D 318 45.62 -19.61 34.89
CA ARG D 318 45.84 -19.12 33.51
C ARG D 318 46.14 -17.68 33.21
N LYS D 319 45.37 -16.79 33.84
CA LYS D 319 45.54 -15.38 33.61
C LYS D 319 46.92 -14.97 34.11
N GLN D 320 47.34 -15.58 35.23
CA GLN D 320 48.69 -15.34 35.72
C GLN D 320 49.73 -15.57 34.65
N LEU D 321 49.53 -16.65 33.90
CA LEU D 321 50.39 -17.08 32.80
C LEU D 321 50.31 -16.11 31.62
N VAL D 322 49.11 -15.59 31.38
CA VAL D 322 48.97 -14.66 30.28
C VAL D 322 49.56 -13.30 30.62
N GLU D 323 49.49 -12.96 31.90
CA GLU D 323 50.01 -11.69 32.40
C GLU D 323 51.49 -11.63 31.98
N ASN D 324 52.20 -12.67 32.38
CA ASN D 324 53.60 -12.84 32.15
C ASN D 324 54.08 -12.89 30.71
N LEU D 325 53.47 -13.72 29.88
CA LEU D 325 53.95 -13.75 28.51
C LEU D 325 53.76 -12.36 27.93
N ASN D 326 52.70 -11.73 28.40
CA ASN D 326 52.41 -10.42 27.84
C ASN D 326 53.43 -9.44 28.32
N SER D 327 53.70 -9.49 29.61
CA SER D 327 54.69 -8.61 30.21
C SER D 327 56.12 -8.97 29.78
N ALA D 328 56.27 -9.98 28.92
CA ALA D 328 57.60 -10.34 28.41
C ALA D 328 57.63 -10.15 26.94
N GLY D 329 56.66 -9.38 26.46
CA GLY D 329 56.66 -9.15 25.04
C GLY D 329 56.19 -10.39 24.28
N ILE D 330 55.94 -11.49 24.99
CA ILE D 330 55.43 -12.66 24.29
C ILE D 330 53.92 -12.58 23.92
N GLU D 331 53.62 -12.72 22.62
CA GLU D 331 52.25 -12.63 22.14
C GLU D 331 51.52 -13.96 22.25
N CYS D 332 50.37 -13.97 22.92
CA CYS D 332 49.66 -15.24 23.05
C CYS D 332 48.15 -15.17 22.86
N ARG D 333 47.51 -16.33 22.93
CA ARG D 333 46.12 -16.46 22.66
C ARG D 333 45.62 -17.83 23.04
N PRO D 334 44.32 -17.98 22.91
CA PRO D 334 43.61 -19.21 23.23
C PRO D 334 44.10 -20.23 22.25
N ILE D 335 43.87 -21.51 22.52
CA ILE D 335 44.16 -22.55 21.55
C ILE D 335 42.93 -22.51 20.64
N VAL D 336 43.22 -22.30 19.36
CA VAL D 336 42.23 -22.07 18.31
C VAL D 336 41.32 -20.98 18.87
N THR D 337 40.05 -21.29 19.04
CA THR D 337 39.18 -20.29 19.58
C THR D 337 38.78 -20.78 20.93
N GLY D 338 39.44 -21.84 21.38
CA GLY D 338 39.04 -22.40 22.70
C GLY D 338 37.85 -23.40 22.53
N ASN D 339 36.90 -23.42 23.47
CA ASN D 339 35.79 -24.34 23.33
C ASN D 339 34.65 -23.72 22.55
N PHE D 340 34.36 -24.31 21.41
CA PHE D 340 33.33 -23.69 20.60
C PHE D 340 31.92 -23.68 21.14
N LEU D 341 31.57 -24.67 21.96
CA LEU D 341 30.21 -24.79 22.44
C LEU D 341 29.83 -23.52 23.18
N LYS D 342 30.81 -23.00 23.87
CA LYS D 342 30.62 -21.79 24.66
C LYS D 342 29.90 -20.68 23.92
N ASN D 343 30.05 -20.62 22.61
CA ASN D 343 29.42 -19.56 21.83
C ASN D 343 27.89 -19.75 21.66
N THR D 344 27.19 -19.74 22.79
CA THR D 344 25.74 -19.91 22.87
C THR D 344 24.93 -18.97 21.96
N ASP D 345 25.50 -17.79 21.68
CA ASP D 345 24.92 -16.73 20.82
C ASP D 345 24.72 -17.12 19.35
N VAL D 346 25.72 -17.76 18.77
CA VAL D 346 25.61 -18.18 17.39
C VAL D 346 24.89 -19.52 17.33
N LEU D 347 25.10 -20.36 18.34
CA LEU D 347 24.44 -21.69 18.33
C LEU D 347 22.93 -21.68 18.27
N LYS D 348 22.32 -20.60 18.73
CA LYS D 348 20.88 -20.56 18.68
C LYS D 348 20.40 -20.85 17.29
N TYR D 349 21.26 -20.60 16.31
CA TYR D 349 20.89 -20.81 14.91
C TYR D 349 21.13 -22.18 14.41
N PHE D 350 21.95 -22.93 15.13
CA PHE D 350 22.29 -24.26 14.66
C PHE D 350 21.24 -25.19 15.12
N ASP D 351 21.37 -26.38 14.56
CA ASP D 351 20.57 -27.54 14.90
C ASP D 351 21.64 -28.56 15.26
N TYR D 352 22.03 -28.59 16.53
CA TYR D 352 23.05 -29.53 16.98
C TYR D 352 22.67 -30.34 18.22
N THR D 353 23.60 -31.19 18.63
CA THR D 353 23.48 -32.01 19.83
C THR D 353 24.93 -32.19 20.28
N VAL D 354 25.14 -32.69 21.50
CA VAL D 354 26.49 -32.90 21.99
C VAL D 354 26.55 -34.35 22.36
N HIS D 355 27.59 -35.01 21.90
CA HIS D 355 27.71 -36.41 22.23
C HIS D 355 28.32 -36.51 23.60
N ASN D 356 27.51 -36.89 24.58
CA ASN D 356 28.02 -37.06 25.95
C ASN D 356 28.51 -35.72 26.53
N ASN D 357 29.81 -35.50 26.65
CA ASN D 357 30.26 -34.24 27.22
C ASN D 357 31.38 -33.73 26.39
N VAL D 358 31.78 -32.49 26.65
CA VAL D 358 32.91 -31.92 25.95
C VAL D 358 33.75 -31.41 27.06
N ASP D 359 33.82 -32.27 28.08
CA ASP D 359 34.57 -32.00 29.28
C ASP D 359 35.99 -31.53 29.08
N ASN D 360 36.59 -32.01 27.98
CA ASN D 360 37.97 -31.70 27.61
C ASN D 360 38.08 -30.37 26.88
N ALA D 361 37.05 -30.07 26.11
CA ALA D 361 37.04 -28.81 25.36
C ALA D 361 36.87 -27.73 26.40
N GLU D 362 36.14 -28.09 27.45
CA GLU D 362 35.90 -27.22 28.60
C GLU D 362 37.23 -27.03 29.35
N TYR D 363 37.95 -28.12 29.60
CA TYR D 363 39.23 -27.97 30.27
C TYR D 363 40.14 -27.09 29.44
N LEU D 364 40.43 -27.54 28.21
CA LEU D 364 41.30 -26.80 27.32
C LEU D 364 40.98 -25.30 27.32
N ASP D 365 39.69 -25.00 27.28
CA ASP D 365 39.23 -23.62 27.21
C ASP D 365 39.67 -22.67 28.31
N LYS D 366 39.64 -23.15 29.54
CA LYS D 366 40.06 -22.33 30.66
C LYS D 366 41.51 -22.54 31.18
N ASN D 367 42.17 -23.59 30.72
CA ASN D 367 43.53 -23.90 31.16
C ASN D 367 44.46 -24.03 29.99
N GLY D 368 43.99 -23.69 28.80
CA GLY D 368 44.88 -23.86 27.65
C GLY D 368 45.24 -22.49 27.07
N LEU D 369 46.49 -22.33 26.64
CA LEU D 369 46.95 -21.11 25.98
C LEU D 369 47.79 -21.46 24.76
N PHE D 370 48.06 -20.50 23.89
CA PHE D 370 48.80 -20.87 22.70
C PHE D 370 49.83 -19.84 22.24
N VAL D 371 50.93 -20.32 21.66
CA VAL D 371 51.95 -19.46 21.10
C VAL D 371 52.42 -19.87 19.68
N GLY D 372 52.69 -18.89 18.87
CA GLY D 372 53.06 -19.18 17.50
C GLY D 372 54.42 -19.84 17.30
N ASN D 373 54.49 -20.52 16.17
CA ASN D 373 55.68 -21.16 15.63
C ASN D 373 55.84 -20.44 14.29
N HIS D 374 57.06 -20.33 13.78
CA HIS D 374 57.27 -19.56 12.55
C HIS D 374 58.36 -20.20 11.74
N GLN D 375 58.41 -19.82 10.46
CA GLN D 375 59.41 -20.40 9.59
C GLN D 375 60.84 -19.85 9.74
N ILE D 376 61.10 -19.36 10.94
CA ILE D 376 62.44 -18.87 11.18
C ILE D 376 62.86 -19.49 12.47
N GLU D 377 64.13 -19.89 12.50
CA GLU D 377 64.77 -20.50 13.64
C GLU D 377 64.38 -19.68 14.85
N LEU D 378 64.03 -20.31 15.97
CA LEU D 378 63.62 -19.53 17.13
C LEU D 378 64.21 -20.11 18.39
N PHE D 379 65.37 -20.76 18.25
CA PHE D 379 65.98 -21.36 19.43
C PHE D 379 66.09 -20.37 20.56
N ASP D 380 66.42 -19.14 20.20
CA ASP D 380 66.56 -18.13 21.24
C ASP D 380 65.29 -17.72 21.97
N GLU D 381 64.21 -17.50 21.24
CA GLU D 381 63.02 -17.12 21.96
C GLU D 381 62.41 -18.30 22.72
N ILE D 382 62.65 -19.50 22.22
CA ILE D 382 62.12 -20.66 22.92
C ILE D 382 62.87 -20.75 24.24
N ASP D 383 64.18 -20.51 24.18
CA ASP D 383 65.01 -20.53 25.39
C ASP D 383 64.38 -19.60 26.41
N TYR D 384 64.08 -18.40 25.91
CA TYR D 384 63.47 -17.33 26.69
C TYR D 384 62.11 -17.80 27.21
N LEU D 385 61.24 -18.17 26.28
CA LEU D 385 59.92 -18.63 26.65
C LEU D 385 59.95 -19.69 27.74
N ARG D 386 60.88 -20.62 27.65
CA ARG D 386 60.94 -21.67 28.67
C ARG D 386 61.42 -21.04 29.94
N GLU D 387 62.23 -20.01 29.81
CA GLU D 387 62.68 -19.30 31.00
C GLU D 387 61.45 -18.67 31.64
N VAL D 388 60.72 -17.86 30.87
CA VAL D 388 59.54 -17.16 31.38
C VAL D 388 58.52 -18.07 32.03
N LEU D 389 58.42 -19.29 31.51
CA LEU D 389 57.48 -20.28 32.04
C LEU D 389 58.24 -21.14 33.05
N LYS D 390 58.60 -20.51 34.16
CA LYS D 390 59.34 -21.17 35.20
C LYS D 390 58.33 -21.75 36.22
N PRO E 7 -6.99 -62.90 -25.02
CA PRO E 7 -8.03 -62.11 -24.38
C PRO E 7 -7.54 -60.76 -23.87
N LEU E 8 -8.48 -59.84 -23.79
CA LEU E 8 -8.24 -58.48 -23.32
C LEU E 8 -7.75 -58.42 -21.87
N ALA E 9 -8.37 -59.22 -21.00
CA ALA E 9 -7.99 -59.27 -19.58
C ALA E 9 -7.97 -60.68 -18.97
N SER E 10 -7.37 -60.79 -17.79
CA SER E 10 -7.25 -62.05 -17.07
C SER E 10 -7.40 -61.88 -15.54
N SER E 11 -7.66 -62.99 -14.86
CA SER E 11 -7.77 -62.95 -13.42
C SER E 11 -6.43 -62.68 -12.75
N THR E 12 -6.49 -61.70 -11.88
CA THR E 12 -5.35 -61.25 -11.08
C THR E 12 -5.46 -61.86 -9.68
N TRP E 13 -6.63 -62.41 -9.34
CA TRP E 13 -6.83 -62.97 -8.01
C TRP E 13 -6.36 -64.41 -7.90
N ASP E 14 -6.04 -64.79 -6.68
CA ASP E 14 -5.67 -66.13 -6.34
C ASP E 14 -6.37 -66.25 -5.00
N ASP E 15 -6.00 -67.21 -4.18
CA ASP E 15 -6.77 -67.36 -2.98
C ASP E 15 -6.62 -66.46 -1.79
N LEU E 16 -5.75 -65.48 -1.95
CA LEU E 16 -5.51 -64.49 -0.91
C LEU E 16 -6.72 -63.56 -0.87
N GLU E 17 -7.27 -63.30 -2.05
CA GLU E 17 -8.38 -62.38 -2.20
C GLU E 17 -9.63 -62.97 -1.63
N TYR E 18 -9.86 -64.20 -2.02
CA TYR E 18 -11.05 -64.91 -1.58
C TYR E 18 -11.03 -64.97 -0.08
N LYS E 19 -9.82 -64.99 0.50
CA LYS E 19 -9.68 -65.01 1.95
C LYS E 19 -10.10 -63.65 2.51
N ALA E 20 -9.47 -62.59 2.01
CA ALA E 20 -9.76 -61.24 2.52
C ALA E 20 -11.27 -61.02 2.51
N ILE E 21 -11.92 -61.47 1.45
CA ILE E 21 -13.38 -61.36 1.37
C ILE E 21 -13.93 -62.14 2.57
N GLN E 22 -13.47 -63.37 2.74
CA GLN E 22 -13.92 -64.16 3.89
C GLN E 22 -13.76 -63.37 5.18
N SER E 23 -12.53 -62.96 5.53
CA SER E 23 -12.27 -62.18 6.76
C SER E 23 -13.27 -61.04 7.01
N VAL E 24 -13.69 -60.38 5.94
CA VAL E 24 -14.63 -59.28 6.06
C VAL E 24 -16.02 -59.81 6.37
N LEU E 25 -16.35 -60.95 5.78
CA LEU E 25 -17.70 -61.46 5.95
C LEU E 25 -17.87 -61.82 7.40
N ASP E 26 -16.78 -62.31 7.99
CA ASP E 26 -16.67 -62.70 9.40
C ASP E 26 -16.82 -61.49 10.33
N SER E 27 -16.25 -60.35 9.93
CA SER E 27 -16.30 -59.15 10.77
C SER E 27 -17.75 -58.71 10.77
N LYS E 28 -18.37 -58.95 9.62
CA LYS E 28 -19.77 -58.66 9.37
C LYS E 28 -19.97 -57.18 9.16
N MET E 29 -18.86 -56.47 8.95
CA MET E 29 -18.96 -55.05 8.64
C MET E 29 -18.52 -54.85 7.21
N PHE E 30 -19.42 -54.24 6.46
CA PHE E 30 -19.18 -54.06 5.06
C PHE E 30 -19.10 -52.60 4.63
N THR E 31 -19.27 -51.66 5.54
CA THR E 31 -19.22 -50.22 5.24
C THR E 31 -17.76 -49.80 5.34
N MET E 32 -17.32 -49.01 4.36
CA MET E 32 -15.99 -48.36 4.37
C MET E 32 -15.39 -48.33 5.83
N GLY E 33 -14.21 -48.92 5.93
CA GLY E 33 -13.65 -48.94 7.28
C GLY E 33 -12.17 -49.21 7.47
N GLU E 34 -11.90 -50.23 8.30
CA GLU E 34 -10.51 -50.51 8.57
C GLU E 34 -9.66 -51.04 7.45
N TYR E 35 -10.16 -51.96 6.63
CA TYR E 35 -9.32 -52.47 5.53
C TYR E 35 -9.10 -51.33 4.56
N VAL E 36 -10.21 -50.67 4.26
CA VAL E 36 -10.20 -49.55 3.38
C VAL E 36 -9.24 -48.48 3.89
N LYS E 37 -9.35 -48.10 5.16
CA LYS E 37 -8.45 -47.08 5.69
C LYS E 37 -7.03 -47.57 5.56
N GLN E 38 -6.85 -48.84 5.87
CA GLN E 38 -5.52 -49.43 5.82
C GLN E 38 -5.00 -49.52 4.38
N TYR E 39 -5.85 -49.95 3.45
CA TYR E 39 -5.51 -50.02 2.02
C TYR E 39 -4.95 -48.66 1.49
N GLU E 40 -5.65 -47.58 1.81
CA GLU E 40 -5.22 -46.21 1.48
C GLU E 40 -3.82 -45.95 2.00
N THR E 41 -3.53 -46.39 3.21
CA THR E 41 -2.22 -46.16 3.82
C THR E 41 -1.08 -46.83 3.07
N GLN E 42 -1.35 -48.07 2.66
CA GLN E 42 -0.38 -48.85 1.94
C GLN E 42 -0.18 -48.35 0.53
N PHE E 43 -1.27 -47.80 -0.02
CA PHE E 43 -1.29 -47.24 -1.38
C PHE E 43 -0.44 -45.99 -1.54
N ALA E 44 -0.55 -45.10 -0.57
CA ALA E 44 0.22 -43.87 -0.57
C ALA E 44 1.65 -44.32 -0.36
N LYS E 45 1.80 -45.38 0.43
CA LYS E 45 3.13 -45.90 0.69
C LYS E 45 3.73 -46.39 -0.63
N THR E 46 2.97 -47.23 -1.31
CA THR E 46 3.29 -47.79 -2.63
C THR E 46 3.80 -46.77 -3.64
N PHE E 47 3.07 -45.68 -3.78
CA PHE E 47 3.52 -44.74 -4.77
C PHE E 47 4.18 -43.44 -4.30
N GLY E 48 4.57 -43.39 -3.02
CA GLY E 48 5.24 -42.21 -2.47
C GLY E 48 4.39 -40.94 -2.44
N SER E 49 3.11 -41.10 -2.11
CA SER E 49 2.22 -39.96 -2.02
C SER E 49 1.95 -39.66 -0.55
N LYS E 50 1.87 -38.40 -0.19
CA LYS E 50 1.61 -38.18 1.21
C LYS E 50 0.27 -38.83 1.55
N TYR E 51 -0.75 -38.68 0.69
CA TYR E 51 -2.08 -39.27 0.96
C TYR E 51 -2.76 -40.03 -0.18
N ALA E 52 -3.79 -40.82 0.17
CA ALA E 52 -4.63 -41.55 -0.84
C ALA E 52 -6.10 -41.70 -0.35
N VAL E 53 -7.09 -41.60 -1.24
CA VAL E 53 -8.50 -41.76 -0.83
C VAL E 53 -9.16 -42.72 -1.80
N MET E 54 -9.62 -43.83 -1.25
CA MET E 54 -10.19 -44.80 -2.12
C MET E 54 -11.63 -44.38 -2.30
N VAL E 55 -12.13 -44.54 -3.51
CA VAL E 55 -13.48 -44.15 -3.85
C VAL E 55 -14.10 -45.31 -4.58
N SER E 56 -15.36 -45.15 -4.96
CA SER E 56 -16.17 -46.21 -5.57
C SER E 56 -15.71 -46.65 -6.95
N SER E 57 -15.02 -45.75 -7.64
CA SER E 57 -14.57 -46.06 -8.99
C SER E 57 -13.50 -45.09 -9.47
N GLY E 58 -12.97 -45.44 -10.61
CA GLY E 58 -11.94 -44.65 -11.26
C GLY E 58 -12.62 -43.38 -11.76
N SER E 59 -13.93 -43.48 -12.02
CA SER E 59 -14.72 -42.36 -12.52
C SER E 59 -15.10 -41.38 -11.38
N THR E 60 -15.33 -41.93 -10.19
CA THR E 60 -15.65 -41.15 -8.98
C THR E 60 -14.44 -40.43 -8.40
N ALA E 61 -13.27 -41.00 -8.65
CA ALA E 61 -12.02 -40.37 -8.26
C ALA E 61 -11.88 -39.14 -9.19
N ASN E 62 -12.10 -39.30 -10.48
CA ASN E 62 -11.99 -38.16 -11.37
C ASN E 62 -12.92 -37.04 -10.93
N LEU E 63 -14.15 -37.43 -10.64
CA LEU E 63 -15.19 -36.47 -10.28
C LEU E 63 -14.75 -35.62 -9.11
N LEU E 64 -14.27 -36.30 -8.07
CA LEU E 64 -13.81 -35.65 -6.85
C LEU E 64 -12.54 -34.83 -7.09
N MET E 65 -11.62 -35.39 -7.85
CA MET E 65 -10.42 -34.66 -8.15
C MET E 65 -10.87 -33.29 -8.62
N ILE E 66 -11.87 -33.22 -9.51
CA ILE E 66 -12.29 -31.90 -10.00
C ILE E 66 -13.07 -31.03 -9.00
N ALA E 67 -14.00 -31.66 -8.32
CA ALA E 67 -14.89 -30.95 -7.37
C ALA E 67 -14.08 -30.32 -6.28
N ALA E 68 -13.06 -31.04 -5.85
CA ALA E 68 -12.16 -30.60 -4.80
C ALA E 68 -11.52 -29.20 -4.95
N LEU E 69 -11.17 -28.85 -6.19
CA LEU E 69 -10.54 -27.59 -6.58
C LEU E 69 -11.50 -26.43 -6.42
N PHE E 70 -12.75 -26.81 -6.39
CA PHE E 70 -13.77 -25.83 -6.28
C PHE E 70 -13.97 -25.48 -4.83
N PHE E 71 -13.56 -26.41 -3.97
CA PHE E 71 -13.70 -26.27 -2.52
C PHE E 71 -12.55 -25.74 -1.63
N THR E 72 -11.39 -25.44 -2.21
CA THR E 72 -10.29 -24.95 -1.38
C THR E 72 -10.61 -23.60 -0.73
N LYS E 73 -10.07 -23.37 0.47
CA LYS E 73 -10.29 -22.12 1.21
C LYS E 73 -10.13 -20.92 0.29
N LYS E 74 -9.08 -20.96 -0.50
CA LYS E 74 -8.88 -20.06 -1.60
C LYS E 74 -9.16 -21.02 -2.74
N PRO E 75 -10.14 -20.73 -3.58
CA PRO E 75 -10.56 -21.74 -4.56
C PRO E 75 -9.70 -21.80 -5.83
N ARG E 76 -9.16 -22.99 -6.12
CA ARG E 76 -8.32 -23.17 -7.30
C ARG E 76 -9.08 -22.98 -8.59
N LEU E 77 -10.31 -23.51 -8.66
CA LEU E 77 -11.00 -23.30 -9.91
C LEU E 77 -12.35 -22.71 -9.71
N LYS E 78 -12.86 -22.08 -10.77
CA LYS E 78 -14.17 -21.44 -10.81
C LYS E 78 -14.86 -21.78 -12.11
N LYS E 79 -16.18 -21.73 -12.14
CA LYS E 79 -16.81 -22.05 -13.38
C LYS E 79 -16.27 -21.10 -14.41
N GLY E 80 -15.98 -21.64 -15.60
CA GLY E 80 -15.55 -20.79 -16.71
C GLY E 80 -14.08 -20.99 -16.95
N ASP E 81 -13.35 -21.33 -15.89
CA ASP E 81 -11.92 -21.51 -16.06
C ASP E 81 -11.65 -22.42 -17.25
N GLU E 82 -10.54 -22.20 -17.94
CA GLU E 82 -10.21 -23.01 -19.09
C GLU E 82 -9.28 -24.11 -18.67
N ILE E 83 -9.59 -25.31 -19.10
CA ILE E 83 -8.75 -26.41 -18.73
C ILE E 83 -8.40 -27.15 -19.98
N ILE E 84 -7.17 -27.66 -20.05
CA ILE E 84 -6.70 -28.37 -21.22
C ILE E 84 -6.62 -29.88 -21.07
N VAL E 85 -7.05 -30.58 -22.11
CA VAL E 85 -7.06 -32.03 -22.08
C VAL E 85 -6.68 -32.67 -23.41
N PRO E 86 -6.42 -33.97 -23.36
CA PRO E 86 -6.05 -34.69 -24.54
C PRO E 86 -7.33 -35.15 -25.22
N ALA E 87 -7.26 -35.40 -26.52
CA ALA E 87 -8.43 -35.86 -27.29
C ALA E 87 -8.65 -37.38 -27.22
N VAL E 88 -7.78 -38.06 -26.49
CA VAL E 88 -7.91 -39.49 -26.38
C VAL E 88 -7.84 -39.91 -24.94
N SER E 89 -8.94 -40.41 -24.43
CA SER E 89 -8.91 -40.85 -23.05
C SER E 89 -10.31 -41.37 -22.84
N TRP E 90 -10.53 -42.03 -21.70
CA TRP E 90 -11.84 -42.54 -21.34
C TRP E 90 -12.87 -41.43 -21.20
N SER E 91 -14.12 -41.79 -21.40
CA SER E 91 -15.26 -40.87 -21.37
C SER E 91 -15.38 -40.08 -20.04
N THR E 92 -15.14 -40.74 -18.92
CA THR E 92 -15.24 -40.05 -17.65
C THR E 92 -13.96 -39.25 -17.36
N THR E 93 -13.06 -39.18 -18.30
CA THR E 93 -11.95 -38.30 -18.05
C THR E 93 -12.53 -36.88 -18.29
N TYR E 94 -13.58 -36.81 -19.09
CA TYR E 94 -14.21 -35.54 -19.51
C TYR E 94 -15.47 -34.98 -18.81
N TYR E 95 -16.45 -35.83 -18.54
CA TYR E 95 -17.74 -35.41 -17.94
C TYR E 95 -17.67 -34.41 -16.78
N PRO E 96 -16.76 -34.67 -15.85
CA PRO E 96 -16.53 -33.87 -14.65
C PRO E 96 -16.27 -32.41 -14.94
N LEU E 97 -15.50 -32.16 -16.00
CA LEU E 97 -15.18 -30.79 -16.46
C LEU E 97 -16.50 -30.18 -16.84
N GLN E 98 -17.21 -30.89 -17.74
CA GLN E 98 -18.53 -30.49 -18.15
C GLN E 98 -19.41 -30.28 -16.98
N GLN E 99 -19.37 -31.19 -16.01
CA GLN E 99 -20.27 -31.03 -14.88
C GLN E 99 -19.89 -29.88 -14.00
N TYR E 100 -18.64 -29.43 -14.05
CA TYR E 100 -18.27 -28.30 -13.18
C TYR E 100 -18.23 -26.98 -13.94
N GLY E 101 -18.86 -27.01 -15.10
CA GLY E 101 -18.96 -25.83 -15.94
C GLY E 101 -17.58 -25.32 -16.33
N LEU E 102 -16.64 -26.22 -16.52
CA LEU E 102 -15.33 -25.78 -16.91
C LEU E 102 -15.27 -25.66 -18.38
N ARG E 103 -14.33 -24.83 -18.83
CA ARG E 103 -14.19 -24.59 -20.25
C ARG E 103 -13.09 -25.49 -20.82
N VAL E 104 -13.55 -26.49 -21.56
CA VAL E 104 -12.67 -27.50 -22.12
C VAL E 104 -12.01 -27.20 -23.45
N LYS E 105 -10.70 -27.33 -23.45
CA LYS E 105 -9.94 -27.07 -24.64
C LYS E 105 -9.12 -28.29 -25.03
N PHE E 106 -9.53 -28.87 -26.14
CA PHE E 106 -8.85 -30.04 -26.60
C PHE E 106 -7.49 -29.93 -27.28
N VAL E 107 -6.74 -31.01 -27.14
CA VAL E 107 -5.44 -31.09 -27.75
C VAL E 107 -5.13 -32.46 -28.38
N ASP E 108 -4.50 -32.41 -29.55
CA ASP E 108 -4.10 -33.60 -30.30
C ASP E 108 -2.93 -34.29 -29.58
N ILE E 109 -2.96 -35.60 -29.71
CA ILE E 109 -1.96 -36.46 -29.12
C ILE E 109 -0.80 -36.70 -30.08
N ASP E 110 0.29 -37.18 -29.51
CA ASP E 110 1.42 -37.48 -30.34
C ASP E 110 1.16 -38.88 -30.85
N ILE E 111 1.22 -39.05 -32.16
CA ILE E 111 0.98 -40.37 -32.69
C ILE E 111 1.94 -41.49 -32.28
N ASN E 112 3.16 -41.15 -31.87
CA ASN E 112 4.10 -42.21 -31.51
C ASN E 112 3.87 -42.67 -30.07
N THR E 113 3.59 -41.71 -29.20
CA THR E 113 3.40 -42.01 -27.79
C THR E 113 1.98 -42.11 -27.39
N LEU E 114 1.12 -41.43 -28.13
CA LEU E 114 -0.32 -41.47 -27.87
C LEU E 114 -0.82 -40.60 -26.74
N ASN E 115 0.12 -39.91 -26.09
CA ASN E 115 -0.16 -38.98 -24.99
C ASN E 115 -0.23 -37.59 -25.61
N ILE E 116 -0.71 -36.63 -24.85
CA ILE E 116 -0.86 -35.31 -25.40
C ILE E 116 0.39 -34.89 -26.19
N ASP E 117 0.14 -34.10 -27.24
CA ASP E 117 1.21 -33.64 -28.12
C ASP E 117 1.94 -32.48 -27.53
N ILE E 118 3.20 -32.70 -27.20
CA ILE E 118 3.95 -31.66 -26.59
C ILE E 118 4.10 -30.33 -27.28
N GLU E 119 4.87 -30.30 -28.35
CA GLU E 119 5.11 -29.03 -29.01
C GLU E 119 3.79 -28.32 -29.20
N SER E 120 2.72 -29.11 -29.32
CA SER E 120 1.37 -28.53 -29.48
C SER E 120 0.97 -27.81 -28.20
N LEU E 121 0.89 -28.59 -27.11
CA LEU E 121 0.57 -28.09 -25.78
C LEU E 121 1.20 -26.72 -25.67
N LYS E 122 2.48 -26.72 -26.04
CA LYS E 122 3.29 -25.50 -26.07
C LYS E 122 2.55 -24.31 -26.63
N GLU E 123 1.77 -24.50 -27.69
CA GLU E 123 1.02 -23.37 -28.25
C GLU E 123 -0.35 -23.21 -27.61
N ALA E 124 -0.85 -24.29 -27.04
CA ALA E 124 -2.16 -24.29 -26.46
C ALA E 124 -2.23 -23.45 -25.21
N VAL E 125 -1.21 -23.60 -24.38
CA VAL E 125 -1.25 -22.86 -23.14
C VAL E 125 -1.15 -21.35 -23.34
N THR E 126 -2.10 -20.61 -22.79
CA THR E 126 -2.08 -19.15 -22.87
C THR E 126 -2.34 -18.60 -21.48
N ASP E 127 -2.51 -17.29 -21.43
CA ASP E 127 -2.79 -16.61 -20.17
C ASP E 127 -4.07 -16.97 -19.41
N SER E 128 -4.93 -17.77 -20.01
CA SER E 128 -6.23 -18.12 -19.43
C SER E 128 -6.29 -19.59 -19.11
N THR E 129 -5.22 -20.28 -19.48
CA THR E 129 -5.17 -21.70 -19.19
C THR E 129 -4.95 -21.78 -17.70
N LYS E 130 -5.88 -22.46 -17.03
CA LYS E 130 -5.87 -22.54 -15.58
C LYS E 130 -5.38 -23.88 -15.10
N ALA E 131 -5.52 -24.88 -15.95
CA ALA E 131 -5.18 -26.22 -15.50
C ALA E 131 -5.03 -27.12 -16.68
N ILE E 132 -4.08 -28.05 -16.56
CA ILE E 132 -3.81 -29.06 -17.59
C ILE E 132 -4.09 -30.44 -16.96
N LEU E 133 -4.97 -31.18 -17.60
CA LEU E 133 -5.31 -32.49 -17.12
C LEU E 133 -4.69 -33.45 -18.08
N THR E 134 -3.72 -34.16 -17.57
CA THR E 134 -3.10 -35.04 -18.49
C THR E 134 -3.59 -36.43 -18.18
N VAL E 135 -3.39 -37.31 -19.14
CA VAL E 135 -3.78 -38.70 -19.01
C VAL E 135 -2.58 -39.52 -19.47
N ASN E 136 -2.12 -40.47 -18.67
CA ASN E 136 -0.98 -41.24 -19.13
C ASN E 136 -1.55 -42.51 -19.83
N LEU E 137 -1.54 -42.53 -21.17
CA LEU E 137 -2.06 -43.65 -21.95
C LEU E 137 -1.42 -45.03 -21.92
N LEU E 138 -2.25 -46.04 -21.79
CA LEU E 138 -1.82 -47.42 -21.87
C LEU E 138 -0.52 -47.76 -21.12
N GLY E 139 -0.33 -47.18 -19.95
CA GLY E 139 0.89 -47.47 -19.21
C GLY E 139 1.95 -46.36 -19.37
N ASN E 140 1.96 -45.71 -20.53
CA ASN E 140 2.92 -44.64 -20.89
C ASN E 140 2.74 -43.32 -20.13
N PRO E 141 3.77 -42.89 -19.40
CA PRO E 141 3.70 -41.61 -18.73
C PRO E 141 4.10 -40.53 -19.70
N ASN E 142 3.56 -39.36 -19.45
CA ASN E 142 3.86 -38.17 -20.19
C ASN E 142 5.29 -37.73 -19.93
N ASN E 143 5.85 -36.90 -20.79
CA ASN E 143 7.16 -36.35 -20.46
C ASN E 143 6.90 -35.22 -19.47
N PHE E 144 7.03 -35.52 -18.19
CA PHE E 144 6.73 -34.52 -17.18
C PHE E 144 7.83 -33.45 -17.06
N ASP E 145 9.04 -33.75 -17.46
CA ASP E 145 10.05 -32.71 -17.45
C ASP E 145 9.66 -31.68 -18.51
N GLU E 146 9.03 -32.12 -19.60
CA GLU E 146 8.69 -31.19 -20.67
C GLU E 146 7.53 -30.36 -20.26
N ILE E 147 6.48 -31.07 -19.86
CA ILE E 147 5.25 -30.42 -19.41
C ILE E 147 5.61 -29.32 -18.39
N ASN E 148 6.33 -29.72 -17.35
CA ASN E 148 6.68 -28.76 -16.31
C ASN E 148 7.39 -27.51 -16.81
N LYS E 149 8.14 -27.66 -17.89
CA LYS E 149 8.82 -26.51 -18.45
C LYS E 149 7.78 -25.62 -19.16
N ILE E 150 6.90 -26.26 -19.90
CA ILE E 150 5.88 -25.50 -20.59
C ILE E 150 5.16 -24.64 -19.54
N ILE E 151 4.86 -25.20 -18.39
CA ILE E 151 4.17 -24.40 -17.39
C ILE E 151 5.13 -23.36 -16.83
N GLY E 152 6.35 -23.81 -16.56
CA GLY E 152 7.41 -22.96 -16.02
C GLY E 152 7.19 -21.96 -14.85
N GLY E 153 6.70 -22.45 -13.71
CA GLY E 153 6.52 -21.62 -12.51
C GLY E 153 5.22 -20.82 -12.40
N ARG E 154 4.46 -20.81 -13.48
CA ARG E 154 3.22 -20.08 -13.50
C ARG E 154 2.13 -20.80 -12.72
N ASP E 155 1.04 -20.11 -12.40
CA ASP E 155 -0.03 -20.76 -11.66
C ASP E 155 -1.00 -21.59 -12.49
N ILE E 156 -0.56 -22.76 -12.89
CA ILE E 156 -1.41 -23.57 -13.70
C ILE E 156 -1.38 -24.96 -13.06
N ILE E 157 -2.53 -25.41 -12.59
CA ILE E 157 -2.59 -26.73 -11.95
C ILE E 157 -2.33 -27.87 -12.91
N LEU E 158 -1.53 -28.85 -12.48
CA LEU E 158 -1.39 -30.01 -13.34
C LEU E 158 -2.17 -31.15 -12.65
N LEU E 159 -2.84 -31.97 -13.44
CA LEU E 159 -3.57 -33.12 -12.88
C LEU E 159 -3.35 -34.26 -13.83
N GLU E 160 -3.27 -35.45 -13.27
CA GLU E 160 -3.11 -36.64 -14.08
C GLU E 160 -4.31 -37.56 -13.92
N ASP E 161 -4.65 -38.27 -14.99
CA ASP E 161 -5.66 -39.33 -14.93
C ASP E 161 -4.73 -40.49 -15.17
N ASN E 162 -4.48 -41.22 -14.09
CA ASN E 162 -3.59 -42.35 -14.21
C ASN E 162 -4.34 -43.68 -14.08
N CYS E 163 -5.58 -43.73 -14.54
CA CYS E 163 -6.37 -44.94 -14.43
C CYS E 163 -5.89 -46.07 -15.34
N GLU E 164 -4.97 -45.74 -16.26
CA GLU E 164 -4.43 -46.71 -17.20
C GLU E 164 -2.93 -46.98 -17.07
N SER E 165 -2.29 -46.39 -16.07
CA SER E 165 -0.85 -46.55 -16.00
C SER E 165 -0.31 -46.63 -14.60
N MET E 166 -1.13 -47.15 -13.70
CA MET E 166 -0.68 -47.29 -12.34
C MET E 166 0.59 -48.10 -12.40
N GLY E 167 1.52 -47.84 -11.51
CA GLY E 167 2.76 -48.60 -11.55
C GLY E 167 3.80 -47.98 -12.48
N ALA E 168 3.40 -47.20 -13.46
CA ALA E 168 4.40 -46.57 -14.32
C ALA E 168 5.25 -45.50 -13.57
N THR E 169 6.48 -45.24 -14.07
CA THR E 169 7.41 -44.27 -13.50
C THR E 169 8.22 -43.56 -14.59
N PHE E 170 8.63 -42.34 -14.25
CA PHE E 170 9.44 -41.47 -15.10
C PHE E 170 10.41 -40.85 -14.10
N ASN E 171 11.70 -40.96 -14.43
CA ASN E 171 12.74 -40.50 -13.54
C ASN E 171 12.55 -41.06 -12.16
N ASN E 172 12.47 -42.37 -12.12
CA ASN E 172 12.35 -43.00 -10.84
C ASN E 172 11.19 -42.41 -10.04
N LYS E 173 10.34 -41.61 -10.68
CA LYS E 173 9.18 -41.09 -9.95
C LYS E 173 7.86 -41.58 -10.54
N CYS E 174 6.88 -41.84 -9.66
CA CYS E 174 5.60 -42.39 -10.06
C CYS E 174 4.57 -41.51 -10.70
N ALA E 175 4.07 -41.98 -11.85
CA ALA E 175 2.95 -41.36 -12.54
C ALA E 175 1.82 -41.26 -11.50
N GLY E 176 0.97 -40.26 -11.68
CA GLY E 176 -0.10 -40.08 -10.74
C GLY E 176 0.43 -39.27 -9.59
N THR E 177 1.76 -39.17 -9.47
CA THR E 177 2.32 -38.38 -8.37
C THR E 177 2.95 -37.08 -8.77
N PHE E 178 2.97 -36.80 -10.08
CA PHE E 178 3.48 -35.54 -10.62
C PHE E 178 2.53 -34.33 -10.45
N GLY E 179 1.24 -34.52 -10.68
CA GLY E 179 0.31 -33.41 -10.54
C GLY E 179 -0.20 -33.28 -9.11
N LEU E 180 -0.91 -32.19 -8.86
CA LEU E 180 -1.51 -31.91 -7.56
C LEU E 180 -2.31 -33.12 -7.03
N MET E 181 -3.06 -33.75 -7.95
CA MET E 181 -3.88 -34.91 -7.64
C MET E 181 -3.72 -35.94 -8.74
N GLY E 182 -3.89 -37.22 -8.44
CA GLY E 182 -3.73 -38.21 -9.50
C GLY E 182 -4.74 -39.31 -9.27
N THR E 183 -5.34 -39.81 -10.33
CA THR E 183 -6.29 -40.88 -10.14
C THR E 183 -5.86 -42.22 -10.69
N PHE E 184 -6.39 -43.23 -10.01
CA PHE E 184 -6.18 -44.62 -10.35
C PHE E 184 -7.51 -45.37 -10.40
N SER E 185 -7.54 -46.48 -11.13
CA SER E 185 -8.73 -47.32 -11.16
C SER E 185 -8.41 -48.75 -10.83
N SER E 186 -9.21 -49.40 -9.96
CA SER E 186 -9.03 -50.83 -9.60
C SER E 186 -10.16 -51.70 -10.10
N PHE E 187 -10.63 -51.30 -11.27
CA PHE E 187 -11.71 -51.94 -12.00
C PHE E 187 -11.18 -53.23 -12.65
N TYR E 188 -12.06 -54.21 -12.67
CA TYR E 188 -11.81 -55.51 -13.27
C TYR E 188 -10.59 -55.68 -14.20
N ASN E 189 -10.57 -54.92 -15.29
CA ASN E 189 -9.53 -55.07 -16.32
C ASN E 189 -8.30 -54.15 -16.29
N1 LLP E 190 -10.36 -42.95 -16.79
C2 LLP E 190 -9.48 -43.76 -17.30
C2' LLP E 190 -8.30 -43.16 -18.00
C3 LLP E 190 -9.62 -45.15 -17.22
O3 LLP E 190 -8.67 -45.95 -17.79
C4 LLP E 190 -10.75 -45.68 -16.58
C4' LLP E 190 -10.90 -47.14 -16.50
C5 LLP E 190 -11.67 -44.76 -16.06
C6 LLP E 190 -11.42 -43.40 -16.19
C5' LLP E 190 -12.91 -45.26 -15.37
OP4 LLP E 190 -12.51 -45.68 -14.07
P LLP E 190 -13.49 -46.86 -13.57
OP1 LLP E 190 -13.71 -47.95 -14.75
OP2 LLP E 190 -14.92 -46.25 -13.13
OP3 LLP E 190 -12.80 -47.57 -12.26
N LLP E 190 -7.87 -53.74 -15.09
CA LLP E 190 -6.73 -52.84 -14.98
CB LLP E 190 -7.17 -51.58 -14.20
CG LLP E 190 -8.48 -51.02 -14.77
CD LLP E 190 -8.50 -49.57 -15.25
CE LLP E 190 -9.76 -49.24 -16.09
NZ LLP E 190 -9.82 -47.79 -16.27
C LLP E 190 -5.51 -53.54 -14.35
O LLP E 190 -5.43 -54.77 -14.32
N HIS E 191 -4.57 -52.73 -13.86
CA HIS E 191 -3.37 -53.29 -13.22
C HIS E 191 -3.71 -54.12 -11.98
N ILE E 192 -4.70 -53.66 -11.21
CA ILE E 192 -5.18 -54.36 -10.03
C ILE E 192 -6.69 -54.26 -10.13
N ALA E 193 -7.40 -55.26 -9.60
CA ALA E 193 -8.85 -55.36 -9.62
C ALA E 193 -9.50 -55.55 -8.24
N THR E 194 -10.36 -54.61 -7.87
CA THR E 194 -11.02 -54.76 -6.58
C THR E 194 -12.52 -54.84 -6.78
N MET E 195 -12.92 -55.40 -7.93
CA MET E 195 -14.30 -55.57 -8.38
C MET E 195 -14.68 -54.32 -9.16
N GLU E 196 -14.77 -53.25 -8.39
CA GLU E 196 -14.95 -51.88 -8.85
C GLU E 196 -14.13 -51.12 -7.79
N GLY E 197 -13.60 -49.96 -8.16
CA GLY E 197 -12.85 -49.18 -7.19
C GLY E 197 -12.02 -48.10 -7.85
N GLY E 198 -11.48 -47.20 -7.04
CA GLY E 198 -10.64 -46.14 -7.58
C GLY E 198 -9.95 -45.45 -6.44
N CYS E 199 -9.01 -44.55 -6.73
CA CYS E 199 -8.33 -43.83 -5.68
CA CYS E 199 -8.24 -43.87 -5.71
C CYS E 199 -7.70 -42.58 -6.26
N ILE E 200 -7.58 -41.59 -5.39
CA ILE E 200 -7.01 -40.29 -5.74
C ILE E 200 -5.83 -40.08 -4.76
N VAL E 201 -4.70 -39.57 -5.26
CA VAL E 201 -3.57 -39.34 -4.39
C VAL E 201 -3.26 -37.87 -4.38
N THR E 202 -2.68 -37.42 -3.27
CA THR E 202 -2.24 -36.03 -3.13
C THR E 202 -1.24 -35.90 -1.98
N ASP E 203 -0.38 -34.88 -2.10
CA ASP E 203 0.65 -34.54 -1.13
C ASP E 203 0.23 -33.29 -0.34
N ASP E 204 -0.98 -32.80 -0.64
CA ASP E 204 -1.62 -31.60 -0.07
C ASP E 204 -2.65 -31.95 0.98
N GLU E 205 -2.36 -31.54 2.19
CA GLU E 205 -3.28 -31.85 3.26
C GLU E 205 -4.67 -31.29 3.02
N GLU E 206 -4.75 -29.99 2.76
CA GLU E 206 -6.05 -29.35 2.55
C GLU E 206 -6.96 -30.19 1.62
N ILE E 207 -6.41 -30.45 0.44
CA ILE E 207 -7.15 -31.18 -0.60
C ILE E 207 -7.58 -32.54 -0.07
N TYR E 208 -6.69 -33.20 0.67
CA TYR E 208 -6.91 -34.55 1.21
C TYR E 208 -8.15 -34.55 2.07
N HIS E 209 -8.16 -33.63 3.01
CA HIS E 209 -9.26 -33.46 3.91
C HIS E 209 -10.56 -33.27 3.17
N ILE E 210 -10.52 -32.44 2.14
CA ILE E 210 -11.70 -32.13 1.36
C ILE E 210 -12.22 -33.42 0.78
N LEU E 211 -11.31 -34.21 0.23
CA LEU E 211 -11.68 -35.47 -0.35
C LEU E 211 -12.39 -36.25 0.77
N LEU E 212 -11.76 -36.28 1.91
CA LEU E 212 -12.32 -37.00 3.02
C LEU E 212 -13.80 -36.53 3.16
N CYS E 213 -14.03 -35.23 3.18
CA CYS E 213 -15.38 -34.70 3.34
C CYS E 213 -16.31 -35.04 2.15
N ILE E 214 -15.94 -34.70 0.92
CA ILE E 214 -16.86 -35.04 -0.18
C ILE E 214 -17.05 -36.51 -0.58
N ARG E 215 -16.21 -37.41 -0.10
CA ARG E 215 -16.48 -38.79 -0.53
C ARG E 215 -17.66 -39.41 0.24
N ALA E 216 -17.90 -38.86 1.44
CA ALA E 216 -18.94 -39.32 2.38
C ALA E 216 -19.87 -38.22 2.92
N HIS E 217 -21.00 -37.99 2.24
CA HIS E 217 -22.04 -37.02 2.61
C HIS E 217 -21.64 -35.64 3.01
N GLY E 218 -20.41 -35.29 2.66
CA GLY E 218 -19.90 -33.97 2.96
C GLY E 218 -20.01 -33.75 4.47
N TRP E 219 -20.00 -34.83 5.25
CA TRP E 219 -20.03 -34.70 6.73
C TRP E 219 -18.56 -34.58 7.17
N THR E 220 -18.36 -34.62 8.49
CA THR E 220 -17.07 -34.47 9.16
C THR E 220 -16.55 -35.69 9.96
N ARG E 221 -17.29 -36.77 9.94
CA ARG E 221 -16.90 -37.99 10.61
C ARG E 221 -15.49 -38.49 10.23
N ASN E 222 -15.10 -38.37 8.97
CA ASN E 222 -13.80 -38.89 8.57
C ASN E 222 -12.67 -37.89 8.69
N LEU E 223 -13.01 -36.74 9.22
CA LEU E 223 -12.04 -35.69 9.39
C LEU E 223 -11.39 -35.66 10.77
N PRO E 224 -10.06 -35.53 10.82
CA PRO E 224 -9.28 -35.45 12.05
C PRO E 224 -9.82 -34.32 12.85
N LYS E 225 -9.76 -34.46 14.15
CA LYS E 225 -10.24 -33.45 15.08
C LYS E 225 -9.77 -32.07 14.71
N LYS E 226 -8.50 -32.00 14.39
CA LYS E 226 -7.91 -30.73 13.99
C LYS E 226 -7.73 -30.96 12.50
N ASN E 227 -8.36 -30.13 11.68
CA ASN E 227 -8.36 -30.41 10.26
C ASN E 227 -8.35 -29.18 9.42
N LYS E 228 -8.01 -29.37 8.14
CA LYS E 228 -7.94 -28.23 7.24
C LYS E 228 -9.31 -27.69 6.78
N VAL E 229 -10.36 -28.48 7.02
CA VAL E 229 -11.67 -28.04 6.58
C VAL E 229 -12.59 -27.24 7.47
N THR E 230 -12.83 -27.71 8.69
CA THR E 230 -13.70 -27.03 9.64
C THR E 230 -12.85 -26.45 10.73
N GLY E 231 -11.66 -27.01 10.92
CA GLY E 231 -10.73 -26.50 11.93
C GLY E 231 -10.62 -27.45 13.12
N VAL E 232 -11.40 -27.14 14.15
CA VAL E 232 -11.45 -28.03 15.30
C VAL E 232 -12.86 -28.66 15.40
N LYS E 233 -12.96 -29.99 15.27
CA LYS E 233 -14.22 -30.74 15.41
C LYS E 233 -14.69 -30.58 16.87
N SER E 234 -15.99 -30.45 17.10
CA SER E 234 -16.47 -30.31 18.48
C SER E 234 -16.50 -31.66 19.14
N ASP E 235 -16.78 -31.68 20.45
CA ASP E 235 -16.86 -32.94 21.17
C ASP E 235 -18.30 -33.43 21.25
N ASP E 236 -19.27 -32.59 20.91
CA ASP E 236 -20.64 -33.08 20.98
C ASP E 236 -21.08 -33.97 19.80
N GLN E 237 -20.95 -35.27 20.02
CA GLN E 237 -21.27 -36.30 19.05
C GLN E 237 -22.62 -36.08 18.41
N PHE E 238 -23.59 -35.83 19.29
CA PHE E 238 -24.95 -35.67 18.85
C PHE E 238 -25.02 -34.55 17.83
N GLU E 239 -24.15 -33.56 17.96
CA GLU E 239 -24.19 -32.45 16.99
C GLU E 239 -23.19 -32.59 15.87
N GLU E 240 -21.92 -32.81 16.19
CA GLU E 240 -20.89 -32.89 15.13
C GLU E 240 -21.18 -33.92 14.05
N SER E 241 -21.54 -35.12 14.50
CA SER E 241 -21.87 -36.23 13.61
C SER E 241 -23.00 -35.87 12.67
N PHE E 242 -23.65 -34.74 12.92
CA PHE E 242 -24.68 -34.33 11.99
C PHE E 242 -24.46 -33.01 11.29
N LYS E 243 -23.19 -32.63 11.22
CA LYS E 243 -22.76 -31.43 10.50
C LYS E 243 -22.34 -31.70 9.04
N PHE E 244 -22.98 -31.04 8.08
CA PHE E 244 -22.57 -31.17 6.68
C PHE E 244 -22.02 -29.81 6.30
N VAL E 245 -20.87 -29.79 5.62
CA VAL E 245 -20.26 -28.50 5.31
C VAL E 245 -19.77 -28.41 3.88
N LEU E 246 -19.89 -29.48 3.10
CA LEU E 246 -19.43 -29.38 1.71
C LEU E 246 -20.43 -30.16 0.91
N PRO E 247 -20.76 -29.65 -0.26
CA PRO E 247 -21.71 -30.28 -1.14
C PRO E 247 -21.03 -31.38 -1.93
N GLY E 248 -20.96 -32.57 -1.34
CA GLY E 248 -20.32 -33.71 -2.00
C GLY E 248 -21.27 -34.83 -2.43
N TYR E 249 -20.80 -36.05 -2.28
CA TYR E 249 -21.56 -37.20 -2.71
C TYR E 249 -21.40 -38.41 -1.74
N ASN E 250 -21.96 -39.54 -2.14
CA ASN E 250 -21.72 -40.75 -1.39
C ASN E 250 -20.99 -41.54 -2.45
N VAL E 251 -19.69 -41.67 -2.26
CA VAL E 251 -18.91 -42.42 -3.23
C VAL E 251 -18.01 -43.37 -2.51
N ARG E 252 -18.45 -43.80 -1.33
CA ARG E 252 -17.70 -44.75 -0.54
C ARG E 252 -17.50 -46.07 -1.28
N PRO E 253 -16.34 -46.69 -1.07
CA PRO E 253 -16.11 -48.03 -1.57
C PRO E 253 -16.53 -48.93 -0.41
N LEU E 254 -16.64 -50.23 -0.66
CA LEU E 254 -16.97 -51.14 0.41
C LEU E 254 -15.68 -51.72 0.98
N GLU E 255 -15.79 -52.14 2.21
CA GLU E 255 -14.73 -52.78 2.92
C GLU E 255 -14.01 -53.76 2.02
N MET E 256 -14.80 -54.68 1.45
CA MET E 256 -14.31 -55.76 0.58
C MET E 256 -13.37 -55.33 -0.53
N SER E 257 -13.56 -54.12 -1.04
CA SER E 257 -12.67 -53.73 -2.10
C SER E 257 -11.41 -53.21 -1.40
N GLY E 258 -11.58 -52.78 -0.15
CA GLY E 258 -10.48 -52.26 0.65
C GLY E 258 -9.51 -53.34 1.03
N ALA E 259 -10.07 -54.51 1.30
CA ALA E 259 -9.31 -55.68 1.70
C ALA E 259 -8.68 -56.41 0.52
N ILE E 260 -9.45 -56.58 -0.55
CA ILE E 260 -8.93 -57.24 -1.74
C ILE E 260 -7.72 -56.45 -2.22
N GLY E 261 -7.88 -55.13 -2.12
CA GLY E 261 -6.88 -54.16 -2.57
C GLY E 261 -5.56 -54.42 -1.91
N ILE E 262 -5.61 -54.55 -0.59
CA ILE E 262 -4.40 -54.84 0.18
C ILE E 262 -3.64 -55.97 -0.52
N GLU E 263 -4.30 -57.10 -0.73
CA GLU E 263 -3.66 -58.23 -1.43
C GLU E 263 -3.01 -57.80 -2.77
N GLN E 264 -3.81 -57.24 -3.67
CA GLN E 264 -3.31 -56.80 -4.99
C GLN E 264 -2.03 -55.98 -4.91
N LEU E 265 -2.07 -55.06 -3.96
CA LEU E 265 -0.95 -54.15 -3.77
C LEU E 265 0.35 -54.93 -3.56
N LYS E 266 0.30 -55.89 -2.64
CA LYS E 266 1.46 -56.73 -2.35
C LYS E 266 1.84 -57.43 -3.65
N LYS E 267 0.87 -57.56 -4.56
CA LYS E 267 1.13 -58.25 -5.82
C LYS E 267 1.71 -57.35 -6.84
N LEU E 268 1.34 -56.08 -6.73
CA LEU E 268 1.73 -55.13 -7.74
C LEU E 268 3.08 -55.30 -8.46
N PRO E 269 4.13 -55.35 -7.66
CA PRO E 269 5.50 -55.47 -8.14
C PRO E 269 5.81 -56.59 -9.12
N ARG E 270 5.12 -57.72 -9.03
CA ARG E 270 5.39 -58.82 -9.94
C ARG E 270 4.66 -58.45 -11.19
N PHE E 271 3.35 -58.29 -11.02
CA PHE E 271 2.45 -57.91 -12.10
C PHE E 271 3.23 -57.05 -13.05
N ILE E 272 3.77 -55.97 -12.49
CA ILE E 272 4.56 -55.03 -13.25
C ILE E 272 5.79 -55.63 -13.95
N SER E 273 6.75 -56.13 -13.18
CA SER E 273 7.92 -56.74 -13.80
C SER E 273 7.55 -57.56 -15.05
N VAL E 274 6.63 -58.50 -14.88
CA VAL E 274 6.15 -59.41 -15.92
C VAL E 274 5.55 -58.78 -17.15
N ARG E 275 4.76 -57.76 -16.90
CA ARG E 275 4.11 -57.07 -17.99
C ARG E 275 5.22 -56.41 -18.79
N ARG E 276 6.21 -55.91 -18.08
CA ARG E 276 7.35 -55.24 -18.70
C ARG E 276 8.20 -56.21 -19.53
N LYS E 277 8.47 -57.38 -18.94
CA LYS E 277 9.18 -58.49 -19.61
C LYS E 277 8.42 -58.91 -20.86
N ASN E 278 7.09 -59.02 -20.75
CA ASN E 278 6.25 -59.35 -21.92
C ASN E 278 6.45 -58.27 -22.98
N ALA E 279 6.39 -57.01 -22.52
CA ALA E 279 6.52 -55.81 -23.36
C ALA E 279 7.74 -55.89 -24.22
N GLU E 280 8.85 -56.05 -23.54
CA GLU E 280 10.17 -56.13 -24.11
C GLU E 280 10.13 -57.13 -25.25
N TYR E 281 9.67 -58.33 -24.96
CA TYR E 281 9.61 -59.37 -25.96
C TYR E 281 8.82 -58.86 -27.14
N PHE E 282 7.65 -58.36 -26.81
CA PHE E 282 6.76 -57.87 -27.82
C PHE E 282 7.46 -56.81 -28.66
N LEU E 283 8.27 -55.98 -28.01
CA LEU E 283 8.96 -54.97 -28.76
C LEU E 283 9.94 -55.61 -29.71
N ASP E 284 10.96 -56.31 -29.22
CA ASP E 284 11.83 -56.97 -30.16
C ASP E 284 11.00 -57.51 -31.37
N LYS E 285 10.16 -58.50 -31.08
CA LYS E 285 9.34 -59.14 -32.10
C LYS E 285 8.63 -58.23 -33.13
N PHE E 286 8.28 -57.02 -32.74
CA PHE E 286 7.53 -56.16 -33.66
C PHE E 286 8.32 -54.99 -34.17
N LYS E 287 9.55 -54.88 -33.66
CA LYS E 287 10.46 -53.82 -34.03
C LYS E 287 10.35 -53.28 -35.45
N ASP E 288 10.44 -54.20 -36.39
CA ASP E 288 10.43 -53.84 -37.79
C ASP E 288 9.19 -54.24 -38.58
N HIS E 289 8.03 -53.98 -37.99
CA HIS E 289 6.83 -54.30 -38.69
C HIS E 289 6.68 -53.45 -39.93
N PRO E 290 6.28 -54.12 -41.00
CA PRO E 290 6.12 -53.52 -42.31
C PRO E 290 4.93 -52.60 -42.40
N TYR E 291 4.05 -52.62 -41.40
CA TYR E 291 2.93 -51.71 -41.50
C TYR E 291 2.29 -51.41 -40.19
N LEU E 292 2.87 -51.95 -39.12
CA LEU E 292 2.35 -51.65 -37.79
C LEU E 292 3.40 -50.89 -37.03
N ASP E 293 2.95 -49.76 -36.46
CA ASP E 293 3.78 -48.95 -35.60
C ASP E 293 3.26 -49.23 -34.19
N VAL E 294 4.24 -49.37 -33.30
CA VAL E 294 4.17 -49.67 -31.87
C VAL E 294 4.33 -48.38 -31.02
N GLN E 295 3.72 -48.34 -29.84
CA GLN E 295 3.79 -47.18 -28.95
C GLN E 295 5.21 -46.77 -28.57
N GLN E 296 5.54 -45.50 -28.73
CA GLN E 296 6.83 -45.10 -28.27
C GLN E 296 6.74 -44.91 -26.76
N GLU E 297 7.58 -45.64 -26.05
CA GLU E 297 7.63 -45.60 -24.58
C GLU E 297 8.27 -44.35 -24.00
N THR E 298 7.67 -43.86 -22.93
CA THR E 298 8.24 -42.72 -22.24
C THR E 298 8.52 -43.14 -20.80
N GLY E 299 9.79 -43.11 -20.42
CA GLY E 299 10.21 -43.55 -19.10
C GLY E 299 9.84 -45.01 -18.94
N GLU E 300 9.46 -45.40 -17.73
CA GLU E 300 9.07 -46.78 -17.57
C GLU E 300 7.56 -47.03 -17.66
N SER E 301 7.13 -47.43 -18.87
CA SER E 301 5.74 -47.74 -19.17
C SER E 301 5.30 -49.02 -18.46
N SER E 302 4.14 -48.93 -17.82
CA SER E 302 3.61 -50.08 -17.13
C SER E 302 2.78 -50.92 -18.11
N TRP E 303 2.94 -50.64 -19.40
CA TRP E 303 2.32 -51.38 -20.53
C TRP E 303 0.90 -51.96 -20.38
N PHE E 304 -0.08 -51.09 -20.26
CA PHE E 304 -1.46 -51.56 -20.09
C PHE E 304 -1.82 -52.66 -21.17
N GLY E 305 -1.46 -52.44 -22.41
CA GLY E 305 -1.82 -53.40 -23.41
C GLY E 305 -0.96 -53.01 -24.58
N PHE E 306 -1.20 -53.61 -25.75
CA PHE E 306 -0.39 -53.30 -26.91
C PHE E 306 -1.13 -52.61 -28.05
N SER E 307 -0.72 -51.38 -28.33
CA SER E 307 -1.39 -50.61 -29.40
C SER E 307 -0.68 -50.84 -30.71
N PHE E 308 -1.42 -50.73 -31.82
CA PHE E 308 -0.84 -50.92 -33.16
C PHE E 308 -1.34 -49.83 -34.07
N ILE E 309 -0.44 -49.20 -34.81
CA ILE E 309 -0.85 -48.22 -35.80
C ILE E 309 -0.44 -48.52 -37.21
N ILE E 310 -1.47 -48.63 -38.05
CA ILE E 310 -1.21 -48.87 -39.44
C ILE E 310 -0.45 -47.69 -40.01
N LYS E 311 0.74 -48.00 -40.54
CA LYS E 311 1.63 -47.03 -41.18
C LYS E 311 0.87 -46.43 -42.37
N LYS E 312 1.12 -45.16 -42.65
CA LYS E 312 0.48 -44.50 -43.79
C LYS E 312 0.95 -45.05 -45.12
N ASP E 313 0.02 -45.34 -46.02
CA ASP E 313 0.35 -45.80 -47.37
C ASP E 313 0.67 -47.28 -47.48
N SER E 314 0.22 -48.07 -46.53
CA SER E 314 0.39 -49.53 -46.61
C SER E 314 -0.88 -50.23 -47.08
N GLY E 315 -1.88 -49.45 -47.48
CA GLY E 315 -3.11 -50.02 -48.03
C GLY E 315 -3.82 -51.14 -47.26
N VAL E 316 -3.45 -51.30 -46.00
CA VAL E 316 -4.08 -52.27 -45.12
C VAL E 316 -5.29 -51.55 -44.54
N ILE E 317 -6.32 -52.32 -44.18
CA ILE E 317 -7.48 -51.70 -43.59
C ILE E 317 -7.67 -52.35 -42.22
N ARG E 318 -8.06 -51.54 -41.24
CA ARG E 318 -8.28 -52.01 -39.89
C ARG E 318 -9.16 -53.24 -39.76
N LYS E 319 -10.42 -53.07 -40.11
CA LYS E 319 -11.41 -54.13 -39.99
C LYS E 319 -10.87 -55.53 -40.32
N GLN E 320 -10.16 -55.63 -41.43
CA GLN E 320 -9.61 -56.91 -41.89
C GLN E 320 -8.64 -57.52 -40.89
N LEU E 321 -7.91 -56.68 -40.17
CA LEU E 321 -6.96 -57.16 -39.18
C LEU E 321 -7.76 -57.58 -37.96
N VAL E 322 -8.80 -56.82 -37.67
CA VAL E 322 -9.70 -57.12 -36.59
C VAL E 322 -10.28 -58.49 -36.91
N GLU E 323 -10.70 -58.67 -38.16
CA GLU E 323 -11.18 -59.97 -38.59
C GLU E 323 -10.14 -61.04 -38.28
N ASN E 324 -8.98 -60.99 -38.93
CA ASN E 324 -8.00 -62.03 -38.66
C ASN E 324 -7.80 -62.44 -37.19
N LEU E 325 -7.75 -61.45 -36.30
CA LEU E 325 -7.50 -61.72 -34.87
C LEU E 325 -8.57 -62.46 -34.09
N ASN E 326 -9.85 -62.12 -34.31
CA ASN E 326 -10.97 -62.83 -33.64
C ASN E 326 -10.92 -64.24 -34.16
N SER E 327 -10.89 -64.34 -35.49
CA SER E 327 -10.79 -65.62 -36.17
C SER E 327 -9.56 -66.43 -35.77
N ALA E 328 -8.84 -65.97 -34.76
CA ALA E 328 -7.69 -66.74 -34.40
C ALA E 328 -7.68 -66.89 -32.88
N GLY E 329 -8.63 -66.24 -32.22
CA GLY E 329 -8.69 -66.40 -30.77
C GLY E 329 -8.03 -65.27 -30.00
N ILE E 330 -7.67 -64.20 -30.74
CA ILE E 330 -7.06 -63.02 -30.10
C ILE E 330 -8.04 -61.82 -30.05
N GLU E 331 -8.53 -61.53 -28.86
CA GLU E 331 -9.47 -60.43 -28.61
C GLU E 331 -8.76 -59.06 -28.70
N CYS E 332 -9.23 -58.23 -29.64
CA CYS E 332 -8.67 -56.90 -29.89
C CYS E 332 -9.77 -55.86 -29.83
N ARG E 333 -9.44 -54.62 -29.50
CA ARG E 333 -10.42 -53.55 -29.39
C ARG E 333 -9.72 -52.35 -29.93
N PRO E 334 -10.47 -51.28 -30.12
CA PRO E 334 -9.92 -50.05 -30.65
C PRO E 334 -8.90 -49.56 -29.63
N ILE E 335 -8.32 -48.40 -29.93
CA ILE E 335 -7.37 -47.79 -29.00
C ILE E 335 -8.16 -46.89 -28.04
N VAL E 336 -8.26 -47.26 -26.76
CA VAL E 336 -9.08 -46.52 -25.77
C VAL E 336 -10.50 -46.39 -26.29
N THR E 337 -10.88 -45.20 -26.77
CA THR E 337 -12.19 -45.05 -27.41
C THR E 337 -11.96 -44.27 -28.68
N GLY E 338 -10.69 -44.27 -29.10
CA GLY E 338 -10.16 -43.53 -30.24
C GLY E 338 -10.40 -41.99 -30.07
N ASN E 339 -10.94 -41.34 -31.11
CA ASN E 339 -11.23 -39.90 -31.09
C ASN E 339 -12.48 -39.49 -30.36
N PHE E 340 -12.30 -38.85 -29.22
CA PHE E 340 -13.46 -38.45 -28.42
C PHE E 340 -14.27 -37.33 -29.06
N LEU E 341 -13.63 -36.68 -30.02
CA LEU E 341 -14.22 -35.53 -30.64
C LEU E 341 -15.35 -35.95 -31.57
N LYS E 342 -15.35 -37.24 -31.88
CA LYS E 342 -16.38 -37.77 -32.75
C LYS E 342 -17.69 -38.06 -32.03
N ASN E 343 -17.68 -37.96 -30.70
CA ASN E 343 -18.89 -38.17 -29.93
C ASN E 343 -19.67 -36.87 -29.82
N THR E 344 -20.07 -36.31 -30.96
CA THR E 344 -20.90 -35.06 -30.99
C THR E 344 -22.08 -34.98 -29.99
N ASP E 345 -22.90 -36.03 -29.97
CA ASP E 345 -24.09 -36.05 -29.11
C ASP E 345 -23.78 -35.55 -27.75
N VAL E 346 -22.65 -35.99 -27.17
CA VAL E 346 -22.28 -35.55 -25.82
C VAL E 346 -21.56 -34.20 -25.81
N LEU E 347 -20.84 -33.93 -26.90
CA LEU E 347 -20.10 -32.67 -27.01
C LEU E 347 -21.13 -31.53 -26.91
N LYS E 348 -22.35 -31.84 -27.35
CA LYS E 348 -23.43 -30.88 -27.28
C LYS E 348 -23.40 -30.17 -25.93
N TYR E 349 -22.94 -30.86 -24.89
CA TYR E 349 -23.07 -30.28 -23.57
C TYR E 349 -22.01 -29.42 -22.98
N PHE E 350 -20.78 -29.61 -23.43
CA PHE E 350 -19.65 -28.87 -22.91
C PHE E 350 -19.62 -27.47 -23.45
N ASP E 351 -18.53 -26.80 -23.13
CA ASP E 351 -18.21 -25.48 -23.59
C ASP E 351 -16.79 -25.76 -24.00
N TYR E 352 -16.63 -26.30 -25.20
CA TYR E 352 -15.31 -26.67 -25.65
C TYR E 352 -14.78 -25.81 -26.77
N THR E 353 -13.51 -26.04 -27.06
CA THR E 353 -12.78 -25.34 -28.10
C THR E 353 -11.74 -26.35 -28.50
N VAL E 354 -11.23 -26.23 -29.72
CA VAL E 354 -10.22 -27.15 -30.15
C VAL E 354 -8.97 -26.38 -30.53
N HIS E 355 -7.85 -26.82 -30.01
CA HIS E 355 -6.62 -26.15 -30.35
C HIS E 355 -6.22 -26.73 -31.69
N ASN E 356 -6.15 -25.87 -32.71
CA ASN E 356 -5.70 -26.32 -34.03
C ASN E 356 -6.59 -27.41 -34.60
N ASN E 357 -6.03 -28.60 -34.74
CA ASN E 357 -6.75 -29.78 -35.25
C ASN E 357 -6.41 -30.98 -34.40
N VAL E 358 -7.09 -32.08 -34.66
CA VAL E 358 -6.82 -33.31 -33.91
C VAL E 358 -6.64 -34.43 -34.94
N ASP E 359 -5.68 -34.18 -35.82
CA ASP E 359 -5.37 -35.10 -36.91
C ASP E 359 -4.92 -36.45 -36.41
N ASN E 360 -3.99 -36.44 -35.45
CA ASN E 360 -3.51 -37.68 -34.86
C ASN E 360 -4.66 -38.44 -34.24
N ALA E 361 -5.42 -37.75 -33.41
CA ALA E 361 -6.56 -38.40 -32.78
C ALA E 361 -7.28 -39.27 -33.83
N GLU E 362 -7.84 -38.62 -34.85
CA GLU E 362 -8.55 -39.38 -35.87
C GLU E 362 -7.75 -40.43 -36.58
N TYR E 363 -6.50 -40.14 -36.90
CA TYR E 363 -5.82 -41.18 -37.64
C TYR E 363 -6.03 -42.43 -36.80
N LEU E 364 -5.54 -42.35 -35.58
CA LEU E 364 -5.60 -43.43 -34.63
C LEU E 364 -6.99 -43.98 -34.60
N ASP E 365 -7.91 -43.06 -34.83
CA ASP E 365 -9.33 -43.31 -34.76
C ASP E 365 -9.84 -44.40 -35.67
N LYS E 366 -9.15 -44.58 -36.78
CA LYS E 366 -9.50 -45.57 -37.78
C LYS E 366 -8.38 -46.56 -38.04
N ASN E 367 -7.21 -46.32 -37.51
CA ASN E 367 -6.09 -47.11 -37.92
C ASN E 367 -5.49 -47.76 -36.74
N GLY E 368 -6.22 -47.61 -35.67
CA GLY E 368 -5.74 -48.16 -34.45
C GLY E 368 -6.65 -49.16 -33.79
N LEU E 369 -5.96 -50.10 -33.15
CA LEU E 369 -6.55 -51.16 -32.33
C LEU E 369 -5.57 -51.60 -31.26
N PHE E 370 -6.10 -52.33 -30.31
CA PHE E 370 -5.38 -52.65 -29.11
C PHE E 370 -5.63 -54.08 -28.69
N VAL E 371 -4.58 -54.70 -28.13
CA VAL E 371 -4.60 -56.07 -27.57
C VAL E 371 -4.08 -56.05 -26.13
N GLY E 372 -4.51 -57.04 -25.34
CA GLY E 372 -4.08 -57.12 -23.96
C GLY E 372 -2.63 -57.50 -23.73
N ASN E 373 -2.23 -57.30 -22.49
CA ASN E 373 -0.93 -57.68 -22.00
C ASN E 373 -1.38 -58.02 -20.59
N HIS E 374 -0.73 -58.96 -19.92
CA HIS E 374 -1.12 -59.27 -18.53
C HIS E 374 0.03 -59.56 -17.58
N GLN E 375 -0.37 -60.04 -16.40
CA GLN E 375 0.57 -60.41 -15.34
C GLN E 375 1.05 -61.88 -15.42
N ILE E 376 1.08 -62.40 -16.65
CA ILE E 376 1.54 -63.77 -16.95
C ILE E 376 2.22 -63.65 -18.29
N GLU E 377 3.31 -64.38 -18.49
CA GLU E 377 4.00 -64.29 -19.78
C GLU E 377 3.16 -64.67 -21.01
N LEU E 378 3.29 -63.85 -22.04
CA LEU E 378 2.52 -64.04 -23.25
C LEU E 378 3.42 -64.24 -24.48
N PHE E 379 4.63 -64.74 -24.24
CA PHE E 379 5.60 -64.96 -25.33
C PHE E 379 5.00 -65.80 -26.44
N ASP E 380 4.25 -66.80 -26.01
CA ASP E 380 3.60 -67.72 -26.92
C ASP E 380 2.52 -66.97 -27.66
N GLU E 381 1.63 -66.35 -26.90
CA GLU E 381 0.54 -65.61 -27.49
C GLU E 381 1.17 -64.56 -28.41
N ILE E 382 2.31 -64.04 -27.97
CA ILE E 382 2.98 -63.03 -28.79
C ILE E 382 3.52 -63.62 -30.07
N ASP E 383 4.31 -64.67 -29.93
CA ASP E 383 4.86 -65.34 -31.11
C ASP E 383 3.74 -65.45 -32.11
N TYR E 384 2.66 -66.01 -31.61
CA TYR E 384 1.48 -66.24 -32.41
C TYR E 384 0.99 -64.95 -33.09
N LEU E 385 0.93 -63.90 -32.31
CA LEU E 385 0.45 -62.64 -32.81
C LEU E 385 1.17 -62.13 -34.07
N ARG E 386 2.48 -62.36 -34.12
CA ARG E 386 3.36 -61.94 -35.23
C ARG E 386 3.04 -62.80 -36.46
N GLU E 387 2.80 -64.07 -36.19
CA GLU E 387 2.46 -65.00 -37.23
C GLU E 387 1.24 -64.56 -38.00
N VAL E 388 0.25 -64.13 -37.21
CA VAL E 388 -1.02 -63.63 -37.71
C VAL E 388 -0.72 -62.29 -38.38
N LEU E 389 -0.13 -61.40 -37.60
CA LEU E 389 0.22 -60.12 -38.20
C LEU E 389 1.40 -60.32 -39.15
N ASN F 5 -28.33 -52.95 24.64
CA ASN F 5 -29.65 -53.58 24.77
C ASN F 5 -30.82 -53.02 23.94
N TYR F 6 -30.51 -52.11 23.00
CA TYR F 6 -31.49 -51.47 22.11
C TYR F 6 -30.74 -50.43 21.29
N PRO F 7 -30.12 -50.91 20.21
CA PRO F 7 -29.35 -50.07 19.32
C PRO F 7 -30.29 -49.63 18.22
N LEU F 8 -29.76 -48.81 17.31
CA LEU F 8 -30.61 -48.30 16.26
C LEU F 8 -30.63 -49.28 15.11
N ALA F 9 -29.47 -49.91 14.92
CA ALA F 9 -29.29 -50.82 13.83
C ALA F 9 -29.06 -52.27 14.23
N SER F 10 -29.71 -53.16 13.50
CA SER F 10 -29.55 -54.60 13.70
C SER F 10 -29.37 -55.16 12.29
N SER F 11 -29.30 -56.49 12.17
CA SER F 11 -29.10 -57.11 10.87
C SER F 11 -30.37 -57.69 10.27
N THR F 12 -30.45 -57.62 8.94
CA THR F 12 -31.59 -58.15 8.20
C THR F 12 -31.19 -59.36 7.36
N TRP F 13 -29.99 -59.86 7.62
CA TRP F 13 -29.43 -60.96 6.87
C TRP F 13 -29.43 -62.32 7.54
N ASP F 14 -29.23 -63.33 6.69
CA ASP F 14 -29.07 -64.70 7.15
C ASP F 14 -28.32 -65.52 6.11
N ASP F 15 -28.36 -66.83 6.33
CA ASP F 15 -27.64 -67.82 5.53
C ASP F 15 -27.82 -67.53 4.06
N LEU F 16 -29.08 -67.36 3.69
CA LEU F 16 -29.46 -67.04 2.31
C LEU F 16 -28.73 -65.94 1.58
N GLU F 17 -28.22 -64.96 2.32
CA GLU F 17 -27.53 -63.82 1.71
C GLU F 17 -26.12 -64.31 1.55
N TYR F 18 -25.57 -64.74 2.66
CA TYR F 18 -24.23 -65.27 2.61
C TYR F 18 -24.21 -66.20 1.40
N LYS F 19 -25.27 -66.99 1.28
CA LYS F 19 -25.44 -67.93 0.18
C LYS F 19 -25.32 -67.26 -1.19
N ALA F 20 -26.07 -66.16 -1.37
CA ALA F 20 -26.06 -65.48 -2.63
C ALA F 20 -24.68 -64.86 -2.96
N ILE F 21 -23.94 -64.53 -1.92
CA ILE F 21 -22.60 -63.95 -2.10
C ILE F 21 -21.72 -65.04 -2.68
N GLN F 22 -21.96 -66.26 -2.21
CA GLN F 22 -21.19 -67.41 -2.69
C GLN F 22 -21.53 -67.75 -4.13
N SER F 23 -22.82 -67.66 -4.45
CA SER F 23 -23.33 -67.87 -5.82
C SER F 23 -22.54 -67.01 -6.83
N VAL F 24 -22.24 -65.76 -6.42
CA VAL F 24 -21.51 -64.79 -7.23
C VAL F 24 -20.00 -65.10 -7.29
N LEU F 25 -19.48 -65.71 -6.23
CA LEU F 25 -18.05 -65.95 -6.16
C LEU F 25 -17.64 -67.12 -7.00
N ASP F 26 -18.46 -68.15 -7.01
CA ASP F 26 -18.11 -69.28 -7.84
C ASP F 26 -18.27 -68.73 -9.22
N SER F 27 -19.38 -68.00 -9.42
CA SER F 27 -19.67 -67.40 -10.72
C SER F 27 -18.47 -66.64 -11.25
N LYS F 28 -17.62 -66.17 -10.35
CA LYS F 28 -16.45 -65.44 -10.82
C LYS F 28 -16.75 -64.21 -11.65
N MET F 29 -18.02 -63.87 -11.83
CA MET F 29 -18.41 -62.70 -12.62
C MET F 29 -18.91 -61.60 -11.67
N PHE F 30 -17.97 -60.78 -11.22
CA PHE F 30 -18.20 -59.73 -10.22
C PHE F 30 -18.76 -58.35 -10.56
N THR F 31 -18.80 -57.95 -11.82
CA THR F 31 -19.33 -56.63 -12.10
C THR F 31 -20.81 -56.64 -12.42
N MET F 32 -21.40 -55.45 -12.38
CA MET F 32 -22.80 -55.28 -12.72
C MET F 32 -23.12 -56.26 -13.82
N GLY F 33 -24.19 -57.05 -13.61
CA GLY F 33 -24.58 -58.00 -14.65
C GLY F 33 -26.00 -58.54 -14.53
N GLU F 34 -26.07 -59.87 -14.55
CA GLU F 34 -27.33 -60.57 -14.49
C GLU F 34 -28.00 -60.51 -13.13
N TYR F 35 -27.24 -60.72 -12.07
CA TYR F 35 -27.83 -60.66 -10.74
C TYR F 35 -28.41 -59.24 -10.56
N VAL F 36 -27.74 -58.21 -11.09
CA VAL F 36 -28.33 -56.89 -10.97
C VAL F 36 -29.63 -56.83 -11.81
N LYS F 37 -29.52 -57.14 -13.09
CA LYS F 37 -30.65 -57.14 -14.02
C LYS F 37 -31.89 -57.73 -13.36
N GLN F 38 -31.68 -58.93 -12.84
CA GLN F 38 -32.71 -59.75 -12.20
C GLN F 38 -33.31 -59.11 -10.97
N TYR F 39 -32.46 -58.43 -10.19
CA TYR F 39 -32.91 -57.79 -8.96
C TYR F 39 -33.82 -56.58 -9.27
N GLU F 40 -33.54 -55.94 -10.39
CA GLU F 40 -34.34 -54.80 -10.77
C GLU F 40 -35.80 -55.19 -11.05
N THR F 41 -35.93 -56.07 -12.03
CA THR F 41 -37.22 -56.56 -12.49
C THR F 41 -38.14 -56.91 -11.31
N GLN F 42 -37.58 -57.58 -10.30
CA GLN F 42 -38.35 -57.90 -9.08
C GLN F 42 -38.73 -56.60 -8.32
N PHE F 43 -37.77 -55.68 -8.15
CA PHE F 43 -38.04 -54.42 -7.44
C PHE F 43 -39.14 -53.67 -8.19
N ALA F 44 -39.04 -53.56 -9.51
CA ALA F 44 -40.09 -52.88 -10.26
C ALA F 44 -41.39 -53.49 -9.82
N LYS F 45 -41.48 -54.81 -10.03
CA LYS F 45 -42.67 -55.59 -9.72
C LYS F 45 -43.19 -55.32 -8.32
N THR F 46 -42.28 -55.49 -7.37
CA THR F 46 -42.62 -55.30 -5.98
C THR F 46 -43.44 -54.04 -5.67
N PHE F 47 -43.12 -52.89 -6.27
CA PHE F 47 -43.83 -51.69 -5.85
C PHE F 47 -44.95 -51.17 -6.73
N GLY F 48 -45.09 -51.79 -7.90
CA GLY F 48 -46.08 -51.33 -8.85
C GLY F 48 -45.45 -50.25 -9.73
N SER F 49 -44.22 -50.48 -10.18
CA SER F 49 -43.58 -49.53 -11.08
C SER F 49 -43.16 -50.29 -12.34
N LYS F 50 -43.18 -49.59 -13.47
CA LYS F 50 -42.78 -50.19 -14.75
C LYS F 50 -41.30 -50.43 -14.68
N TYR F 51 -40.55 -49.35 -14.47
CA TYR F 51 -39.11 -49.53 -14.42
C TYR F 51 -38.31 -49.27 -13.12
N ALA F 52 -37.11 -49.84 -13.08
CA ALA F 52 -36.21 -49.70 -11.95
C ALA F 52 -34.78 -49.85 -12.45
N VAL F 53 -33.89 -49.04 -11.92
CA VAL F 53 -32.44 -49.12 -12.21
C VAL F 53 -31.70 -49.10 -10.85
N MET F 54 -30.82 -50.05 -10.58
CA MET F 54 -30.14 -50.03 -9.30
C MET F 54 -28.84 -49.23 -9.41
N VAL F 55 -28.48 -48.54 -8.33
CA VAL F 55 -27.25 -47.77 -8.30
C VAL F 55 -26.36 -48.06 -7.09
N SER F 56 -25.19 -47.45 -7.05
CA SER F 56 -24.29 -47.72 -5.94
C SER F 56 -24.91 -47.36 -4.58
N SER F 57 -25.75 -46.33 -4.57
CA SER F 57 -26.34 -45.91 -3.31
C SER F 57 -27.56 -45.09 -3.63
N GLY F 58 -28.30 -44.69 -2.59
CA GLY F 58 -29.54 -43.89 -2.74
C GLY F 58 -29.17 -42.47 -3.09
N SER F 59 -27.98 -42.09 -2.63
CA SER F 59 -27.38 -40.80 -2.84
C SER F 59 -27.08 -40.68 -4.34
N THR F 60 -26.46 -41.70 -4.91
CA THR F 60 -26.21 -41.67 -6.36
C THR F 60 -27.56 -41.74 -7.07
N ALA F 61 -28.54 -42.40 -6.43
CA ALA F 61 -29.90 -42.53 -6.98
C ALA F 61 -30.52 -41.13 -7.14
N ASN F 62 -30.39 -40.31 -6.12
CA ASN F 62 -30.91 -38.95 -6.17
C ASN F 62 -30.23 -38.13 -7.25
N LEU F 63 -28.93 -38.23 -7.28
CA LEU F 63 -28.17 -37.45 -8.25
C LEU F 63 -28.68 -37.74 -9.66
N LEU F 64 -28.74 -39.02 -10.02
CA LEU F 64 -29.23 -39.44 -11.31
C LEU F 64 -30.69 -39.08 -11.57
N MET F 65 -31.50 -38.96 -10.51
CA MET F 65 -32.90 -38.60 -10.70
C MET F 65 -32.93 -37.18 -11.19
N ILE F 66 -32.12 -36.32 -10.56
CA ILE F 66 -32.08 -34.92 -10.96
C ILE F 66 -31.39 -34.77 -12.32
N ALA F 67 -30.26 -35.44 -12.46
CA ALA F 67 -29.53 -35.35 -13.71
C ALA F 67 -30.49 -35.64 -14.85
N ALA F 68 -31.12 -36.80 -14.79
CA ALA F 68 -32.01 -37.27 -15.85
C ALA F 68 -32.82 -36.22 -16.58
N LEU F 69 -33.43 -35.39 -15.75
CA LEU F 69 -34.31 -34.31 -16.10
C LEU F 69 -33.75 -33.34 -17.13
N PHE F 70 -32.42 -33.24 -17.20
CA PHE F 70 -31.82 -32.32 -18.17
C PHE F 70 -31.49 -32.96 -19.46
N PHE F 71 -31.61 -34.28 -19.52
CA PHE F 71 -31.29 -34.93 -20.76
C PHE F 71 -32.46 -35.38 -21.64
N THR F 72 -33.70 -35.26 -21.15
CA THR F 72 -34.86 -35.63 -21.98
C THR F 72 -34.78 -34.87 -23.31
N LYS F 73 -35.25 -35.52 -24.39
CA LYS F 73 -35.20 -34.92 -25.73
C LYS F 73 -35.53 -33.45 -25.58
N LYS F 74 -36.58 -33.20 -24.80
CA LYS F 74 -36.90 -31.81 -24.50
C LYS F 74 -36.71 -31.78 -22.97
N PRO F 75 -35.62 -31.16 -22.54
CA PRO F 75 -35.29 -31.07 -21.11
C PRO F 75 -36.49 -30.68 -20.27
N ARG F 76 -36.50 -31.22 -19.04
CA ARG F 76 -37.58 -30.97 -18.07
C ARG F 76 -37.26 -29.79 -17.13
N LEU F 77 -35.98 -29.68 -16.78
CA LEU F 77 -35.50 -28.58 -15.96
C LEU F 77 -34.35 -27.87 -16.68
N LYS F 78 -34.05 -26.66 -16.21
CA LYS F 78 -32.98 -25.83 -16.75
C LYS F 78 -32.44 -25.07 -15.55
N LYS F 79 -31.19 -24.62 -15.62
CA LYS F 79 -30.58 -23.95 -14.48
C LYS F 79 -31.47 -22.84 -14.05
N GLY F 80 -31.37 -22.54 -12.77
CA GLY F 80 -32.14 -21.46 -12.20
C GLY F 80 -33.53 -21.96 -11.89
N ASP F 81 -34.01 -22.98 -12.61
CA ASP F 81 -35.39 -23.44 -12.30
C ASP F 81 -35.54 -23.63 -10.78
N GLU F 82 -36.71 -23.28 -10.27
CA GLU F 82 -36.96 -23.39 -8.84
C GLU F 82 -37.55 -24.72 -8.37
N ILE F 83 -37.03 -25.26 -7.25
CA ILE F 83 -37.52 -26.53 -6.76
C ILE F 83 -37.87 -26.48 -5.27
N ILE F 84 -38.96 -27.15 -4.88
CA ILE F 84 -39.34 -27.17 -3.47
C ILE F 84 -38.99 -28.42 -2.70
N VAL F 85 -38.33 -28.24 -1.56
CA VAL F 85 -37.98 -29.40 -0.76
C VAL F 85 -38.32 -29.09 0.68
N PRO F 86 -38.39 -30.10 1.53
CA PRO F 86 -38.69 -29.81 2.92
C PRO F 86 -37.43 -29.41 3.69
N ALA F 87 -37.66 -28.79 4.86
CA ALA F 87 -36.58 -28.35 5.69
C ALA F 87 -35.73 -29.49 6.31
N VAL F 88 -36.21 -30.72 6.17
CA VAL F 88 -35.58 -31.85 6.83
C VAL F 88 -35.39 -33.10 6.00
N SER F 89 -34.16 -33.59 5.97
CA SER F 89 -33.87 -34.78 5.19
C SER F 89 -32.39 -35.09 5.24
N TRP F 90 -32.02 -36.10 4.47
CA TRP F 90 -30.62 -36.52 4.39
C TRP F 90 -29.83 -35.52 3.54
N SER F 91 -28.62 -35.19 3.98
CA SER F 91 -27.87 -34.23 3.21
C SER F 91 -28.00 -34.48 1.70
N THR F 92 -27.76 -35.71 1.25
CA THR F 92 -27.83 -36.03 -0.17
C THR F 92 -29.13 -35.84 -0.91
N THR F 93 -30.18 -35.41 -0.22
CA THR F 93 -31.40 -35.11 -0.95
C THR F 93 -31.11 -33.76 -1.66
N TYR F 94 -30.31 -32.96 -0.97
CA TYR F 94 -30.01 -31.61 -1.38
C TYR F 94 -28.94 -31.34 -2.38
N TYR F 95 -27.75 -31.80 -2.04
CA TYR F 95 -26.61 -31.66 -2.97
C TYR F 95 -26.85 -31.69 -4.50
N PRO F 96 -27.52 -32.71 -5.04
CA PRO F 96 -27.70 -32.80 -6.50
C PRO F 96 -28.32 -31.58 -7.13
N LEU F 97 -29.07 -30.84 -6.33
CA LEU F 97 -29.72 -29.62 -6.86
C LEU F 97 -28.73 -28.47 -6.91
N GLN F 98 -27.86 -28.43 -5.91
CA GLN F 98 -26.88 -27.38 -5.87
C GLN F 98 -25.98 -27.68 -7.02
N GLN F 99 -25.78 -28.99 -7.25
CA GLN F 99 -24.87 -29.46 -8.27
C GLN F 99 -25.42 -29.31 -9.68
N TYR F 100 -26.73 -29.25 -9.84
CA TYR F 100 -27.20 -29.05 -11.18
C TYR F 100 -27.65 -27.61 -11.32
N GLY F 101 -27.31 -26.83 -10.31
CA GLY F 101 -27.62 -25.42 -10.28
C GLY F 101 -29.09 -25.06 -10.37
N LEU F 102 -29.91 -25.65 -9.51
CA LEU F 102 -31.31 -25.30 -9.48
C LEU F 102 -31.48 -24.25 -8.41
N ARG F 103 -32.66 -23.65 -8.36
CA ARG F 103 -32.90 -22.64 -7.34
C ARG F 103 -33.74 -23.39 -6.29
N VAL F 104 -33.26 -23.42 -5.04
CA VAL F 104 -33.92 -24.14 -3.92
C VAL F 104 -34.77 -23.32 -2.94
N LYS F 105 -36.00 -23.76 -2.75
CA LYS F 105 -36.92 -23.09 -1.84
C LYS F 105 -37.39 -24.10 -0.79
N PHE F 106 -36.99 -23.91 0.45
CA PHE F 106 -37.38 -24.85 1.48
C PHE F 106 -38.68 -24.40 2.04
N VAL F 107 -39.39 -25.38 2.58
CA VAL F 107 -40.68 -25.20 3.25
C VAL F 107 -40.61 -25.93 4.61
N ASP F 108 -41.17 -25.33 5.66
CA ASP F 108 -41.08 -25.95 6.97
C ASP F 108 -41.75 -27.29 6.83
N ILE F 109 -41.65 -28.10 7.88
CA ILE F 109 -42.27 -29.41 7.86
C ILE F 109 -43.48 -29.28 8.74
N ASP F 110 -44.13 -30.40 9.01
CA ASP F 110 -45.29 -30.41 9.88
C ASP F 110 -44.89 -31.09 11.17
N ILE F 111 -45.03 -30.36 12.27
CA ILE F 111 -44.56 -30.90 13.52
C ILE F 111 -45.17 -32.25 13.92
N ASN F 112 -46.28 -32.60 13.30
CA ASN F 112 -46.93 -33.86 13.65
C ASN F 112 -46.49 -35.02 12.79
N THR F 113 -46.62 -34.83 11.49
CA THR F 113 -46.22 -35.86 10.55
C THR F 113 -44.74 -35.83 10.25
N LEU F 114 -44.15 -34.66 10.38
CA LEU F 114 -42.74 -34.49 10.12
C LEU F 114 -42.55 -34.46 8.62
N ASN F 115 -43.65 -34.47 7.89
CA ASN F 115 -43.50 -34.35 6.45
C ASN F 115 -43.65 -32.88 6.08
N ILE F 116 -43.42 -32.55 4.81
CA ILE F 116 -43.51 -31.17 4.37
C ILE F 116 -44.85 -30.64 4.78
N ASP F 117 -44.89 -29.38 5.23
CA ASP F 117 -46.15 -28.85 5.70
C ASP F 117 -47.04 -28.40 4.58
N ILE F 118 -48.24 -28.98 4.47
CA ILE F 118 -49.20 -28.65 3.42
C ILE F 118 -49.66 -27.21 3.26
N GLU F 119 -50.19 -26.69 4.35
CA GLU F 119 -50.68 -25.32 4.32
C GLU F 119 -49.60 -24.41 3.76
N SER F 120 -48.36 -24.64 4.16
CA SER F 120 -47.27 -23.79 3.70
C SER F 120 -46.98 -24.02 2.24
N LEU F 121 -46.78 -25.29 1.92
CA LEU F 121 -46.50 -25.63 0.56
C LEU F 121 -47.58 -25.07 -0.36
N LYS F 122 -48.80 -24.96 0.13
CA LYS F 122 -49.88 -24.40 -0.68
C LYS F 122 -49.56 -22.97 -1.04
N GLU F 123 -49.10 -22.19 -0.05
CA GLU F 123 -48.71 -20.80 -0.32
C GLU F 123 -47.36 -20.76 -1.03
N ALA F 124 -46.55 -21.82 -0.88
CA ALA F 124 -45.23 -21.80 -1.53
C ALA F 124 -45.27 -22.03 -3.02
N VAL F 125 -46.17 -22.91 -3.46
CA VAL F 125 -46.24 -23.24 -4.87
C VAL F 125 -46.73 -22.02 -5.61
N THR F 126 -45.91 -21.59 -6.57
CA THR F 126 -46.12 -20.36 -7.32
C THR F 126 -45.98 -20.68 -8.81
N ASP F 127 -46.14 -19.68 -9.67
CA ASP F 127 -46.08 -19.96 -11.11
C ASP F 127 -44.66 -20.26 -11.57
N SER F 128 -43.76 -20.10 -10.59
CA SER F 128 -42.32 -20.26 -10.79
C SER F 128 -41.81 -21.66 -10.47
N THR F 129 -42.63 -22.46 -9.81
CA THR F 129 -42.19 -23.77 -9.38
C THR F 129 -42.11 -24.78 -10.47
N LYS F 130 -40.91 -25.30 -10.67
CA LYS F 130 -40.79 -26.26 -11.72
C LYS F 130 -41.13 -27.64 -11.18
N ALA F 131 -40.85 -27.84 -9.89
CA ALA F 131 -41.02 -29.17 -9.40
C ALA F 131 -40.97 -29.20 -7.90
N ILE F 132 -41.30 -30.37 -7.36
CA ILE F 132 -41.40 -30.58 -5.92
C ILE F 132 -40.91 -31.94 -5.52
N LEU F 133 -39.75 -31.94 -4.88
CA LEU F 133 -39.10 -33.15 -4.45
C LEU F 133 -39.57 -33.44 -3.05
N THR F 134 -40.55 -34.32 -2.89
CA THR F 134 -40.99 -34.62 -1.53
C THR F 134 -40.12 -35.65 -0.86
N VAL F 135 -40.23 -35.67 0.46
CA VAL F 135 -39.53 -36.64 1.24
C VAL F 135 -40.40 -37.34 2.30
N ASN F 136 -40.73 -38.61 2.07
CA ASN F 136 -41.47 -39.44 3.02
C ASN F 136 -40.52 -39.80 4.14
N LEU F 137 -40.68 -39.05 5.22
CA LEU F 137 -39.86 -39.16 6.40
C LEU F 137 -40.22 -40.31 7.36
N LEU F 138 -39.20 -41.05 7.79
CA LEU F 138 -39.25 -42.12 8.77
C LEU F 138 -40.19 -43.27 8.42
N GLY F 139 -40.45 -43.44 7.15
CA GLY F 139 -41.39 -44.48 6.77
C GLY F 139 -42.76 -43.86 6.49
N ASN F 140 -42.99 -42.65 7.02
CA ASN F 140 -44.25 -41.92 6.83
C ASN F 140 -44.44 -41.30 5.46
N PRO F 141 -45.54 -41.68 4.84
CA PRO F 141 -45.85 -41.20 3.52
C PRO F 141 -46.43 -39.82 3.48
N ASN F 142 -46.35 -39.19 2.32
CA ASN F 142 -46.85 -37.84 2.18
C ASN F 142 -48.28 -37.95 1.80
N ASN F 143 -49.04 -36.89 2.11
CA ASN F 143 -50.43 -36.92 1.76
C ASN F 143 -50.54 -36.59 0.30
N PHE F 144 -50.12 -37.52 -0.54
CA PHE F 144 -50.11 -37.34 -1.99
C PHE F 144 -51.40 -37.02 -2.70
N ASP F 145 -52.48 -36.91 -1.96
CA ASP F 145 -53.76 -36.57 -2.58
C ASP F 145 -53.80 -35.05 -2.62
N GLU F 146 -53.38 -34.48 -1.47
CA GLU F 146 -53.31 -33.06 -1.19
C GLU F 146 -52.32 -32.31 -2.07
N ILE F 147 -51.14 -32.90 -2.13
CA ILE F 147 -50.07 -32.33 -2.91
C ILE F 147 -50.60 -32.20 -4.33
N ASN F 148 -51.03 -33.32 -4.87
CA ASN F 148 -51.56 -33.31 -6.23
C ASN F 148 -52.64 -32.31 -6.51
N LYS F 149 -53.46 -32.04 -5.50
CA LYS F 149 -54.47 -31.02 -5.70
C LYS F 149 -53.88 -29.62 -5.55
N ILE F 150 -52.67 -29.52 -4.98
CA ILE F 150 -52.06 -28.19 -4.84
C ILE F 150 -51.60 -27.84 -6.24
N ILE F 151 -50.78 -28.73 -6.81
CA ILE F 151 -50.33 -28.64 -8.18
C ILE F 151 -51.40 -28.09 -9.15
N GLY F 152 -52.66 -28.48 -8.96
CA GLY F 152 -53.75 -28.03 -9.83
C GLY F 152 -53.33 -28.13 -11.31
N GLY F 153 -53.13 -29.37 -11.76
CA GLY F 153 -52.78 -29.63 -13.15
C GLY F 153 -51.54 -28.84 -13.64
N ARG F 154 -51.00 -27.98 -12.78
CA ARG F 154 -49.84 -27.19 -13.16
C ARG F 154 -48.70 -28.09 -13.63
N ASP F 155 -47.68 -27.51 -14.24
CA ASP F 155 -46.59 -28.29 -14.81
C ASP F 155 -45.42 -28.64 -13.90
N ILE F 156 -45.68 -28.56 -12.61
CA ILE F 156 -44.69 -28.90 -11.61
C ILE F 156 -44.51 -30.41 -11.60
N ILE F 157 -43.27 -30.88 -11.67
CA ILE F 157 -43.04 -32.31 -11.62
C ILE F 157 -43.05 -32.71 -10.15
N LEU F 158 -43.38 -33.96 -9.88
CA LEU F 158 -43.34 -34.44 -8.51
C LEU F 158 -42.24 -35.44 -8.40
N LEU F 159 -41.47 -35.35 -7.32
CA LEU F 159 -40.42 -36.32 -7.11
C LEU F 159 -40.47 -36.77 -5.70
N GLU F 160 -39.99 -37.99 -5.48
CA GLU F 160 -39.96 -38.48 -4.13
C GLU F 160 -38.59 -38.93 -3.70
N ASP F 161 -38.19 -38.55 -2.48
CA ASP F 161 -36.96 -39.13 -1.95
C ASP F 161 -37.54 -40.17 -0.97
N ASN F 162 -37.77 -41.37 -1.48
CA ASN F 162 -38.34 -42.46 -0.70
C ASN F 162 -37.37 -43.36 0.04
N CYS F 163 -36.20 -42.81 0.34
CA CYS F 163 -35.16 -43.55 1.04
C CYS F 163 -35.40 -44.06 2.46
N GLU F 164 -36.29 -43.43 3.21
CA GLU F 164 -36.55 -43.97 4.56
C GLU F 164 -37.84 -44.77 4.67
N SER F 165 -38.58 -44.81 3.57
CA SER F 165 -39.89 -45.46 3.56
C SER F 165 -40.11 -46.53 2.52
N MET F 166 -39.16 -47.40 2.34
CA MET F 166 -39.39 -48.44 1.39
C MET F 166 -40.50 -49.20 2.06
N GLY F 167 -41.53 -49.53 1.30
CA GLY F 167 -42.60 -50.31 1.94
C GLY F 167 -43.90 -49.56 2.20
N ALA F 168 -43.78 -48.38 2.76
CA ALA F 168 -44.98 -47.57 3.03
C ALA F 168 -45.91 -47.51 1.81
N THR F 169 -47.17 -47.22 2.13
CA THR F 169 -48.21 -47.10 1.09
C THR F 169 -49.20 -45.99 1.47
N PHE F 170 -50.01 -45.59 0.49
CA PHE F 170 -51.01 -44.56 0.72
C PHE F 170 -52.10 -44.80 -0.32
N ASN F 171 -53.30 -45.19 0.10
CA ASN F 171 -54.39 -45.45 -0.85
C ASN F 171 -54.03 -46.57 -1.80
N ASN F 172 -53.52 -47.66 -1.25
CA ASN F 172 -53.19 -48.82 -2.06
C ASN F 172 -52.09 -48.60 -3.10
N LYS F 173 -51.24 -47.59 -2.85
CA LYS F 173 -50.15 -47.28 -3.76
C LYS F 173 -48.82 -47.21 -3.03
N CYS F 174 -47.78 -47.79 -3.60
CA CYS F 174 -46.48 -47.75 -2.93
C CYS F 174 -45.85 -46.36 -2.80
N ALA F 175 -45.29 -46.09 -1.65
CA ALA F 175 -44.65 -44.80 -1.48
C ALA F 175 -43.52 -44.88 -2.50
N GLY F 176 -43.18 -43.74 -3.08
CA GLY F 176 -42.09 -43.73 -4.07
C GLY F 176 -42.48 -43.95 -5.54
N THR F 177 -43.73 -44.34 -5.73
CA THR F 177 -44.22 -44.54 -7.08
C THR F 177 -45.07 -43.36 -7.49
N PHE F 178 -45.45 -42.55 -6.52
CA PHE F 178 -46.24 -41.37 -6.84
C PHE F 178 -45.52 -40.38 -7.77
N GLY F 179 -44.22 -40.13 -7.55
CA GLY F 179 -43.44 -39.18 -8.37
C GLY F 179 -43.07 -39.59 -9.82
N LEU F 180 -42.48 -38.68 -10.59
CA LEU F 180 -42.07 -39.03 -11.95
C LEU F 180 -40.97 -40.05 -11.83
N MET F 181 -40.34 -40.01 -10.67
CA MET F 181 -39.30 -40.93 -10.30
C MET F 181 -39.34 -40.99 -8.79
N GLY F 182 -38.99 -42.14 -8.25
CA GLY F 182 -38.87 -42.32 -6.82
C GLY F 182 -37.54 -43.06 -6.59
N THR F 183 -36.80 -42.65 -5.56
CA THR F 183 -35.52 -43.26 -5.17
C THR F 183 -35.63 -44.06 -3.86
N PHE F 184 -34.86 -45.13 -3.75
CA PHE F 184 -34.83 -45.95 -2.52
C PHE F 184 -33.38 -46.22 -2.19
N SER F 185 -33.10 -46.61 -0.94
CA SER F 185 -31.73 -46.95 -0.44
C SER F 185 -31.73 -48.37 0.14
N SER F 186 -30.63 -49.10 0.00
CA SER F 186 -30.54 -50.45 0.56
C SER F 186 -29.22 -50.55 1.29
N PHE F 187 -28.90 -49.42 1.92
CA PHE F 187 -27.71 -49.21 2.75
C PHE F 187 -27.78 -50.01 4.06
N TYR F 188 -26.64 -50.27 4.66
CA TYR F 188 -26.68 -51.02 5.90
C TYR F 188 -27.93 -50.77 6.73
N ASN F 189 -28.16 -49.61 7.27
CA ASN F 189 -29.24 -49.51 8.26
C ASN F 189 -30.65 -49.22 7.79
N1 LLP F 190 -31.87 -39.98 1.27
C2 LLP F 190 -32.71 -40.41 2.22
C2' LLP F 190 -34.10 -39.82 2.27
C3 LLP F 190 -32.32 -41.39 3.12
O3 LLP F 190 -33.17 -41.83 4.06
C4 LLP F 190 -31.05 -41.91 3.03
C4' LLP F 190 -30.63 -42.96 3.99
C5 LLP F 190 -30.22 -41.43 2.04
C6 LLP F 190 -30.65 -40.45 1.16
C5' LLP F 190 -28.81 -41.93 1.88
OP4 LLP F 190 -28.67 -42.77 0.75
P LLP F 190 -27.51 -43.82 0.81
OP1 LLP F 190 -28.16 -45.10 0.17
OP2 LLP F 190 -26.37 -43.18 -0.08
OP3 LLP F 190 -27.18 -43.90 2.35
N LLP F 190 -31.02 -49.68 6.61
CA LLP F 190 -32.35 -49.40 6.10
CB LLP F 190 -32.26 -48.82 4.68
CG LLP F 190 -31.25 -47.67 4.61
CD LLP F 190 -31.85 -46.26 4.71
CE LLP F 190 -30.73 -45.21 4.76
NZ LLP F 190 -31.08 -44.13 3.85
C LLP F 190 -33.29 -50.59 6.16
O LLP F 190 -33.05 -51.54 6.88
N HIS F 191 -34.39 -50.51 5.43
CA HIS F 191 -35.39 -51.55 5.42
C HIS F 191 -34.86 -52.88 4.85
N ILE F 192 -33.97 -52.80 3.87
CA ILE F 192 -33.28 -53.96 3.33
C ILE F 192 -31.85 -53.48 3.20
N ALA F 193 -30.87 -54.38 3.07
CA ALA F 193 -29.47 -53.95 2.97
C ALA F 193 -28.71 -54.84 2.00
N THR F 194 -27.87 -54.22 1.20
CA THR F 194 -27.07 -54.95 0.22
C THR F 194 -25.69 -54.42 0.36
N MET F 195 -25.42 -53.96 1.59
CA MET F 195 -24.14 -53.33 1.98
C MET F 195 -24.24 -51.85 1.64
N GLU F 196 -24.16 -51.49 0.35
CA GLU F 196 -24.38 -50.10 -0.09
C GLU F 196 -25.38 -50.38 -1.19
N GLY F 197 -26.26 -49.47 -1.52
CA GLY F 197 -27.15 -49.81 -2.63
C GLY F 197 -28.25 -48.80 -2.75
N GLY F 198 -28.73 -48.54 -3.95
CA GLY F 198 -29.81 -47.56 -4.06
C GLY F 198 -30.58 -48.04 -5.24
N CYS F 199 -31.69 -47.39 -5.53
CA CYS F 199 -32.51 -47.74 -6.67
CA CYS F 199 -32.50 -47.74 -6.69
C CYS F 199 -33.32 -46.55 -7.17
N ILE F 200 -33.77 -46.62 -8.41
CA ILE F 200 -34.59 -45.55 -8.97
C ILE F 200 -35.70 -46.18 -9.76
N VAL F 201 -36.93 -45.80 -9.48
CA VAL F 201 -38.00 -46.37 -10.28
C VAL F 201 -38.79 -45.31 -10.95
N THR F 202 -39.38 -45.67 -12.11
CA THR F 202 -40.19 -44.77 -12.92
C THR F 202 -41.03 -45.67 -13.80
N ASP F 203 -41.93 -45.04 -14.51
CA ASP F 203 -42.84 -45.77 -15.37
C ASP F 203 -42.52 -45.23 -16.78
N ASP F 204 -41.78 -44.13 -16.80
CA ASP F 204 -41.40 -43.42 -18.04
C ASP F 204 -40.19 -43.95 -18.84
N GLU F 205 -40.45 -44.75 -19.88
CA GLU F 205 -39.40 -45.35 -20.73
C GLU F 205 -38.23 -44.48 -21.18
N GLU F 206 -38.45 -43.18 -21.40
CA GLU F 206 -37.33 -42.35 -21.81
C GLU F 206 -36.43 -42.15 -20.61
N ILE F 207 -36.99 -41.59 -19.54
CA ILE F 207 -36.15 -41.38 -18.37
C ILE F 207 -35.34 -42.63 -18.18
N TYR F 208 -36.08 -43.71 -18.08
CA TYR F 208 -35.54 -45.02 -17.84
C TYR F 208 -34.27 -45.26 -18.67
N HIS F 209 -34.43 -45.01 -19.95
CA HIS F 209 -33.42 -45.25 -20.95
C HIS F 209 -32.25 -44.32 -20.74
N ILE F 210 -32.55 -43.11 -20.27
CA ILE F 210 -31.52 -42.13 -19.94
C ILE F 210 -30.72 -42.67 -18.76
N LEU F 211 -31.48 -43.19 -17.82
CA LEU F 211 -30.95 -43.71 -16.59
C LEU F 211 -29.96 -44.80 -16.84
N LEU F 212 -30.27 -45.65 -17.81
CA LEU F 212 -29.36 -46.75 -18.11
C LEU F 212 -28.08 -46.13 -18.68
N CYS F 213 -28.23 -45.06 -19.47
CA CYS F 213 -27.10 -44.42 -20.09
C CYS F 213 -26.09 -43.80 -19.10
N ILE F 214 -26.59 -42.89 -18.26
CA ILE F 214 -25.79 -42.14 -17.27
C ILE F 214 -25.27 -42.89 -16.03
N ARG F 215 -25.82 -44.05 -15.79
CA ARG F 215 -25.35 -44.87 -14.68
C ARG F 215 -23.99 -45.36 -15.07
N ALA F 216 -23.92 -45.74 -16.33
CA ALA F 216 -22.71 -46.32 -16.86
C ALA F 216 -22.09 -45.54 -18.01
N HIS F 217 -21.13 -44.71 -17.65
CA HIS F 217 -20.34 -43.98 -18.62
C HIS F 217 -20.98 -43.21 -19.78
N GLY F 218 -22.28 -42.98 -19.78
CA GLY F 218 -22.88 -42.18 -20.87
C GLY F 218 -22.85 -42.95 -22.20
N TRP F 219 -22.63 -44.26 -22.09
CA TRP F 219 -22.54 -45.20 -23.21
C TRP F 219 -23.84 -45.96 -23.55
N THR F 220 -23.88 -46.64 -24.68
CA THR F 220 -25.13 -47.32 -25.05
C THR F 220 -25.22 -48.80 -24.82
N ARG F 221 -24.15 -49.39 -24.33
CA ARG F 221 -24.08 -50.82 -24.16
C ARG F 221 -25.29 -51.32 -23.43
N ASN F 222 -25.72 -50.58 -22.42
CA ASN F 222 -26.87 -51.06 -21.68
C ASN F 222 -28.20 -50.74 -22.32
N LEU F 223 -28.16 -49.98 -23.40
CA LEU F 223 -29.35 -49.61 -24.11
C LEU F 223 -29.84 -50.77 -24.94
N PRO F 224 -31.07 -50.62 -25.43
CA PRO F 224 -31.72 -51.59 -26.30
C PRO F 224 -31.44 -51.11 -27.71
N LYS F 225 -31.65 -51.96 -28.72
CA LYS F 225 -31.44 -51.64 -30.16
C LYS F 225 -32.23 -50.39 -30.60
N LYS F 226 -33.55 -50.40 -30.37
CA LYS F 226 -34.34 -49.21 -30.60
C LYS F 226 -34.47 -48.80 -29.12
N ASN F 227 -34.45 -47.48 -28.89
CA ASN F 227 -34.49 -46.93 -27.54
C ASN F 227 -34.72 -45.42 -27.63
N LYS F 228 -34.93 -44.80 -26.48
CA LYS F 228 -35.22 -43.37 -26.49
C LYS F 228 -34.08 -42.35 -26.58
N VAL F 229 -32.84 -42.80 -26.32
CA VAL F 229 -31.68 -41.90 -26.32
C VAL F 229 -30.90 -41.75 -27.62
N THR F 230 -30.54 -42.87 -28.23
CA THR F 230 -29.89 -42.83 -29.54
C THR F 230 -30.95 -43.11 -30.63
N GLY F 231 -31.87 -44.03 -30.35
CA GLY F 231 -32.92 -44.42 -31.28
C GLY F 231 -32.71 -45.86 -31.76
N VAL F 232 -31.74 -46.04 -32.66
CA VAL F 232 -31.42 -47.38 -33.17
C VAL F 232 -29.91 -47.56 -33.17
N LYS F 233 -29.44 -48.64 -32.54
CA LYS F 233 -28.00 -48.92 -32.41
C LYS F 233 -27.27 -49.67 -33.51
N SER F 234 -26.32 -48.98 -34.15
CA SER F 234 -25.53 -49.56 -35.22
C SER F 234 -25.12 -50.96 -34.87
N ASP F 235 -24.95 -51.82 -35.87
CA ASP F 235 -24.57 -53.16 -35.52
C ASP F 235 -23.06 -53.23 -35.35
N ASP F 236 -22.38 -52.18 -35.79
CA ASP F 236 -20.92 -52.14 -35.67
C ASP F 236 -20.56 -51.99 -34.20
N GLN F 237 -20.08 -53.09 -33.64
CA GLN F 237 -19.71 -53.14 -32.23
C GLN F 237 -18.50 -52.25 -31.93
N PHE F 238 -17.40 -52.57 -32.59
CA PHE F 238 -16.13 -51.84 -32.47
C PHE F 238 -16.41 -50.33 -32.50
N GLU F 239 -17.59 -49.96 -32.96
CA GLU F 239 -17.97 -48.55 -33.10
C GLU F 239 -19.00 -48.11 -32.09
N GLU F 240 -20.03 -48.94 -32.00
CA GLU F 240 -21.18 -48.70 -31.15
C GLU F 240 -20.89 -48.94 -29.69
N SER F 241 -19.98 -49.89 -29.41
CA SER F 241 -19.60 -50.27 -28.04
C SER F 241 -18.70 -49.25 -27.40
N PHE F 242 -18.23 -48.32 -28.23
CA PHE F 242 -17.36 -47.24 -27.78
C PHE F 242 -17.86 -45.86 -28.21
N LYS F 243 -19.13 -45.61 -27.92
CA LYS F 243 -19.81 -44.37 -28.26
C LYS F 243 -20.42 -43.83 -26.95
N PHE F 244 -20.21 -42.56 -26.65
CA PHE F 244 -20.68 -41.93 -25.43
C PHE F 244 -21.65 -40.86 -25.87
N VAL F 245 -22.81 -40.76 -25.24
CA VAL F 245 -23.81 -39.80 -25.77
C VAL F 245 -24.42 -38.85 -24.78
N LEU F 246 -24.18 -39.17 -23.51
CA LEU F 246 -24.64 -38.39 -22.39
C LEU F 246 -23.48 -38.20 -21.41
N PRO F 247 -23.50 -37.08 -20.69
CA PRO F 247 -22.49 -36.79 -19.70
C PRO F 247 -23.04 -37.44 -18.43
N GLY F 248 -22.72 -38.72 -18.23
CA GLY F 248 -23.27 -39.50 -17.12
C GLY F 248 -22.17 -39.75 -16.14
N TYR F 249 -22.24 -40.86 -15.40
CA TYR F 249 -21.20 -41.23 -14.43
C TYR F 249 -20.98 -42.73 -14.45
N ASN F 250 -20.35 -43.20 -13.38
CA ASN F 250 -20.19 -44.61 -13.16
C ASN F 250 -20.66 -44.83 -11.73
N VAL F 251 -21.95 -45.12 -11.60
CA VAL F 251 -22.53 -45.36 -10.30
C VAL F 251 -23.08 -46.78 -10.22
N ARG F 252 -22.52 -47.64 -11.06
CA ARG F 252 -22.85 -49.06 -11.14
C ARG F 252 -22.65 -49.75 -9.81
N PRO F 253 -23.65 -50.54 -9.43
CA PRO F 253 -23.58 -51.33 -8.22
C PRO F 253 -22.85 -52.57 -8.66
N LEU F 254 -22.39 -53.35 -7.69
CA LEU F 254 -21.75 -54.61 -8.06
C LEU F 254 -22.81 -55.68 -8.18
N GLU F 255 -22.38 -56.85 -8.65
CA GLU F 255 -23.30 -57.97 -8.85
C GLU F 255 -23.71 -58.51 -7.49
N MET F 256 -22.78 -58.51 -6.55
CA MET F 256 -23.00 -59.04 -5.22
C MET F 256 -24.25 -58.46 -4.55
N SER F 257 -24.38 -57.14 -4.65
CA SER F 257 -25.47 -56.36 -4.05
C SER F 257 -26.79 -56.71 -4.70
N GLY F 258 -26.72 -57.11 -5.97
CA GLY F 258 -27.89 -57.48 -6.78
C GLY F 258 -28.41 -58.74 -6.17
N ALA F 259 -27.54 -59.75 -6.12
CA ALA F 259 -27.79 -61.06 -5.53
C ALA F 259 -28.42 -60.94 -4.15
N ILE F 260 -27.74 -60.22 -3.29
CA ILE F 260 -28.30 -60.01 -1.99
C ILE F 260 -29.69 -59.37 -2.05
N GLY F 261 -29.83 -58.34 -2.88
CA GLY F 261 -31.06 -57.58 -3.00
C GLY F 261 -32.20 -58.51 -3.30
N ILE F 262 -31.88 -59.57 -4.04
CA ILE F 262 -32.87 -60.59 -4.36
C ILE F 262 -33.34 -61.31 -3.06
N GLU F 263 -32.44 -61.83 -2.26
CA GLU F 263 -32.90 -62.48 -1.02
C GLU F 263 -33.69 -61.57 -0.11
N GLN F 264 -33.33 -60.29 -0.10
CA GLN F 264 -33.98 -59.34 0.80
C GLN F 264 -35.37 -58.95 0.43
N LEU F 265 -35.61 -58.77 -0.87
CA LEU F 265 -36.95 -58.34 -1.33
C LEU F 265 -38.00 -59.36 -0.95
N LYS F 266 -37.54 -60.61 -0.87
CA LYS F 266 -38.38 -61.73 -0.47
C LYS F 266 -38.81 -61.69 1.00
N LYS F 267 -37.92 -61.16 1.83
CA LYS F 267 -38.20 -61.05 3.25
C LYS F 267 -39.01 -59.80 3.54
N LEU F 268 -38.98 -58.84 2.64
CA LEU F 268 -39.63 -57.55 2.86
C LEU F 268 -40.99 -57.54 3.60
N PRO F 269 -41.98 -58.23 3.03
CA PRO F 269 -43.32 -58.25 3.59
C PRO F 269 -43.29 -58.53 5.08
N ARG F 270 -42.45 -59.50 5.46
CA ARG F 270 -42.24 -59.85 6.84
C ARG F 270 -41.57 -58.68 7.57
N PHE F 271 -40.47 -58.16 7.05
CA PHE F 271 -39.79 -57.00 7.67
C PHE F 271 -40.79 -55.90 7.98
N ILE F 272 -41.67 -55.58 7.02
CA ILE F 272 -42.69 -54.56 7.24
C ILE F 272 -43.73 -54.95 8.29
N SER F 273 -44.26 -56.14 8.14
CA SER F 273 -45.24 -56.60 9.09
C SER F 273 -44.75 -56.39 10.51
N VAL F 274 -43.59 -56.94 10.80
CA VAL F 274 -42.98 -56.88 12.14
C VAL F 274 -42.73 -55.44 12.61
N ARG F 275 -42.18 -54.65 11.71
CA ARG F 275 -41.92 -53.26 11.98
C ARG F 275 -43.17 -52.53 12.42
N ARG F 276 -44.28 -52.88 11.80
CA ARG F 276 -45.51 -52.19 12.09
C ARG F 276 -46.10 -52.67 13.42
N LYS F 277 -45.92 -53.94 13.68
CA LYS F 277 -46.44 -54.50 14.92
C LYS F 277 -45.72 -53.77 16.03
N ASN F 278 -44.41 -53.70 15.88
CA ASN F 278 -43.62 -53.03 16.84
C ASN F 278 -44.16 -51.64 17.04
N ALA F 279 -44.58 -50.97 15.97
CA ALA F 279 -44.99 -49.58 16.05
C ALA F 279 -46.32 -49.40 16.69
N GLU F 280 -47.19 -50.37 16.36
CA GLU F 280 -48.56 -50.42 16.86
C GLU F 280 -48.55 -50.53 18.39
N TYR F 281 -47.68 -51.39 18.91
CA TYR F 281 -47.47 -51.51 20.36
C TYR F 281 -46.84 -50.21 20.91
N PHE F 282 -45.89 -49.66 20.16
CA PHE F 282 -45.18 -48.45 20.53
C PHE F 282 -46.17 -47.33 20.89
N LEU F 283 -47.08 -47.09 19.97
CA LEU F 283 -48.04 -46.02 20.16
C LEU F 283 -48.94 -46.23 21.34
N ASP F 284 -49.38 -47.48 21.52
CA ASP F 284 -50.24 -47.80 22.65
C ASP F 284 -49.41 -47.44 23.86
N LYS F 285 -48.17 -47.88 23.84
CA LYS F 285 -47.23 -47.59 24.91
C LYS F 285 -47.03 -46.07 25.11
N PHE F 286 -46.81 -45.35 24.03
CA PHE F 286 -46.53 -43.94 24.17
C PHE F 286 -47.71 -43.08 23.91
N LYS F 287 -48.86 -43.69 24.06
CA LYS F 287 -50.10 -43.02 23.78
C LYS F 287 -50.38 -41.62 24.33
N ASP F 288 -50.43 -41.44 25.66
CA ASP F 288 -50.69 -40.09 26.20
C ASP F 288 -49.54 -39.57 27.05
N HIS F 289 -48.33 -39.84 26.58
CA HIS F 289 -47.12 -39.46 27.29
C HIS F 289 -47.10 -38.03 27.80
N PRO F 290 -46.78 -37.89 29.09
CA PRO F 290 -46.74 -36.60 29.76
C PRO F 290 -46.02 -35.50 29.04
N TYR F 291 -44.93 -35.82 28.37
CA TYR F 291 -44.17 -34.76 27.73
C TYR F 291 -43.56 -35.10 26.39
N LEU F 292 -44.12 -36.08 25.71
CA LEU F 292 -43.59 -36.42 24.41
C LEU F 292 -44.58 -36.63 23.32
N ASP F 293 -44.23 -36.08 22.18
CA ASP F 293 -45.02 -36.28 21.00
C ASP F 293 -44.42 -37.33 20.05
N VAL F 294 -45.32 -38.09 19.45
CA VAL F 294 -44.99 -39.13 18.47
C VAL F 294 -45.41 -38.70 17.07
N GLN F 295 -44.79 -39.31 16.07
CA GLN F 295 -45.10 -38.95 14.70
C GLN F 295 -46.54 -39.33 14.40
N GLN F 296 -47.22 -38.55 13.59
CA GLN F 296 -48.61 -38.98 13.36
C GLN F 296 -48.75 -39.67 12.00
N GLU F 297 -49.28 -40.89 12.03
CA GLU F 297 -49.38 -41.66 10.82
C GLU F 297 -50.26 -41.18 9.67
N THR F 298 -49.71 -41.35 8.48
CA THR F 298 -50.40 -41.05 7.24
C THR F 298 -50.37 -42.29 6.38
N GLY F 299 -51.58 -42.68 5.96
CA GLY F 299 -51.77 -43.91 5.21
C GLY F 299 -51.12 -45.00 6.08
N GLU F 300 -50.28 -45.85 5.48
CA GLU F 300 -49.60 -46.87 6.26
C GLU F 300 -48.09 -46.63 6.11
N SER F 301 -47.42 -46.26 7.22
CA SER F 301 -45.97 -46.00 7.15
C SER F 301 -45.13 -47.26 7.23
N SER F 302 -43.88 -47.20 6.79
CA SER F 302 -43.05 -48.36 6.93
C SER F 302 -42.25 -48.32 8.23
N TRP F 303 -42.57 -47.34 9.07
CA TRP F 303 -41.89 -47.21 10.38
C TRP F 303 -40.40 -47.47 10.46
N PHE F 304 -39.65 -46.67 9.73
CA PHE F 304 -38.20 -46.71 9.74
C PHE F 304 -37.70 -46.66 11.21
N GLY F 305 -38.18 -45.71 12.01
CA GLY F 305 -37.81 -45.61 13.42
C GLY F 305 -38.89 -44.85 14.20
N PHE F 306 -38.56 -44.50 15.44
CA PHE F 306 -39.48 -43.77 16.32
C PHE F 306 -38.90 -42.44 16.81
N SER F 307 -39.52 -41.37 16.31
CA SER F 307 -39.19 -39.97 16.59
C SER F 307 -39.96 -39.52 17.81
N PHE F 308 -39.38 -38.61 18.58
CA PHE F 308 -40.06 -38.15 19.79
C PHE F 308 -39.82 -36.70 19.89
N ILE F 309 -40.92 -35.95 19.97
CA ILE F 309 -40.83 -34.53 20.15
C ILE F 309 -41.19 -34.18 21.61
N ILE F 310 -40.44 -33.25 22.15
CA ILE F 310 -40.61 -32.87 23.51
C ILE F 310 -41.63 -31.75 23.56
N LYS F 311 -42.69 -31.94 24.36
CA LYS F 311 -43.81 -31.02 24.50
C LYS F 311 -43.49 -29.55 24.88
N LYS F 312 -44.05 -28.59 24.16
CA LYS F 312 -43.72 -27.18 24.40
C LYS F 312 -44.13 -26.74 25.80
N ASP F 313 -43.19 -26.22 26.56
CA ASP F 313 -43.49 -25.85 27.93
C ASP F 313 -43.63 -27.09 28.80
N SER F 314 -42.72 -28.03 28.64
CA SER F 314 -42.70 -29.28 29.37
C SER F 314 -41.60 -29.25 30.42
N GLY F 315 -40.71 -28.28 30.20
CA GLY F 315 -39.59 -28.08 31.09
C GLY F 315 -38.38 -28.94 30.78
N VAL F 316 -38.60 -30.09 30.16
CA VAL F 316 -37.50 -30.98 29.85
C VAL F 316 -36.61 -30.59 28.67
N ILE F 317 -35.34 -30.93 28.79
CA ILE F 317 -34.29 -30.60 27.82
C ILE F 317 -33.64 -31.82 27.19
N ARG F 318 -33.62 -31.87 25.86
CA ARG F 318 -33.03 -33.01 25.19
C ARG F 318 -31.77 -33.60 25.80
N LYS F 319 -30.84 -32.70 26.09
CA LYS F 319 -29.53 -33.05 26.63
C LYS F 319 -29.58 -34.12 27.73
N GLN F 320 -30.68 -34.13 28.50
CA GLN F 320 -30.89 -35.03 29.63
C GLN F 320 -31.35 -36.40 29.18
N LEU F 321 -32.57 -36.39 28.69
CA LEU F 321 -33.27 -37.52 28.12
C LEU F 321 -32.25 -38.30 27.34
N VAL F 322 -31.40 -37.54 26.67
CA VAL F 322 -30.38 -38.14 25.85
C VAL F 322 -29.41 -38.91 26.73
N GLU F 323 -28.83 -38.19 27.69
CA GLU F 323 -27.91 -38.78 28.63
C GLU F 323 -28.49 -40.05 29.24
N ASN F 324 -29.69 -39.91 29.84
CA ASN F 324 -30.32 -41.06 30.49
C ASN F 324 -30.48 -42.18 29.52
N LEU F 325 -30.73 -41.80 28.26
CA LEU F 325 -30.95 -42.81 27.24
C LEU F 325 -29.74 -43.64 26.94
N ASN F 326 -28.59 -43.00 26.91
CA ASN F 326 -27.38 -43.74 26.65
C ASN F 326 -26.96 -44.46 27.90
N SER F 327 -27.06 -43.74 29.02
CA SER F 327 -26.69 -44.32 30.31
C SER F 327 -27.62 -45.47 30.62
N ALA F 328 -28.77 -45.51 29.94
CA ALA F 328 -29.72 -46.59 30.14
C ALA F 328 -29.48 -47.74 29.15
N GLY F 329 -28.51 -47.56 28.26
CA GLY F 329 -28.14 -48.61 27.30
C GLY F 329 -29.04 -48.63 26.06
N ILE F 330 -29.44 -47.45 25.63
CA ILE F 330 -30.31 -47.32 24.48
C ILE F 330 -29.71 -46.24 23.56
N GLU F 331 -29.52 -46.64 22.32
CA GLU F 331 -28.94 -45.76 21.35
C GLU F 331 -30.01 -44.82 20.85
N CYS F 332 -29.61 -43.60 20.52
CA CYS F 332 -30.54 -42.58 19.99
C CYS F 332 -29.70 -41.59 19.21
N ARG F 333 -30.41 -40.78 18.43
CA ARG F 333 -29.76 -39.79 17.58
C ARG F 333 -30.79 -38.71 17.25
N PRO F 334 -30.39 -37.76 16.40
CA PRO F 334 -31.28 -36.67 15.99
C PRO F 334 -32.29 -37.34 15.07
N ILE F 335 -33.39 -36.66 14.81
CA ILE F 335 -34.37 -37.14 13.83
C ILE F 335 -33.78 -36.74 12.47
N VAL F 336 -33.18 -37.73 11.80
CA VAL F 336 -32.49 -37.51 10.52
C VAL F 336 -31.33 -36.56 10.87
N THR F 337 -31.18 -35.40 10.21
CA THR F 337 -30.05 -34.53 10.55
C THR F 337 -30.44 -33.26 11.23
N GLY F 338 -31.66 -33.21 11.74
CA GLY F 338 -32.13 -32.02 12.40
C GLY F 338 -32.64 -31.05 11.36
N ASN F 339 -32.52 -29.77 11.67
CA ASN F 339 -32.95 -28.66 10.82
C ASN F 339 -31.91 -28.53 9.71
N PHE F 340 -32.27 -28.85 8.47
CA PHE F 340 -31.26 -28.74 7.42
C PHE F 340 -30.58 -27.39 7.27
N LEU F 341 -31.40 -26.36 7.37
CA LEU F 341 -30.99 -24.96 7.26
C LEU F 341 -29.92 -24.51 8.21
N LYS F 342 -29.70 -25.24 9.29
CA LYS F 342 -28.66 -24.84 10.25
C LYS F 342 -27.20 -25.00 9.73
N ASN F 343 -27.08 -25.76 8.66
CA ASN F 343 -25.81 -26.04 8.00
C ASN F 343 -25.34 -24.96 7.06
N THR F 344 -25.02 -23.81 7.66
CA THR F 344 -24.60 -22.61 6.95
C THR F 344 -23.46 -22.73 5.94
N ASP F 345 -22.46 -23.50 6.33
CA ASP F 345 -21.26 -23.61 5.54
C ASP F 345 -21.44 -24.20 4.16
N VAL F 346 -22.43 -25.09 3.98
CA VAL F 346 -22.63 -25.71 2.69
C VAL F 346 -23.65 -24.80 1.96
N LEU F 347 -24.50 -24.12 2.72
CA LEU F 347 -25.49 -23.24 2.13
C LEU F 347 -24.95 -22.05 1.33
N LYS F 348 -23.72 -21.62 1.68
CA LYS F 348 -23.09 -20.58 0.89
C LYS F 348 -23.00 -21.04 -0.55
N TYR F 349 -23.08 -22.36 -0.78
CA TYR F 349 -22.99 -22.93 -2.13
C TYR F 349 -24.28 -22.99 -2.92
N PHE F 350 -25.40 -22.90 -2.21
CA PHE F 350 -26.66 -23.00 -2.89
C PHE F 350 -27.27 -21.68 -3.28
N ASP F 351 -28.33 -21.75 -4.09
CA ASP F 351 -29.07 -20.58 -4.47
C ASP F 351 -30.42 -20.98 -3.90
N TYR F 352 -30.69 -20.52 -2.71
CA TYR F 352 -31.92 -20.93 -2.07
C TYR F 352 -32.62 -19.79 -1.42
N THR F 353 -33.85 -20.10 -1.04
CA THR F 353 -34.67 -19.14 -0.39
C THR F 353 -35.46 -20.07 0.50
N VAL F 354 -35.91 -19.53 1.62
CA VAL F 354 -36.70 -20.23 2.61
C VAL F 354 -38.08 -19.61 2.66
N HIS F 355 -39.10 -20.39 2.33
CA HIS F 355 -40.47 -19.88 2.34
C HIS F 355 -41.00 -19.68 3.75
N ASN F 356 -41.48 -18.46 3.99
CA ASN F 356 -41.99 -18.00 5.28
C ASN F 356 -40.96 -18.20 6.37
N ASN F 357 -41.12 -19.24 7.18
CA ASN F 357 -40.14 -19.54 8.23
C ASN F 357 -40.10 -21.05 8.35
N VAL F 358 -39.30 -21.57 9.27
CA VAL F 358 -39.27 -23.01 9.51
C VAL F 358 -39.04 -23.22 10.97
N ASP F 359 -40.06 -22.86 11.74
CA ASP F 359 -39.90 -22.92 13.19
C ASP F 359 -40.01 -24.32 13.67
N ASN F 360 -40.85 -25.04 12.94
CA ASN F 360 -41.13 -26.42 13.25
C ASN F 360 -39.82 -27.14 13.25
N ALA F 361 -39.21 -27.18 12.08
CA ALA F 361 -37.91 -27.83 11.89
C ALA F 361 -36.91 -27.34 12.92
N GLU F 362 -37.10 -26.10 13.37
CA GLU F 362 -36.16 -25.55 14.32
C GLU F 362 -36.46 -26.24 15.63
N TYR F 363 -37.74 -26.30 15.96
CA TYR F 363 -38.13 -26.90 17.19
C TYR F 363 -37.67 -28.34 17.12
N LEU F 364 -37.98 -28.95 16.00
CA LEU F 364 -37.54 -30.32 15.83
C LEU F 364 -36.07 -30.41 16.16
N ASP F 365 -35.30 -29.42 15.70
CA ASP F 365 -33.87 -29.48 15.87
C ASP F 365 -33.32 -29.40 17.28
N LYS F 366 -34.11 -28.89 18.21
CA LYS F 366 -33.52 -28.83 19.52
C LYS F 366 -34.27 -29.72 20.45
N ASN F 367 -35.48 -30.11 20.05
CA ASN F 367 -36.27 -30.94 20.97
C ASN F 367 -36.74 -32.28 20.41
N GLY F 368 -36.03 -32.76 19.42
CA GLY F 368 -36.36 -34.01 18.81
C GLY F 368 -35.31 -35.09 18.95
N LEU F 369 -35.75 -36.29 19.30
CA LEU F 369 -34.85 -37.42 19.37
C LEU F 369 -35.48 -38.66 18.77
N PHE F 370 -34.67 -39.67 18.52
CA PHE F 370 -35.12 -40.80 17.73
C PHE F 370 -34.47 -42.11 18.14
N VAL F 371 -35.27 -43.16 18.16
CA VAL F 371 -34.77 -44.48 18.51
C VAL F 371 -35.17 -45.42 17.42
N GLY F 372 -34.39 -46.50 17.33
CA GLY F 372 -34.55 -47.40 16.22
C GLY F 372 -35.78 -48.26 16.23
N ASN F 373 -36.14 -48.75 15.05
CA ASN F 373 -37.22 -49.71 14.89
C ASN F 373 -36.60 -50.81 14.02
N HIS F 374 -36.78 -52.10 14.36
CA HIS F 374 -36.17 -53.17 13.56
C HIS F 374 -37.17 -54.21 13.06
N GLN F 375 -36.74 -55.10 12.17
CA GLN F 375 -37.63 -56.12 11.64
C GLN F 375 -37.76 -57.39 12.50
N ILE F 376 -37.50 -57.27 13.79
CA ILE F 376 -37.66 -58.39 14.73
C ILE F 376 -38.43 -57.76 15.86
N GLU F 377 -39.27 -58.51 16.57
CA GLU F 377 -40.04 -57.87 17.63
C GLU F 377 -39.33 -57.17 18.80
N LEU F 378 -39.84 -56.00 19.20
CA LEU F 378 -39.26 -55.18 20.28
C LEU F 378 -40.16 -54.92 21.51
N PHE F 379 -41.17 -55.75 21.72
CA PHE F 379 -42.05 -55.50 22.85
C PHE F 379 -41.31 -55.25 24.15
N ASP F 380 -40.26 -56.01 24.38
CA ASP F 380 -39.55 -55.82 25.63
C ASP F 380 -38.66 -54.57 25.64
N GLU F 381 -38.03 -54.28 24.52
CA GLU F 381 -37.17 -53.13 24.34
C GLU F 381 -38.00 -51.85 24.48
N ILE F 382 -39.19 -51.92 23.90
CA ILE F 382 -40.11 -50.78 23.93
C ILE F 382 -40.58 -50.55 25.35
N ASP F 383 -40.89 -51.64 26.04
CA ASP F 383 -41.36 -51.61 27.43
C ASP F 383 -40.32 -50.88 28.26
N TYR F 384 -39.10 -51.35 28.13
CA TYR F 384 -37.95 -50.82 28.87
C TYR F 384 -37.69 -49.35 28.53
N LEU F 385 -37.92 -49.01 27.27
CA LEU F 385 -37.73 -47.61 26.84
C LEU F 385 -38.68 -46.76 27.66
N ARG F 386 -39.96 -47.16 27.68
CA ARG F 386 -41.02 -46.41 28.37
C ARG F 386 -40.85 -46.28 29.87
N GLU F 387 -40.06 -47.17 30.46
CA GLU F 387 -39.79 -47.08 31.91
C GLU F 387 -38.74 -45.95 32.01
N VAL F 388 -37.69 -46.02 31.19
CA VAL F 388 -36.68 -44.98 31.21
C VAL F 388 -37.33 -43.60 31.06
N LEU F 389 -38.22 -43.46 30.08
CA LEU F 389 -38.84 -42.15 29.89
C LEU F 389 -40.11 -41.90 30.72
N LYS F 390 -39.96 -41.99 32.05
CA LYS F 390 -41.04 -41.74 33.01
C LYS F 390 -41.47 -40.29 32.87
N ILE G 4 -26.18 25.72 -34.66
CA ILE G 4 -27.40 26.39 -34.24
C ILE G 4 -27.23 27.91 -34.14
N ASN G 5 -28.20 28.64 -34.71
CA ASN G 5 -28.22 30.11 -34.65
C ASN G 5 -28.97 30.56 -33.42
N TYR G 6 -30.13 29.94 -33.21
CA TYR G 6 -31.02 30.29 -32.11
C TYR G 6 -31.19 29.13 -31.14
N PRO G 7 -30.21 28.92 -30.28
CA PRO G 7 -30.33 27.88 -29.28
C PRO G 7 -31.40 28.29 -28.26
N LEU G 8 -31.77 27.37 -27.37
CA LEU G 8 -32.73 27.65 -26.29
C LEU G 8 -32.06 28.37 -25.11
N ALA G 9 -30.76 28.20 -24.94
CA ALA G 9 -30.16 28.86 -23.80
C ALA G 9 -28.79 29.43 -24.07
N SER G 10 -28.19 29.99 -23.03
CA SER G 10 -26.88 30.61 -23.15
C SER G 10 -26.41 31.08 -21.79
N SER G 11 -25.10 31.34 -21.70
CA SER G 11 -24.50 31.77 -20.46
C SER G 11 -24.86 33.16 -19.99
N THR G 12 -24.95 33.31 -18.67
CA THR G 12 -25.28 34.58 -17.99
C THR G 12 -24.14 35.05 -17.10
N TRP G 13 -23.05 34.29 -17.16
CA TRP G 13 -21.83 34.50 -16.35
C TRP G 13 -20.78 35.33 -17.10
N ASP G 14 -20.11 36.21 -16.36
CA ASP G 14 -19.07 37.12 -16.89
C ASP G 14 -17.68 36.58 -16.57
N ASP G 15 -17.00 37.35 -15.73
CA ASP G 15 -15.67 37.02 -15.22
C ASP G 15 -15.89 37.23 -13.73
N LEU G 16 -16.91 38.01 -13.40
CA LEU G 16 -17.15 38.22 -11.98
C LEU G 16 -17.51 36.89 -11.33
N GLU G 17 -18.43 36.16 -11.93
CA GLU G 17 -18.76 34.85 -11.38
C GLU G 17 -17.52 33.93 -11.37
N TYR G 18 -16.65 34.01 -12.37
CA TYR G 18 -15.45 33.14 -12.35
C TYR G 18 -14.47 33.56 -11.23
N LYS G 19 -14.62 34.80 -10.84
CA LYS G 19 -13.78 35.45 -9.86
C LYS G 19 -14.37 35.09 -8.51
N ALA G 20 -15.68 35.03 -8.48
CA ALA G 20 -16.38 34.73 -7.22
C ALA G 20 -16.09 33.28 -6.86
N ILE G 21 -15.59 32.54 -7.83
CA ILE G 21 -15.32 31.14 -7.60
C ILE G 21 -13.99 31.11 -6.90
N GLN G 22 -12.97 31.60 -7.59
CA GLN G 22 -11.67 31.60 -6.97
C GLN G 22 -11.76 31.96 -5.51
N SER G 23 -12.38 33.10 -5.21
CA SER G 23 -12.48 33.57 -3.83
C SER G 23 -12.89 32.45 -2.89
N VAL G 24 -14.05 31.89 -3.17
CA VAL G 24 -14.50 30.79 -2.35
C VAL G 24 -13.31 29.85 -2.19
N LEU G 25 -12.67 29.50 -3.30
CA LEU G 25 -11.54 28.56 -3.28
C LEU G 25 -10.43 28.88 -2.28
N ASP G 26 -10.03 30.15 -2.23
CA ASP G 26 -8.99 30.56 -1.28
C ASP G 26 -9.51 30.68 0.15
N SER G 27 -10.82 30.80 0.34
CA SER G 27 -11.29 30.82 1.71
C SER G 27 -11.00 29.38 2.15
N LYS G 28 -11.16 28.44 1.21
CA LYS G 28 -10.99 27.04 1.52
C LYS G 28 -12.05 26.66 2.53
N MET G 29 -13.28 27.05 2.22
CA MET G 29 -14.43 26.72 3.06
C MET G 29 -15.53 26.54 2.02
N PHE G 30 -15.89 25.29 1.79
CA PHE G 30 -16.86 24.92 0.77
C PHE G 30 -18.30 24.81 1.24
N THR G 31 -18.48 24.21 2.42
CA THR G 31 -19.79 23.99 2.98
C THR G 31 -20.52 25.28 3.21
N MET G 32 -21.83 25.16 3.04
CA MET G 32 -22.77 26.25 3.24
C MET G 32 -22.26 27.26 4.30
N GLY G 33 -22.02 28.49 3.87
CA GLY G 33 -21.52 29.52 4.78
C GLY G 33 -21.86 30.98 4.45
N GLU G 34 -20.92 31.86 4.77
CA GLU G 34 -21.09 33.30 4.60
C GLU G 34 -21.77 33.70 3.33
N TYR G 35 -21.11 33.24 2.28
CA TYR G 35 -21.49 33.51 0.91
C TYR G 35 -22.91 33.09 0.71
N VAL G 36 -23.27 31.88 1.14
CA VAL G 36 -24.66 31.47 0.94
C VAL G 36 -25.51 32.40 1.79
N LYS G 37 -25.01 32.74 3.00
CA LYS G 37 -25.78 33.57 3.92
C LYS G 37 -25.91 34.98 3.42
N GLN G 38 -24.84 35.44 2.78
CA GLN G 38 -24.90 36.79 2.23
C GLN G 38 -25.93 36.77 1.13
N TYR G 39 -25.85 35.74 0.31
CA TYR G 39 -26.77 35.57 -0.80
C TYR G 39 -28.23 35.66 -0.33
N GLU G 40 -28.59 34.82 0.63
CA GLU G 40 -29.94 34.89 1.15
C GLU G 40 -30.40 36.31 1.54
N THR G 41 -29.56 37.08 2.20
CA THR G 41 -30.00 38.39 2.65
C THR G 41 -30.34 39.26 1.47
N GLN G 42 -29.43 39.18 0.49
CA GLN G 42 -29.51 39.92 -0.76
C GLN G 42 -30.83 39.67 -1.51
N PHE G 43 -31.23 38.39 -1.55
CA PHE G 43 -32.45 37.89 -2.23
C PHE G 43 -33.73 38.37 -1.52
N ALA G 44 -33.70 38.31 -0.20
CA ALA G 44 -34.82 38.74 0.64
C ALA G 44 -35.15 40.13 0.15
N LYS G 45 -34.10 40.94 0.02
CA LYS G 45 -34.23 42.30 -0.39
C LYS G 45 -34.72 42.39 -1.83
N THR G 46 -33.94 41.84 -2.76
CA THR G 46 -34.31 41.91 -4.18
C THR G 46 -35.78 41.65 -4.52
N PHE G 47 -36.42 40.71 -3.84
CA PHE G 47 -37.79 40.47 -4.22
C PHE G 47 -38.86 41.02 -3.31
N GLY G 48 -38.42 41.75 -2.27
CA GLY G 48 -39.29 42.38 -1.27
C GLY G 48 -39.92 41.41 -0.25
N SER G 49 -39.07 40.57 0.35
CA SER G 49 -39.53 39.54 1.29
C SER G 49 -38.83 39.61 2.62
N LYS G 50 -39.55 39.27 3.68
CA LYS G 50 -38.91 39.28 4.98
C LYS G 50 -37.80 38.28 5.04
N TYR G 51 -38.09 37.03 4.71
CA TYR G 51 -37.05 36.01 4.74
C TYR G 51 -36.97 35.20 3.45
N ALA G 52 -35.77 34.67 3.21
CA ALA G 52 -35.48 33.76 2.09
C ALA G 52 -34.44 32.69 2.44
N VAL G 53 -34.72 31.41 2.16
CA VAL G 53 -33.75 30.34 2.42
C VAL G 53 -33.34 29.72 1.10
N MET G 54 -32.03 29.50 0.92
CA MET G 54 -31.57 28.91 -0.31
C MET G 54 -31.31 27.41 -0.16
N VAL G 55 -31.78 26.63 -1.15
CA VAL G 55 -31.62 25.17 -1.17
C VAL G 55 -30.84 24.67 -2.38
N SER G 56 -30.63 23.36 -2.46
CA SER G 56 -29.87 22.79 -3.57
C SER G 56 -30.47 22.96 -4.98
N SER G 57 -31.79 23.17 -5.08
CA SER G 57 -32.45 23.40 -6.39
C SER G 57 -33.88 23.96 -6.21
N GLY G 58 -34.57 24.30 -7.30
CA GLY G 58 -35.95 24.79 -7.24
C GLY G 58 -36.82 23.62 -6.79
N SER G 59 -36.41 22.41 -7.18
CA SER G 59 -37.10 21.18 -6.77
C SER G 59 -37.18 20.89 -5.27
N THR G 60 -36.09 21.11 -4.55
CA THR G 60 -36.06 20.87 -3.10
C THR G 60 -36.75 22.02 -2.38
N ALA G 61 -36.68 23.15 -3.05
CA ALA G 61 -37.37 24.28 -2.51
C ALA G 61 -38.85 23.88 -2.63
N ASN G 62 -39.24 23.29 -3.75
CA ASN G 62 -40.63 22.89 -3.89
C ASN G 62 -40.99 21.87 -2.81
N LEU G 63 -40.02 21.03 -2.46
CA LEU G 63 -40.21 19.99 -1.47
C LEU G 63 -40.19 20.54 -0.07
N LEU G 64 -39.30 21.48 0.24
CA LEU G 64 -39.42 21.96 1.60
C LEU G 64 -40.70 22.79 1.75
N MET G 65 -41.11 23.45 0.69
CA MET G 65 -42.33 24.23 0.80
C MET G 65 -43.48 23.40 1.33
N ILE G 66 -43.80 22.33 0.61
CA ILE G 66 -44.91 21.50 1.05
C ILE G 66 -44.65 20.95 2.46
N ALA G 67 -43.40 20.63 2.70
CA ALA G 67 -43.00 20.07 3.96
C ALA G 67 -43.29 20.96 5.14
N ALA G 68 -42.67 22.13 5.13
CA ALA G 68 -42.79 23.09 6.20
C ALA G 68 -44.18 23.06 6.78
N LEU G 69 -45.13 22.91 5.86
CA LEU G 69 -46.56 22.94 6.18
C LEU G 69 -47.14 21.94 7.16
N PHE G 70 -46.42 20.85 7.34
CA PHE G 70 -46.93 19.80 8.19
C PHE G 70 -46.37 19.92 9.59
N PHE G 71 -45.42 20.82 9.72
CA PHE G 71 -44.76 20.98 10.99
C PHE G 71 -45.05 22.18 11.87
N THR G 72 -45.78 23.18 11.36
CA THR G 72 -46.06 24.39 12.18
C THR G 72 -46.69 23.94 13.46
N LYS G 73 -46.41 24.65 14.55
CA LYS G 73 -46.95 24.31 15.88
C LYS G 73 -48.33 23.76 15.64
N LYS G 74 -49.06 24.54 14.85
CA LYS G 74 -50.38 24.15 14.41
C LYS G 74 -50.16 23.70 12.94
N PRO G 75 -50.12 22.39 12.75
CA PRO G 75 -49.94 21.83 11.41
C PRO G 75 -50.94 22.46 10.44
N ARG G 76 -50.43 23.05 9.36
CA ARG G 76 -51.27 23.72 8.38
C ARG G 76 -52.00 22.88 7.34
N LEU G 77 -51.47 21.69 7.11
CA LEU G 77 -52.08 20.72 6.20
C LEU G 77 -51.77 19.34 6.73
N LYS G 78 -52.56 18.36 6.30
CA LYS G 78 -52.36 16.97 6.68
C LYS G 78 -52.82 16.04 5.59
N LYS G 79 -52.51 14.76 5.79
CA LYS G 79 -52.88 13.75 4.84
C LYS G 79 -54.31 13.82 4.40
N GLY G 80 -54.47 13.81 3.09
CA GLY G 80 -55.80 13.83 2.52
C GLY G 80 -56.27 15.23 2.15
N ASP G 81 -55.64 16.25 2.74
CA ASP G 81 -55.93 17.66 2.46
C ASP G 81 -55.92 17.93 0.97
N GLU G 82 -56.95 18.60 0.48
CA GLU G 82 -57.05 18.86 -0.96
C GLU G 82 -56.32 20.09 -1.49
N ILE G 83 -55.43 19.85 -2.43
CA ILE G 83 -54.68 20.95 -2.99
C ILE G 83 -54.94 21.16 -4.46
N ILE G 84 -55.11 22.41 -4.79
CA ILE G 84 -55.39 22.72 -6.18
C ILE G 84 -54.17 23.11 -6.99
N VAL G 85 -54.00 22.45 -8.14
CA VAL G 85 -52.86 22.73 -8.99
C VAL G 85 -53.27 22.86 -10.46
N PRO G 86 -52.47 23.61 -11.24
CA PRO G 86 -52.73 23.80 -12.66
C PRO G 86 -52.23 22.57 -13.39
N ALA G 87 -52.80 22.30 -14.54
CA ALA G 87 -52.41 21.13 -15.30
C ALA G 87 -51.05 21.18 -15.98
N VAL G 88 -50.47 22.37 -16.05
CA VAL G 88 -49.20 22.48 -16.77
C VAL G 88 -48.03 23.10 -16.02
N SER G 89 -47.11 22.24 -15.55
CA SER G 89 -45.92 22.73 -14.82
C SER G 89 -44.83 21.70 -15.01
N TRP G 90 -43.64 21.99 -14.46
CA TRP G 90 -42.51 21.07 -14.42
C TRP G 90 -42.80 19.96 -13.40
N SER G 91 -42.25 18.76 -13.67
CA SER G 91 -42.55 17.55 -12.84
C SER G 91 -42.49 17.71 -11.30
N THR G 92 -41.42 18.37 -10.85
CA THR G 92 -41.15 18.63 -9.44
C THR G 92 -42.08 19.63 -8.79
N THR G 93 -43.07 20.10 -9.53
CA THR G 93 -44.05 20.96 -8.91
C THR G 93 -45.00 19.98 -8.20
N TYR G 94 -45.22 18.82 -8.83
CA TYR G 94 -46.16 17.80 -8.38
C TYR G 94 -45.78 16.75 -7.37
N TYR G 95 -44.66 16.08 -7.62
CA TYR G 95 -44.15 14.97 -6.79
C TYR G 95 -44.32 15.04 -5.25
N PRO G 96 -43.96 16.19 -4.71
CA PRO G 96 -44.03 16.43 -3.28
C PRO G 96 -45.43 16.33 -2.68
N LEU G 97 -46.43 16.55 -3.50
CA LEU G 97 -47.80 16.51 -2.98
C LEU G 97 -48.06 15.04 -2.78
N GLN G 98 -47.49 14.29 -3.70
CA GLN G 98 -47.69 12.89 -3.69
C GLN G 98 -46.90 12.42 -2.52
N GLN G 99 -45.71 12.96 -2.36
CA GLN G 99 -44.89 12.51 -1.27
C GLN G 99 -45.45 12.79 0.11
N TYR G 100 -46.28 13.82 0.22
CA TYR G 100 -46.87 14.14 1.53
C TYR G 100 -48.36 13.74 1.63
N GLY G 101 -48.84 12.86 0.77
CA GLY G 101 -50.21 12.36 0.88
C GLY G 101 -51.38 13.31 0.72
N LEU G 102 -51.26 14.25 -0.20
CA LEU G 102 -52.34 15.19 -0.41
C LEU G 102 -53.23 14.75 -1.57
N ARG G 103 -54.47 15.18 -1.48
CA ARG G 103 -55.41 14.84 -2.51
C ARG G 103 -55.19 15.98 -3.53
N VAL G 104 -54.91 15.64 -4.79
CA VAL G 104 -54.59 16.65 -5.82
C VAL G 104 -55.67 16.99 -6.84
N LYS G 105 -56.02 18.27 -6.89
CA LYS G 105 -56.99 18.72 -7.86
C LYS G 105 -56.38 19.54 -8.98
N PHE G 106 -56.49 18.95 -10.15
CA PHE G 106 -55.99 19.54 -11.36
C PHE G 106 -57.09 20.40 -11.97
N VAL G 107 -56.71 21.60 -12.39
CA VAL G 107 -57.60 22.53 -13.12
C VAL G 107 -56.93 22.91 -14.46
N ASP G 108 -57.68 22.99 -15.54
CA ASP G 108 -57.12 23.40 -16.80
C ASP G 108 -56.38 24.75 -16.73
N ILE G 109 -55.64 25.06 -17.78
CA ILE G 109 -54.90 26.31 -17.80
C ILE G 109 -55.65 27.20 -18.76
N ASP G 110 -55.37 28.50 -18.67
CA ASP G 110 -56.00 29.42 -19.60
C ASP G 110 -55.12 29.43 -20.82
N ILE G 111 -55.81 29.33 -21.92
CA ILE G 111 -55.15 29.24 -23.19
C ILE G 111 -54.38 30.44 -23.67
N ASN G 112 -54.71 31.62 -23.16
CA ASN G 112 -54.04 32.82 -23.59
C ASN G 112 -52.90 33.12 -22.64
N THR G 113 -53.20 33.04 -21.35
CA THR G 113 -52.13 33.37 -20.41
C THR G 113 -51.24 32.17 -20.15
N LEU G 114 -51.85 30.98 -20.25
CA LEU G 114 -51.19 29.68 -20.03
C LEU G 114 -51.17 29.33 -18.56
N ASN G 115 -51.54 30.29 -17.73
CA ASN G 115 -51.65 29.99 -16.31
C ASN G 115 -53.04 29.38 -16.07
N ILE G 116 -53.34 29.11 -14.79
CA ILE G 116 -54.60 28.49 -14.36
C ILE G 116 -55.85 29.25 -14.78
N ASP G 117 -56.87 28.52 -15.24
CA ASP G 117 -58.11 29.17 -15.67
C ASP G 117 -58.89 29.74 -14.50
N ILE G 118 -59.04 31.06 -14.49
CA ILE G 118 -59.76 31.73 -13.44
C ILE G 118 -61.18 31.20 -13.30
N GLU G 119 -61.84 31.05 -14.43
CA GLU G 119 -63.23 30.59 -14.41
C GLU G 119 -63.44 29.18 -13.88
N SER G 120 -62.43 28.33 -14.02
CA SER G 120 -62.48 26.94 -13.55
C SER G 120 -62.10 26.96 -12.11
N LEU G 121 -61.00 27.68 -11.87
CA LEU G 121 -60.47 27.88 -10.54
C LEU G 121 -61.67 28.30 -9.69
N LYS G 122 -62.40 29.30 -10.19
CA LYS G 122 -63.57 29.84 -9.52
C LYS G 122 -64.38 28.70 -8.96
N GLU G 123 -64.89 27.92 -9.91
CA GLU G 123 -65.77 26.81 -9.69
C GLU G 123 -65.13 25.55 -9.08
N ALA G 124 -63.80 25.49 -9.00
CA ALA G 124 -63.09 24.30 -8.48
C ALA G 124 -62.89 24.30 -6.98
N VAL G 125 -62.72 25.51 -6.47
CA VAL G 125 -62.49 25.74 -5.09
C VAL G 125 -63.75 25.36 -4.37
N THR G 126 -63.64 24.35 -3.51
CA THR G 126 -64.78 23.89 -2.72
C THR G 126 -64.51 24.19 -1.27
N ASP G 127 -65.51 23.86 -0.45
CA ASP G 127 -65.43 24.00 0.98
C ASP G 127 -64.25 23.14 1.46
N SER G 128 -63.95 22.07 0.72
CA SER G 128 -62.90 21.15 1.08
C SER G 128 -61.47 21.59 0.76
N THR G 129 -61.34 22.62 -0.06
CA THR G 129 -60.02 23.12 -0.48
C THR G 129 -59.12 23.79 0.60
N LYS G 130 -57.95 23.19 0.85
CA LYS G 130 -57.05 23.75 1.83
C LYS G 130 -55.94 24.61 1.22
N ALA G 131 -55.65 24.36 -0.05
CA ALA G 131 -54.60 25.16 -0.69
C ALA G 131 -54.48 25.19 -2.19
N ILE G 132 -53.84 26.28 -2.61
CA ILE G 132 -53.66 26.55 -4.02
C ILE G 132 -52.21 26.74 -4.34
N LEU G 133 -51.65 25.75 -5.01
CA LEU G 133 -50.25 25.86 -5.42
C LEU G 133 -50.34 26.48 -6.80
N THR G 134 -49.97 27.75 -6.95
CA THR G 134 -50.06 28.37 -8.29
C THR G 134 -48.71 28.38 -8.99
N VAL G 135 -48.71 28.54 -10.31
CA VAL G 135 -47.44 28.52 -11.04
C VAL G 135 -47.41 29.66 -12.03
N ASN G 136 -46.40 30.52 -11.92
CA ASN G 136 -46.22 31.65 -12.83
C ASN G 136 -45.48 31.06 -14.01
N LEU G 137 -46.15 30.95 -15.14
CA LEU G 137 -45.59 30.24 -16.30
C LEU G 137 -44.88 31.04 -17.33
N LEU G 138 -43.67 30.59 -17.63
CA LEU G 138 -42.80 31.25 -18.62
C LEU G 138 -42.56 32.70 -18.25
N GLY G 139 -42.61 33.03 -16.96
CA GLY G 139 -42.37 34.39 -16.49
C GLY G 139 -43.62 35.26 -16.30
N ASN G 140 -44.71 34.86 -16.94
CA ASN G 140 -45.99 35.58 -16.91
C ASN G 140 -46.79 35.30 -15.64
N PRO G 141 -46.92 36.25 -14.73
CA PRO G 141 -47.63 36.01 -13.47
C PRO G 141 -49.16 35.85 -13.48
N ASN G 142 -49.69 35.22 -12.44
CA ASN G 142 -51.13 35.02 -12.31
C ASN G 142 -51.82 36.27 -11.90
N ASN G 143 -53.08 36.39 -12.30
CA ASN G 143 -53.77 37.56 -11.84
C ASN G 143 -54.13 37.27 -10.37
N PHE G 144 -53.30 37.76 -9.46
CA PHE G 144 -53.47 37.51 -8.05
C PHE G 144 -54.72 38.16 -7.45
N ASP G 145 -55.09 39.34 -7.95
CA ASP G 145 -56.30 39.96 -7.45
C ASP G 145 -57.54 39.10 -7.68
N GLU G 146 -57.57 38.43 -8.83
CA GLU G 146 -58.67 37.51 -9.12
C GLU G 146 -58.60 36.32 -8.17
N ILE G 147 -57.40 35.75 -8.03
CA ILE G 147 -57.21 34.60 -7.15
C ILE G 147 -57.67 34.99 -5.73
N ASN G 148 -57.16 36.14 -5.28
CA ASN G 148 -57.47 36.65 -3.95
C ASN G 148 -58.97 36.78 -3.71
N LYS G 149 -59.68 37.04 -4.80
CA LYS G 149 -61.14 37.18 -4.75
C LYS G 149 -61.75 35.81 -4.56
N ILE G 150 -61.23 34.81 -5.28
CA ILE G 150 -61.81 33.46 -5.18
C ILE G 150 -61.59 32.96 -3.76
N ILE G 151 -60.39 33.16 -3.23
CA ILE G 151 -60.16 32.75 -1.86
C ILE G 151 -61.32 33.21 -1.01
N GLY G 152 -61.43 34.53 -0.90
CA GLY G 152 -62.49 35.12 -0.08
C GLY G 152 -61.84 35.49 1.24
N GLY G 153 -62.44 35.07 2.34
CA GLY G 153 -61.84 35.34 3.64
C GLY G 153 -61.44 33.96 4.11
N ARG G 154 -61.65 33.01 3.20
CA ARG G 154 -61.39 31.61 3.45
C ARG G 154 -59.99 31.18 3.83
N ASP G 155 -59.98 30.27 4.80
CA ASP G 155 -58.79 29.63 5.34
C ASP G 155 -58.26 28.68 4.28
N ILE G 156 -57.80 29.31 3.21
CA ILE G 156 -57.27 28.66 2.05
C ILE G 156 -55.87 29.23 1.83
N ILE G 157 -54.88 28.36 1.86
CA ILE G 157 -53.49 28.78 1.68
C ILE G 157 -53.04 28.90 0.23
N LEU G 158 -52.26 29.95 -0.07
CA LEU G 158 -51.76 30.17 -1.42
C LEU G 158 -50.27 29.98 -1.46
N LEU G 159 -49.83 29.16 -2.42
CA LEU G 159 -48.43 28.88 -2.63
C LEU G 159 -48.08 29.24 -4.05
N GLU G 160 -46.80 29.54 -4.23
CA GLU G 160 -46.28 29.91 -5.53
C GLU G 160 -45.08 29.10 -6.03
N ASP G 161 -45.23 28.36 -7.15
CA ASP G 161 -44.04 27.73 -7.72
C ASP G 161 -43.67 28.82 -8.76
N ASN G 162 -42.56 29.52 -8.53
CA ASN G 162 -42.10 30.60 -9.40
C ASN G 162 -40.76 30.30 -10.07
N CYS G 163 -40.44 29.04 -10.28
CA CYS G 163 -39.13 28.77 -10.87
C CYS G 163 -38.92 29.26 -12.29
N GLU G 164 -39.97 29.79 -12.91
CA GLU G 164 -39.90 30.25 -14.28
C GLU G 164 -40.12 31.74 -14.44
N SER G 165 -40.54 32.34 -13.34
CA SER G 165 -40.88 33.74 -13.30
C SER G 165 -40.11 34.64 -12.33
N MET G 166 -38.80 34.42 -12.18
CA MET G 166 -38.02 35.35 -11.34
C MET G 166 -38.07 36.74 -12.00
N GLY G 167 -38.53 37.74 -11.26
CA GLY G 167 -38.60 39.10 -11.80
C GLY G 167 -39.97 39.66 -12.15
N ALA G 168 -40.91 38.79 -12.51
CA ALA G 168 -42.26 39.22 -12.86
C ALA G 168 -42.89 39.98 -11.72
N THR G 169 -43.66 41.02 -12.05
CA THR G 169 -44.35 41.82 -11.03
C THR G 169 -45.81 42.02 -11.47
N PHE G 170 -46.65 42.26 -10.47
CA PHE G 170 -48.07 42.50 -10.68
C PHE G 170 -48.49 43.61 -9.72
N ASN G 171 -49.40 44.48 -10.16
CA ASN G 171 -49.79 45.64 -9.35
C ASN G 171 -48.53 46.00 -8.62
N ASN G 172 -47.48 46.12 -9.42
CA ASN G 172 -46.13 46.34 -8.95
C ASN G 172 -45.72 45.60 -7.70
N LYS G 173 -45.91 44.29 -7.74
CA LYS G 173 -45.47 43.38 -6.70
C LYS G 173 -44.79 42.17 -7.29
N CYS G 174 -43.75 41.70 -6.62
CA CYS G 174 -42.97 40.57 -7.10
C CYS G 174 -43.63 39.21 -7.04
N ALA G 175 -43.73 38.58 -8.19
CA ALA G 175 -44.27 37.25 -8.28
C ALA G 175 -43.42 36.40 -7.31
N GLY G 176 -44.04 35.64 -6.43
CA GLY G 176 -43.24 34.88 -5.49
C GLY G 176 -43.48 35.41 -4.07
N THR G 177 -44.00 36.63 -3.97
CA THR G 177 -44.24 37.24 -2.67
C THR G 177 -45.71 37.28 -2.37
N PHE G 178 -46.45 36.63 -3.27
CA PHE G 178 -47.89 36.50 -3.13
C PHE G 178 -48.35 35.29 -2.33
N GLY G 179 -47.64 34.17 -2.38
CA GLY G 179 -48.06 33.02 -1.62
C GLY G 179 -47.47 33.04 -0.21
N LEU G 180 -47.97 32.14 0.64
CA LEU G 180 -47.45 32.03 1.98
C LEU G 180 -45.94 31.78 1.74
N MET G 181 -45.64 31.18 0.60
CA MET G 181 -44.25 30.93 0.28
C MET G 181 -44.06 31.02 -1.22
N GLY G 182 -42.83 31.24 -1.64
CA GLY G 182 -42.59 31.30 -3.09
C GLY G 182 -41.26 30.67 -3.45
N THR G 183 -41.29 29.87 -4.51
CA THR G 183 -40.05 29.21 -4.98
C THR G 183 -39.39 29.75 -6.25
N PHE G 184 -38.07 29.65 -6.32
CA PHE G 184 -37.29 30.08 -7.46
C PHE G 184 -36.23 29.05 -7.69
N SER G 185 -35.73 28.99 -8.92
CA SER G 185 -34.68 28.09 -9.30
C SER G 185 -33.59 28.90 -9.92
N SER G 186 -32.34 28.57 -9.59
CA SER G 186 -31.20 29.30 -10.11
C SER G 186 -30.35 28.24 -10.80
N PHE G 187 -31.06 27.38 -11.51
CA PHE G 187 -30.42 26.31 -12.24
C PHE G 187 -30.00 26.82 -13.64
N TYR G 188 -29.02 26.12 -14.20
CA TYR G 188 -28.44 26.48 -15.48
C TYR G 188 -29.20 27.44 -16.39
N ASN G 189 -30.23 26.87 -17.01
CA ASN G 189 -30.99 27.54 -18.06
C ASN G 189 -32.13 28.49 -17.69
N1 LLP G 190 -40.67 24.40 -11.24
C2 LLP G 190 -40.59 25.18 -12.27
C2' LLP G 190 -41.84 25.93 -12.67
C3 LLP G 190 -39.38 25.35 -12.99
O3 LLP G 190 -39.30 26.20 -14.07
C4 LLP G 190 -38.25 24.60 -12.57
C4' LLP G 190 -36.95 24.70 -13.28
C5 LLP G 190 -38.42 23.74 -11.46
C6 LLP G 190 -39.65 23.69 -10.83
C5' LLP G 190 -37.26 22.87 -10.98
OP4 LLP G 190 -36.18 23.69 -10.54
P LLP G 190 -34.76 22.94 -10.64
OP1 LLP G 190 -34.31 22.67 -12.18
OP2 LLP G 190 -34.84 21.55 -9.83
OP3 LLP G 190 -33.63 23.89 -10.00
N LLP G 190 -32.10 29.04 -16.47
CA LLP G 190 -33.19 29.93 -16.07
CB LLP G 190 -33.77 29.53 -14.71
CG LLP G 190 -33.81 28.01 -14.51
CD LLP G 190 -35.16 27.39 -14.87
CE LLP G 190 -35.29 25.94 -14.47
NZ LLP G 190 -36.55 25.83 -13.72
C LLP G 190 -32.80 31.41 -16.12
O LLP G 190 -31.95 31.85 -16.91
N HIS G 191 -33.37 32.19 -15.20
CA HIS G 191 -33.04 33.61 -15.17
C HIS G 191 -31.64 33.90 -14.64
N ILE G 192 -31.26 33.22 -13.58
CA ILE G 192 -29.92 33.37 -13.03
C ILE G 192 -29.33 32.00 -12.74
N ALA G 193 -28.02 31.86 -12.93
CA ALA G 193 -27.38 30.56 -12.77
C ALA G 193 -26.23 30.38 -11.78
N THR G 194 -26.50 29.54 -10.79
CA THR G 194 -25.51 29.24 -9.75
C THR G 194 -25.08 27.81 -9.88
N MET G 195 -25.33 27.25 -11.07
CA MET G 195 -25.02 25.85 -11.39
C MET G 195 -26.29 25.08 -11.02
N GLU G 196 -26.55 24.91 -9.73
CA GLU G 196 -27.84 24.37 -9.32
C GLU G 196 -28.12 25.34 -8.20
N GLY G 197 -29.35 25.37 -7.72
CA GLY G 197 -29.78 26.23 -6.63
C GLY G 197 -31.25 26.63 -6.80
N GLY G 198 -31.86 27.03 -5.69
CA GLY G 198 -33.23 27.48 -5.62
C GLY G 198 -33.40 28.18 -4.26
N CYS G 199 -34.53 28.86 -4.07
CA CYS G 199 -34.81 29.60 -2.84
CA CYS G 199 -34.80 29.56 -2.81
C CYS G 199 -36.28 29.52 -2.54
N ILE G 200 -36.62 29.61 -1.26
CA ILE G 200 -38.02 29.60 -0.88
C ILE G 200 -37.98 30.86 -0.12
N VAL G 201 -39.00 31.68 -0.28
CA VAL G 201 -39.00 32.88 0.49
C VAL G 201 -40.32 32.96 1.17
N THR G 202 -40.33 33.73 2.25
CA THR G 202 -41.55 33.91 3.01
C THR G 202 -41.31 35.04 3.96
N ASP G 203 -42.40 35.48 4.56
CA ASP G 203 -42.40 36.56 5.57
C ASP G 203 -42.77 35.90 6.93
N ASP G 204 -43.05 34.61 6.93
CA ASP G 204 -43.43 33.97 8.18
C ASP G 204 -42.21 33.37 8.88
N GLU G 205 -41.89 33.92 10.04
CA GLU G 205 -40.72 33.51 10.80
C GLU G 205 -40.83 32.09 11.33
N GLU G 206 -42.05 31.69 11.67
CA GLU G 206 -42.22 30.36 12.19
C GLU G 206 -41.75 29.46 11.06
N ILE G 207 -42.41 29.57 9.92
CA ILE G 207 -42.08 28.77 8.76
C ILE G 207 -40.61 29.04 8.48
N TYR G 208 -40.22 30.31 8.50
CA TYR G 208 -38.81 30.60 8.27
C TYR G 208 -37.92 29.60 9.03
N HIS G 209 -38.07 29.53 10.35
CA HIS G 209 -37.20 28.64 11.12
C HIS G 209 -37.35 27.18 10.77
N ILE G 210 -38.58 26.81 10.45
CA ILE G 210 -38.86 25.43 10.12
C ILE G 210 -37.88 24.91 9.06
N LEU G 211 -37.77 25.66 7.97
CA LEU G 211 -36.88 25.28 6.89
C LEU G 211 -35.43 25.25 7.26
N LEU G 212 -34.98 26.24 8.03
CA LEU G 212 -33.55 26.22 8.40
C LEU G 212 -33.38 24.92 9.13
N CYS G 213 -34.42 24.53 9.87
CA CYS G 213 -34.31 23.29 10.61
C CYS G 213 -34.22 22.15 9.63
N ILE G 214 -35.23 22.10 8.77
CA ILE G 214 -35.35 21.01 7.84
C ILE G 214 -34.39 20.97 6.67
N ARG G 215 -33.75 22.08 6.34
CA ARG G 215 -32.86 22.08 5.18
C ARG G 215 -31.58 21.31 5.46
N ALA G 216 -31.24 21.24 6.75
CA ALA G 216 -30.02 20.60 7.20
C ALA G 216 -30.15 19.55 8.33
N HIS G 217 -30.60 18.36 7.97
CA HIS G 217 -30.76 17.28 8.93
C HIS G 217 -31.82 17.45 10.05
N GLY G 218 -32.54 18.57 10.07
CA GLY G 218 -33.56 18.76 11.10
C GLY G 218 -32.91 19.22 12.40
N TRP G 219 -31.64 19.58 12.32
CA TRP G 219 -30.90 20.05 13.48
C TRP G 219 -31.14 21.52 13.81
N THR G 220 -30.82 21.89 15.05
CA THR G 220 -31.00 23.25 15.54
C THR G 220 -29.81 24.15 15.21
N ARG G 221 -28.84 23.59 14.50
CA ARG G 221 -27.60 24.28 14.19
C ARG G 221 -27.64 25.61 13.48
N ASN G 222 -28.81 25.96 12.96
CA ASN G 222 -28.94 27.20 12.26
C ASN G 222 -30.08 27.94 12.87
N LEU G 223 -30.40 27.55 14.08
CA LEU G 223 -31.44 28.26 14.79
C LEU G 223 -30.85 29.38 15.70
N PRO G 224 -31.56 30.50 15.79
CA PRO G 224 -31.11 31.57 16.64
C PRO G 224 -31.28 31.00 18.03
N LYS G 225 -30.86 31.75 19.04
CA LYS G 225 -30.99 31.26 20.40
C LYS G 225 -32.45 31.13 20.74
N LYS G 226 -33.18 32.23 20.52
CA LYS G 226 -34.60 32.21 20.77
C LYS G 226 -35.11 31.97 19.36
N ASN G 227 -35.93 30.96 19.21
CA ASN G 227 -36.42 30.57 17.90
C ASN G 227 -37.86 30.04 17.92
N LYS G 228 -38.44 29.86 16.73
CA LYS G 228 -39.84 29.46 16.58
C LYS G 228 -40.13 27.96 16.60
N VAL G 229 -39.06 27.18 16.65
CA VAL G 229 -39.19 25.75 16.70
C VAL G 229 -39.00 25.17 18.11
N THR G 230 -37.79 25.33 18.65
CA THR G 230 -37.51 24.82 19.98
C THR G 230 -37.81 25.88 21.04
N GLY G 231 -37.85 27.14 20.61
CA GLY G 231 -38.14 28.26 21.51
C GLY G 231 -36.82 28.82 22.03
N VAL G 232 -36.26 28.15 23.03
CA VAL G 232 -35.00 28.57 23.62
C VAL G 232 -33.90 27.51 23.59
N LYS G 233 -32.94 27.76 22.71
CA LYS G 233 -31.83 26.83 22.57
C LYS G 233 -31.07 26.62 23.89
N SER G 234 -30.58 25.40 24.10
CA SER G 234 -29.84 25.09 25.32
C SER G 234 -28.45 25.61 25.06
N ASP G 235 -27.58 25.50 26.05
CA ASP G 235 -26.26 26.02 25.82
C ASP G 235 -25.21 24.95 25.69
N ASP G 236 -25.47 23.79 26.28
CA ASP G 236 -24.45 22.78 26.16
C ASP G 236 -24.34 22.38 24.70
N GLN G 237 -23.38 22.98 24.01
CA GLN G 237 -23.24 22.67 22.61
C GLN G 237 -23.16 21.16 22.50
N PHE G 238 -22.28 20.56 23.30
CA PHE G 238 -22.17 19.11 23.29
C PHE G 238 -23.58 18.53 23.10
N GLU G 239 -24.56 19.17 23.74
CA GLU G 239 -25.94 18.74 23.64
C GLU G 239 -26.90 19.40 22.66
N GLU G 240 -26.88 20.73 22.55
CA GLU G 240 -27.82 21.37 21.61
C GLU G 240 -27.26 21.23 20.21
N SER G 241 -25.98 20.86 20.13
CA SER G 241 -25.29 20.69 18.85
C SER G 241 -25.66 19.32 18.25
N PHE G 242 -26.37 18.52 19.05
CA PHE G 242 -26.75 17.16 18.68
C PHE G 242 -28.21 16.79 18.94
N LYS G 243 -29.07 17.81 18.77
CA LYS G 243 -30.52 17.68 18.93
C LYS G 243 -31.20 17.72 17.57
N PHE G 244 -32.07 16.75 17.34
CA PHE G 244 -32.72 16.59 16.05
C PHE G 244 -34.21 16.67 16.29
N VAL G 245 -34.78 17.76 15.83
CA VAL G 245 -36.15 18.11 16.14
C VAL G 245 -37.25 18.03 15.10
N LEU G 246 -36.87 17.82 13.84
CA LEU G 246 -37.89 17.70 12.78
C LEU G 246 -37.34 16.76 11.73
N PRO G 247 -38.27 16.02 11.15
CA PRO G 247 -37.97 15.03 10.12
C PRO G 247 -37.62 15.78 8.83
N GLY G 248 -36.41 16.31 8.76
CA GLY G 248 -35.94 17.05 7.61
C GLY G 248 -35.08 16.27 6.60
N TYR G 249 -34.23 17.02 5.91
CA TYR G 249 -33.36 16.46 4.89
C TYR G 249 -32.00 17.17 4.93
N ASN G 250 -31.17 16.95 3.92
CA ASN G 250 -29.95 17.73 3.78
C ASN G 250 -30.04 18.32 2.36
N VAL G 251 -30.84 19.37 2.15
CA VAL G 251 -30.94 19.98 0.82
C VAL G 251 -30.12 21.25 0.92
N ARG G 252 -28.89 21.09 1.39
CA ARG G 252 -27.98 22.19 1.61
C ARG G 252 -27.30 22.75 0.37
N PRO G 253 -27.23 24.09 0.29
CA PRO G 253 -26.54 24.73 -0.83
C PRO G 253 -25.03 24.78 -0.61
N LEU G 254 -24.28 24.65 -1.71
CA LEU G 254 -22.81 24.77 -1.63
C LEU G 254 -22.41 26.26 -1.63
N GLU G 255 -21.29 26.55 -0.98
CA GLU G 255 -20.82 27.94 -0.89
C GLU G 255 -20.63 28.58 -2.30
N MET G 256 -19.99 27.87 -3.21
CA MET G 256 -19.82 28.41 -4.56
C MET G 256 -21.11 29.04 -5.10
N SER G 257 -22.22 28.33 -5.00
CA SER G 257 -23.52 28.82 -5.50
C SER G 257 -24.00 30.07 -4.82
N GLY G 258 -23.61 30.29 -3.56
CA GLY G 258 -24.00 31.49 -2.84
C GLY G 258 -23.22 32.69 -3.41
N ALA G 259 -21.99 32.43 -3.84
CA ALA G 259 -21.08 33.41 -4.46
C ALA G 259 -21.35 33.72 -5.92
N ILE G 260 -21.94 32.79 -6.66
CA ILE G 260 -22.19 33.09 -8.04
C ILE G 260 -23.48 33.89 -8.07
N GLY G 261 -24.35 33.55 -7.13
CA GLY G 261 -25.67 34.13 -7.00
C GLY G 261 -25.57 35.58 -6.61
N ILE G 262 -24.61 35.88 -5.77
CA ILE G 262 -24.51 37.27 -5.41
C ILE G 262 -24.27 38.12 -6.65
N GLU G 263 -23.40 37.67 -7.55
CA GLU G 263 -23.10 38.46 -8.73
C GLU G 263 -24.32 38.48 -9.63
N GLN G 264 -24.90 37.30 -9.80
CA GLN G 264 -26.06 37.05 -10.64
C GLN G 264 -27.18 37.99 -10.33
N LEU G 265 -27.43 38.16 -9.04
CA LEU G 265 -28.46 39.07 -8.55
C LEU G 265 -28.13 40.50 -8.94
N LYS G 266 -26.87 40.73 -9.31
CA LYS G 266 -26.50 42.07 -9.71
C LYS G 266 -26.95 42.38 -11.14
N LYS G 267 -26.69 41.46 -12.08
CA LYS G 267 -27.08 41.72 -13.47
C LYS G 267 -28.58 41.59 -13.78
N LEU G 268 -29.35 41.00 -12.87
CA LEU G 268 -30.78 40.78 -13.09
C LEU G 268 -31.47 41.93 -13.81
N PRO G 269 -31.48 43.08 -13.14
CA PRO G 269 -32.10 44.25 -13.70
C PRO G 269 -31.83 44.38 -15.17
N ARG G 270 -30.56 44.30 -15.56
CA ARG G 270 -30.31 44.44 -16.98
C ARG G 270 -30.79 43.19 -17.65
N PHE G 271 -30.76 42.07 -16.92
CA PHE G 271 -31.19 40.79 -17.48
C PHE G 271 -32.65 40.87 -17.89
N ILE G 272 -33.45 41.30 -16.94
CA ILE G 272 -34.86 41.46 -17.20
C ILE G 272 -35.09 42.56 -18.22
N SER G 273 -34.27 43.60 -18.16
CA SER G 273 -34.45 44.65 -19.13
C SER G 273 -34.28 44.08 -20.55
N VAL G 274 -33.16 43.43 -20.85
CA VAL G 274 -32.95 42.87 -22.19
C VAL G 274 -34.09 41.97 -22.65
N ARG G 275 -34.53 41.13 -21.74
CA ARG G 275 -35.60 40.17 -22.02
C ARG G 275 -36.96 40.77 -22.42
N ARG G 276 -37.32 41.87 -21.78
CA ARG G 276 -38.60 42.50 -22.02
C ARG G 276 -38.55 43.22 -23.37
N LYS G 277 -37.37 43.74 -23.63
CA LYS G 277 -37.15 44.45 -24.90
C LYS G 277 -37.26 43.44 -26.01
N ASN G 278 -36.72 42.25 -25.76
CA ASN G 278 -36.79 41.20 -26.74
C ASN G 278 -38.28 40.82 -26.91
N ALA G 279 -39.02 40.78 -25.81
CA ALA G 279 -40.42 40.39 -25.92
C ALA G 279 -41.27 41.39 -26.68
N GLU G 280 -41.03 42.64 -26.34
CA GLU G 280 -41.79 43.69 -26.96
C GLU G 280 -41.55 43.61 -28.47
N TYR G 281 -40.32 43.36 -28.87
CA TYR G 281 -40.01 43.21 -30.30
C TYR G 281 -40.71 41.99 -30.90
N PHE G 282 -40.65 40.89 -30.16
CA PHE G 282 -41.24 39.63 -30.58
C PHE G 282 -42.75 39.70 -30.79
N LEU G 283 -43.43 40.42 -29.91
CA LEU G 283 -44.87 40.58 -30.05
C LEU G 283 -45.14 41.41 -31.26
N ASP G 284 -44.23 42.32 -31.54
CA ASP G 284 -44.38 43.18 -32.68
C ASP G 284 -44.31 42.29 -33.94
N LYS G 285 -43.47 41.27 -34.00
CA LYS G 285 -43.46 40.45 -35.23
C LYS G 285 -44.38 39.26 -35.23
N PHE G 286 -45.06 39.01 -34.12
CA PHE G 286 -45.95 37.87 -34.10
C PHE G 286 -47.38 38.23 -33.75
N LYS G 287 -47.53 39.48 -33.40
CA LYS G 287 -48.81 40.01 -33.00
C LYS G 287 -50.06 39.56 -33.76
N ASP G 288 -49.97 39.43 -35.08
CA ASP G 288 -51.12 39.00 -35.86
C ASP G 288 -50.78 37.86 -36.80
N HIS G 289 -50.07 36.87 -36.28
CA HIS G 289 -49.62 35.76 -37.10
C HIS G 289 -50.76 34.95 -37.71
N PRO G 290 -50.55 34.61 -38.98
CA PRO G 290 -51.49 33.84 -39.76
C PRO G 290 -52.04 32.70 -38.95
N TYR G 291 -51.11 31.81 -38.57
CA TYR G 291 -51.50 30.61 -37.84
C TYR G 291 -50.87 30.39 -36.46
N LEU G 292 -50.25 31.43 -35.91
CA LEU G 292 -49.63 31.25 -34.62
C LEU G 292 -50.13 32.18 -33.54
N ASP G 293 -50.29 31.61 -32.37
CA ASP G 293 -50.71 32.39 -31.24
C ASP G 293 -49.65 32.46 -30.19
N VAL G 294 -49.56 33.65 -29.62
CA VAL G 294 -48.55 33.98 -28.65
C VAL G 294 -49.18 34.14 -27.29
N GLN G 295 -48.35 34.00 -26.26
CA GLN G 295 -48.84 34.10 -24.88
C GLN G 295 -49.36 35.50 -24.48
N GLN G 296 -50.56 35.60 -23.89
CA GLN G 296 -51.13 36.89 -23.43
C GLN G 296 -50.60 37.23 -22.03
N GLU G 297 -49.91 38.35 -21.95
CA GLU G 297 -49.25 38.82 -20.74
C GLU G 297 -50.13 39.43 -19.66
N THR G 298 -49.76 39.13 -18.42
CA THR G 298 -50.44 39.68 -17.26
C THR G 298 -49.32 40.35 -16.47
N GLY G 299 -49.60 41.53 -15.93
CA GLY G 299 -48.59 42.20 -15.14
C GLY G 299 -47.45 42.44 -16.09
N GLU G 300 -46.23 42.20 -15.61
CA GLU G 300 -45.04 42.47 -16.41
C GLU G 300 -44.16 41.25 -16.55
N SER G 301 -44.69 40.21 -17.19
CA SER G 301 -43.96 38.96 -17.34
C SER G 301 -42.47 39.17 -17.52
N SER G 302 -41.69 38.19 -17.08
CA SER G 302 -40.25 38.19 -17.24
C SER G 302 -39.79 37.37 -18.47
N TRP G 303 -40.76 37.00 -19.31
CA TRP G 303 -40.44 36.36 -20.58
C TRP G 303 -39.34 35.31 -20.56
N PHE G 304 -39.65 34.25 -19.83
CA PHE G 304 -38.78 33.11 -19.73
C PHE G 304 -38.49 32.61 -21.15
N GLY G 305 -39.48 32.66 -22.02
CA GLY G 305 -39.23 32.19 -23.37
C GLY G 305 -40.48 32.43 -24.20
N PHE G 306 -40.39 32.04 -25.46
CA PHE G 306 -41.49 32.27 -26.36
C PHE G 306 -42.26 31.04 -26.79
N SER G 307 -43.52 30.98 -26.38
CA SER G 307 -44.32 29.80 -26.69
C SER G 307 -45.21 30.14 -27.84
N PHE G 308 -45.73 29.12 -28.51
CA PHE G 308 -46.67 29.30 -29.60
C PHE G 308 -47.66 28.17 -29.54
N ILE G 309 -48.84 28.50 -30.03
CA ILE G 309 -49.86 27.51 -30.11
C ILE G 309 -50.50 27.71 -31.43
N ILE G 310 -50.58 26.63 -32.18
CA ILE G 310 -51.20 26.69 -33.49
C ILE G 310 -52.64 27.09 -33.41
N LYS G 311 -53.13 27.83 -34.40
CA LYS G 311 -54.50 28.31 -34.32
C LYS G 311 -55.49 27.22 -34.72
N LYS G 312 -56.60 27.17 -34.02
CA LYS G 312 -57.64 26.21 -34.35
C LYS G 312 -58.08 26.39 -35.81
N ASP G 313 -58.27 25.28 -36.53
CA ASP G 313 -58.63 25.31 -37.94
C ASP G 313 -57.60 26.08 -38.75
N SER G 314 -56.34 25.77 -38.53
CA SER G 314 -55.27 26.44 -39.25
C SER G 314 -54.69 25.47 -40.26
N GLY G 315 -54.69 24.20 -39.89
CA GLY G 315 -54.18 23.13 -40.75
C GLY G 315 -52.65 23.08 -40.83
N VAL G 316 -52.00 23.37 -39.69
CA VAL G 316 -50.54 23.34 -39.58
C VAL G 316 -50.25 22.19 -38.63
N ILE G 317 -49.11 21.53 -38.78
CA ILE G 317 -48.70 20.40 -37.92
C ILE G 317 -47.54 20.72 -36.98
N ARG G 318 -47.60 20.30 -35.72
CA ARG G 318 -46.47 20.66 -34.89
C ARG G 318 -45.27 19.96 -35.46
N LYS G 319 -45.39 18.65 -35.61
CA LYS G 319 -44.31 17.92 -36.17
C LYS G 319 -43.67 18.66 -37.33
N GLN G 320 -44.47 19.41 -38.11
CA GLN G 320 -43.94 20.16 -39.27
C GLN G 320 -43.06 21.34 -38.85
N LEU G 321 -43.65 22.21 -38.03
CA LEU G 321 -42.92 23.39 -37.54
C LEU G 321 -41.58 23.07 -36.86
N VAL G 322 -41.55 21.98 -36.11
CA VAL G 322 -40.34 21.57 -35.46
C VAL G 322 -39.27 21.36 -36.52
N GLU G 323 -39.56 20.40 -37.37
CA GLU G 323 -38.68 19.99 -38.43
C GLU G 323 -38.14 21.19 -39.16
N ASN G 324 -38.99 22.18 -39.40
CA ASN G 324 -38.50 23.38 -40.02
C ASN G 324 -37.46 23.98 -39.08
N LEU G 325 -37.89 24.35 -37.89
CA LEU G 325 -37.02 24.95 -36.90
C LEU G 325 -35.64 24.34 -36.80
N ASN G 326 -35.54 23.11 -36.29
CA ASN G 326 -34.26 22.45 -36.12
C ASN G 326 -33.41 22.51 -37.36
N SER G 327 -33.93 21.95 -38.45
CA SER G 327 -33.26 21.92 -39.75
C SER G 327 -32.96 23.34 -40.26
N ALA G 328 -33.21 24.32 -39.39
CA ALA G 328 -32.96 25.71 -39.70
C ALA G 328 -32.02 26.32 -38.66
N GLY G 329 -31.75 25.63 -37.56
CA GLY G 329 -30.83 26.20 -36.57
C GLY G 329 -31.51 26.81 -35.36
N ILE G 330 -32.82 26.68 -35.29
CA ILE G 330 -33.53 27.18 -34.15
C ILE G 330 -33.75 26.04 -33.17
N GLU G 331 -33.47 26.29 -31.90
CA GLU G 331 -33.68 25.28 -30.86
C GLU G 331 -35.10 25.41 -30.31
N CYS G 332 -35.87 24.32 -30.31
CA CYS G 332 -37.26 24.31 -29.82
C CYS G 332 -37.72 23.10 -29.00
N ARG G 333 -38.75 23.29 -28.18
CA ARG G 333 -39.32 22.20 -27.35
C ARG G 333 -40.78 22.42 -27.07
N PRO G 334 -41.32 21.53 -26.25
CA PRO G 334 -42.69 21.62 -25.80
C PRO G 334 -42.82 22.86 -24.90
N ILE G 335 -44.04 23.25 -24.56
CA ILE G 335 -44.20 24.32 -23.61
C ILE G 335 -44.01 23.56 -22.28
N VAL G 336 -43.06 23.96 -21.43
CA VAL G 336 -42.82 23.25 -20.18
C VAL G 336 -42.88 21.75 -20.43
N THR G 337 -43.88 21.08 -19.86
CA THR G 337 -43.96 19.64 -20.03
C THR G 337 -45.18 19.23 -20.82
N GLY G 338 -45.82 20.20 -21.44
CA GLY G 338 -47.04 19.89 -22.16
C GLY G 338 -48.03 19.60 -21.05
N ASN G 339 -49.02 18.78 -21.39
CA ASN G 339 -50.08 18.32 -20.50
C ASN G 339 -49.64 17.28 -19.47
N PHE G 340 -49.42 17.69 -18.24
CA PHE G 340 -48.99 16.73 -17.23
C PHE G 340 -49.86 15.46 -17.13
N LEU G 341 -51.16 15.65 -17.27
CA LEU G 341 -52.10 14.57 -17.18
C LEU G 341 -51.82 13.35 -18.03
N LYS G 342 -51.00 13.50 -19.05
CA LYS G 342 -50.72 12.34 -19.88
C LYS G 342 -49.68 11.44 -19.19
N ASN G 343 -48.92 11.97 -18.24
CA ASN G 343 -47.94 11.07 -17.59
C ASN G 343 -48.66 10.05 -16.70
N THR G 344 -49.36 9.15 -17.38
CA THR G 344 -50.21 8.17 -16.71
C THR G 344 -49.55 7.28 -15.67
N ASP G 345 -48.33 6.84 -15.96
CA ASP G 345 -47.57 6.01 -15.07
C ASP G 345 -47.27 6.59 -13.69
N VAL G 346 -46.88 7.86 -13.63
CA VAL G 346 -46.57 8.44 -12.33
C VAL G 346 -47.88 8.80 -11.61
N LEU G 347 -48.88 9.10 -12.40
CA LEU G 347 -50.20 9.43 -11.89
C LEU G 347 -50.78 8.26 -11.11
N LYS G 348 -50.35 7.06 -11.47
CA LYS G 348 -50.82 5.84 -10.79
C LYS G 348 -50.58 5.94 -9.32
N TYR G 349 -49.58 6.73 -8.96
CA TYR G 349 -49.21 6.91 -7.55
C TYR G 349 -49.91 8.02 -6.79
N PHE G 350 -50.75 8.79 -7.47
CA PHE G 350 -51.41 9.88 -6.80
C PHE G 350 -52.85 9.55 -6.43
N ASP G 351 -53.36 10.39 -5.54
CA ASP G 351 -54.76 10.37 -5.18
C ASP G 351 -55.07 11.78 -5.69
N TYR G 352 -55.68 11.84 -6.86
CA TYR G 352 -55.94 13.11 -7.52
C TYR G 352 -57.23 13.01 -8.27
N THR G 353 -57.76 14.19 -8.60
CA THR G 353 -59.03 14.30 -9.30
C THR G 353 -58.98 15.49 -10.26
N VAL G 354 -59.57 15.32 -11.45
CA VAL G 354 -59.52 16.38 -12.46
C VAL G 354 -60.72 17.32 -12.55
N HIS G 355 -60.54 18.60 -12.21
CA HIS G 355 -61.67 19.51 -12.31
C HIS G 355 -62.24 19.70 -13.71
N ASN G 356 -63.54 19.46 -13.81
CA ASN G 356 -64.31 19.52 -15.04
C ASN G 356 -63.63 18.84 -16.22
N ASN G 357 -62.71 19.53 -16.87
CA ASN G 357 -62.02 18.90 -17.97
C ASN G 357 -60.68 19.59 -18.09
N VAL G 358 -59.82 19.09 -18.98
CA VAL G 358 -58.54 19.74 -19.21
C VAL G 358 -58.28 19.84 -20.70
N ASP G 359 -59.26 20.35 -21.45
CA ASP G 359 -59.15 20.50 -22.91
C ASP G 359 -58.09 21.50 -23.38
N ASN G 360 -57.77 22.51 -22.59
CA ASN G 360 -56.76 23.45 -23.05
C ASN G 360 -55.40 22.85 -22.95
N ALA G 361 -55.14 22.22 -21.81
CA ALA G 361 -53.80 21.66 -21.66
C ALA G 361 -53.60 20.60 -22.72
N GLU G 362 -54.70 19.94 -22.99
CA GLU G 362 -54.72 18.93 -24.02
C GLU G 362 -54.41 19.62 -25.35
N TYR G 363 -54.98 20.79 -25.61
CA TYR G 363 -54.68 21.40 -26.92
C TYR G 363 -53.26 21.92 -26.93
N LEU G 364 -52.87 22.49 -25.80
CA LEU G 364 -51.50 22.96 -25.69
C LEU G 364 -50.55 21.79 -25.97
N ASP G 365 -50.79 20.68 -25.28
CA ASP G 365 -49.94 19.51 -25.42
C ASP G 365 -49.56 19.07 -26.84
N LYS G 366 -50.53 19.12 -27.74
CA LYS G 366 -50.22 18.72 -29.11
C LYS G 366 -49.94 19.88 -30.03
N ASN G 367 -50.43 21.07 -29.69
CA ASN G 367 -50.26 22.19 -30.63
C ASN G 367 -49.41 23.32 -30.16
N GLY G 368 -48.63 23.09 -29.11
CA GLY G 368 -47.79 24.17 -28.60
C GLY G 368 -46.35 23.81 -28.77
N LEU G 369 -45.51 24.85 -28.88
CA LEU G 369 -44.08 24.65 -28.94
C LEU G 369 -43.43 25.84 -28.28
N PHE G 370 -42.12 25.79 -28.12
CA PHE G 370 -41.49 26.89 -27.46
C PHE G 370 -40.02 27.16 -27.91
N VAL G 371 -39.65 28.43 -27.94
CA VAL G 371 -38.28 28.83 -28.27
C VAL G 371 -37.89 29.71 -27.13
N GLY G 372 -36.60 29.98 -27.02
CA GLY G 372 -36.18 30.71 -25.84
C GLY G 372 -35.91 32.19 -25.98
N ASN G 373 -35.93 32.87 -24.83
CA ASN G 373 -35.60 34.28 -24.71
C ASN G 373 -34.29 34.24 -23.91
N HIS G 374 -33.36 35.13 -24.22
CA HIS G 374 -32.09 35.14 -23.49
C HIS G 374 -31.94 36.49 -22.89
N GLN G 375 -30.85 36.75 -22.18
CA GLN G 375 -30.67 38.08 -21.59
C GLN G 375 -29.80 38.92 -22.54
N ILE G 376 -29.53 38.34 -23.71
CA ILE G 376 -28.78 38.97 -24.77
C ILE G 376 -29.83 39.39 -25.78
N GLU G 377 -29.67 40.55 -26.41
CA GLU G 377 -30.66 40.91 -27.42
C GLU G 377 -30.76 39.98 -28.61
N LEU G 378 -32.00 39.58 -28.92
CA LEU G 378 -32.25 38.67 -30.04
C LEU G 378 -33.07 39.14 -31.25
N PHE G 379 -32.95 40.43 -31.56
CA PHE G 379 -33.64 40.99 -32.71
C PHE G 379 -33.44 40.18 -33.99
N ASP G 380 -32.19 40.07 -34.46
CA ASP G 380 -31.89 39.30 -35.69
C ASP G 380 -32.47 37.87 -35.58
N GLU G 381 -32.23 37.24 -34.44
CA GLU G 381 -32.66 35.86 -34.34
C GLU G 381 -34.18 35.81 -34.39
N ILE G 382 -34.78 36.86 -33.82
CA ILE G 382 -36.23 36.85 -33.81
C ILE G 382 -36.70 36.95 -35.24
N ASP G 383 -36.17 38.02 -35.86
CA ASP G 383 -36.33 38.41 -37.26
C ASP G 383 -36.25 37.15 -38.09
N TYR G 384 -35.16 36.43 -37.88
CA TYR G 384 -34.94 35.16 -38.55
C TYR G 384 -36.16 34.30 -38.31
N LEU G 385 -36.34 33.95 -37.04
CA LEU G 385 -37.45 33.10 -36.68
C LEU G 385 -38.68 33.39 -37.49
N ARG G 386 -39.00 34.68 -37.53
CA ARG G 386 -40.21 35.15 -38.19
C ARG G 386 -40.21 34.77 -39.65
N GLU G 387 -39.01 34.70 -40.20
CA GLU G 387 -38.91 34.34 -41.61
C GLU G 387 -39.14 32.85 -41.71
N VAL G 388 -38.66 32.13 -40.70
CA VAL G 388 -38.88 30.68 -40.69
C VAL G 388 -40.39 30.35 -40.56
N LEU G 389 -41.03 30.84 -39.49
CA LEU G 389 -42.46 30.57 -39.33
C LEU G 389 -43.23 31.40 -40.33
N LYS G 390 -42.99 31.11 -41.60
CA LYS G 390 -43.61 31.82 -42.69
C LYS G 390 -45.11 31.49 -42.92
N SER H 10 -9.65 17.37 9.43
CA SER H 10 -8.53 17.43 8.46
C SER H 10 -8.81 17.78 6.98
N SER H 11 -7.73 17.95 6.22
CA SER H 11 -7.83 18.27 4.79
C SER H 11 -7.13 17.30 3.82
N THR H 12 -7.90 16.85 2.83
CA THR H 12 -7.52 15.83 1.85
C THR H 12 -7.04 16.29 0.49
N TRP H 13 -7.34 17.52 0.13
CA TRP H 13 -7.04 17.98 -1.21
C TRP H 13 -5.60 18.27 -1.49
N ASP H 14 -5.15 17.77 -2.63
CA ASP H 14 -3.85 18.07 -3.18
C ASP H 14 -4.05 19.29 -4.08
N ASP H 15 -3.43 19.26 -5.25
CA ASP H 15 -3.57 20.32 -6.22
C ASP H 15 -4.36 19.73 -7.38
N LEU H 16 -4.28 18.42 -7.50
CA LEU H 16 -5.04 17.70 -8.51
C LEU H 16 -6.51 18.04 -8.34
N GLU H 17 -6.92 18.28 -7.11
CA GLU H 17 -8.31 18.65 -6.86
C GLU H 17 -8.58 20.04 -7.44
N TYR H 18 -7.63 20.95 -7.33
CA TYR H 18 -7.88 22.27 -7.93
C TYR H 18 -7.81 22.21 -9.44
N LYS H 19 -6.92 21.35 -9.92
CA LYS H 19 -6.66 21.04 -11.33
C LYS H 19 -7.88 20.37 -11.97
N ALA H 20 -8.60 19.59 -11.17
CA ALA H 20 -9.75 18.88 -11.67
C ALA H 20 -10.91 19.87 -11.77
N ILE H 21 -11.00 20.75 -10.78
CA ILE H 21 -12.00 21.80 -10.79
C ILE H 21 -11.71 22.77 -11.94
N GLN H 22 -10.42 23.01 -12.18
CA GLN H 22 -10.06 23.94 -13.25
C GLN H 22 -10.57 23.47 -14.61
N SER H 23 -10.39 22.18 -14.88
CA SER H 23 -10.83 21.60 -16.14
C SER H 23 -12.34 21.72 -16.30
N VAL H 24 -13.08 21.61 -15.20
CA VAL H 24 -14.53 21.72 -15.28
C VAL H 24 -14.91 23.12 -15.77
N LEU H 25 -14.35 24.13 -15.09
CA LEU H 25 -14.64 25.49 -15.51
C LEU H 25 -14.23 25.55 -16.96
N ASP H 26 -13.00 25.13 -17.25
CA ASP H 26 -12.54 25.19 -18.63
C ASP H 26 -13.57 24.65 -19.63
N SER H 27 -14.49 23.83 -19.18
CA SER H 27 -15.50 23.31 -20.09
C SER H 27 -16.81 24.12 -20.13
N LYS H 28 -17.09 24.87 -19.08
CA LYS H 28 -18.31 25.67 -19.01
C LYS H 28 -19.54 24.80 -18.88
N MET H 29 -19.28 23.56 -18.48
CA MET H 29 -20.34 22.57 -18.36
C MET H 29 -20.42 22.05 -16.91
N PHE H 30 -21.05 22.84 -16.03
CA PHE H 30 -21.15 22.54 -14.59
C PHE H 30 -22.28 21.65 -14.07
N THR H 31 -23.07 21.15 -15.00
CA THR H 31 -24.17 20.26 -14.64
C THR H 31 -23.81 18.80 -14.80
N MET H 32 -24.30 17.99 -13.85
CA MET H 32 -24.02 16.56 -13.82
C MET H 32 -23.86 15.96 -15.22
N GLY H 33 -22.65 15.59 -15.60
CA GLY H 33 -22.46 15.01 -16.91
C GLY H 33 -21.44 13.87 -16.96
N GLU H 34 -20.40 14.09 -17.75
CA GLU H 34 -19.34 13.11 -17.98
C GLU H 34 -18.47 12.73 -16.78
N TYR H 35 -17.95 13.74 -16.08
CA TYR H 35 -17.11 13.55 -14.88
C TYR H 35 -17.78 12.64 -13.87
N VAL H 36 -19.04 12.97 -13.62
CA VAL H 36 -19.90 12.24 -12.72
C VAL H 36 -19.97 10.78 -13.14
N LYS H 37 -20.15 10.53 -14.42
CA LYS H 37 -20.23 9.16 -14.87
C LYS H 37 -18.89 8.50 -14.70
N GLN H 38 -17.88 9.19 -15.18
CA GLN H 38 -16.57 8.62 -15.04
C GLN H 38 -16.42 8.22 -13.59
N TYR H 39 -16.77 9.14 -12.70
CA TYR H 39 -16.63 8.87 -11.27
C TYR H 39 -17.46 7.69 -10.68
N GLU H 40 -18.66 7.49 -11.19
CA GLU H 40 -19.49 6.41 -10.69
C GLU H 40 -18.91 5.08 -11.10
N THR H 41 -18.46 5.04 -12.34
CA THR H 41 -17.87 3.84 -12.93
C THR H 41 -16.66 3.36 -12.15
N GLN H 42 -15.87 4.34 -11.74
CA GLN H 42 -14.66 4.15 -10.94
C GLN H 42 -15.06 3.65 -9.55
N PHE H 43 -15.99 4.37 -8.92
CA PHE H 43 -16.43 4.02 -7.57
C PHE H 43 -16.85 2.55 -7.51
N ALA H 44 -17.80 2.20 -8.37
CA ALA H 44 -18.26 0.82 -8.42
C ALA H 44 -17.09 -0.13 -8.50
N LYS H 45 -16.37 0.03 -9.60
CA LYS H 45 -15.18 -0.77 -9.87
C LYS H 45 -14.42 -0.81 -8.55
N THR H 46 -14.33 0.35 -7.92
CA THR H 46 -13.61 0.55 -6.65
C THR H 46 -14.06 -0.30 -5.47
N PHE H 47 -15.35 -0.59 -5.36
CA PHE H 47 -15.82 -1.37 -4.22
C PHE H 47 -16.35 -2.75 -4.57
N GLY H 48 -16.39 -3.03 -5.88
CA GLY H 48 -16.83 -4.34 -6.37
C GLY H 48 -18.31 -4.39 -6.70
N SER H 49 -18.93 -3.22 -6.78
CA SER H 49 -20.33 -3.13 -7.10
C SER H 49 -20.53 -3.02 -8.60
N LYS H 50 -21.55 -3.71 -9.10
CA LYS H 50 -21.85 -3.63 -10.54
C LYS H 50 -22.24 -2.21 -10.85
N TYR H 51 -23.03 -1.59 -9.97
CA TYR H 51 -23.39 -0.20 -10.19
C TYR H 51 -23.23 0.72 -8.99
N ALA H 52 -23.09 2.01 -9.28
CA ALA H 52 -22.97 3.03 -8.25
C ALA H 52 -23.70 4.29 -8.72
N VAL H 53 -24.48 4.97 -7.88
CA VAL H 53 -25.15 6.18 -8.35
C VAL H 53 -24.80 7.33 -7.43
N MET H 54 -24.37 8.44 -8.03
CA MET H 54 -23.96 9.63 -7.30
C MET H 54 -25.06 10.68 -7.20
N VAL H 55 -25.24 11.24 -6.02
CA VAL H 55 -26.34 12.17 -5.77
C VAL H 55 -25.78 13.24 -4.91
N SER H 56 -26.66 14.15 -4.53
CA SER H 56 -26.34 15.31 -3.75
C SER H 56 -25.56 15.01 -2.48
N SER H 57 -26.03 14.06 -1.68
CA SER H 57 -25.25 13.71 -0.49
C SER H 57 -25.56 12.33 0.09
N GLY H 58 -24.85 12.00 1.15
CA GLY H 58 -25.03 10.70 1.77
C GLY H 58 -26.50 10.64 2.14
N SER H 59 -26.96 11.74 2.70
CA SER H 59 -28.33 11.86 3.12
C SER H 59 -29.31 11.53 1.98
N THR H 60 -29.14 12.20 0.85
CA THR H 60 -30.00 11.94 -0.30
C THR H 60 -29.89 10.57 -0.87
N ALA H 61 -28.72 9.97 -0.69
CA ALA H 61 -28.42 8.61 -1.08
C ALA H 61 -29.37 7.70 -0.28
N ASN H 62 -29.42 7.88 1.05
CA ASN H 62 -30.27 7.06 1.89
C ASN H 62 -31.71 7.29 1.49
N LEU H 63 -32.03 8.52 1.15
CA LEU H 63 -33.41 8.81 0.80
C LEU H 63 -33.88 7.97 -0.39
N LEU H 64 -33.06 7.98 -1.42
CA LEU H 64 -33.36 7.25 -2.65
C LEU H 64 -33.26 5.74 -2.44
N MET H 65 -32.51 5.32 -1.44
CA MET H 65 -32.33 3.90 -1.16
C MET H 65 -33.59 3.33 -0.65
N ILE H 66 -34.30 4.13 0.14
CA ILE H 66 -35.59 3.75 0.72
C ILE H 66 -36.74 3.81 -0.32
N ALA H 67 -36.77 4.88 -1.08
CA ALA H 67 -37.79 5.14 -2.09
C ALA H 67 -37.77 4.15 -3.24
N ALA H 68 -36.58 3.85 -3.77
CA ALA H 68 -36.51 2.91 -4.89
C ALA H 68 -37.35 1.64 -4.74
N LEU H 69 -37.30 1.11 -3.51
CA LEU H 69 -37.97 -0.11 -3.04
C LEU H 69 -39.46 -0.08 -3.10
N PHE H 70 -39.99 1.12 -3.22
CA PHE H 70 -41.40 1.28 -3.33
C PHE H 70 -41.75 1.18 -4.81
N PHE H 71 -40.77 1.44 -5.66
CA PHE H 71 -41.02 1.40 -7.10
C PHE H 71 -40.63 0.16 -7.90
N THR H 72 -40.32 -0.95 -7.25
CA THR H 72 -40.03 -2.11 -8.05
C THR H 72 -41.34 -2.53 -8.69
N LYS H 73 -41.24 -3.26 -9.80
CA LYS H 73 -42.41 -3.74 -10.56
C LYS H 73 -43.25 -4.53 -9.57
N LYS H 74 -42.54 -5.19 -8.67
CA LYS H 74 -43.12 -5.90 -7.56
C LYS H 74 -42.42 -5.18 -6.41
N PRO H 75 -43.05 -4.09 -5.98
CA PRO H 75 -42.50 -3.23 -4.92
C PRO H 75 -41.97 -4.03 -3.75
N ARG H 76 -40.66 -3.94 -3.49
CA ARG H 76 -40.14 -4.68 -2.36
C ARG H 76 -40.66 -4.14 -1.04
N LEU H 77 -41.08 -2.88 -1.03
CA LEU H 77 -41.60 -2.32 0.23
C LEU H 77 -42.97 -1.65 0.09
N LYS H 78 -43.63 -1.44 1.24
CA LYS H 78 -44.93 -0.76 1.32
C LYS H 78 -45.20 -0.14 2.69
N LYS H 79 -46.03 0.89 2.72
CA LYS H 79 -46.28 1.58 3.96
C LYS H 79 -46.65 0.64 5.07
N GLY H 80 -46.02 0.85 6.22
CA GLY H 80 -46.30 0.05 7.39
C GLY H 80 -45.46 -1.18 7.51
N ASP H 81 -44.62 -1.38 6.51
CA ASP H 81 -43.75 -2.53 6.60
C ASP H 81 -42.77 -2.17 7.71
N GLU H 82 -42.24 -3.18 8.35
CA GLU H 82 -41.30 -3.01 9.45
C GLU H 82 -39.84 -3.09 9.03
N ILE H 83 -39.03 -2.18 9.52
CA ILE H 83 -37.63 -2.29 9.19
C ILE H 83 -36.97 -2.11 10.52
N ILE H 84 -35.85 -2.78 10.70
CA ILE H 84 -35.05 -2.68 11.89
C ILE H 84 -33.80 -1.81 11.62
N VAL H 85 -33.35 -1.11 12.66
CA VAL H 85 -32.17 -0.24 12.61
C VAL H 85 -31.59 -0.16 14.02
N PRO H 86 -30.32 0.16 14.12
CA PRO H 86 -29.72 0.26 15.44
C PRO H 86 -30.23 1.56 15.98
N ALA H 87 -29.83 1.87 17.22
CA ALA H 87 -30.26 3.07 17.91
C ALA H 87 -29.27 4.22 17.92
N VAL H 88 -28.10 4.00 17.33
CA VAL H 88 -27.09 5.05 17.26
C VAL H 88 -26.79 5.28 15.79
N SER H 89 -26.95 6.51 15.35
CA SER H 89 -26.72 6.82 13.95
C SER H 89 -26.82 8.30 13.60
N TRP H 90 -26.42 8.67 12.39
CA TRP H 90 -26.56 10.06 11.97
C TRP H 90 -28.07 10.21 11.66
N SER H 91 -28.65 11.37 11.95
CA SER H 91 -30.11 11.58 11.80
C SER H 91 -30.82 11.14 10.49
N THR H 92 -30.15 11.33 9.36
CA THR H 92 -30.70 11.03 8.04
C THR H 92 -30.74 9.54 7.63
N THR H 93 -30.38 8.69 8.58
CA THR H 93 -30.45 7.26 8.39
C THR H 93 -31.92 6.98 8.72
N TYR H 94 -32.58 7.90 9.42
CA TYR H 94 -33.96 7.67 9.86
C TYR H 94 -35.16 8.35 9.22
N TYR H 95 -34.96 9.60 8.80
CA TYR H 95 -36.07 10.35 8.22
C TYR H 95 -36.84 9.60 7.10
N PRO H 96 -36.12 9.26 6.06
CA PRO H 96 -36.74 8.59 4.92
C PRO H 96 -37.58 7.45 5.45
N LEU H 97 -37.17 6.79 6.51
CA LEU H 97 -38.05 5.72 6.96
C LEU H 97 -39.39 6.31 7.35
N GLN H 98 -39.35 7.51 7.93
CA GLN H 98 -40.59 8.14 8.37
C GLN H 98 -41.31 8.70 7.16
N GLN H 99 -40.56 9.32 6.27
CA GLN H 99 -41.25 9.90 5.14
C GLN H 99 -41.94 8.88 4.23
N TYR H 100 -41.42 7.65 4.17
CA TYR H 100 -41.98 6.56 3.35
C TYR H 100 -42.98 5.65 4.07
N GLY H 101 -43.51 6.16 5.17
CA GLY H 101 -44.55 5.48 5.95
C GLY H 101 -44.21 4.15 6.60
N LEU H 102 -42.91 3.87 6.75
CA LEU H 102 -42.49 2.59 7.29
C LEU H 102 -42.62 2.47 8.80
N ARG H 103 -42.71 1.23 9.30
CA ARG H 103 -42.80 0.98 10.75
C ARG H 103 -41.38 0.65 11.25
N VAL H 104 -40.89 1.50 12.14
CA VAL H 104 -39.51 1.39 12.59
C VAL H 104 -39.25 0.69 13.92
N LYS H 105 -38.30 -0.25 13.90
CA LYS H 105 -38.00 -0.97 15.10
C LYS H 105 -36.54 -0.78 15.55
N PHE H 106 -36.35 -0.10 16.67
CA PHE H 106 -34.99 0.09 17.14
C PHE H 106 -34.36 -1.06 17.88
N VAL H 107 -33.07 -1.18 17.67
CA VAL H 107 -32.34 -2.25 18.28
C VAL H 107 -31.05 -1.72 18.88
N ASP H 108 -30.80 -2.12 20.12
CA ASP H 108 -29.65 -1.68 20.85
C ASP H 108 -28.34 -2.03 20.17
N ILE H 109 -27.38 -1.12 20.25
CA ILE H 109 -26.10 -1.39 19.66
C ILE H 109 -25.42 -2.34 20.62
N ASP H 110 -24.19 -2.75 20.27
CA ASP H 110 -23.37 -3.62 21.13
C ASP H 110 -22.45 -2.57 21.74
N ILE H 111 -22.30 -2.58 23.07
CA ILE H 111 -21.39 -1.60 23.68
C ILE H 111 -19.91 -1.76 23.28
N ASN H 112 -19.53 -2.88 22.69
CA ASN H 112 -18.12 -3.01 22.30
C ASN H 112 -17.77 -2.54 20.89
N THR H 113 -18.46 -3.08 19.89
CA THR H 113 -18.14 -2.70 18.50
C THR H 113 -18.93 -1.49 18.08
N LEU H 114 -19.98 -1.21 18.87
CA LEU H 114 -20.82 -0.05 18.64
C LEU H 114 -21.88 -0.22 17.57
N ASN H 115 -21.82 -1.32 16.83
CA ASN H 115 -22.82 -1.57 15.81
C ASN H 115 -23.95 -2.28 16.53
N ILE H 116 -25.02 -2.58 15.79
CA ILE H 116 -26.20 -3.27 16.30
C ILE H 116 -25.94 -4.56 17.10
N ASP H 117 -26.49 -4.66 18.30
CA ASP H 117 -26.28 -5.86 19.09
C ASP H 117 -26.83 -7.08 18.40
N ILE H 118 -25.98 -8.08 18.18
CA ILE H 118 -26.46 -9.26 17.48
C ILE H 118 -27.46 -10.16 18.22
N GLU H 119 -27.23 -10.34 19.51
CA GLU H 119 -28.12 -11.19 20.26
C GLU H 119 -29.52 -10.63 20.24
N SER H 120 -29.62 -9.30 20.26
CA SER H 120 -30.95 -8.65 20.22
C SER H 120 -31.55 -8.90 18.84
N LEU H 121 -30.82 -8.53 17.79
CA LEU H 121 -31.25 -8.74 16.41
C LEU H 121 -31.96 -10.08 16.26
N LYS H 122 -31.20 -11.14 16.56
CA LYS H 122 -31.61 -12.53 16.53
C LYS H 122 -33.08 -12.68 16.93
N GLU H 123 -33.33 -12.10 18.09
CA GLU H 123 -34.59 -12.06 18.79
C GLU H 123 -35.59 -11.14 18.14
N ALA H 124 -35.12 -9.95 17.76
CA ALA H 124 -35.98 -8.87 17.24
C ALA H 124 -36.51 -9.12 15.86
N VAL H 125 -35.82 -10.02 15.18
CA VAL H 125 -36.29 -10.33 13.84
C VAL H 125 -37.50 -11.20 14.08
N THR H 126 -38.48 -10.92 13.24
CA THR H 126 -39.79 -11.53 13.35
C THR H 126 -40.39 -11.75 11.96
N ASP H 127 -41.53 -12.44 11.96
CA ASP H 127 -42.33 -12.73 10.77
C ASP H 127 -42.82 -11.47 10.06
N SER H 128 -42.82 -10.35 10.81
CA SER H 128 -43.28 -9.10 10.26
C SER H 128 -42.10 -8.31 9.71
N THR H 129 -40.89 -8.66 10.14
CA THR H 129 -39.66 -7.96 9.70
C THR H 129 -39.45 -7.94 8.17
N LYS H 130 -39.39 -6.76 7.56
CA LYS H 130 -39.31 -6.80 6.11
C LYS H 130 -37.94 -6.42 5.63
N ALA H 131 -37.27 -5.60 6.43
CA ALA H 131 -35.95 -5.15 6.07
C ALA H 131 -35.16 -4.80 7.30
N ILE H 132 -33.86 -4.81 7.13
CA ILE H 132 -32.94 -4.41 8.15
C ILE H 132 -31.94 -3.42 7.58
N LEU H 133 -31.95 -2.25 8.19
CA LEU H 133 -31.08 -1.17 7.82
C LEU H 133 -29.86 -1.15 8.74
N THR H 134 -28.75 -1.67 8.24
CA THR H 134 -27.52 -1.78 9.02
C THR H 134 -26.66 -0.53 8.95
N VAL H 135 -25.90 -0.27 10.02
CA VAL H 135 -24.99 0.87 10.01
C VAL H 135 -23.58 0.53 10.46
N ASN H 136 -22.61 0.73 9.58
CA ASN H 136 -21.24 0.45 9.99
C ASN H 136 -20.74 1.71 10.74
N LEU H 137 -20.66 1.62 12.06
CA LEU H 137 -20.27 2.78 12.85
C LEU H 137 -18.78 3.02 12.94
N LEU H 138 -18.42 4.30 12.81
CA LEU H 138 -17.03 4.81 12.79
C LEU H 138 -16.02 4.00 12.07
N GLY H 139 -16.43 3.47 10.92
CA GLY H 139 -15.51 2.72 10.11
C GLY H 139 -15.52 1.27 10.53
N ASN H 140 -16.39 0.91 11.46
CA ASN H 140 -16.45 -0.48 11.93
C ASN H 140 -17.59 -1.20 11.27
N PRO H 141 -17.22 -2.31 10.62
CA PRO H 141 -18.14 -3.19 9.92
C PRO H 141 -18.99 -4.07 10.83
N ASN H 142 -20.17 -4.40 10.32
CA ASN H 142 -21.10 -5.26 11.00
C ASN H 142 -20.68 -6.68 10.68
N ASN H 143 -20.87 -7.58 11.64
CA ASN H 143 -20.53 -8.95 11.33
C ASN H 143 -21.56 -9.52 10.37
N PHE H 144 -21.24 -9.42 9.08
CA PHE H 144 -22.19 -9.86 8.05
C PHE H 144 -22.44 -11.36 7.97
N ASP H 145 -21.58 -12.15 8.59
CA ASP H 145 -21.81 -13.57 8.52
C ASP H 145 -22.84 -13.86 9.58
N GLU H 146 -22.76 -13.16 10.70
CA GLU H 146 -23.72 -13.41 11.76
C GLU H 146 -25.13 -12.99 11.35
N ILE H 147 -25.19 -11.86 10.68
CA ILE H 147 -26.44 -11.32 10.21
C ILE H 147 -27.11 -12.27 9.25
N ASN H 148 -26.37 -12.64 8.22
CA ASN H 148 -26.91 -13.47 7.14
C ASN H 148 -27.46 -14.77 7.68
N LYS H 149 -26.87 -15.23 8.79
CA LYS H 149 -27.29 -16.49 9.39
C LYS H 149 -28.66 -16.15 9.92
N ILE H 150 -28.74 -15.01 10.61
CA ILE H 150 -30.01 -14.61 11.20
C ILE H 150 -31.12 -14.48 10.16
N ILE H 151 -30.75 -13.94 9.02
CA ILE H 151 -31.70 -13.76 7.93
C ILE H 151 -32.04 -15.11 7.33
N GLY H 152 -31.09 -16.04 7.38
CA GLY H 152 -31.27 -17.43 6.95
C GLY H 152 -31.91 -17.76 5.60
N GLY H 153 -31.84 -16.86 4.63
CA GLY H 153 -32.42 -17.28 3.37
C GLY H 153 -33.88 -16.88 3.33
N ARG H 154 -34.26 -16.03 4.29
CA ARG H 154 -35.63 -15.51 4.34
C ARG H 154 -35.75 -14.22 3.53
N ASP H 155 -36.92 -13.95 2.96
CA ASP H 155 -37.03 -12.74 2.17
C ASP H 155 -37.13 -11.50 3.06
N ILE H 156 -35.96 -11.05 3.48
CA ILE H 156 -35.86 -9.91 4.37
C ILE H 156 -34.78 -9.07 3.75
N ILE H 157 -35.09 -7.82 3.43
CA ILE H 157 -34.08 -6.98 2.76
C ILE H 157 -33.00 -6.46 3.69
N LEU H 158 -31.77 -6.54 3.24
CA LEU H 158 -30.73 -6.07 4.12
C LEU H 158 -30.21 -4.83 3.44
N LEU H 159 -29.90 -3.81 4.24
CA LEU H 159 -29.44 -2.57 3.64
C LEU H 159 -28.29 -2.06 4.40
N GLU H 160 -27.47 -1.22 3.78
CA GLU H 160 -26.41 -0.62 4.56
C GLU H 160 -26.30 0.89 4.43
N ASP H 161 -25.98 1.57 5.53
CA ASP H 161 -25.70 3.01 5.48
C ASP H 161 -24.18 2.96 5.78
N ASN H 162 -23.36 3.04 4.75
CA ASN H 162 -21.91 2.94 4.94
C ASN H 162 -21.23 4.30 4.92
N CYS H 163 -21.98 5.35 5.26
CA CYS H 163 -21.46 6.73 5.23
C CYS H 163 -20.24 7.06 6.08
N GLU H 164 -19.82 6.15 6.95
CA GLU H 164 -18.64 6.44 7.78
C GLU H 164 -17.58 5.39 7.67
N SER H 165 -17.87 4.34 6.93
CA SER H 165 -16.94 3.23 6.89
C SER H 165 -16.59 2.95 5.46
N MET H 166 -16.35 4.03 4.72
CA MET H 166 -15.96 3.86 3.33
C MET H 166 -14.65 3.13 3.40
N GLY H 167 -14.51 2.07 2.60
CA GLY H 167 -13.23 1.35 2.59
C GLY H 167 -13.02 0.27 3.66
N ALA H 168 -13.97 0.05 4.58
CA ALA H 168 -13.77 -0.99 5.58
C ALA H 168 -14.03 -2.28 4.76
N THR H 169 -13.42 -3.39 5.21
CA THR H 169 -13.51 -4.66 4.51
C THR H 169 -13.76 -5.89 5.39
N PHE H 170 -14.90 -6.54 5.23
CA PHE H 170 -15.23 -7.72 6.01
C PHE H 170 -14.94 -8.90 5.11
N ASN H 171 -14.15 -9.82 5.64
CA ASN H 171 -13.69 -10.95 4.83
C ASN H 171 -13.42 -10.53 3.40
N ASN H 172 -12.33 -9.79 3.26
CA ASN H 172 -11.91 -9.35 1.96
C ASN H 172 -13.00 -8.88 1.03
N LYS H 173 -14.06 -8.34 1.61
CA LYS H 173 -15.14 -7.78 0.81
C LYS H 173 -15.48 -6.42 1.40
N CYS H 174 -15.88 -5.48 0.54
CA CYS H 174 -16.22 -4.14 1.03
C CYS H 174 -17.58 -3.86 1.59
N ALA H 175 -17.52 -3.15 2.71
CA ALA H 175 -18.71 -2.70 3.39
C ALA H 175 -19.58 -2.07 2.32
N GLY H 176 -20.88 -2.03 2.60
CA GLY H 176 -21.82 -1.42 1.66
C GLY H 176 -22.04 -2.16 0.34
N THR H 177 -21.34 -3.28 0.12
CA THR H 177 -21.56 -4.06 -1.11
C THR H 177 -22.32 -5.34 -0.75
N PHE H 178 -22.44 -5.55 0.57
CA PHE H 178 -23.20 -6.63 1.21
C PHE H 178 -24.70 -6.52 1.05
N GLY H 179 -25.25 -5.32 1.27
CA GLY H 179 -26.69 -5.10 1.18
C GLY H 179 -27.22 -4.96 -0.23
N LEU H 180 -28.55 -5.01 -0.33
CA LEU H 180 -29.22 -4.85 -1.62
C LEU H 180 -28.73 -3.53 -2.24
N MET H 181 -28.59 -2.54 -1.35
CA MET H 181 -27.98 -1.27 -1.68
C MET H 181 -27.12 -0.89 -0.50
N GLY H 182 -26.15 -0.02 -0.77
CA GLY H 182 -25.27 0.50 0.27
C GLY H 182 -25.11 1.97 -0.03
N THR H 183 -24.76 2.76 0.98
CA THR H 183 -24.64 4.18 0.70
C THR H 183 -23.38 4.89 1.16
N PHE H 184 -22.84 5.75 0.31
CA PHE H 184 -21.66 6.50 0.71
C PHE H 184 -21.87 8.01 0.72
N SER H 185 -21.19 8.65 1.66
CA SER H 185 -21.15 10.10 1.80
C SER H 185 -19.72 10.52 1.55
N SER H 186 -19.55 11.46 0.62
CA SER H 186 -18.24 12.06 0.26
C SER H 186 -18.30 13.53 0.67
N PHE H 187 -18.61 13.70 1.94
CA PHE H 187 -18.72 15.00 2.57
C PHE H 187 -17.32 15.25 3.14
N TYR H 188 -17.13 16.52 3.45
CA TYR H 188 -15.91 17.08 3.99
C TYR H 188 -15.13 16.30 5.06
N ASN H 189 -15.74 16.19 6.24
CA ASN H 189 -15.10 15.52 7.35
C ASN H 189 -15.20 14.01 7.32
N1 LLP H 190 -25.54 8.59 7.45
C2 LLP H 190 -24.42 8.42 8.08
C2' LLP H 190 -24.28 7.17 8.93
C3 LLP H 190 -23.40 9.34 8.01
O3 LLP H 190 -22.22 9.13 8.69
C4 LLP H 190 -23.60 10.51 7.24
C4' LLP H 190 -22.55 11.53 7.16
C5 LLP H 190 -24.84 10.65 6.58
C6 LLP H 190 -25.77 9.65 6.71
C5' LLP H 190 -25.17 11.85 5.72
OP4 LLP H 190 -24.14 12.01 4.75
P LLP H 190 -24.15 13.52 4.14
OP1 LLP H 190 -23.21 13.48 2.79
OP2 LLP H 190 -25.66 14.00 3.72
OP3 LLP H 190 -23.58 14.63 5.21
N LLP H 190 -15.41 13.46 6.11
CA LLP H 190 -15.51 12.02 5.91
CB LLP H 190 -16.77 11.56 5.15
CG LLP H 190 -18.08 12.25 5.54
CD LLP H 190 -18.94 11.39 6.47
CE LLP H 190 -20.24 12.14 6.81
NZ LLP H 190 -21.35 11.16 6.90
C LLP H 190 -14.21 11.51 5.32
O LLP H 190 -13.20 12.22 5.35
N HIS H 191 -14.20 10.29 4.81
CA HIS H 191 -13.00 9.65 4.28
C HIS H 191 -12.45 10.32 3.05
N ILE H 192 -13.32 10.53 2.08
CA ILE H 192 -12.97 11.28 0.87
C ILE H 192 -13.95 12.46 0.95
N ALA H 193 -13.63 13.54 0.27
CA ALA H 193 -14.55 14.68 0.25
C ALA H 193 -14.66 15.32 -1.14
N THR H 194 -15.88 15.63 -1.55
CA THR H 194 -16.04 16.27 -2.85
C THR H 194 -16.86 17.54 -2.69
N MET H 195 -16.82 18.03 -1.45
CA MET H 195 -17.51 19.21 -0.90
C MET H 195 -18.81 18.84 -0.17
N GLU H 196 -19.63 18.04 -0.84
CA GLU H 196 -20.91 17.49 -0.35
C GLU H 196 -21.02 16.42 -1.40
N GLY H 197 -21.41 15.21 -1.03
CA GLY H 197 -21.49 14.17 -2.05
C GLY H 197 -22.06 12.92 -1.45
N GLY H 198 -22.63 12.07 -2.30
CA GLY H 198 -23.20 10.85 -1.80
C GLY H 198 -23.20 9.91 -2.96
N CYS H 199 -23.14 8.62 -2.67
CA CYS H 199 -23.18 7.62 -3.70
CA CYS H 199 -23.17 7.62 -3.72
C CYS H 199 -23.90 6.37 -3.22
N ILE H 200 -24.63 5.73 -4.12
CA ILE H 200 -25.34 4.53 -3.74
C ILE H 200 -24.86 3.39 -4.63
N VAL H 201 -24.55 2.24 -4.03
CA VAL H 201 -24.18 1.12 -4.87
C VAL H 201 -25.17 -0.02 -4.85
N THR H 202 -25.20 -0.76 -5.94
CA THR H 202 -26.07 -1.91 -6.00
C THR H 202 -25.51 -2.78 -7.09
N ASP H 203 -26.02 -4.01 -7.09
CA ASP H 203 -25.67 -5.01 -8.09
C ASP H 203 -26.94 -5.19 -8.89
N ASP H 204 -28.09 -4.81 -8.31
CA ASP H 204 -29.40 -4.90 -8.96
C ASP H 204 -29.71 -3.79 -9.99
N GLU H 205 -29.80 -4.24 -11.24
CA GLU H 205 -30.07 -3.40 -12.41
C GLU H 205 -31.36 -2.60 -12.39
N GLU H 206 -32.48 -3.27 -12.07
CA GLU H 206 -33.82 -2.68 -11.92
C GLU H 206 -33.72 -1.55 -10.89
N ILE H 207 -33.15 -1.80 -9.71
CA ILE H 207 -32.94 -0.72 -8.73
C ILE H 207 -32.12 0.35 -9.42
N TYR H 208 -31.07 -0.10 -10.12
CA TYR H 208 -30.18 0.84 -10.79
C TYR H 208 -30.89 1.90 -11.61
N HIS H 209 -31.76 1.45 -12.52
CA HIS H 209 -32.52 2.34 -13.39
C HIS H 209 -33.47 3.15 -12.56
N ILE H 210 -34.06 2.49 -11.57
CA ILE H 210 -34.95 3.19 -10.72
C ILE H 210 -34.26 4.40 -10.09
N LEU H 211 -33.02 4.20 -9.64
CA LEU H 211 -32.25 5.27 -9.00
C LEU H 211 -31.93 6.36 -9.96
N LEU H 212 -31.59 5.95 -11.17
CA LEU H 212 -31.21 6.92 -12.17
C LEU H 212 -32.41 7.75 -12.49
N CYS H 213 -33.55 7.10 -12.51
CA CYS H 213 -34.75 7.79 -12.88
C CYS H 213 -35.24 8.77 -11.80
N ILE H 214 -35.23 8.27 -10.57
CA ILE H 214 -35.65 9.09 -9.45
C ILE H 214 -34.62 10.14 -9.05
N ARG H 215 -33.39 10.05 -9.54
CA ARG H 215 -32.42 11.10 -9.15
C ARG H 215 -32.74 12.47 -9.76
N ALA H 216 -33.20 12.39 -10.98
CA ALA H 216 -33.41 13.54 -11.82
C ALA H 216 -34.82 13.71 -12.34
N HIS H 217 -35.67 14.29 -11.50
CA HIS H 217 -37.01 14.67 -11.92
C HIS H 217 -37.92 13.56 -12.33
N GLY H 218 -37.48 12.32 -12.11
CA GLY H 218 -38.27 11.15 -12.49
C GLY H 218 -38.44 11.08 -14.01
N TRP H 219 -37.47 11.57 -14.76
CA TRP H 219 -37.61 11.46 -16.20
C TRP H 219 -36.89 10.22 -16.67
N THR H 220 -36.87 10.05 -17.98
CA THR H 220 -36.30 8.91 -18.67
C THR H 220 -34.98 9.24 -19.33
N ARG H 221 -34.60 10.52 -19.25
CA ARG H 221 -33.41 11.03 -19.91
C ARG H 221 -32.08 10.33 -19.67
N ASN H 222 -31.93 9.71 -18.52
CA ASN H 222 -30.68 9.04 -18.20
C ASN H 222 -30.81 7.53 -18.16
N LEU H 223 -31.84 7.01 -18.80
CA LEU H 223 -32.04 5.56 -18.80
C LEU H 223 -31.66 5.14 -20.18
N PRO H 224 -31.00 3.99 -20.24
CA PRO H 224 -30.55 3.44 -21.51
C PRO H 224 -31.80 3.13 -22.33
N LYS H 225 -31.63 3.08 -23.65
CA LYS H 225 -32.75 2.79 -24.53
C LYS H 225 -33.66 1.66 -24.04
N LYS H 226 -33.11 0.45 -23.95
CA LYS H 226 -33.91 -0.67 -23.48
C LYS H 226 -33.55 -0.64 -22.01
N ASN H 227 -34.56 -0.40 -21.16
CA ASN H 227 -34.35 -0.22 -19.71
C ASN H 227 -35.41 -0.85 -18.85
N LYS H 228 -35.07 -1.15 -17.60
CA LYS H 228 -36.02 -1.87 -16.73
C LYS H 228 -37.16 -1.03 -16.16
N VAL H 229 -37.18 0.28 -16.43
CA VAL H 229 -38.24 1.08 -15.84
C VAL H 229 -39.28 1.26 -16.89
N THR H 230 -38.87 1.73 -18.07
CA THR H 230 -39.79 1.95 -19.20
C THR H 230 -39.76 0.83 -20.25
N GLY H 231 -38.64 0.11 -20.31
CA GLY H 231 -38.50 -0.97 -21.27
C GLY H 231 -37.74 -0.46 -22.48
N VAL H 232 -38.43 0.27 -23.35
CA VAL H 232 -37.80 0.86 -24.53
C VAL H 232 -38.19 2.28 -24.84
N LYS H 233 -37.26 3.19 -24.60
CA LYS H 233 -37.52 4.59 -24.91
C LYS H 233 -37.84 4.83 -26.37
N SER H 234 -38.60 5.88 -26.63
CA SER H 234 -38.97 6.20 -27.99
C SER H 234 -37.86 6.93 -28.69
N ASP H 235 -38.15 7.25 -29.94
CA ASP H 235 -37.27 7.98 -30.80
C ASP H 235 -37.65 9.46 -30.83
N ASP H 236 -38.95 9.77 -30.73
CA ASP H 236 -39.39 11.18 -30.69
C ASP H 236 -38.96 11.79 -29.37
N GLN H 237 -37.85 12.48 -29.45
CA GLN H 237 -37.20 13.14 -28.34
C GLN H 237 -38.14 14.19 -27.86
N PHE H 238 -38.92 14.73 -28.79
CA PHE H 238 -39.88 15.77 -28.41
C PHE H 238 -40.83 15.23 -27.34
N GLU H 239 -41.11 13.94 -27.36
CA GLU H 239 -41.97 13.35 -26.35
C GLU H 239 -41.15 12.63 -25.23
N GLU H 240 -40.26 11.73 -25.62
CA GLU H 240 -39.43 10.97 -24.66
C GLU H 240 -38.78 11.91 -23.60
N SER H 241 -38.00 12.86 -24.10
CA SER H 241 -37.29 13.83 -23.28
C SER H 241 -38.13 14.45 -22.21
N PHE H 242 -39.45 14.30 -22.33
CA PHE H 242 -40.37 14.82 -21.32
C PHE H 242 -41.44 13.87 -20.82
N LYS H 243 -41.04 12.61 -20.67
CA LYS H 243 -41.90 11.59 -20.12
C LYS H 243 -41.54 11.62 -18.62
N PHE H 244 -42.52 11.34 -17.74
CA PHE H 244 -42.34 11.25 -16.28
C PHE H 244 -43.05 9.97 -15.84
N VAL H 245 -42.25 9.08 -15.25
CA VAL H 245 -42.67 7.78 -14.83
C VAL H 245 -42.61 7.48 -13.30
N LEU H 246 -41.82 8.24 -12.52
CA LEU H 246 -41.73 7.95 -11.07
C LEU H 246 -41.70 9.21 -10.30
N PRO H 247 -42.42 9.20 -9.20
CA PRO H 247 -42.48 10.37 -8.33
C PRO H 247 -41.12 10.44 -7.63
N GLY H 248 -40.24 11.29 -8.13
CA GLY H 248 -38.89 11.36 -7.64
C GLY H 248 -38.47 12.73 -7.19
N TYR H 249 -37.19 13.04 -7.39
CA TYR H 249 -36.59 14.28 -6.91
C TYR H 249 -35.50 14.81 -7.84
N ASN H 250 -35.00 16.00 -7.53
CA ASN H 250 -33.80 16.51 -8.15
C ASN H 250 -32.73 16.51 -7.05
N VAL H 251 -31.93 15.47 -6.99
CA VAL H 251 -30.87 15.47 -5.96
C VAL H 251 -29.60 15.19 -6.76
N ARG H 252 -29.58 15.79 -7.93
CA ARG H 252 -28.49 15.69 -8.88
C ARG H 252 -27.28 16.26 -8.19
N PRO H 253 -26.13 15.65 -8.46
CA PRO H 253 -24.85 16.11 -7.94
C PRO H 253 -24.19 17.11 -8.92
N LEU H 254 -23.25 17.93 -8.42
CA LEU H 254 -22.52 18.95 -9.22
C LEU H 254 -21.45 18.29 -10.06
N GLU H 255 -21.30 18.70 -11.32
CA GLU H 255 -20.26 18.10 -12.18
C GLU H 255 -18.80 18.20 -11.64
N MET H 256 -18.59 19.18 -10.81
CA MET H 256 -17.30 19.43 -10.18
C MET H 256 -17.03 18.28 -9.21
N SER H 257 -17.85 18.20 -8.15
CA SER H 257 -17.74 17.21 -7.08
C SER H 257 -17.29 15.93 -7.72
N GLY H 258 -17.86 15.69 -8.91
CA GLY H 258 -17.61 14.50 -9.72
C GLY H 258 -16.16 14.42 -10.22
N ALA H 259 -15.59 15.60 -10.51
CA ALA H 259 -14.20 15.69 -10.96
C ALA H 259 -13.26 15.39 -9.76
N ILE H 260 -13.38 16.20 -8.71
CA ILE H 260 -12.62 16.01 -7.45
C ILE H 260 -12.66 14.53 -7.04
N GLY H 261 -13.91 14.06 -7.06
CA GLY H 261 -14.21 12.70 -6.70
C GLY H 261 -13.11 11.85 -7.26
N ILE H 262 -13.18 11.57 -8.56
CA ILE H 262 -12.19 10.74 -9.25
C ILE H 262 -10.76 10.85 -8.71
N GLU H 263 -10.35 12.07 -8.36
CA GLU H 263 -9.02 12.27 -7.79
C GLU H 263 -8.89 11.55 -6.46
N GLN H 264 -9.80 11.80 -5.53
CA GLN H 264 -9.73 11.12 -4.22
C GLN H 264 -9.70 9.61 -4.42
N LEU H 265 -10.48 9.14 -5.38
CA LEU H 265 -10.52 7.69 -5.53
C LEU H 265 -9.15 7.11 -5.69
N LYS H 266 -8.22 7.93 -6.19
CA LYS H 266 -6.86 7.45 -6.35
C LYS H 266 -6.09 7.44 -5.02
N LYS H 267 -6.38 8.40 -4.13
CA LYS H 267 -5.67 8.46 -2.85
C LYS H 267 -6.31 7.63 -1.77
N LEU H 268 -7.55 7.20 -1.99
CA LEU H 268 -8.30 6.42 -1.00
C LEU H 268 -7.33 5.43 -0.38
N PRO H 269 -6.85 4.51 -1.21
CA PRO H 269 -5.91 3.50 -0.80
C PRO H 269 -4.88 3.95 0.26
N ARG H 270 -4.13 4.99 -0.07
CA ARG H 270 -3.12 5.48 0.84
C ARG H 270 -3.79 6.13 2.05
N PHE H 271 -4.93 6.75 1.81
CA PHE H 271 -5.68 7.37 2.90
C PHE H 271 -6.01 6.37 4.01
N ILE H 272 -6.23 5.13 3.58
CA ILE H 272 -6.59 4.03 4.45
C ILE H 272 -5.45 3.35 5.18
N SER H 273 -4.51 2.75 4.45
CA SER H 273 -3.39 2.10 5.14
C SER H 273 -2.76 3.07 6.12
N VAL H 274 -2.96 4.37 5.87
CA VAL H 274 -2.42 5.40 6.75
C VAL H 274 -3.30 5.63 7.97
N ARG H 275 -4.60 5.57 7.71
CA ARG H 275 -5.60 5.76 8.75
C ARG H 275 -5.56 4.50 9.60
N ARG H 276 -5.23 3.42 8.91
CA ARG H 276 -5.13 2.09 9.47
C ARG H 276 -3.88 1.96 10.32
N LYS H 277 -2.89 2.84 10.10
CA LYS H 277 -1.65 2.79 10.85
C LYS H 277 -1.65 3.56 12.13
N ASN H 278 -2.41 4.64 12.12
CA ASN H 278 -2.51 5.51 13.28
C ASN H 278 -3.30 4.78 14.36
N ALA H 279 -4.26 3.99 13.89
CA ALA H 279 -5.18 3.21 14.71
C ALA H 279 -4.51 2.06 15.44
N GLU H 280 -3.79 1.25 14.69
CA GLU H 280 -3.11 0.11 15.31
C GLU H 280 -2.10 0.62 16.34
N TYR H 281 -1.52 1.78 16.03
CA TYR H 281 -0.59 2.46 16.93
C TYR H 281 -1.36 2.95 18.14
N PHE H 282 -2.55 3.46 17.87
CA PHE H 282 -3.45 4.01 18.89
C PHE H 282 -3.91 2.97 19.89
N LEU H 283 -4.21 1.79 19.34
CA LEU H 283 -4.69 0.66 20.14
C LEU H 283 -3.65 0.24 21.15
N ASP H 284 -2.46 -0.12 20.66
CA ASP H 284 -1.44 -0.56 21.59
C ASP H 284 -1.30 0.52 22.64
N LYS H 285 -1.26 1.77 22.20
CA LYS H 285 -1.08 2.85 23.15
C LYS H 285 -2.16 2.85 24.23
N PHE H 286 -3.39 2.56 23.82
CA PHE H 286 -4.52 2.62 24.72
C PHE H 286 -5.08 1.32 25.20
N LYS H 287 -4.29 0.29 25.02
CA LYS H 287 -4.68 -1.06 25.31
C LYS H 287 -5.01 -1.41 26.77
N ASP H 288 -4.24 -0.87 27.70
CA ASP H 288 -4.43 -1.21 29.10
C ASP H 288 -5.03 -0.06 29.93
N HIS H 289 -5.34 1.01 29.22
CA HIS H 289 -5.93 2.20 29.80
C HIS H 289 -6.82 1.89 31.00
N PRO H 290 -6.63 2.61 32.09
CA PRO H 290 -7.39 2.36 33.31
C PRO H 290 -8.90 2.55 33.31
N TYR H 291 -9.43 3.40 32.44
CA TYR H 291 -10.87 3.68 32.50
C TYR H 291 -11.50 3.90 31.14
N LEU H 292 -10.67 3.76 30.12
CA LEU H 292 -11.15 3.99 28.77
C LEU H 292 -11.26 2.75 27.98
N ASP H 293 -12.44 2.65 27.40
CA ASP H 293 -12.78 1.56 26.53
C ASP H 293 -12.80 2.02 25.09
N VAL H 294 -12.18 1.22 24.24
CA VAL H 294 -12.13 1.47 22.83
C VAL H 294 -12.99 0.51 22.02
N GLN H 295 -13.07 0.79 20.71
CA GLN H 295 -13.86 0.02 19.74
C GLN H 295 -13.26 -1.32 19.32
N GLN H 296 -14.09 -2.36 19.34
CA GLN H 296 -13.67 -3.70 18.95
C GLN H 296 -13.77 -3.81 17.44
N GLU H 297 -12.62 -4.00 16.77
CA GLU H 297 -12.62 -4.12 15.32
C GLU H 297 -13.26 -5.39 14.82
N THR H 298 -13.97 -5.25 13.72
CA THR H 298 -14.65 -6.34 13.07
C THR H 298 -14.10 -6.27 11.65
N GLY H 299 -13.57 -7.37 11.16
CA GLY H 299 -12.96 -7.36 9.83
C GLY H 299 -11.79 -6.37 9.87
N GLU H 300 -11.84 -5.37 9.00
CA GLU H 300 -10.78 -4.38 8.92
C GLU H 300 -11.38 -3.00 8.76
N SER H 301 -11.54 -2.35 9.90
CA SER H 301 -12.16 -1.06 9.97
C SER H 301 -11.49 -0.01 9.10
N SER H 302 -12.26 0.99 8.71
CA SER H 302 -11.68 2.08 7.96
C SER H 302 -11.44 3.18 9.01
N TRP H 303 -11.65 2.85 10.29
CA TRP H 303 -11.38 3.80 11.37
C TRP H 303 -11.67 5.29 11.08
N PHE H 304 -12.95 5.63 10.99
CA PHE H 304 -13.37 7.00 10.76
C PHE H 304 -12.63 7.87 11.81
N GLY H 305 -12.80 7.47 13.05
CA GLY H 305 -12.17 8.16 14.15
C GLY H 305 -12.05 7.17 15.29
N PHE H 306 -11.82 7.72 16.49
CA PHE H 306 -11.69 6.95 17.73
C PHE H 306 -12.74 7.33 18.75
N SER H 307 -13.46 6.33 19.24
CA SER H 307 -14.47 6.52 20.28
C SER H 307 -13.87 6.01 21.59
N PHE H 308 -14.42 6.47 22.72
CA PHE H 308 -13.93 6.13 24.04
C PHE H 308 -15.15 6.10 24.88
N ILE H 309 -15.18 5.08 25.74
CA ILE H 309 -16.27 4.86 26.67
C ILE H 309 -15.73 4.70 28.09
N ILE H 310 -16.37 5.36 29.05
CA ILE H 310 -15.91 5.31 30.43
C ILE H 310 -16.41 4.11 31.21
N LYS H 311 -15.47 3.25 31.56
CA LYS H 311 -15.76 2.00 32.22
C LYS H 311 -16.66 2.24 33.42
N LYS H 312 -17.64 1.37 33.59
CA LYS H 312 -18.56 1.47 34.71
C LYS H 312 -17.78 1.57 36.02
N ASP H 313 -18.26 2.41 36.91
CA ASP H 313 -17.64 2.57 38.23
C ASP H 313 -16.17 3.01 38.25
N SER H 314 -15.79 3.90 37.34
CA SER H 314 -14.45 4.45 37.37
C SER H 314 -14.55 5.83 38.01
N GLY H 315 -15.77 6.19 38.36
CA GLY H 315 -16.11 7.50 38.93
C GLY H 315 -16.03 8.47 37.75
N VAL H 316 -14.84 8.56 37.15
CA VAL H 316 -14.51 9.41 36.00
C VAL H 316 -15.74 9.85 35.20
N ILE H 317 -15.97 11.15 35.02
CA ILE H 317 -17.15 11.54 34.23
C ILE H 317 -16.83 12.38 33.02
N ARG H 318 -17.60 12.15 31.94
CA ARG H 318 -17.42 12.82 30.66
C ARG H 318 -17.00 14.29 30.57
N LYS H 319 -17.87 15.20 31.00
CA LYS H 319 -17.59 16.64 30.93
C LYS H 319 -16.15 16.95 31.26
N GLN H 320 -15.80 16.59 32.49
CA GLN H 320 -14.47 16.77 33.05
C GLN H 320 -13.36 16.51 32.03
N LEU H 321 -13.47 15.39 31.32
CA LEU H 321 -12.47 15.03 30.32
C LEU H 321 -12.52 15.80 29.00
N VAL H 322 -13.73 16.01 28.48
CA VAL H 322 -13.85 16.76 27.24
C VAL H 322 -13.18 18.07 27.58
N GLU H 323 -13.69 18.68 28.63
CA GLU H 323 -13.16 19.93 29.15
C GLU H 323 -11.69 19.97 28.85
N ASN H 324 -11.01 18.95 29.38
CA ASN H 324 -9.56 18.81 29.28
C ASN H 324 -8.84 18.57 27.94
N LEU H 325 -9.46 17.88 26.98
CA LEU H 325 -8.79 17.62 25.69
C LEU H 325 -8.83 18.93 24.96
N ASN H 326 -9.90 19.64 25.26
CA ASN H 326 -10.13 20.94 24.71
C ASN H 326 -8.96 21.86 25.13
N SER H 327 -8.64 21.85 26.42
CA SER H 327 -7.56 22.68 26.95
C SER H 327 -6.15 22.21 26.57
N ALA H 328 -6.05 21.14 25.79
CA ALA H 328 -4.76 20.61 25.37
C ALA H 328 -4.61 20.86 23.86
N GLY H 329 -5.73 21.24 23.26
CA GLY H 329 -5.78 21.57 21.85
C GLY H 329 -6.29 20.44 21.00
N ILE H 330 -6.85 19.45 21.67
CA ILE H 330 -7.39 18.29 20.98
C ILE H 330 -8.90 18.33 20.78
N GLU H 331 -9.31 18.63 19.53
CA GLU H 331 -10.71 18.71 19.10
C GLU H 331 -11.61 17.54 19.58
N CYS H 332 -12.83 17.81 20.04
CA CYS H 332 -13.68 16.72 20.51
C CYS H 332 -15.21 16.68 20.33
N ARG H 333 -15.74 15.46 20.15
CA ARG H 333 -17.17 15.28 19.96
C ARG H 333 -17.70 14.07 20.68
N PRO H 334 -19.01 13.89 20.56
CA PRO H 334 -19.65 12.74 21.16
C PRO H 334 -19.53 11.63 20.11
N ILE H 335 -19.86 10.41 20.51
CA ILE H 335 -19.80 9.32 19.56
C ILE H 335 -21.03 9.45 18.72
N VAL H 336 -20.85 9.88 17.47
CA VAL H 336 -21.97 10.09 16.58
C VAL H 336 -22.97 11.11 17.12
N THR H 337 -24.16 10.68 17.51
CA THR H 337 -25.12 11.63 18.01
C THR H 337 -25.56 11.01 19.29
N GLY H 338 -24.81 9.99 19.67
CA GLY H 338 -25.09 9.23 20.88
C GLY H 338 -26.47 8.61 20.74
N ASN H 339 -27.17 8.43 21.85
CA ASN H 339 -28.45 7.77 21.79
C ASN H 339 -29.40 8.54 20.94
N PHE H 340 -29.79 7.99 19.78
CA PHE H 340 -30.71 8.73 18.91
C PHE H 340 -32.16 8.76 19.40
N LEU H 341 -32.56 7.69 20.07
CA LEU H 341 -33.92 7.66 20.58
C LEU H 341 -34.11 8.75 21.64
N LYS H 342 -33.10 9.53 21.95
CA LYS H 342 -33.35 10.53 22.99
C LYS H 342 -33.92 11.79 22.37
N ASN H 343 -34.01 11.79 21.05
CA ASN H 343 -34.54 12.96 20.38
C ASN H 343 -36.05 12.84 20.36
N THR H 344 -36.62 12.97 21.55
CA THR H 344 -38.05 12.89 21.81
C THR H 344 -38.99 13.63 20.83
N ASP H 345 -38.54 14.80 20.35
CA ASP H 345 -39.36 15.66 19.48
C ASP H 345 -39.62 15.20 18.05
N VAL H 346 -38.62 14.61 17.44
CA VAL H 346 -38.78 14.15 16.07
C VAL H 346 -39.50 12.82 16.12
N LEU H 347 -39.26 12.10 17.22
CA LEU H 347 -39.83 10.78 17.41
C LEU H 347 -41.33 10.77 17.29
N LYS H 348 -41.93 11.92 17.60
CA LYS H 348 -43.38 12.13 17.53
C LYS H 348 -43.90 11.83 16.13
N TYR H 349 -43.18 12.28 15.10
CA TYR H 349 -43.59 12.00 13.74
C TYR H 349 -43.35 10.57 13.22
N PHE H 350 -42.83 9.68 14.06
CA PHE H 350 -42.53 8.30 13.69
C PHE H 350 -43.51 7.26 14.17
N ASP H 351 -43.67 6.17 13.42
CA ASP H 351 -44.48 5.03 13.86
C ASP H 351 -43.39 4.00 14.20
N TYR H 352 -42.98 4.00 15.46
CA TYR H 352 -41.90 3.13 15.87
C TYR H 352 -42.12 2.36 17.17
N THR H 353 -41.23 1.42 17.39
CA THR H 353 -41.20 0.69 18.64
C THR H 353 -39.76 0.36 18.93
N VAL H 354 -39.51 0.00 20.18
CA VAL H 354 -38.18 -0.37 20.60
C VAL H 354 -38.26 -1.79 21.04
N HIS H 355 -37.28 -2.54 20.59
CA HIS H 355 -37.19 -3.93 20.94
C HIS H 355 -36.48 -4.00 22.29
N ASN H 356 -37.22 -4.46 23.28
CA ASN H 356 -36.64 -4.55 24.61
C ASN H 356 -36.26 -3.18 25.08
N ASN H 357 -34.96 -2.88 25.11
CA ASN H 357 -34.43 -1.59 25.62
C ASN H 357 -33.15 -1.18 24.91
N VAL H 358 -32.57 -0.07 25.35
CA VAL H 358 -31.37 0.36 24.66
C VAL H 358 -30.38 0.87 25.68
N ASP H 359 -30.14 0.04 26.67
CA ASP H 359 -29.21 0.45 27.68
C ASP H 359 -27.82 0.75 27.16
N ASN H 360 -27.40 0.05 26.13
CA ASN H 360 -26.06 0.32 25.58
C ASN H 360 -26.03 1.74 24.98
N ALA H 361 -27.03 2.07 24.18
CA ALA H 361 -27.06 3.43 23.63
C ALA H 361 -27.23 4.49 24.72
N GLU H 362 -27.93 4.13 25.79
CA GLU H 362 -28.13 5.08 26.87
C GLU H 362 -26.83 5.31 27.63
N TYR H 363 -26.00 4.26 27.72
CA TYR H 363 -24.75 4.40 28.50
C TYR H 363 -23.79 5.20 27.65
N LEU H 364 -23.73 4.74 26.40
CA LEU H 364 -22.87 5.36 25.41
C LEU H 364 -23.19 6.85 25.45
N ASP H 365 -24.48 7.16 25.42
CA ASP H 365 -24.83 8.57 25.42
C ASP H 365 -24.16 9.41 26.50
N LYS H 366 -24.20 8.95 27.74
CA LYS H 366 -23.58 9.68 28.84
C LYS H 366 -22.05 9.55 28.91
N ASN H 367 -21.53 8.36 28.73
CA ASN H 367 -20.11 8.19 28.91
C ASN H 367 -19.30 7.95 27.66
N GLY H 368 -19.73 8.52 26.55
CA GLY H 368 -18.98 8.35 25.33
C GLY H 368 -18.52 9.67 24.74
N LEU H 369 -17.37 9.63 24.05
CA LEU H 369 -16.82 10.81 23.39
C LEU H 369 -15.98 10.36 22.19
N PHE H 370 -15.61 11.27 21.31
CA PHE H 370 -14.87 10.85 20.13
C PHE H 370 -13.84 11.87 19.68
N VAL H 371 -12.76 11.34 19.14
CA VAL H 371 -11.63 12.09 18.60
C VAL H 371 -11.27 11.50 17.22
N GLY H 372 -10.96 12.38 16.28
CA GLY H 372 -10.66 11.91 14.93
C GLY H 372 -9.37 11.14 14.67
N ASN H 373 -9.28 10.63 13.45
CA ASN H 373 -8.10 9.94 12.94
C ASN H 373 -8.12 10.43 11.51
N HIS H 374 -7.11 11.23 11.16
CA HIS H 374 -7.02 11.79 9.84
C HIS H 374 -6.11 10.89 8.99
N GLN H 375 -6.15 11.10 7.68
CA GLN H 375 -5.36 10.30 6.76
C GLN H 375 -3.89 10.71 6.77
N ILE H 376 -3.44 11.24 7.89
CA ILE H 376 -2.05 11.64 8.09
C ILE H 376 -1.47 10.88 9.30
N GLU H 377 -0.16 10.90 9.50
CA GLU H 377 0.38 10.19 10.66
C GLU H 377 0.16 11.01 11.95
N LEU H 378 -0.60 10.42 12.87
CA LEU H 378 -0.99 11.09 14.10
C LEU H 378 -0.28 10.62 15.33
N PHE H 379 0.92 10.09 15.12
CA PHE H 379 1.72 9.45 16.16
C PHE H 379 1.90 10.20 17.45
N ASP H 380 2.36 11.43 17.35
CA ASP H 380 2.63 12.21 18.54
C ASP H 380 1.40 12.85 19.09
N GLU H 381 0.52 13.24 18.17
CA GLU H 381 -0.78 13.75 18.59
C GLU H 381 -1.31 12.60 19.45
N ILE H 382 -1.03 11.37 19.01
CA ILE H 382 -1.43 10.20 19.76
C ILE H 382 -0.79 10.04 21.15
N ASP H 383 0.53 10.19 21.22
CA ASP H 383 1.20 10.04 22.51
C ASP H 383 0.65 11.11 23.41
N TYR H 384 0.53 12.29 22.83
CA TYR H 384 -0.03 13.45 23.51
C TYR H 384 -1.39 13.01 24.02
N LEU H 385 -2.19 12.59 23.06
CA LEU H 385 -3.54 12.13 23.34
C LEU H 385 -3.59 11.22 24.58
N ARG H 386 -2.59 10.35 24.73
CA ARG H 386 -2.58 9.46 25.88
C ARG H 386 -2.10 10.08 27.19
N GLU H 387 -1.40 11.20 27.04
CA GLU H 387 -0.83 11.90 28.16
C GLU H 387 -1.87 12.68 28.89
N VAL H 388 -2.77 13.29 28.09
CA VAL H 388 -3.86 14.10 28.66
C VAL H 388 -4.69 13.10 29.45
N LEU H 389 -4.86 11.93 28.84
CA LEU H 389 -5.58 10.85 29.50
C LEU H 389 -4.63 10.22 30.54
N LYS H 390 -5.11 10.09 31.77
CA LYS H 390 -4.24 9.59 32.82
C LYS H 390 -5.03 8.73 33.79
C1 AKG I . 27.56 34.20 -4.09
O1 AKG I . 26.85 33.34 -4.66
O2 AKG I . 28.47 34.79 -4.72
C2 AKG I . 27.29 34.59 -2.68
O5 AKG I . 27.84 35.56 -2.22
C3 AKG I . 26.29 33.79 -1.86
C4 AKG I . 25.08 34.66 -1.48
C5 AKG I . 24.27 33.94 -0.44
O3 AKG I . 23.46 32.93 -0.84
O4 AKG I . 24.38 34.24 0.78
C1 AKG J . 12.93 41.33 26.19
O1 AKG J . 13.76 41.06 27.10
O2 AKG J . 11.89 41.98 26.40
C2 AKG J . 13.17 40.91 24.81
O5 AKG J . 12.25 40.59 24.12
C3 AKG J . 14.57 40.86 24.29
C4 AKG J . 14.60 39.79 23.23
C5 AKG J . 16.01 39.68 22.76
O3 AKG J . 16.23 39.20 21.62
O4 AKG J . 17.02 40.06 23.58
C1 AKG K . 28.01 -9.30 -16.37
O1 AKG K . 28.76 -9.96 -17.14
O2 AKG K . 26.99 -8.70 -16.82
C2 AKG K . 28.35 -9.20 -14.92
O5 AKG K . 27.49 -8.93 -14.12
C3 AKG K . 29.76 -9.47 -14.45
C4 AKG K . 29.70 -10.49 -13.32
C5 AKG K . 31.09 -11.04 -13.04
O3 AKG K . 31.68 -11.80 -13.95
O4 AKG K . 31.67 -10.85 -11.95
C1 AKG L . 42.91 -17.85 13.39
O1 AKG L . 43.10 -18.87 14.10
O2 AKG L . 43.22 -16.70 13.80
C2 AKG L . 42.31 -18.01 12.05
O5 AKG L . 41.81 -19.06 11.69
C3 AKG L . 42.37 -16.81 11.13
C4 AKG L . 40.97 -16.47 10.67
C5 AKG L . 41.13 -15.35 9.68
O3 AKG L . 41.37 -15.63 8.50
O4 AKG L . 41.03 -14.06 10.11
C1 AKG M . -28.70 -41.78 7.89
O1 AKG M . -27.90 -41.92 8.79
O2 AKG M . -29.72 -41.12 7.97
C2 AKG M . -28.43 -42.38 6.60
O5 AKG M . -29.26 -42.24 5.72
C3 AKG M . -27.11 -43.07 6.36
C4 AKG M . -26.62 -42.56 5.02
C5 AKG M . -25.33 -43.23 4.62
O3 AKG M . -25.27 -43.72 3.48
O4 AKG M . -24.41 -43.25 5.44
C1 AKG N . -37.02 22.82 -17.88
O1 AKG N . -36.47 22.34 -18.91
O2 AKG N . -38.02 23.59 -17.99
C2 AKG N . -36.51 22.48 -16.52
O5 AKG N . -36.86 23.08 -15.55
C3 AKG N . -35.49 21.41 -16.29
C4 AKG N . -34.63 21.93 -15.17
C5 AKG N . -33.82 20.79 -14.69
O3 AKG N . -33.37 19.87 -15.58
O4 AKG N . -33.59 20.70 -13.45
#